data_7WE9
#
_entry.id   7WE9
#
_cell.length_a   1.00
_cell.length_b   1.00
_cell.length_c   1.00
_cell.angle_alpha   90.00
_cell.angle_beta   90.00
_cell.angle_gamma   90.00
#
_symmetry.space_group_name_H-M   'P 1'
#
loop_
_entity.id
_entity.type
_entity.pdbx_description
1 polymer 'Spike glycoprotein'
2 polymer 'The heavy chain of Fab XGv289'
3 polymer 'The light chain of Fab XGv289'
4 branched 2-acetamido-2-deoxy-beta-D-glucopyranose-(1-4)-2-acetamido-2-deoxy-beta-D-glucopyranose
5 branched beta-D-mannopyranose-(1-4)-2-acetamido-2-deoxy-beta-D-glucopyranose-(1-4)-2-acetamido-2-deoxy-beta-D-glucopyranose
6 non-polymer 2-acetamido-2-deoxy-beta-D-glucopyranose
#
loop_
_entity_poly.entity_id
_entity_poly.type
_entity_poly.pdbx_seq_one_letter_code
_entity_poly.pdbx_strand_id
1 'polypeptide(L)'
;MFVFLVLLPLVSSQCVNLTTRTQLPPAYTNSFTRGVYYPDKVFRSSVLHSTQDLFLPFFSNVTWFHVISGTNGTKRFDNP
VLPFNDGVYFASIEKSNIIRGWIFGTTLDSKTQSLLIVNNATNVVIKVCEFQFCNDPFLDHKNNKSWMESEFRVYSSANN
CTFEYVSQPFLMDLEGKQGNFKNLREFVFKNIDGYFKIYSKHTPILVREPEDLPQGFSALEPLVDLPIGINITRFQTLLA
LHRSYLTPGDSSSGWTAGAAAYYVGYLQPRTFLLKYNENGTITDAVDCALDPLSETKCTLKSFTVEKGIYQTSNFRVQPT
ESIVRFPNITNLCPFDEVFNATRFASVYAWNRKRISNCVADYSVLYNLAPFFTFKCYGVSPTKLNDLCFTNVYADSFVIR
GDEVRQIAPGQTGNIADYNYKLPDDFTGCVIAWNSNKLDSKVSGNYNYLYRLFRKSNLKPFERDISTEIYQAGNKPCNGV
AGFNCYFPLRSYSFRPTYGVGHQPYRVVVLSFELLHAPATVCGPKKSTNLVKNKCVNFNFNGLKGTGVLTESNKKFLPFQ
QFGRDIADTTDAVRDPQTLEILDITPCSFGGVSVITPGTNTSNQVAVLYQGVNCTEVPVAIHADQLTPTWRVYSTGSNVF
QTRAGCLIGAEYVNNSYECDIPIGAGICASYQTQTKSHRRARSVASQSIIAYTMSLGAENSVAYSNNSIAIPTNFTISVT
TEILPVSMTKTSVDCTMYICGDSTECSNLLLQYGSFCTQLKRALTGIAVEQDKNTQEVFAQVKQIYKTPPIKYFGGFNFS
QILPDPSKPSKRSFIEDLLFNKVTLADAGFIKQYGDCLGDIAARDLICAQKFKGLTVLPPLLTDEMIAQYTSALLAGTIT
SGWTFGAGAALQIPFAMQMAYRFNGIGVTQNVLYENQKLIANQFNSAIGKIQDSLSSTASALGKLQDVVNHNAQALNTLV
KQLSSKFGAISSVLNDIFSRLDKVEAEVQIDRLITGRLQSLQTYVTQQLIRAAEIRASANLAATKMSECVLGQSKRVDFC
GKGYHLMSFPQSAPHGVVFLHVTYVPAQEKNFTTAPAICHDGKAHFPREGVFVSNGTHWFVTQRNFYEPQIITTDNTFVS
GNCDVVIGIVNNTVYDPLQPELDSFKEELDKYFKNHTSPDVDLGDISGINASVVNIQKEIDRLNEVAKNLNESLIDLQEL
GKYEQYIKWPWYIWLGFIAGLIAIVMVTIMLCCMTSCCSCLKGCCSCGSCCKFDEDDSEPVLKGVKLHYT
;
A,B,F
2 'polypeptide(L)'
;QVQLVQSGAEVKKPGASLKVSCRASGYTFTSHFIHWVRQAPGQGLEWMGIINPSGGASYAQNFRDRVTMTTDPSTSTVYM
ELGSLRSEDTAVYYCARAEGSSWLGWFDPWGQGTLVTVSS
;
C,H,I
3 'polypeptide(L)'
;SVLTQPPSASGTPGQRVTIPCSGSSSNIGNNYVYWYQQLPGTAPKLLVYGNNQRPSGVPDRFSVSKSGTSASLAISGLRS
EDEADYYCAAWDDGLSGSGWVFGGGTKLTVL
;
J,K,L
#
# COMPACT_ATOMS: atom_id res chain seq x y z
N GLN A 14 4.74 14.88 70.86
CA GLN A 14 4.00 15.40 69.71
C GLN A 14 3.08 14.33 69.13
N CYS A 15 3.37 13.07 69.42
CA CYS A 15 2.54 11.96 68.98
C CYS A 15 1.74 11.47 70.18
N VAL A 16 0.56 12.07 70.37
CA VAL A 16 -0.31 11.77 71.49
C VAL A 16 -1.69 11.41 70.95
N ASN A 17 -2.28 10.34 71.49
CA ASN A 17 -3.63 9.92 71.12
C ASN A 17 -4.61 11.04 71.47
N LEU A 18 -5.16 11.69 70.45
CA LEU A 18 -6.03 12.85 70.64
C LEU A 18 -7.44 12.65 70.13
N THR A 19 -7.60 12.07 68.93
CA THR A 19 -8.90 11.88 68.28
C THR A 19 -9.56 13.25 68.14
N THR A 20 -10.79 13.43 68.61
CA THR A 20 -11.56 14.69 68.52
C THR A 20 -11.30 15.42 67.21
N ARG A 21 -11.38 14.67 66.11
CA ARG A 21 -11.13 15.22 64.78
C ARG A 21 -12.41 15.88 64.27
N THR A 22 -12.47 17.21 64.39
CA THR A 22 -13.58 17.98 63.84
C THR A 22 -13.34 18.20 62.35
N GLN A 23 -13.49 17.11 61.60
CA GLN A 23 -13.22 17.09 60.16
C GLN A 23 -14.40 17.75 59.45
N LEU A 24 -14.36 19.07 59.38
CA LEU A 24 -15.41 19.81 58.69
C LEU A 24 -15.38 19.49 57.20
N PRO A 25 -16.53 19.35 56.55
CA PRO A 25 -16.54 19.04 55.11
C PRO A 25 -15.91 20.16 54.31
N PRO A 26 -14.94 19.84 53.45
CA PRO A 26 -14.30 20.88 52.64
C PRO A 26 -15.27 21.51 51.65
N ALA A 27 -15.00 22.76 51.28
CA ALA A 27 -15.99 23.51 50.55
C ALA A 27 -15.72 23.48 49.04
N TYR A 28 -16.61 24.08 48.27
CA TYR A 28 -16.52 24.13 46.82
C TYR A 28 -16.13 25.53 46.34
N THR A 29 -15.44 25.56 45.19
CA THR A 29 -15.19 26.80 44.47
C THR A 29 -15.05 26.42 43.00
N ASN A 30 -15.15 27.41 42.11
CA ASN A 30 -14.98 27.18 40.68
C ASN A 30 -13.59 27.62 40.26
N SER A 31 -12.73 26.65 39.95
CA SER A 31 -11.39 26.96 39.46
C SER A 31 -11.52 27.49 38.04
N PHE A 32 -11.46 28.81 37.90
CA PHE A 32 -11.88 29.47 36.67
C PHE A 32 -11.02 29.05 35.49
N THR A 33 -9.72 29.36 35.53
CA THR A 33 -8.85 29.07 34.39
C THR A 33 -7.49 28.55 34.82
N ARG A 34 -7.21 28.44 36.11
CA ARG A 34 -5.87 28.11 36.57
C ARG A 34 -5.49 26.67 36.18
N GLY A 35 -4.18 26.41 36.20
CA GLY A 35 -3.66 25.06 36.09
C GLY A 35 -3.00 24.69 34.77
N VAL A 36 -2.90 25.62 33.82
CA VAL A 36 -2.34 25.30 32.51
C VAL A 36 -0.83 25.49 32.55
N TYR A 37 -0.14 24.84 31.61
CA TYR A 37 1.32 24.78 31.66
C TYR A 37 1.89 24.61 30.27
N TYR A 38 3.19 24.86 30.16
CA TYR A 38 3.90 24.66 28.91
C TYR A 38 4.03 23.16 28.64
N PRO A 39 3.51 22.66 27.53
CA PRO A 39 3.58 21.21 27.29
C PRO A 39 4.86 20.76 26.61
N ASP A 40 5.50 21.64 25.81
CA ASP A 40 6.67 21.26 25.04
C ASP A 40 7.81 22.23 25.31
N LYS A 41 9.03 21.69 25.36
CA LYS A 41 10.22 22.49 25.65
C LYS A 41 10.91 22.99 24.39
N VAL A 42 10.17 23.64 23.51
CA VAL A 42 10.73 24.25 22.31
C VAL A 42 10.09 25.63 22.12
N PHE A 43 10.93 26.62 21.82
CA PHE A 43 10.46 27.99 21.70
C PHE A 43 9.52 28.13 20.50
N ARG A 44 8.48 28.94 20.67
CA ARG A 44 7.59 29.33 19.58
C ARG A 44 7.20 30.78 19.79
N SER A 45 6.63 31.39 18.74
CA SER A 45 6.23 32.79 18.84
C SER A 45 5.15 33.08 17.81
N SER A 46 4.05 33.67 18.28
CA SER A 46 2.97 34.15 17.42
C SER A 46 2.37 33.01 16.59
N VAL A 47 1.79 32.03 17.29
CA VAL A 47 1.16 30.90 16.65
C VAL A 47 0.26 30.24 17.68
N LEU A 48 -0.76 29.53 17.20
CA LEU A 48 -1.68 28.80 18.05
C LEU A 48 -1.40 27.30 17.92
N HIS A 49 -1.21 26.64 19.05
CA HIS A 49 -0.79 25.25 19.07
C HIS A 49 -1.82 24.39 19.79
N SER A 50 -2.11 23.21 19.26
CA SER A 50 -3.09 22.30 19.83
C SER A 50 -2.38 21.17 20.56
N THR A 51 -2.71 20.99 21.83
CA THR A 51 -2.07 19.96 22.65
C THR A 51 -3.12 19.05 23.26
N GLN A 52 -2.71 17.83 23.58
CA GLN A 52 -3.59 16.81 24.16
C GLN A 52 -2.89 16.21 25.36
N ASP A 53 -3.33 16.58 26.56
CA ASP A 53 -2.61 16.23 27.79
C ASP A 53 -3.63 16.00 28.90
N LEU A 54 -3.15 16.03 30.14
CA LEU A 54 -3.99 16.01 31.32
C LEU A 54 -4.07 17.42 31.88
N PHE A 55 -5.28 17.99 31.87
CA PHE A 55 -5.48 19.39 32.23
C PHE A 55 -6.57 19.50 33.28
N LEU A 56 -6.54 20.59 34.04
CA LEU A 56 -7.63 20.90 34.95
C LEU A 56 -8.75 21.57 34.17
N PRO A 57 -9.93 20.97 34.11
CA PRO A 57 -10.99 21.51 33.25
C PRO A 57 -11.40 22.91 33.70
N PHE A 58 -11.81 23.72 32.73
CA PHE A 58 -12.27 25.07 33.03
C PHE A 58 -13.55 25.02 33.85
N PHE A 59 -13.61 25.86 34.88
CA PHE A 59 -14.78 25.96 35.76
C PHE A 59 -15.14 24.60 36.35
N SER A 60 -14.21 24.05 37.13
CA SER A 60 -14.43 22.79 37.82
C SER A 60 -14.52 23.03 39.32
N ASN A 61 -15.19 22.10 40.00
CA ASN A 61 -15.45 22.19 41.44
C ASN A 61 -14.15 21.90 42.19
N VAL A 62 -13.30 22.92 42.29
CA VAL A 62 -12.09 22.81 43.07
C VAL A 62 -12.45 22.78 44.55
N THR A 63 -11.77 21.90 45.30
CA THR A 63 -12.11 21.65 46.70
C THR A 63 -11.22 22.52 47.58
N TRP A 64 -11.84 23.33 48.44
CA TRP A 64 -11.15 24.31 49.26
C TRP A 64 -11.05 23.81 50.69
N PHE A 65 -9.85 23.93 51.26
CA PHE A 65 -9.58 23.65 52.65
C PHE A 65 -9.01 24.89 53.31
N HIS A 66 -9.39 25.11 54.57
CA HIS A 66 -8.93 26.24 55.36
C HIS A 66 -8.36 25.72 56.68
N VAL A 67 -7.19 26.23 57.06
CA VAL A 67 -6.58 25.92 58.34
C VAL A 67 -6.37 27.22 59.09
N ILE A 68 -6.85 27.28 60.33
CA ILE A 68 -6.77 28.50 61.14
C ILE A 68 -5.54 28.45 62.05
N LYS A 75 -10.30 27.27 65.96
CA LYS A 75 -10.63 26.06 66.70
C LYS A 75 -10.63 24.83 65.81
N ARG A 76 -10.82 25.04 64.52
CA ARG A 76 -10.88 23.94 63.56
C ARG A 76 -9.51 23.73 62.91
N PHE A 77 -9.28 22.50 62.47
CA PHE A 77 -8.00 22.11 61.89
C PHE A 77 -8.17 20.77 61.17
N ASP A 78 -7.63 20.68 59.96
CA ASP A 78 -7.79 19.48 59.14
C ASP A 78 -6.60 19.30 58.22
N ASN A 79 -6.33 18.05 57.86
CA ASN A 79 -5.38 17.68 56.82
C ASN A 79 -5.63 16.24 56.39
N PRO A 80 -6.75 15.96 55.74
CA PRO A 80 -7.11 14.57 55.43
C PRO A 80 -6.31 14.02 54.26
N VAL A 81 -6.42 12.72 54.07
CA VAL A 81 -5.78 12.03 52.95
C VAL A 81 -6.71 12.10 51.75
N LEU A 82 -6.26 12.72 50.68
CA LEU A 82 -7.11 12.86 49.52
C LEU A 82 -6.70 11.90 48.42
N PRO A 83 -7.64 11.45 47.59
CA PRO A 83 -7.27 10.56 46.48
C PRO A 83 -6.42 11.27 45.45
N PHE A 84 -5.59 10.49 44.76
CA PHE A 84 -4.80 10.94 43.63
C PHE A 84 -5.19 10.12 42.42
N ASN A 85 -5.52 10.80 41.32
CA ASN A 85 -5.89 10.09 40.10
C ASN A 85 -5.48 10.94 38.89
N ASP A 86 -4.30 10.65 38.35
CA ASP A 86 -3.78 11.29 37.14
C ASP A 86 -3.59 12.80 37.35
N GLY A 87 -2.69 13.11 38.28
CA GLY A 87 -2.24 14.47 38.46
C GLY A 87 -3.11 15.30 39.38
N VAL A 88 -2.52 16.27 40.07
CA VAL A 88 -3.25 17.16 40.97
C VAL A 88 -2.75 18.59 40.79
N TYR A 89 -3.68 19.53 40.78
CA TYR A 89 -3.38 20.95 40.82
C TYR A 89 -3.58 21.44 42.25
N PHE A 90 -2.53 22.03 42.82
CA PHE A 90 -2.54 22.45 44.21
C PHE A 90 -2.21 23.94 44.27
N ALA A 91 -3.11 24.73 44.83
CA ALA A 91 -2.93 26.18 44.89
C ALA A 91 -3.03 26.63 46.34
N SER A 92 -1.98 27.28 46.82
CA SER A 92 -1.89 27.68 48.23
C SER A 92 -1.85 29.19 48.34
N ILE A 93 -2.66 29.74 49.25
CA ILE A 93 -2.58 31.12 49.67
C ILE A 93 -2.21 31.12 51.15
N GLU A 94 -1.09 31.76 51.47
CA GLU A 94 -0.39 31.57 52.73
C GLU A 94 0.72 32.60 52.83
N LYS A 95 0.94 33.13 54.03
CA LYS A 95 1.97 34.15 54.22
C LYS A 95 2.90 33.79 55.36
N SER A 96 2.39 33.06 56.35
CA SER A 96 3.15 32.73 57.55
C SER A 96 4.03 31.50 57.38
N ASN A 97 4.03 30.89 56.19
CA ASN A 97 4.83 29.69 55.91
C ASN A 97 4.47 28.55 56.87
N ILE A 98 3.21 28.14 56.79
CA ILE A 98 2.70 27.08 57.66
C ILE A 98 2.53 25.75 56.94
N ILE A 99 2.44 25.73 55.62
CA ILE A 99 2.33 24.52 54.83
C ILE A 99 3.67 24.29 54.16
N ARG A 100 4.34 23.18 54.51
CA ARG A 100 5.71 22.96 54.04
C ARG A 100 5.77 21.98 52.87
N GLY A 101 5.34 20.74 53.07
CA GLY A 101 5.63 19.72 52.10
C GLY A 101 4.50 18.76 51.77
N TRP A 102 4.86 17.64 51.15
CA TRP A 102 3.89 16.67 50.68
C TRP A 102 4.36 15.26 50.96
N ILE A 103 3.39 14.35 51.05
CA ILE A 103 3.64 12.92 51.15
C ILE A 103 2.84 12.23 50.06
N PHE A 104 3.50 11.39 49.28
CA PHE A 104 2.86 10.67 48.18
C PHE A 104 3.03 9.18 48.39
N GLY A 105 1.98 8.41 48.14
CA GLY A 105 2.11 6.97 48.28
C GLY A 105 0.80 6.27 47.98
N THR A 106 0.85 4.94 48.11
CA THR A 106 -0.31 4.09 47.90
C THR A 106 -0.93 3.58 49.18
N THR A 107 -0.12 3.36 50.23
CA THR A 107 -0.65 2.96 51.53
C THR A 107 -0.08 3.75 52.70
N LEU A 108 1.08 4.39 52.55
CA LEU A 108 1.66 5.25 53.57
C LEU A 108 1.82 4.51 54.90
N ASP A 109 2.24 3.25 54.83
CA ASP A 109 2.35 2.41 56.02
C ASP A 109 3.64 1.61 56.05
N SER A 110 4.72 2.17 55.51
CA SER A 110 6.06 1.59 55.58
C SER A 110 6.16 0.22 54.92
N LYS A 111 5.12 -0.21 54.21
CA LYS A 111 5.16 -1.45 53.44
C LYS A 111 5.37 -1.21 51.95
N THR A 112 5.20 0.02 51.48
CA THR A 112 5.44 0.38 50.10
C THR A 112 6.24 1.67 50.08
N GLN A 113 6.97 1.88 48.99
CA GLN A 113 7.76 3.10 48.85
C GLN A 113 6.85 4.32 48.77
N SER A 114 7.37 5.46 49.24
CA SER A 114 6.59 6.68 49.28
C SER A 114 7.50 7.88 49.12
N LEU A 115 6.95 8.97 48.60
CA LEU A 115 7.66 10.23 48.46
C LEU A 115 7.44 11.12 49.67
N LEU A 116 8.53 11.69 50.17
CA LEU A 116 8.48 12.81 51.09
C LEU A 116 9.12 14.00 50.40
N ILE A 117 8.40 15.11 50.32
CA ILE A 117 8.90 16.37 49.77
C ILE A 117 8.84 17.40 50.87
N VAL A 118 9.99 17.97 51.24
CA VAL A 118 10.03 18.97 52.30
C VAL A 118 11.00 20.08 51.89
N ASN A 119 10.58 21.34 52.06
CA ASN A 119 11.41 22.47 51.66
C ASN A 119 11.42 23.54 52.72
N ASN A 120 11.51 23.15 53.99
CA ASN A 120 11.35 24.11 55.07
C ASN A 120 12.44 25.17 55.12
N ALA A 121 13.67 24.78 55.48
CA ALA A 121 14.72 25.75 55.73
C ALA A 121 15.98 25.51 54.90
N THR A 122 16.50 24.29 54.89
CA THR A 122 17.82 24.06 54.31
C THR A 122 17.76 23.95 52.79
N ASN A 123 17.05 22.94 52.30
CA ASN A 123 17.01 22.68 50.86
C ASN A 123 15.75 21.88 50.55
N VAL A 124 15.30 21.99 49.30
CA VAL A 124 14.25 21.11 48.83
C VAL A 124 14.77 19.68 48.87
N VAL A 125 14.20 18.86 49.72
CA VAL A 125 14.59 17.46 49.87
C VAL A 125 13.45 16.59 49.37
N ILE A 126 13.77 15.68 48.45
CA ILE A 126 12.84 14.70 47.92
C ILE A 126 13.43 13.33 48.21
N LYS A 127 12.67 12.50 48.93
CA LYS A 127 13.16 11.19 49.33
C LYS A 127 12.09 10.15 49.08
N VAL A 128 12.41 9.15 48.26
CA VAL A 128 11.52 8.03 47.98
C VAL A 128 12.01 6.84 48.79
N CYS A 129 11.23 6.48 49.81
CA CYS A 129 11.67 5.49 50.79
C CYS A 129 10.45 4.96 51.53
N GLU A 130 10.68 3.94 52.36
CA GLU A 130 9.64 3.42 53.24
C GLU A 130 9.47 4.37 54.42
N PHE A 131 8.25 4.85 54.64
CA PHE A 131 7.97 5.81 55.69
C PHE A 131 6.77 5.35 56.52
N GLN A 132 6.83 5.65 57.80
CA GLN A 132 5.71 5.44 58.71
C GLN A 132 5.47 6.74 59.47
N PHE A 133 4.20 7.06 59.70
CA PHE A 133 3.80 8.40 60.08
C PHE A 133 2.88 8.39 61.28
N CYS A 134 2.95 9.47 62.07
CA CYS A 134 2.11 9.65 63.23
C CYS A 134 0.88 10.48 62.83
N ASN A 135 0.12 10.94 63.82
CA ASN A 135 -1.09 11.70 63.52
C ASN A 135 -0.76 13.16 63.16
N ASP A 136 -0.23 13.91 64.12
CA ASP A 136 0.02 15.34 63.93
C ASP A 136 1.10 15.77 64.92
N PRO A 137 2.37 15.76 64.50
CA PRO A 137 3.46 16.12 65.42
C PRO A 137 3.54 17.62 65.63
N PHE A 138 3.12 18.06 66.81
CA PHE A 138 3.19 19.47 67.22
C PHE A 138 2.76 19.55 68.69
N LEU A 139 2.86 20.75 69.25
CA LEU A 139 2.29 21.02 70.57
C LEU A 139 1.09 21.96 70.47
N ASP A 140 1.30 23.18 69.96
CA ASP A 140 0.21 23.98 69.40
C ASP A 140 0.46 24.28 67.94
N HIS A 141 1.55 24.96 67.62
CA HIS A 141 2.21 24.93 66.32
C HIS A 141 3.71 24.75 66.44
N LYS A 142 4.33 25.39 67.42
CA LYS A 142 5.76 25.32 67.70
C LYS A 142 6.02 26.04 69.01
N ASN A 143 6.92 25.50 69.82
CA ASN A 143 7.32 26.11 71.08
C ASN A 143 8.72 26.70 70.92
N ASN A 144 8.87 27.98 71.24
CA ASN A 144 7.74 28.83 71.63
C ASN A 144 7.57 29.96 70.62
N LYS A 145 8.67 30.62 70.30
CA LYS A 145 8.67 31.65 69.26
C LYS A 145 9.86 31.53 68.31
N SER A 146 10.89 30.75 68.62
CA SER A 146 12.05 30.58 67.78
C SER A 146 12.17 29.13 67.34
N TRP A 147 12.55 28.92 66.09
CA TRP A 147 12.70 27.58 65.55
C TRP A 147 13.92 26.89 66.16
N MET A 148 13.83 25.57 66.28
CA MET A 148 14.95 24.76 66.74
C MET A 148 14.72 23.32 66.26
N GLU A 149 15.61 22.43 66.69
CA GLU A 149 15.51 21.00 66.39
C GLU A 149 14.90 20.29 67.59
N SER A 150 13.78 19.61 67.36
CA SER A 150 13.08 18.90 68.42
C SER A 150 12.24 17.79 67.81
N GLU A 151 12.42 16.57 68.29
CA GLU A 151 11.71 15.39 67.77
C GLU A 151 11.91 15.28 66.26
N PHE A 152 13.15 15.48 65.82
CA PHE A 152 13.50 15.39 64.41
C PHE A 152 13.34 13.99 63.84
N ARG A 153 13.17 12.98 64.68
CA ARG A 153 12.99 11.60 64.23
C ARG A 153 11.56 11.39 63.71
N VAL A 154 11.23 12.15 62.67
CA VAL A 154 9.95 11.97 61.99
C VAL A 154 9.89 10.65 61.22
N TYR A 155 11.02 9.95 61.11
CA TYR A 155 11.07 8.60 60.58
C TYR A 155 11.49 7.71 61.74
N SER A 156 10.68 6.70 62.06
CA SER A 156 11.13 5.73 63.05
C SER A 156 12.26 4.87 62.48
N SER A 157 12.18 4.52 61.21
CA SER A 157 13.21 3.75 60.53
C SER A 157 12.96 3.81 59.03
N ALA A 158 13.87 3.21 58.28
CA ALA A 158 13.73 3.09 56.83
C ALA A 158 14.58 1.90 56.39
N ASN A 159 13.93 0.81 55.99
CA ASN A 159 14.66 -0.43 55.72
C ASN A 159 15.59 -0.29 54.53
N ASN A 160 15.03 -0.01 53.35
CA ASN A 160 15.81 -0.03 52.12
C ASN A 160 15.10 0.81 51.07
N CYS A 161 15.87 1.67 50.40
CA CYS A 161 15.31 2.55 49.38
C CYS A 161 16.43 3.13 48.54
N THR A 162 16.03 3.75 47.43
CA THR A 162 16.97 4.11 46.36
C THR A 162 17.09 5.61 46.15
N PHE A 163 16.00 6.32 45.86
CA PHE A 163 16.09 7.69 45.39
C PHE A 163 16.41 8.65 46.52
N GLU A 164 17.14 9.71 46.17
CA GLU A 164 17.52 10.75 47.14
C GLU A 164 17.92 11.99 46.37
N TYR A 165 17.25 13.11 46.63
CA TYR A 165 17.46 14.32 45.87
C TYR A 165 17.44 15.53 46.78
N VAL A 166 18.35 16.47 46.55
CA VAL A 166 18.39 17.75 47.26
C VAL A 166 18.66 18.85 46.24
N SER A 167 17.99 20.00 46.43
CA SER A 167 18.14 21.11 45.52
C SER A 167 17.86 22.42 46.26
N GLN A 168 18.02 23.53 45.56
CA GLN A 168 17.81 24.84 46.16
C GLN A 168 16.35 25.03 46.54
N PRO A 169 16.08 25.57 47.73
CA PRO A 169 14.68 25.74 48.17
C PRO A 169 13.96 26.79 47.34
N PHE A 170 12.64 26.78 47.46
CA PHE A 170 11.79 27.74 46.78
C PHE A 170 11.81 29.07 47.55
N LEU A 171 10.91 29.98 47.21
CA LEU A 171 10.88 31.28 47.87
C LEU A 171 10.45 31.13 49.32
N MET A 172 11.12 31.87 50.19
CA MET A 172 10.87 31.81 51.62
C MET A 172 9.91 32.93 52.05
N ASP A 173 9.36 32.77 53.26
CA ASP A 173 8.50 33.77 53.88
C ASP A 173 9.17 34.29 55.14
N LEU A 174 9.26 35.61 55.26
CA LEU A 174 9.89 36.27 56.39
C LEU A 174 8.81 36.91 57.25
N GLU A 175 8.89 36.69 58.56
CA GLU A 175 7.97 37.25 59.55
C GLU A 175 6.54 36.77 59.31
N GLY A 176 5.60 37.29 60.10
CA GLY A 176 4.21 36.90 60.00
C GLY A 176 3.34 38.08 59.59
N LYS A 177 2.33 37.81 58.77
CA LYS A 177 1.43 38.84 58.27
C LYS A 177 0.01 38.29 58.24
N GLN A 178 -0.94 39.08 58.73
CA GLN A 178 -2.35 38.73 58.76
C GLN A 178 -3.06 39.51 57.67
N GLY A 179 -3.65 38.80 56.71
CA GLY A 179 -4.29 39.43 55.57
C GLY A 179 -3.28 39.92 54.56
N ASN A 180 -3.80 40.38 53.43
CA ASN A 180 -2.98 40.89 52.32
C ASN A 180 -1.94 39.84 51.90
N PHE A 181 -2.40 38.60 51.74
CA PHE A 181 -1.50 37.50 51.42
C PHE A 181 -0.98 37.65 50.00
N LYS A 182 0.18 38.29 49.85
CA LYS A 182 0.73 38.51 48.53
C LYS A 182 1.10 37.19 47.85
N ASN A 183 1.66 36.26 48.60
CA ASN A 183 2.05 34.96 48.05
C ASN A 183 0.83 34.23 47.51
N LEU A 184 0.96 33.69 46.30
CA LEU A 184 0.01 32.72 45.77
C LEU A 184 0.82 31.67 45.02
N ARG A 185 0.97 30.50 45.61
CA ARG A 185 1.72 29.44 44.95
C ARG A 185 0.76 28.53 44.21
N GLU A 186 1.19 28.02 43.07
CA GLU A 186 0.42 27.02 42.37
C GLU A 186 1.34 26.01 41.72
N PHE A 187 1.09 24.74 42.00
CA PHE A 187 1.86 23.63 41.48
C PHE A 187 0.94 22.67 40.76
N VAL A 188 1.50 21.94 39.80
CA VAL A 188 0.82 20.78 39.24
C VAL A 188 1.77 19.59 39.28
N PHE A 189 1.27 18.47 39.79
CA PHE A 189 2.02 17.23 39.85
C PHE A 189 1.39 16.21 38.90
N LYS A 190 2.21 15.56 38.09
CA LYS A 190 1.69 14.63 37.11
C LYS A 190 2.62 13.43 37.00
N ASN A 191 2.04 12.23 36.97
CA ASN A 191 2.81 10.99 36.92
C ASN A 191 2.57 10.30 35.59
N ILE A 192 3.63 10.19 34.78
CA ILE A 192 3.55 9.56 33.46
C ILE A 192 4.75 8.63 33.31
N ASP A 193 4.46 7.33 33.21
CA ASP A 193 5.43 6.33 32.78
C ASP A 193 6.70 6.43 33.63
N GLY A 194 6.54 6.21 34.94
CA GLY A 194 7.66 6.23 35.85
C GLY A 194 8.32 7.58 36.02
N TYR A 195 7.78 8.63 35.43
CA TYR A 195 8.31 9.98 35.56
C TYR A 195 7.36 10.83 36.38
N PHE A 196 7.91 11.58 37.32
CA PHE A 196 7.17 12.56 38.09
C PHE A 196 7.51 13.95 37.55
N LYS A 197 6.49 14.69 37.13
CA LYS A 197 6.66 16.03 36.59
C LYS A 197 6.03 17.02 37.56
N ILE A 198 6.83 17.92 38.09
CA ILE A 198 6.36 18.97 38.99
C ILE A 198 6.57 20.30 38.29
N TYR A 199 5.48 21.02 38.06
CA TYR A 199 5.52 22.35 37.47
C TYR A 199 5.10 23.36 38.52
N SER A 200 5.82 24.47 38.58
CA SER A 200 5.65 25.45 39.64
C SER A 200 5.35 26.83 39.07
N LYS A 201 4.68 27.66 39.88
CA LYS A 201 4.53 29.07 39.56
C LYS A 201 4.15 29.83 40.82
N HIS A 202 4.91 30.86 41.14
CA HIS A 202 4.65 31.70 42.30
C HIS A 202 4.22 33.08 41.82
N THR A 203 2.99 33.46 42.12
CA THR A 203 2.49 34.79 41.78
C THR A 203 2.38 35.62 43.05
N PRO A 204 3.19 36.67 43.19
CA PRO A 204 3.08 37.55 44.36
C PRO A 204 1.96 38.56 44.24
N ILE A 205 1.92 39.51 45.18
CA ILE A 205 1.00 40.65 45.21
C ILE A 205 -0.43 40.24 44.85
N LEU A 206 -1.06 39.46 45.70
CA LEU A 206 -2.46 39.10 45.57
C LEU A 206 -3.25 39.85 46.63
N VAL A 207 -4.20 40.67 46.20
CA VAL A 207 -4.99 41.51 47.10
C VAL A 207 -6.45 41.05 47.13
N ARG A 208 -6.70 39.80 46.76
CA ARG A 208 -8.06 39.26 46.70
C ARG A 208 -8.49 38.86 48.11
N GLU A 209 -8.85 39.87 48.90
CA GLU A 209 -9.32 39.63 50.26
C GLU A 209 -10.58 38.77 50.35
N PRO A 210 -11.63 38.94 49.51
CA PRO A 210 -12.90 38.23 49.79
C PRO A 210 -12.78 36.73 49.94
N GLU A 211 -12.33 36.01 48.92
CA GLU A 211 -12.23 34.55 49.01
C GLU A 211 -11.56 33.90 47.80
N ASP A 212 -12.31 33.80 46.70
CA ASP A 212 -11.98 32.88 45.62
C ASP A 212 -10.69 33.28 44.91
N LEU A 213 -10.14 32.31 44.17
CA LEU A 213 -8.92 32.53 43.42
C LEU A 213 -9.16 33.55 42.31
N PRO A 214 -8.15 34.35 41.97
CA PRO A 214 -8.37 35.49 41.08
C PRO A 214 -8.80 35.06 39.69
N GLN A 215 -9.54 35.95 39.03
CA GLN A 215 -10.02 35.73 37.68
C GLN A 215 -8.94 36.10 36.66
N GLY A 216 -7.78 35.45 36.73
CA GLY A 216 -6.69 35.78 35.85
C GLY A 216 -6.19 34.61 35.03
N PHE A 217 -4.91 34.65 34.65
CA PHE A 217 -4.30 33.60 33.86
C PHE A 217 -2.82 33.55 34.16
N SER A 218 -2.29 32.33 34.30
CA SER A 218 -0.85 32.14 34.52
C SER A 218 -0.50 30.73 34.12
N ALA A 219 0.38 30.60 33.13
CA ALA A 219 0.86 29.30 32.68
C ALA A 219 2.08 28.90 33.49
N LEU A 220 2.01 27.72 34.12
CA LEU A 220 3.11 27.27 34.95
C LEU A 220 4.32 26.89 34.09
N GLU A 221 5.48 26.87 34.71
CA GLU A 221 6.69 26.48 34.01
C GLU A 221 7.24 25.18 34.59
N PRO A 222 7.92 24.37 33.78
CA PRO A 222 8.53 23.15 34.32
C PRO A 222 9.53 23.47 35.42
N LEU A 223 9.51 22.64 36.46
CA LEU A 223 10.42 22.78 37.59
C LEU A 223 11.30 21.55 37.77
N VAL A 224 10.72 20.35 37.73
CA VAL A 224 11.54 19.14 37.80
C VAL A 224 10.80 17.99 37.14
N ASP A 225 11.57 17.06 36.59
CA ASP A 225 11.06 15.88 35.88
C ASP A 225 12.00 14.73 36.23
N LEU A 226 11.58 13.89 37.16
CA LEU A 226 12.53 12.95 37.74
C LEU A 226 11.98 11.54 37.80
N PRO A 227 12.85 10.52 37.66
CA PRO A 227 12.46 9.09 37.54
C PRO A 227 12.24 8.33 38.84
N ILE A 228 11.03 8.43 39.37
CA ILE A 228 10.69 7.64 40.56
C ILE A 228 10.50 6.18 40.21
N GLY A 229 9.54 5.89 39.34
CA GLY A 229 9.20 4.52 39.01
C GLY A 229 8.51 3.75 40.11
N ILE A 230 7.55 4.36 40.80
CA ILE A 230 6.76 3.68 41.83
C ILE A 230 5.28 3.90 41.53
N ASN A 231 4.44 3.37 42.42
CA ASN A 231 2.99 3.44 42.30
C ASN A 231 2.45 4.33 43.40
N ILE A 232 1.68 5.36 43.02
CA ILE A 232 1.13 6.33 43.96
C ILE A 232 -0.37 6.45 43.73
N THR A 233 -1.13 6.54 44.82
CA THR A 233 -2.58 6.71 44.69
C THR A 233 -3.20 7.71 45.66
N ARG A 234 -2.53 8.13 46.73
CA ARG A 234 -3.12 9.06 47.68
C ARG A 234 -2.04 9.96 48.26
N PHE A 235 -2.45 11.14 48.70
CA PHE A 235 -1.51 12.12 49.25
C PHE A 235 -2.22 13.00 50.25
N GLN A 236 -1.46 13.46 51.25
CA GLN A 236 -1.95 14.44 52.22
C GLN A 236 -0.89 15.49 52.44
N THR A 237 -1.30 16.75 52.47
CA THR A 237 -0.35 17.85 52.59
C THR A 237 0.30 17.86 53.98
N LEU A 238 1.50 18.41 54.04
CA LEU A 238 2.25 18.54 55.28
C LEU A 238 2.22 19.98 55.73
N LEU A 239 1.76 20.21 56.97
CA LEU A 239 1.64 21.55 57.52
C LEU A 239 2.22 21.57 58.92
N ALA A 240 2.64 22.75 59.35
CA ALA A 240 3.22 22.93 60.67
C ALA A 240 2.15 23.23 61.70
N SER A 251 -3.35 25.41 76.78
CA SER A 251 -4.18 26.31 75.97
C SER A 251 -5.65 25.91 76.05
N SER A 252 -6.50 26.88 76.35
CA SER A 252 -7.94 26.65 76.47
C SER A 252 -8.72 27.35 75.36
N SER A 253 -8.57 28.67 75.22
CA SER A 253 -9.25 29.42 74.19
C SER A 253 -8.38 30.60 73.77
N GLY A 254 -8.39 30.89 72.47
CA GLY A 254 -7.62 31.98 71.93
C GLY A 254 -6.20 31.58 71.57
N TRP A 255 -5.82 31.81 70.32
CA TRP A 255 -4.48 31.48 69.84
C TRP A 255 -4.25 32.21 68.52
N THR A 256 -3.00 32.60 68.29
CA THR A 256 -2.61 33.30 67.08
C THR A 256 -1.95 32.32 66.12
N ALA A 257 -2.58 32.11 64.96
CA ALA A 257 -2.04 31.24 63.93
C ALA A 257 -2.43 31.80 62.57
N GLY A 258 -1.45 31.84 61.66
CA GLY A 258 -1.70 32.32 60.31
C GLY A 258 -2.70 31.47 59.56
N ALA A 259 -3.74 32.10 59.01
CA ALA A 259 -4.75 31.37 58.26
C ALA A 259 -4.19 30.99 56.89
N ALA A 260 -4.39 29.72 56.52
CA ALA A 260 -3.93 29.21 55.23
C ALA A 260 -5.10 28.63 54.46
N ALA A 261 -5.15 28.91 53.16
CA ALA A 261 -6.23 28.43 52.32
C ALA A 261 -5.64 27.70 51.12
N TYR A 262 -5.89 26.40 51.04
CA TYR A 262 -5.35 25.65 49.91
C TYR A 262 -6.45 24.92 49.17
N TYR A 263 -6.36 24.97 47.85
CA TYR A 263 -7.36 24.43 46.95
C TYR A 263 -6.74 23.29 46.17
N VAL A 264 -7.52 22.23 45.95
CA VAL A 264 -7.07 21.02 45.27
C VAL A 264 -8.02 20.74 44.12
N GLY A 265 -7.46 20.44 42.96
CA GLY A 265 -8.26 20.09 41.81
C GLY A 265 -7.67 18.89 41.09
N TYR A 266 -8.54 18.13 40.44
CA TYR A 266 -8.17 16.90 39.74
C TYR A 266 -8.12 17.13 38.24
N LEU A 267 -7.21 16.42 37.58
CA LEU A 267 -6.95 16.61 36.16
C LEU A 267 -7.61 15.51 35.33
N GLN A 268 -8.03 15.88 34.13
CA GLN A 268 -8.71 14.98 33.21
C GLN A 268 -8.02 15.02 31.85
N PRO A 269 -8.09 13.94 31.08
CA PRO A 269 -7.51 13.96 29.73
C PRO A 269 -8.29 14.86 28.79
N ARG A 270 -7.65 15.94 28.33
CA ARG A 270 -8.33 16.95 27.54
C ARG A 270 -7.44 17.40 26.38
N THR A 271 -8.05 18.18 25.50
CA THR A 271 -7.36 18.84 24.38
C THR A 271 -7.53 20.35 24.52
N PHE A 272 -6.43 21.07 24.48
CA PHE A 272 -6.43 22.52 24.61
C PHE A 272 -5.87 23.16 23.35
N LEU A 273 -6.29 24.39 23.09
CA LEU A 273 -5.69 25.23 22.05
C LEU A 273 -5.08 26.44 22.72
N LEU A 274 -3.77 26.62 22.56
CA LEU A 274 -2.98 27.58 23.32
C LEU A 274 -2.48 28.68 22.40
N LYS A 275 -2.41 29.91 22.91
CA LYS A 275 -1.89 31.04 22.14
C LYS A 275 -0.57 31.49 22.74
N TYR A 276 0.45 31.62 21.90
CA TYR A 276 1.72 32.23 22.25
C TYR A 276 1.78 33.62 21.65
N ASN A 277 2.14 34.62 22.45
CA ASN A 277 2.27 35.97 21.93
C ASN A 277 3.64 36.11 21.26
N GLU A 278 4.03 37.35 20.93
CA GLU A 278 5.28 37.56 20.21
C GLU A 278 6.50 37.30 21.06
N ASN A 279 6.38 37.34 22.38
CA ASN A 279 7.54 37.11 23.25
C ASN A 279 7.78 35.65 23.55
N GLY A 280 6.86 34.76 23.18
CA GLY A 280 7.01 33.36 23.48
C GLY A 280 6.35 32.88 24.76
N THR A 281 5.45 33.66 25.33
CA THR A 281 4.74 33.30 26.55
C THR A 281 3.26 33.14 26.27
N ILE A 282 2.60 32.34 27.09
CA ILE A 282 1.19 32.01 26.88
C ILE A 282 0.30 33.14 27.37
N THR A 283 -0.65 33.55 26.54
CA THR A 283 -1.63 34.55 26.91
C THR A 283 -2.98 33.93 27.29
N ASP A 284 -3.51 33.04 26.47
CA ASP A 284 -4.81 32.44 26.75
C ASP A 284 -4.95 31.11 26.02
N ALA A 285 -5.81 30.26 26.58
CA ALA A 285 -6.07 28.93 26.05
C ALA A 285 -7.56 28.66 26.07
N VAL A 286 -8.00 27.78 25.19
CA VAL A 286 -9.40 27.39 25.10
C VAL A 286 -9.49 25.88 25.21
N ASP A 287 -10.54 25.41 25.88
CA ASP A 287 -10.86 23.99 26.00
C ASP A 287 -11.98 23.65 25.03
N CYS A 288 -11.80 22.57 24.29
CA CYS A 288 -12.60 22.31 23.10
C CYS A 288 -13.81 21.43 23.38
N ALA A 289 -14.21 21.29 24.64
CA ALA A 289 -15.29 20.38 25.00
C ALA A 289 -16.36 20.97 25.91
N LEU A 290 -16.07 22.03 26.66
CA LEU A 290 -17.04 22.59 27.60
C LEU A 290 -18.28 23.11 26.89
N ASP A 291 -18.11 24.14 26.09
CA ASP A 291 -19.19 24.87 25.44
C ASP A 291 -19.18 24.61 23.94
N PRO A 292 -20.33 24.45 23.31
CA PRO A 292 -20.35 24.33 21.85
C PRO A 292 -19.67 25.49 21.16
N LEU A 293 -19.77 26.69 21.73
CA LEU A 293 -18.95 27.80 21.25
C LEU A 293 -17.48 27.44 21.29
N SER A 294 -17.06 26.70 22.33
CA SER A 294 -15.66 26.35 22.43
C SER A 294 -15.25 25.33 21.38
N GLU A 295 -16.11 24.34 21.10
CA GLU A 295 -15.71 23.36 20.08
C GLU A 295 -15.68 23.99 18.70
N THR A 296 -16.61 24.91 18.42
CA THR A 296 -16.56 25.57 17.11
C THR A 296 -15.43 26.58 17.04
N LYS A 297 -14.95 27.08 18.18
CA LYS A 297 -13.70 27.83 18.16
C LYS A 297 -12.53 26.90 17.86
N CYS A 298 -12.56 25.69 18.41
CA CYS A 298 -11.44 24.77 18.26
C CYS A 298 -11.34 24.25 16.83
N THR A 299 -12.45 23.81 16.25
CA THR A 299 -12.40 23.21 14.91
C THR A 299 -12.01 24.21 13.84
N LEU A 300 -12.13 25.50 14.12
CA LEU A 300 -11.63 26.52 13.21
C LEU A 300 -10.22 26.98 13.56
N LYS A 301 -9.65 26.47 14.65
CA LYS A 301 -8.33 26.85 15.14
C LYS A 301 -8.21 28.36 15.36
N SER A 302 -9.33 29.04 15.59
CA SER A 302 -9.34 30.48 15.78
C SER A 302 -10.20 30.84 16.97
N PHE A 303 -9.84 31.95 17.62
CA PHE A 303 -10.55 32.38 18.81
C PHE A 303 -11.78 33.21 18.50
N THR A 304 -11.80 33.91 17.36
CA THR A 304 -12.95 34.72 16.95
C THR A 304 -13.59 34.06 15.75
N VAL A 305 -14.83 33.62 15.91
CA VAL A 305 -15.58 32.97 14.85
C VAL A 305 -16.59 33.96 14.30
N GLU A 306 -17.28 33.59 13.22
CA GLU A 306 -18.24 34.49 12.59
C GLU A 306 -19.64 33.90 12.67
N LYS A 307 -20.62 34.71 12.28
CA LYS A 307 -22.01 34.29 12.31
C LYS A 307 -22.25 33.17 11.30
N GLY A 308 -23.06 32.19 11.69
CA GLY A 308 -23.46 31.16 10.76
C GLY A 308 -23.70 29.85 11.49
N ILE A 309 -23.55 28.77 10.71
CA ILE A 309 -23.71 27.40 11.19
C ILE A 309 -22.41 26.66 10.91
N TYR A 310 -21.87 25.98 11.92
CA TYR A 310 -20.54 25.42 11.82
C TYR A 310 -20.54 23.95 12.22
N GLN A 311 -19.97 23.11 11.36
CA GLN A 311 -19.76 21.72 11.74
C GLN A 311 -18.72 21.63 12.84
N THR A 312 -18.84 20.62 13.70
CA THR A 312 -17.88 20.45 14.82
C THR A 312 -17.65 18.95 15.03
N SER A 313 -16.70 18.60 15.91
CA SER A 313 -16.46 17.18 16.25
C SER A 313 -17.65 16.64 17.06
N ASN A 314 -17.96 15.35 16.93
CA ASN A 314 -19.10 14.74 17.65
C ASN A 314 -18.78 14.72 19.15
N PHE A 315 -19.80 14.62 20.00
CA PHE A 315 -19.59 14.64 21.48
C PHE A 315 -18.74 13.44 21.89
N ARG A 316 -17.85 13.62 22.87
CA ARG A 316 -16.91 12.53 23.27
C ARG A 316 -17.68 11.44 24.04
N VAL A 317 -17.33 10.16 23.81
CA VAL A 317 -17.96 9.04 24.54
C VAL A 317 -16.86 8.04 24.92
N GLN A 318 -16.99 7.33 26.04
CA GLN A 318 -15.90 6.42 26.49
C GLN A 318 -16.37 4.96 26.53
N PRO A 319 -15.71 4.02 25.83
CA PRO A 319 -16.05 2.59 25.91
C PRO A 319 -15.03 1.84 26.78
N THR A 320 -15.50 1.20 27.86
CA THR A 320 -14.53 0.53 28.79
C THR A 320 -15.18 -0.65 29.52
N GLU A 321 -15.70 -1.65 28.79
CA GLU A 321 -16.24 -2.85 29.47
C GLU A 321 -16.22 -3.91 28.37
N SER A 322 -16.05 -5.20 28.70
CA SER A 322 -16.03 -6.09 27.55
C SER A 322 -16.91 -7.29 27.85
N ILE A 323 -17.41 -7.92 26.79
CA ILE A 323 -18.30 -9.07 26.91
C ILE A 323 -17.73 -10.22 26.10
N VAL A 324 -18.16 -11.43 26.44
CA VAL A 324 -17.58 -12.66 25.90
C VAL A 324 -18.69 -13.56 25.39
N ARG A 325 -18.36 -14.36 24.37
CA ARG A 325 -19.34 -15.20 23.69
C ARG A 325 -19.94 -16.24 24.64
N PHE A 326 -19.11 -17.12 25.19
CA PHE A 326 -19.54 -18.27 25.97
C PHE A 326 -20.52 -19.11 25.15
N PRO A 327 -20.05 -19.87 24.13
CA PRO A 327 -20.97 -20.57 23.23
C PRO A 327 -22.05 -21.34 23.97
N ASN A 328 -21.66 -22.30 24.81
CA ASN A 328 -22.54 -22.81 25.86
C ASN A 328 -21.74 -23.89 26.59
N ILE A 329 -22.30 -24.50 27.63
CA ILE A 329 -21.53 -25.45 28.42
C ILE A 329 -21.15 -26.64 27.54
N THR A 330 -19.88 -27.02 27.57
CA THR A 330 -19.35 -28.09 26.74
C THR A 330 -19.21 -29.34 27.62
N ASN A 331 -18.61 -30.41 27.08
CA ASN A 331 -18.43 -31.64 27.84
C ASN A 331 -17.54 -31.41 29.04
N LEU A 332 -17.85 -32.10 30.14
CA LEU A 332 -17.09 -32.04 31.38
C LEU A 332 -16.12 -33.20 31.43
N CYS A 333 -14.85 -32.90 31.63
CA CYS A 333 -13.82 -33.93 31.65
C CYS A 333 -14.02 -34.84 32.86
N PRO A 334 -13.86 -36.16 32.70
CA PRO A 334 -14.16 -37.09 33.80
C PRO A 334 -13.14 -37.08 34.91
N PHE A 335 -13.30 -36.16 35.87
CA PHE A 335 -12.39 -36.08 37.01
C PHE A 335 -13.02 -36.49 38.33
N ASP A 336 -14.35 -36.48 38.45
CA ASP A 336 -14.97 -36.73 39.75
C ASP A 336 -14.89 -38.19 40.15
N GLU A 337 -15.17 -39.11 39.23
CA GLU A 337 -15.28 -40.51 39.60
C GLU A 337 -13.90 -41.12 39.88
N VAL A 338 -12.87 -40.68 39.15
CA VAL A 338 -11.52 -41.15 39.43
C VAL A 338 -11.06 -40.70 40.80
N PHE A 339 -11.59 -39.58 41.29
CA PHE A 339 -11.36 -39.13 42.65
C PHE A 339 -12.29 -39.81 43.65
N ASN A 340 -13.30 -40.53 43.17
CA ASN A 340 -14.30 -41.16 44.02
C ASN A 340 -14.38 -42.66 43.78
N ALA A 341 -13.26 -43.27 43.36
CA ALA A 341 -13.22 -44.71 43.16
C ALA A 341 -13.25 -45.44 44.51
N THR A 342 -13.80 -46.65 44.49
CA THR A 342 -13.92 -47.42 45.72
C THR A 342 -12.56 -47.78 46.29
N ARG A 343 -11.62 -48.19 45.44
CA ARG A 343 -10.30 -48.62 45.88
C ARG A 343 -9.25 -48.04 44.94
N PHE A 344 -8.28 -47.33 45.52
CA PHE A 344 -7.14 -46.84 44.75
C PHE A 344 -6.05 -47.89 44.70
N ALA A 345 -5.30 -47.89 43.60
CA ALA A 345 -4.20 -48.82 43.44
C ALA A 345 -3.10 -48.52 44.44
N SER A 346 -2.39 -49.57 44.84
CA SER A 346 -1.31 -49.41 45.80
C SER A 346 -0.09 -48.78 45.13
N VAL A 347 0.93 -48.50 45.94
CA VAL A 347 2.08 -47.73 45.46
C VAL A 347 2.83 -48.50 44.38
N TYR A 348 3.02 -49.81 44.56
CA TYR A 348 3.81 -50.59 43.64
C TYR A 348 3.15 -50.72 42.27
N ALA A 349 1.84 -50.54 42.19
CA ALA A 349 1.09 -50.68 40.95
C ALA A 349 0.13 -49.52 40.77
N TRP A 350 0.65 -48.30 40.93
CA TRP A 350 -0.17 -47.10 40.79
C TRP A 350 -0.84 -47.06 39.43
N ASN A 351 -2.13 -46.76 39.42
CA ASN A 351 -2.90 -46.76 38.19
C ASN A 351 -2.62 -45.51 37.38
N ARG A 352 -2.58 -45.67 36.06
CA ARG A 352 -2.42 -44.56 35.13
C ARG A 352 -3.66 -44.47 34.26
N LYS A 353 -4.26 -43.28 34.20
CA LYS A 353 -5.45 -43.06 33.41
C LYS A 353 -5.18 -42.02 32.33
N ARG A 354 -5.82 -42.20 31.18
CA ARG A 354 -5.63 -41.30 30.05
C ARG A 354 -6.70 -40.21 30.09
N ILE A 355 -6.26 -38.96 30.07
CA ILE A 355 -7.16 -37.81 30.09
C ILE A 355 -6.84 -36.95 28.87
N SER A 356 -7.76 -36.88 27.93
CA SER A 356 -7.59 -36.08 26.73
C SER A 356 -8.94 -35.87 26.07
N ASN A 357 -8.98 -34.95 25.12
CA ASN A 357 -10.19 -34.64 24.34
C ASN A 357 -11.35 -34.26 25.26
N CYS A 358 -11.06 -33.47 26.29
CA CYS A 358 -12.07 -33.06 27.26
C CYS A 358 -11.78 -31.64 27.69
N VAL A 359 -12.81 -30.99 28.24
CA VAL A 359 -12.69 -29.66 28.82
C VAL A 359 -12.64 -29.82 30.33
N ALA A 360 -11.51 -29.43 30.93
CA ALA A 360 -11.27 -29.64 32.35
C ALA A 360 -11.45 -28.32 33.09
N ASP A 361 -12.38 -28.30 34.04
CA ASP A 361 -12.64 -27.13 34.87
C ASP A 361 -12.12 -27.41 36.26
N TYR A 362 -10.95 -26.85 36.58
CA TYR A 362 -10.34 -27.06 37.88
C TYR A 362 -11.02 -26.23 38.97
N SER A 363 -11.80 -25.23 38.59
CA SER A 363 -12.43 -24.36 39.59
C SER A 363 -13.37 -25.14 40.50
N VAL A 364 -14.22 -25.99 39.92
CA VAL A 364 -15.14 -26.78 40.73
C VAL A 364 -14.37 -27.76 41.63
N LEU A 365 -13.26 -28.30 41.11
CA LEU A 365 -12.44 -29.18 41.93
C LEU A 365 -11.81 -28.41 43.10
N TYR A 366 -11.33 -27.20 42.83
CA TYR A 366 -10.63 -26.41 43.85
C TYR A 366 -11.55 -25.93 44.97
N ASN A 367 -12.87 -25.99 44.80
CA ASN A 367 -13.81 -25.44 45.77
C ASN A 367 -14.31 -26.50 46.74
N LEU A 368 -13.46 -27.47 47.09
CA LEU A 368 -13.84 -28.52 48.03
C LEU A 368 -13.31 -28.21 49.42
N ALA A 369 -13.98 -28.77 50.42
CA ALA A 369 -13.70 -28.48 51.83
C ALA A 369 -12.44 -29.17 52.37
N PRO A 370 -12.33 -30.50 52.34
CA PRO A 370 -11.29 -31.18 53.13
C PRO A 370 -9.91 -31.17 52.49
N PHE A 371 -9.70 -30.42 51.40
CA PHE A 371 -8.39 -30.36 50.78
C PHE A 371 -7.38 -29.74 51.74
N PHE A 372 -6.21 -30.34 51.85
CA PHE A 372 -5.19 -29.88 52.78
C PHE A 372 -3.93 -29.38 52.08
N THR A 373 -3.35 -30.17 51.18
CA THR A 373 -2.11 -29.81 50.51
C THR A 373 -2.34 -29.74 49.01
N PHE A 374 -1.89 -28.64 48.40
CA PHE A 374 -2.04 -28.45 46.96
C PHE A 374 -0.96 -27.48 46.51
N LYS A 375 0.12 -28.00 45.92
CA LYS A 375 1.22 -27.18 45.46
C LYS A 375 1.60 -27.61 44.05
N CYS A 376 2.06 -26.65 43.24
CA CYS A 376 2.37 -26.90 41.84
C CYS A 376 3.74 -26.34 41.48
N TYR A 377 4.35 -26.92 40.46
CA TYR A 377 5.71 -26.61 40.07
C TYR A 377 5.82 -26.08 38.65
N GLY A 378 5.19 -26.74 37.68
CA GLY A 378 5.41 -26.39 36.28
C GLY A 378 4.96 -24.99 35.94
N VAL A 379 3.74 -24.63 36.37
CA VAL A 379 3.16 -23.32 36.08
C VAL A 379 2.53 -22.78 37.35
N SER A 380 2.09 -21.53 37.27
CA SER A 380 1.44 -20.89 38.41
C SER A 380 0.10 -21.57 38.68
N PRO A 381 -0.16 -22.01 39.92
CA PRO A 381 -1.40 -22.73 40.20
C PRO A 381 -2.65 -21.89 40.06
N THR A 382 -2.52 -20.57 39.91
CA THR A 382 -3.68 -19.70 39.76
C THR A 382 -4.08 -19.45 38.32
N LYS A 383 -3.37 -20.05 37.36
CA LYS A 383 -3.65 -19.86 35.94
C LYS A 383 -3.68 -21.21 35.22
N LEU A 384 -4.37 -22.18 35.80
CA LEU A 384 -4.49 -23.51 35.22
C LEU A 384 -5.63 -23.61 34.22
N ASN A 385 -6.41 -22.54 34.02
CA ASN A 385 -7.53 -22.54 33.10
C ASN A 385 -7.21 -21.87 31.78
N ASP A 386 -5.93 -21.56 31.52
CA ASP A 386 -5.54 -20.88 30.30
C ASP A 386 -4.44 -21.61 29.55
N LEU A 387 -4.14 -22.85 29.91
CA LEU A 387 -3.05 -23.61 29.30
C LEU A 387 -3.60 -24.80 28.53
N CYS A 388 -3.01 -25.07 27.36
CA CYS A 388 -3.40 -26.17 26.51
C CYS A 388 -2.26 -27.15 26.36
N PHE A 389 -2.55 -28.44 26.52
CA PHE A 389 -1.56 -29.49 26.42
C PHE A 389 -2.05 -30.60 25.51
N THR A 390 -1.10 -31.31 24.90
CA THR A 390 -1.45 -32.37 23.97
C THR A 390 -2.19 -33.51 24.67
N ASN A 391 -1.73 -33.89 25.85
CA ASN A 391 -2.32 -35.01 26.57
C ASN A 391 -1.99 -34.89 28.06
N VAL A 392 -2.83 -35.50 28.88
CA VAL A 392 -2.66 -35.50 30.33
C VAL A 392 -2.95 -36.91 30.84
N TYR A 393 -2.06 -37.44 31.67
CA TYR A 393 -2.31 -38.72 32.33
C TYR A 393 -2.09 -38.57 33.83
N ALA A 394 -3.02 -39.09 34.61
CA ALA A 394 -3.05 -38.91 36.05
C ALA A 394 -2.70 -40.23 36.75
N ASP A 395 -2.04 -40.10 37.90
CA ASP A 395 -1.62 -41.25 38.70
C ASP A 395 -2.16 -41.09 40.10
N SER A 396 -2.80 -42.15 40.62
CA SER A 396 -3.42 -42.11 41.93
C SER A 396 -3.02 -43.33 42.74
N PHE A 397 -2.81 -43.13 44.04
CA PHE A 397 -2.47 -44.19 44.98
C PHE A 397 -2.66 -43.64 46.39
N VAL A 398 -2.24 -44.42 47.37
CA VAL A 398 -2.45 -44.09 48.78
C VAL A 398 -1.13 -44.21 49.53
N ILE A 399 -0.79 -43.18 50.28
CA ILE A 399 0.41 -43.16 51.12
C ILE A 399 0.07 -42.47 52.44
N ARG A 400 1.00 -42.55 53.38
CA ARG A 400 0.84 -41.87 54.66
C ARG A 400 0.99 -40.36 54.47
N GLY A 401 0.43 -39.61 55.42
CA GLY A 401 0.49 -38.16 55.33
C GLY A 401 1.89 -37.60 55.47
N ASP A 402 2.71 -38.21 56.34
CA ASP A 402 4.04 -37.68 56.59
C ASP A 402 4.94 -37.84 55.39
N GLU A 403 4.78 -38.93 54.63
CA GLU A 403 5.63 -39.19 53.48
C GLU A 403 5.15 -38.46 52.22
N VAL A 404 4.06 -37.70 52.31
CA VAL A 404 3.60 -36.92 51.17
C VAL A 404 4.64 -35.88 50.79
N ARG A 405 5.25 -35.25 51.78
CA ARG A 405 6.24 -34.21 51.52
C ARG A 405 7.51 -34.75 50.88
N GLN A 406 7.69 -36.06 50.82
CA GLN A 406 8.85 -36.66 50.18
C GLN A 406 8.64 -36.89 48.68
N ILE A 407 7.44 -36.63 48.16
CA ILE A 407 7.20 -36.75 46.73
C ILE A 407 8.00 -35.73 45.93
N ALA A 408 8.28 -34.57 46.52
CA ALA A 408 9.00 -33.52 45.81
C ALA A 408 10.40 -34.00 45.41
N PRO A 409 10.86 -33.69 44.20
CA PRO A 409 12.19 -34.14 43.79
C PRO A 409 13.29 -33.40 44.52
N GLY A 410 14.44 -34.06 44.61
CA GLY A 410 15.59 -33.49 45.27
C GLY A 410 15.73 -33.84 46.74
N GLN A 411 15.00 -34.85 47.22
CA GLN A 411 15.08 -35.28 48.61
C GLN A 411 15.52 -36.73 48.68
N THR A 412 16.46 -37.01 49.57
CA THR A 412 16.98 -38.37 49.75
C THR A 412 16.12 -39.13 50.75
N GLY A 413 15.93 -40.41 50.48
CA GLY A 413 15.13 -41.24 51.36
C GLY A 413 15.19 -42.68 50.91
N ASN A 414 14.50 -43.54 51.68
CA ASN A 414 14.42 -44.96 51.39
C ASN A 414 12.99 -45.43 51.15
N ILE A 415 12.04 -44.52 50.95
CA ILE A 415 10.65 -44.86 50.77
C ILE A 415 10.14 -44.40 49.39
N ALA A 416 10.31 -43.12 49.09
CA ALA A 416 9.84 -42.58 47.81
C ALA A 416 10.81 -42.86 46.68
N ASP A 417 12.02 -43.32 46.97
CA ASP A 417 13.00 -43.61 45.94
C ASP A 417 12.99 -45.06 45.47
N TYR A 418 12.12 -45.89 46.06
CA TYR A 418 11.99 -47.29 45.65
C TYR A 418 10.61 -47.64 45.14
N ASN A 419 9.65 -46.72 45.19
CA ASN A 419 8.29 -46.98 44.72
C ASN A 419 7.85 -46.04 43.60
N TYR A 420 8.18 -44.75 43.70
CA TYR A 420 7.71 -43.79 42.71
C TYR A 420 8.69 -42.62 42.68
N LYS A 421 9.57 -42.61 41.68
CA LYS A 421 10.60 -41.59 41.54
C LYS A 421 10.24 -40.68 40.38
N LEU A 422 10.14 -39.37 40.65
CA LEU A 422 9.83 -38.34 39.67
C LEU A 422 11.09 -37.86 38.97
N PRO A 423 10.99 -37.45 37.71
CA PRO A 423 12.15 -36.89 37.02
C PRO A 423 12.55 -35.54 37.60
N ASP A 424 13.80 -35.15 37.32
CA ASP A 424 14.29 -33.88 37.81
C ASP A 424 13.50 -32.71 37.23
N ASP A 425 13.15 -32.79 35.95
CA ASP A 425 12.31 -31.80 35.31
C ASP A 425 10.88 -32.33 35.26
N PHE A 426 9.96 -31.61 35.90
CA PHE A 426 8.58 -32.06 36.03
C PHE A 426 7.65 -30.91 35.71
N THR A 427 6.49 -31.24 35.13
CA THR A 427 5.45 -30.27 34.85
C THR A 427 4.12 -30.83 35.35
N GLY A 428 3.26 -29.95 35.83
CA GLY A 428 2.05 -30.37 36.52
C GLY A 428 2.25 -30.40 38.01
N CYS A 429 1.26 -30.95 38.70
CA CYS A 429 1.35 -30.99 40.16
C CYS A 429 0.44 -32.04 40.74
N VAL A 430 0.58 -32.23 42.06
CA VAL A 430 -0.06 -33.31 42.79
C VAL A 430 -1.08 -32.72 43.76
N ILE A 431 -2.10 -33.53 44.08
CA ILE A 431 -3.12 -33.15 45.05
C ILE A 431 -3.20 -34.27 46.09
N ALA A 432 -3.14 -33.89 47.36
CA ALA A 432 -3.22 -34.84 48.46
C ALA A 432 -4.20 -34.33 49.51
N TRP A 433 -5.06 -35.21 49.99
CA TRP A 433 -6.04 -34.86 51.01
C TRP A 433 -6.19 -36.02 51.97
N ASN A 434 -6.65 -35.71 53.18
CA ASN A 434 -6.86 -36.73 54.21
C ASN A 434 -8.07 -37.58 53.88
N SER A 435 -7.91 -38.89 54.08
CA SER A 435 -8.99 -39.87 53.88
C SER A 435 -8.96 -40.82 55.07
N ASN A 436 -9.68 -40.46 56.13
CA ASN A 436 -9.71 -41.26 57.36
C ASN A 436 -10.97 -42.12 57.42
N LYS A 437 -12.14 -41.50 57.37
CA LYS A 437 -13.39 -42.26 57.43
C LYS A 437 -13.57 -43.17 56.24
N LEU A 438 -13.18 -42.72 55.05
CA LEU A 438 -13.44 -43.47 53.83
C LEU A 438 -12.43 -44.59 53.62
N ASP A 439 -11.20 -44.44 54.12
CA ASP A 439 -10.16 -45.43 53.91
C ASP A 439 -9.78 -46.18 55.18
N SER A 440 -9.44 -45.47 56.25
CA SER A 440 -9.07 -46.14 57.50
C SER A 440 -10.28 -46.82 58.11
N LYS A 441 -10.03 -47.96 58.75
CA LYS A 441 -11.08 -48.78 59.34
C LYS A 441 -10.73 -49.15 60.77
N VAL A 442 -11.76 -49.33 61.59
CA VAL A 442 -11.55 -49.77 62.97
C VAL A 442 -11.05 -51.21 63.00
N SER A 443 -11.61 -52.07 62.13
CA SER A 443 -11.19 -53.46 62.09
C SER A 443 -9.80 -53.66 61.52
N GLY A 444 -9.33 -52.74 60.68
CA GLY A 444 -7.99 -52.84 60.13
C GLY A 444 -7.95 -53.11 58.65
N ASN A 445 -7.50 -52.12 57.87
CA ASN A 445 -7.35 -52.25 56.43
C ASN A 445 -5.89 -52.56 56.13
N TYR A 446 -5.60 -53.82 55.82
CA TYR A 446 -4.24 -54.27 55.54
C TYR A 446 -4.06 -54.71 54.09
N ASN A 447 -4.71 -54.01 53.17
CA ASN A 447 -4.60 -54.32 51.74
C ASN A 447 -3.61 -53.44 51.01
N TYR A 448 -2.90 -52.56 51.71
CA TYR A 448 -1.90 -51.68 51.10
C TYR A 448 -0.51 -52.09 51.57
N LEU A 449 0.39 -52.32 50.62
CA LEU A 449 1.76 -52.73 50.91
C LEU A 449 2.73 -51.80 50.21
N TYR A 450 3.91 -51.65 50.79
CA TYR A 450 4.97 -50.84 50.23
C TYR A 450 6.28 -51.61 50.29
N ARG A 451 7.20 -51.26 49.39
CA ARG A 451 8.42 -52.04 49.20
C ARG A 451 9.56 -51.44 50.00
N LEU A 452 10.29 -52.31 50.72
CA LEU A 452 11.43 -51.90 51.52
C LEU A 452 12.74 -52.02 50.74
N PHE A 453 13.04 -53.22 50.25
CA PHE A 453 14.32 -53.49 49.58
C PHE A 453 14.06 -53.80 48.12
N ARG A 454 14.86 -53.20 47.25
CA ARG A 454 14.79 -53.48 45.82
C ARG A 454 16.22 -53.58 45.28
N LYS A 455 16.33 -54.22 44.11
CA LYS A 455 17.64 -54.46 43.52
C LYS A 455 18.33 -53.14 43.17
N SER A 456 17.60 -52.20 42.59
CA SER A 456 18.14 -50.89 42.25
C SER A 456 16.98 -49.93 42.07
N ASN A 457 17.30 -48.65 41.88
CA ASN A 457 16.26 -47.64 41.71
C ASN A 457 15.47 -47.89 40.43
N LEU A 458 14.15 -47.84 40.55
CA LEU A 458 13.27 -48.17 39.43
C LEU A 458 13.27 -47.06 38.39
N LYS A 459 13.00 -47.45 37.15
CA LYS A 459 12.87 -46.49 36.07
C LYS A 459 11.63 -45.65 36.31
N PRO A 460 11.71 -44.31 36.21
CA PRO A 460 10.54 -43.48 36.48
C PRO A 460 9.39 -43.82 35.55
N PHE A 461 8.17 -43.74 36.10
CA PHE A 461 6.93 -44.04 35.37
C PHE A 461 6.92 -45.51 34.91
N GLU A 462 6.97 -46.41 35.88
CA GLU A 462 6.90 -47.84 35.62
C GLU A 462 5.66 -48.43 36.28
N ARG A 463 5.09 -49.45 35.64
CA ARG A 463 3.88 -50.11 36.11
C ARG A 463 4.07 -51.63 36.05
N ASP A 464 5.20 -52.10 36.56
CA ASP A 464 5.52 -53.51 36.59
C ASP A 464 5.82 -53.94 38.03
N ILE A 465 5.17 -55.01 38.47
CA ILE A 465 5.40 -55.58 39.79
C ILE A 465 6.13 -56.91 39.61
N SER A 466 7.15 -57.13 40.43
CA SER A 466 7.93 -58.36 40.40
C SER A 466 7.76 -59.08 41.72
N THR A 467 7.39 -60.36 41.65
CA THR A 467 7.20 -61.19 42.84
C THR A 467 8.46 -61.93 43.24
N GLU A 468 9.58 -61.68 42.57
CA GLU A 468 10.83 -62.35 42.89
C GLU A 468 11.30 -61.94 44.30
N ILE A 469 11.84 -62.90 45.02
CA ILE A 469 12.33 -62.67 46.37
C ILE A 469 13.70 -62.00 46.31
N TYR A 470 13.90 -60.99 47.14
CA TYR A 470 15.18 -60.29 47.18
C TYR A 470 16.22 -61.10 47.95
N GLN A 471 17.43 -61.13 47.42
CA GLN A 471 18.55 -61.85 48.05
C GLN A 471 19.62 -60.84 48.43
N ALA A 472 20.01 -60.86 49.71
CA ALA A 472 21.10 -60.00 50.16
C ALA A 472 22.42 -60.40 49.51
N GLY A 473 22.67 -61.71 49.39
CA GLY A 473 23.89 -62.21 48.81
C GLY A 473 23.70 -62.67 47.36
N ASN A 474 24.80 -63.15 46.79
CA ASN A 474 24.78 -63.61 45.41
C ASN A 474 24.10 -64.97 45.27
N LYS A 475 24.23 -65.83 46.28
CA LYS A 475 23.68 -67.18 46.18
C LYS A 475 22.16 -67.15 46.22
N PRO A 476 21.48 -67.75 45.24
CA PRO A 476 20.01 -67.71 45.24
C PRO A 476 19.43 -68.59 46.33
N CYS A 477 18.40 -68.09 47.01
CA CYS A 477 17.67 -68.84 48.01
C CYS A 477 16.19 -68.63 47.80
N ASN A 478 15.41 -69.65 48.15
CA ASN A 478 13.96 -69.60 47.97
C ASN A 478 13.30 -70.55 48.96
N GLY A 479 12.01 -70.33 49.17
CA GLY A 479 11.25 -71.14 50.10
C GLY A 479 11.18 -70.55 51.48
N VAL A 480 12.03 -71.03 52.39
CA VAL A 480 12.07 -70.56 53.75
C VAL A 480 13.24 -69.60 53.92
N ALA A 481 13.19 -68.79 54.98
CA ALA A 481 14.29 -67.88 55.27
C ALA A 481 15.51 -68.66 55.75
N GLY A 482 16.68 -68.26 55.25
CA GLY A 482 17.91 -68.94 55.61
C GLY A 482 19.07 -67.99 55.84
N PHE A 483 20.21 -68.28 55.23
CA PHE A 483 21.40 -67.44 55.39
C PHE A 483 21.31 -66.23 54.47
N ASN A 484 21.34 -65.04 55.07
CA ASN A 484 21.33 -63.78 54.32
C ASN A 484 20.09 -63.65 53.44
N CYS A 485 18.97 -64.17 53.92
CA CYS A 485 17.71 -64.12 53.19
C CYS A 485 16.64 -63.53 54.08
N TYR A 486 15.99 -62.47 53.61
CA TYR A 486 14.96 -61.80 54.39
C TYR A 486 13.88 -61.27 53.45
N PHE A 487 12.67 -61.15 53.98
CA PHE A 487 11.52 -60.73 53.18
C PHE A 487 11.52 -59.21 53.03
N PRO A 488 11.52 -58.68 51.81
CA PRO A 488 11.55 -57.22 51.60
C PRO A 488 10.19 -56.55 51.45
N LEU A 489 9.09 -57.25 51.71
CA LEU A 489 7.75 -56.71 51.49
C LEU A 489 7.04 -56.52 52.83
N ARG A 490 6.40 -55.37 52.99
CA ARG A 490 5.64 -55.06 54.20
C ARG A 490 4.39 -54.27 53.82
N SER A 491 3.40 -54.30 54.70
CA SER A 491 2.11 -53.69 54.46
C SER A 491 1.89 -52.51 55.40
N TYR A 492 0.90 -51.69 55.07
CA TYR A 492 0.54 -50.55 55.89
C TYR A 492 -0.13 -51.00 57.19
N SER A 493 -0.14 -50.09 58.16
CA SER A 493 -0.86 -50.30 59.41
C SER A 493 -1.78 -49.09 59.63
N PHE A 494 -3.07 -49.35 59.81
CA PHE A 494 -4.07 -48.30 59.93
C PHE A 494 -4.79 -48.44 61.26
N ARG A 495 -4.39 -47.63 62.24
CA ARG A 495 -5.07 -47.54 63.53
C ARG A 495 -5.76 -46.20 63.65
N PRO A 496 -7.04 -46.17 64.02
CA PRO A 496 -7.72 -44.87 64.20
C PRO A 496 -7.12 -44.03 65.32
N THR A 497 -6.35 -44.62 66.23
CA THR A 497 -5.72 -43.85 67.30
C THR A 497 -4.73 -42.84 66.73
N TYR A 498 -4.00 -43.23 65.68
CA TYR A 498 -3.05 -42.32 65.07
C TYR A 498 -3.74 -41.10 64.49
N GLY A 499 -3.07 -39.96 64.57
CA GLY A 499 -3.56 -38.70 64.03
C GLY A 499 -2.92 -38.38 62.69
N VAL A 500 -2.53 -37.12 62.51
CA VAL A 500 -1.89 -36.69 61.28
C VAL A 500 -0.53 -37.37 61.15
N GLY A 501 -0.13 -37.64 59.90
CA GLY A 501 1.13 -38.28 59.63
C GLY A 501 1.08 -39.79 59.55
N HIS A 502 -0.04 -40.41 59.94
CA HIS A 502 -0.19 -41.85 59.83
C HIS A 502 -1.53 -42.29 59.26
N GLN A 503 -2.57 -41.47 59.33
CA GLN A 503 -3.84 -41.80 58.73
C GLN A 503 -3.73 -41.72 57.21
N PRO A 504 -4.53 -42.51 56.48
CA PRO A 504 -4.41 -42.53 55.02
C PRO A 504 -4.67 -41.16 54.41
N TYR A 505 -3.88 -40.84 53.39
CA TYR A 505 -4.04 -39.62 52.60
C TYR A 505 -4.07 -40.01 51.13
N ARG A 506 -5.24 -39.91 50.51
CA ARG A 506 -5.40 -40.29 49.11
C ARG A 506 -4.80 -39.19 48.25
N VAL A 507 -3.71 -39.51 47.55
CA VAL A 507 -2.97 -38.55 46.75
C VAL A 507 -3.11 -38.93 45.27
N VAL A 508 -3.32 -37.92 44.44
CA VAL A 508 -3.39 -38.08 42.99
C VAL A 508 -2.34 -37.19 42.36
N VAL A 509 -1.60 -37.73 41.40
CA VAL A 509 -0.52 -37.02 40.74
C VAL A 509 -0.97 -36.71 39.32
N LEU A 510 -0.96 -35.43 38.96
CA LEU A 510 -1.25 -34.99 37.60
C LEU A 510 0.07 -34.72 36.90
N SER A 511 0.34 -35.48 35.84
CA SER A 511 1.55 -35.32 35.06
C SER A 511 1.21 -35.27 33.58
N PHE A 512 2.01 -34.52 32.83
CA PHE A 512 1.77 -34.36 31.41
C PHE A 512 3.03 -33.82 30.74
N GLU A 513 3.13 -34.06 29.44
CA GLU A 513 4.30 -33.70 28.67
C GLU A 513 4.12 -32.32 28.04
N LEU A 514 5.23 -31.69 27.68
CA LEU A 514 5.25 -30.30 27.23
C LEU A 514 5.32 -30.24 25.71
N LEU A 515 4.16 -30.29 25.06
CA LEU A 515 4.01 -30.00 23.64
C LEU A 515 4.93 -30.86 22.77
N HIS A 516 4.67 -32.18 22.80
CA HIS A 516 5.36 -33.12 21.94
C HIS A 516 4.40 -33.78 20.95
N ALA A 517 3.32 -33.10 20.57
CA ALA A 517 2.30 -33.64 19.69
C ALA A 517 1.45 -32.48 19.20
N PRO A 518 0.59 -32.70 18.21
CA PRO A 518 -0.40 -31.68 17.86
C PRO A 518 -1.36 -31.44 19.03
N ALA A 519 -1.49 -30.18 19.41
CA ALA A 519 -2.32 -29.84 20.57
C ALA A 519 -3.80 -30.02 20.24
N THR A 520 -4.51 -30.75 21.11
CA THR A 520 -5.92 -31.02 20.91
C THR A 520 -6.78 -30.75 22.12
N VAL A 521 -6.20 -30.43 23.28
CA VAL A 521 -6.94 -30.25 24.52
C VAL A 521 -6.71 -28.84 25.02
N CYS A 522 -7.79 -28.14 25.36
CA CYS A 522 -7.72 -26.79 25.88
C CYS A 522 -8.73 -26.62 27.01
N GLY A 523 -8.48 -25.63 27.86
CA GLY A 523 -9.34 -25.37 28.99
C GLY A 523 -10.62 -24.69 28.59
N PRO A 524 -11.47 -24.43 29.58
CA PRO A 524 -12.76 -23.80 29.33
C PRO A 524 -12.59 -22.29 29.14
N LYS A 525 -13.71 -21.62 28.95
CA LYS A 525 -13.72 -20.16 28.89
C LYS A 525 -13.94 -19.60 30.28
N LYS A 526 -13.03 -18.72 30.70
CA LYS A 526 -13.10 -18.14 32.04
C LYS A 526 -14.42 -17.40 32.23
N SER A 527 -15.09 -17.67 33.34
CA SER A 527 -16.45 -17.19 33.54
C SER A 527 -16.48 -15.68 33.74
N THR A 528 -17.37 -15.01 33.01
CA THR A 528 -17.64 -13.60 33.19
C THR A 528 -19.03 -13.31 32.65
N ASN A 529 -19.59 -12.17 33.06
CA ASN A 529 -20.96 -11.83 32.74
C ASN A 529 -21.04 -11.22 31.33
N LEU A 530 -22.22 -10.74 30.96
CA LEU A 530 -22.44 -10.13 29.67
C LEU A 530 -23.32 -8.90 29.85
N VAL A 531 -23.06 -7.88 29.03
CA VAL A 531 -23.65 -6.55 29.19
C VAL A 531 -24.53 -6.27 27.99
N LYS A 532 -25.59 -5.47 28.20
CA LYS A 532 -26.57 -5.17 27.17
C LYS A 532 -26.77 -3.66 27.06
N ASN A 533 -26.90 -3.19 25.82
CA ASN A 533 -27.33 -1.81 25.52
C ASN A 533 -26.40 -0.76 26.13
N LYS A 534 -25.11 -1.08 26.19
CA LYS A 534 -24.10 -0.13 26.62
C LYS A 534 -22.90 -0.23 25.68
N CYS A 535 -22.21 0.89 25.48
CA CYS A 535 -21.10 0.91 24.53
C CYS A 535 -20.00 -0.03 25.01
N VAL A 536 -19.87 -1.17 24.34
CA VAL A 536 -19.03 -2.27 24.80
C VAL A 536 -18.25 -2.83 23.63
N ASN A 537 -17.05 -3.34 23.91
CA ASN A 537 -16.23 -4.04 22.92
C ASN A 537 -16.65 -5.51 22.93
N PHE A 538 -17.56 -5.86 22.03
CA PHE A 538 -18.16 -7.18 22.07
C PHE A 538 -17.22 -8.24 21.50
N ASN A 539 -17.50 -9.49 21.86
CA ASN A 539 -16.70 -10.62 21.38
C ASN A 539 -17.62 -11.84 21.33
N PHE A 540 -18.16 -12.13 20.14
CA PHE A 540 -18.99 -13.30 19.90
C PHE A 540 -18.29 -14.19 18.87
N ASN A 541 -17.75 -15.31 19.33
CA ASN A 541 -17.10 -16.29 18.45
C ASN A 541 -16.01 -15.65 17.60
N GLY A 542 -15.19 -14.80 18.22
CA GLY A 542 -14.08 -14.18 17.54
C GLY A 542 -14.44 -13.01 16.65
N LEU A 543 -15.70 -12.60 16.61
CA LEU A 543 -16.12 -11.46 15.80
C LEU A 543 -16.05 -10.22 16.69
N LYS A 544 -14.87 -9.63 16.76
CA LYS A 544 -14.64 -8.47 17.61
C LYS A 544 -15.19 -7.21 16.96
N GLY A 545 -15.26 -6.15 17.76
CA GLY A 545 -15.78 -4.88 17.27
C GLY A 545 -16.06 -3.95 18.44
N THR A 546 -16.92 -2.96 18.17
CA THR A 546 -17.29 -1.99 19.18
C THR A 546 -18.62 -1.37 18.80
N GLY A 547 -19.49 -1.18 19.79
CA GLY A 547 -20.78 -0.56 19.57
C GLY A 547 -21.78 -1.05 20.57
N VAL A 548 -22.94 -0.41 20.57
CA VAL A 548 -24.03 -0.82 21.44
C VAL A 548 -24.85 -1.90 20.74
N LEU A 549 -25.55 -2.69 21.53
CA LEU A 549 -26.31 -3.82 21.03
C LEU A 549 -27.80 -3.56 21.23
N THR A 550 -28.61 -4.00 20.27
CA THR A 550 -30.05 -3.81 20.35
C THR A 550 -30.79 -5.12 20.16
N GLU A 551 -32.11 -5.06 20.07
CA GLU A 551 -32.95 -6.23 19.84
C GLU A 551 -33.39 -6.24 18.38
N SER A 552 -33.16 -7.36 17.70
CA SER A 552 -33.44 -7.47 16.28
C SER A 552 -34.52 -8.52 16.04
N ASN A 553 -35.30 -8.30 14.99
CA ASN A 553 -36.35 -9.22 14.59
C ASN A 553 -36.00 -9.99 13.33
N LYS A 554 -34.74 -9.99 12.91
CA LYS A 554 -34.33 -10.73 11.72
C LYS A 554 -34.45 -12.23 11.98
N LYS A 555 -34.82 -12.96 10.92
CA LYS A 555 -35.03 -14.40 11.00
C LYS A 555 -33.83 -15.09 10.37
N PHE A 556 -32.81 -15.33 11.19
CA PHE A 556 -31.63 -16.03 10.71
C PHE A 556 -31.97 -17.48 10.38
N LEU A 557 -31.26 -18.04 9.40
CA LEU A 557 -31.40 -19.44 9.09
C LEU A 557 -30.78 -20.29 10.20
N PRO A 558 -31.14 -21.57 10.28
CA PRO A 558 -30.59 -22.42 11.35
C PRO A 558 -29.08 -22.44 11.40
N PHE A 559 -28.40 -22.32 10.26
CA PHE A 559 -26.94 -22.36 10.23
C PHE A 559 -26.29 -20.99 10.13
N GLN A 560 -26.98 -20.00 9.57
CA GLN A 560 -26.40 -18.67 9.43
C GLN A 560 -26.30 -17.98 10.78
N GLN A 561 -25.22 -17.22 10.97
CA GLN A 561 -25.01 -16.53 12.24
C GLN A 561 -24.71 -15.05 12.10
N PHE A 562 -23.94 -14.65 11.09
CA PHE A 562 -23.59 -13.25 10.91
C PHE A 562 -24.53 -12.60 9.91
N GLY A 563 -24.68 -11.28 10.03
CA GLY A 563 -25.43 -10.50 9.07
C GLY A 563 -24.65 -9.30 8.58
N ARG A 564 -24.35 -9.25 7.29
CA ARG A 564 -23.52 -8.20 6.73
C ARG A 564 -24.38 -7.16 6.03
N ASP A 565 -23.72 -6.11 5.54
CA ASP A 565 -24.38 -5.09 4.74
C ASP A 565 -23.58 -4.83 3.47
N ILE A 566 -23.93 -3.76 2.75
CA ILE A 566 -23.23 -3.46 1.49
C ILE A 566 -21.75 -3.26 1.75
N ALA A 567 -21.39 -2.57 2.82
CA ALA A 567 -20.00 -2.31 3.15
C ALA A 567 -19.28 -3.50 3.71
N ASP A 568 -19.87 -4.69 3.66
CA ASP A 568 -19.27 -5.89 4.24
C ASP A 568 -18.93 -5.66 5.71
N THR A 569 -19.84 -5.00 6.42
CA THR A 569 -19.70 -4.73 7.84
C THR A 569 -20.75 -5.51 8.60
N THR A 570 -20.33 -6.19 9.67
CA THR A 570 -21.26 -6.97 10.48
C THR A 570 -22.19 -6.05 11.24
N ASP A 571 -23.50 -6.27 11.07
CA ASP A 571 -24.49 -5.45 11.77
C ASP A 571 -25.60 -6.29 12.38
N ALA A 572 -25.45 -7.61 12.41
CA ALA A 572 -26.45 -8.48 13.04
C ALA A 572 -25.77 -9.79 13.38
N VAL A 573 -25.71 -10.13 14.66
CA VAL A 573 -25.08 -11.36 15.11
C VAL A 573 -26.09 -12.11 15.97
N ARG A 574 -25.90 -13.43 16.03
CA ARG A 574 -26.72 -14.31 16.85
C ARG A 574 -25.91 -14.73 18.07
N ASP A 575 -26.49 -14.56 19.24
CA ASP A 575 -25.79 -14.93 20.46
C ASP A 575 -25.44 -16.41 20.42
N PRO A 576 -24.17 -16.78 20.61
CA PRO A 576 -23.85 -18.21 20.73
C PRO A 576 -24.58 -18.87 21.88
N GLN A 577 -24.87 -18.12 22.95
CA GLN A 577 -25.47 -18.71 24.14
C GLN A 577 -26.90 -19.17 23.86
N THR A 578 -27.67 -18.35 23.15
CA THR A 578 -29.05 -18.69 22.82
C THR A 578 -29.41 -18.06 21.48
N LEU A 579 -30.43 -18.62 20.83
CA LEU A 579 -30.74 -18.29 19.45
C LEU A 579 -31.23 -16.86 19.27
N GLU A 580 -31.21 -16.06 20.33
CA GLU A 580 -31.64 -14.68 20.25
C GLU A 580 -30.77 -13.91 19.28
N ILE A 581 -31.39 -13.04 18.49
CA ILE A 581 -30.72 -12.27 17.44
C ILE A 581 -30.45 -10.86 17.95
N LEU A 582 -29.20 -10.42 17.83
CA LEU A 582 -28.80 -9.10 18.26
C LEU A 582 -28.42 -8.24 17.06
N ASP A 583 -28.75 -6.95 17.13
CA ASP A 583 -28.41 -5.98 16.11
C ASP A 583 -27.41 -4.99 16.68
N ILE A 584 -26.31 -4.78 15.97
CA ILE A 584 -25.23 -3.90 16.41
C ILE A 584 -25.39 -2.55 15.72
N THR A 585 -25.54 -1.50 16.52
CA THR A 585 -25.70 -0.14 16.04
C THR A 585 -24.67 0.75 16.71
N PRO A 586 -24.25 1.82 16.05
CA PRO A 586 -23.33 2.77 16.67
C PRO A 586 -24.08 3.70 17.62
N CYS A 587 -23.31 4.56 18.29
CA CYS A 587 -23.88 5.54 19.18
C CYS A 587 -24.59 6.64 18.38
N SER A 588 -25.08 7.66 19.09
CA SER A 588 -25.64 8.82 18.42
C SER A 588 -24.54 9.51 17.62
N PHE A 589 -24.86 9.88 16.38
CA PHE A 589 -23.85 10.38 15.46
C PHE A 589 -24.39 11.52 14.62
N GLY A 590 -23.68 11.88 13.56
CA GLY A 590 -24.11 12.89 12.60
C GLY A 590 -23.46 14.24 12.77
N GLY A 591 -22.66 14.45 13.81
CA GLY A 591 -22.06 15.75 14.06
C GLY A 591 -23.05 16.70 14.70
N VAL A 592 -22.53 17.87 15.07
CA VAL A 592 -23.34 18.91 15.69
C VAL A 592 -22.98 20.23 15.01
N SER A 593 -24.00 20.95 14.54
CA SER A 593 -23.81 22.20 13.81
C SER A 593 -24.30 23.34 14.69
N VAL A 594 -23.37 23.95 15.44
CA VAL A 594 -23.74 25.02 16.35
C VAL A 594 -24.15 26.25 15.54
N ILE A 595 -25.13 26.98 16.04
CA ILE A 595 -25.66 28.16 15.35
C ILE A 595 -25.42 29.35 16.28
N THR A 596 -24.28 30.02 16.09
CA THR A 596 -23.88 31.09 16.98
C THR A 596 -23.65 32.38 16.21
N PRO A 597 -23.97 33.53 16.80
CA PRO A 597 -23.52 34.81 16.23
C PRO A 597 -22.04 35.00 16.49
N GLY A 598 -21.45 36.08 15.99
CA GLY A 598 -20.03 36.28 16.14
C GLY A 598 -19.63 36.41 17.60
N THR A 599 -18.39 36.00 17.90
CA THR A 599 -17.87 36.16 19.24
C THR A 599 -17.70 37.64 19.60
N ASN A 600 -17.70 38.53 18.60
CA ASN A 600 -17.79 39.96 18.89
C ASN A 600 -19.08 40.29 19.62
N THR A 601 -20.18 39.65 19.23
CA THR A 601 -21.44 39.75 19.95
C THR A 601 -21.42 38.69 21.05
N SER A 602 -22.56 38.44 21.69
CA SER A 602 -22.61 37.59 22.87
C SER A 602 -22.18 36.17 22.56
N ASN A 603 -22.03 35.36 23.62
CA ASN A 603 -21.60 33.98 23.53
C ASN A 603 -22.76 33.00 23.64
N GLN A 604 -23.93 33.35 23.12
CA GLN A 604 -25.08 32.45 23.12
C GLN A 604 -25.06 31.59 21.87
N VAL A 605 -25.48 30.34 22.02
CA VAL A 605 -25.43 29.35 20.95
C VAL A 605 -26.80 28.71 20.81
N ALA A 606 -26.94 27.89 19.76
CA ALA A 606 -28.14 27.09 19.57
C ALA A 606 -27.74 25.91 18.68
N VAL A 607 -27.53 24.75 19.30
CA VAL A 607 -26.96 23.64 18.55
C VAL A 607 -28.03 22.98 17.68
N LEU A 608 -27.56 22.17 16.74
CA LEU A 608 -28.42 21.41 15.84
C LEU A 608 -27.95 19.96 15.80
N TYR A 609 -28.88 19.03 15.84
CA TYR A 609 -28.60 17.61 15.69
C TYR A 609 -29.13 17.17 14.34
N GLN A 610 -28.29 16.50 13.56
CA GLN A 610 -28.64 16.17 12.17
C GLN A 610 -29.58 14.97 12.15
N GLY A 611 -30.87 15.25 11.98
CA GLY A 611 -31.85 14.22 11.73
C GLY A 611 -31.99 13.15 12.81
N VAL A 612 -32.08 13.57 14.07
CA VAL A 612 -32.25 12.65 15.19
C VAL A 612 -33.49 13.06 15.97
N ASN A 613 -34.39 12.09 16.20
CA ASN A 613 -35.51 12.27 17.11
C ASN A 613 -34.94 12.34 18.52
N CYS A 614 -34.80 13.56 19.05
CA CYS A 614 -33.98 13.79 20.23
C CYS A 614 -34.73 13.59 21.54
N THR A 615 -35.76 12.75 21.54
CA THR A 615 -36.18 12.15 22.79
C THR A 615 -35.18 11.13 23.29
N GLU A 616 -34.18 10.82 22.46
CA GLU A 616 -33.16 9.80 22.83
C GLU A 616 -31.82 10.47 23.15
N VAL A 617 -31.64 11.74 22.79
CA VAL A 617 -30.37 12.44 23.16
C VAL A 617 -30.20 12.54 24.69
N PRO A 618 -31.24 12.82 25.54
CA PRO A 618 -31.02 12.83 26.99
C PRO A 618 -30.60 11.43 27.46
N VAL A 619 -31.22 10.39 26.91
CA VAL A 619 -30.87 8.98 27.27
C VAL A 619 -29.41 8.73 26.87
N ALA A 620 -29.01 9.20 25.68
CA ALA A 620 -27.63 8.96 25.19
C ALA A 620 -26.64 9.85 25.94
N ILE A 621 -27.13 10.72 26.83
CA ILE A 621 -26.20 11.66 27.54
C ILE A 621 -26.09 11.25 29.01
N HIS A 622 -24.87 10.90 29.45
CA HIS A 622 -24.62 10.55 30.87
C HIS A 622 -23.55 11.48 31.42
N ALA A 623 -23.16 12.50 30.64
CA ALA A 623 -22.04 13.39 31.04
C ALA A 623 -22.54 14.78 31.46
N ASP A 624 -23.80 14.89 31.92
CA ASP A 624 -24.36 16.23 32.24
C ASP A 624 -23.50 16.88 33.32
N GLN A 625 -23.12 16.12 34.36
CA GLN A 625 -22.25 16.65 35.44
C GLN A 625 -20.87 16.99 34.85
N LEU A 626 -20.33 16.11 34.00
CA LEU A 626 -18.95 16.32 33.45
C LEU A 626 -18.88 17.57 32.58
N THR A 627 -19.89 17.82 31.73
CA THR A 627 -19.77 18.96 30.77
C THR A 627 -20.78 20.07 31.11
N PRO A 628 -20.30 21.31 31.39
CA PRO A 628 -21.20 22.44 31.64
C PRO A 628 -21.68 23.11 30.35
N THR A 629 -22.96 23.49 30.28
CA THR A 629 -23.52 24.22 29.11
C THR A 629 -23.31 23.42 27.82
N TRP A 630 -23.39 22.09 27.88
CA TRP A 630 -23.29 21.25 26.65
C TRP A 630 -24.32 20.13 26.75
N ARG A 631 -24.14 19.22 27.71
CA ARG A 631 -25.12 18.12 27.94
C ARG A 631 -26.43 18.71 28.47
N VAL A 632 -26.37 19.89 29.09
CA VAL A 632 -27.59 20.57 29.63
C VAL A 632 -28.52 20.90 28.45
N TYR A 633 -27.98 20.96 27.24
CA TYR A 633 -28.78 21.31 26.03
C TYR A 633 -29.77 20.19 25.69
N SER A 634 -29.66 19.03 26.33
CA SER A 634 -30.67 17.98 26.08
C SER A 634 -32.04 18.59 26.41
N THR A 635 -32.12 19.39 27.48
CA THR A 635 -33.38 20.13 27.79
C THR A 635 -33.01 21.59 28.07
N GLY A 636 -32.81 22.40 27.01
CA GLY A 636 -32.37 23.77 27.22
C GLY A 636 -33.54 24.72 27.07
N SER A 637 -33.50 25.55 26.03
CA SER A 637 -34.68 26.34 25.67
C SER A 637 -35.75 25.41 25.10
N ASN A 638 -36.86 25.99 24.67
CA ASN A 638 -37.95 25.17 24.16
C ASN A 638 -37.47 24.43 22.91
N VAL A 639 -37.23 23.13 23.07
CA VAL A 639 -36.67 22.35 21.97
C VAL A 639 -37.67 22.28 20.83
N PHE A 640 -37.19 22.58 19.62
CA PHE A 640 -38.02 22.55 18.44
C PHE A 640 -37.54 21.44 17.51
N GLN A 641 -38.48 20.86 16.75
CA GLN A 641 -38.21 19.73 15.89
C GLN A 641 -38.47 20.10 14.45
N THR A 642 -37.49 19.88 13.58
CA THR A 642 -37.58 20.13 12.15
C THR A 642 -37.47 18.82 11.39
N ARG A 643 -37.45 18.92 10.06
CA ARG A 643 -37.24 17.75 9.23
C ARG A 643 -35.79 17.27 9.24
N ALA A 644 -34.87 18.08 9.77
CA ALA A 644 -33.45 17.76 9.79
C ALA A 644 -32.92 17.69 11.21
N GLY A 645 -33.64 17.01 12.09
CA GLY A 645 -33.28 16.95 13.49
C GLY A 645 -33.83 18.13 14.26
N CYS A 646 -33.58 18.12 15.56
CA CYS A 646 -34.20 19.09 16.46
C CYS A 646 -33.20 20.19 16.79
N LEU A 647 -33.58 21.43 16.47
CA LEU A 647 -32.85 22.60 16.90
C LEU A 647 -33.10 22.83 18.39
N ILE A 648 -32.02 23.08 19.14
CA ILE A 648 -32.09 23.21 20.59
C ILE A 648 -31.51 24.56 20.98
N GLY A 649 -32.21 25.29 21.83
CA GLY A 649 -31.74 26.57 22.30
C GLY A 649 -32.37 27.76 21.61
N ALA A 650 -33.57 27.62 21.06
CA ALA A 650 -34.25 28.73 20.42
C ALA A 650 -35.75 28.44 20.41
N GLU A 651 -36.53 29.49 20.15
CA GLU A 651 -37.97 29.42 20.23
C GLU A 651 -38.59 29.90 18.92
N TYR A 652 -39.52 29.12 18.40
CA TYR A 652 -40.18 29.44 17.13
C TYR A 652 -40.96 30.74 17.22
N VAL A 653 -40.96 31.50 16.13
CA VAL A 653 -41.71 32.74 16.05
C VAL A 653 -42.61 32.68 14.82
N ASN A 654 -43.70 33.45 14.87
CA ASN A 654 -44.78 33.27 13.90
C ASN A 654 -44.54 34.04 12.61
N ASN A 655 -44.42 35.37 12.70
CA ASN A 655 -44.33 36.19 11.50
C ASN A 655 -43.07 35.87 10.71
N SER A 656 -43.14 36.07 9.40
CA SER A 656 -42.10 35.66 8.47
C SER A 656 -41.40 36.89 7.89
N TYR A 657 -40.08 36.93 8.03
CA TYR A 657 -39.24 37.99 7.49
C TYR A 657 -38.27 37.37 6.48
N GLU A 658 -37.31 38.17 6.03
CA GLU A 658 -36.13 37.61 5.40
C GLU A 658 -35.26 36.93 6.46
N CYS A 659 -34.29 36.14 6.02
CA CYS A 659 -33.50 35.39 6.98
C CYS A 659 -32.01 35.59 6.74
N ASP A 660 -31.23 35.20 7.75
CA ASP A 660 -29.80 35.44 7.79
C ASP A 660 -29.00 34.15 7.74
N ILE A 661 -29.25 33.23 8.67
CA ILE A 661 -28.45 32.01 8.82
C ILE A 661 -29.26 30.84 8.26
N PRO A 662 -28.87 30.27 7.11
CA PRO A 662 -29.56 29.08 6.60
C PRO A 662 -29.37 27.90 7.54
N ILE A 663 -30.46 27.39 8.09
CA ILE A 663 -30.41 26.29 9.03
C ILE A 663 -30.70 24.95 8.37
N GLY A 664 -31.75 24.88 7.56
CA GLY A 664 -32.05 23.66 6.83
C GLY A 664 -33.50 23.25 6.83
N ALA A 665 -33.90 22.56 5.76
CA ALA A 665 -35.24 21.99 5.63
C ALA A 665 -36.34 23.04 5.72
N GLY A 666 -36.00 24.31 5.59
CA GLY A 666 -37.00 25.37 5.66
C GLY A 666 -36.92 26.20 6.93
N ILE A 667 -35.71 26.41 7.45
CA ILE A 667 -35.51 27.11 8.70
C ILE A 667 -34.38 28.13 8.54
N CYS A 668 -34.62 29.37 8.97
CA CYS A 668 -33.58 30.37 9.12
C CYS A 668 -33.70 31.03 10.49
N ALA A 669 -32.64 31.72 10.89
CA ALA A 669 -32.57 32.33 12.21
C ALA A 669 -31.94 33.70 12.11
N SER A 670 -32.01 34.43 13.23
CA SER A 670 -31.29 35.69 13.39
C SER A 670 -31.27 36.03 14.86
N TYR A 671 -30.42 36.99 15.22
CA TYR A 671 -30.16 37.35 16.61
C TYR A 671 -30.99 38.59 16.95
N GLN A 672 -32.12 38.37 17.63
CA GLN A 672 -33.05 39.46 17.93
C GLN A 672 -33.76 39.12 19.24
N THR A 673 -34.87 39.81 19.49
CA THR A 673 -35.69 39.57 20.67
C THR A 673 -36.73 38.48 20.42
N SER A 686 -32.65 42.63 25.63
CA SER A 686 -33.35 41.36 25.40
C SER A 686 -33.06 40.80 24.02
N GLN A 687 -31.96 40.07 23.90
CA GLN A 687 -31.55 39.46 22.64
C GLN A 687 -31.42 37.96 22.83
N SER A 688 -31.96 37.20 21.88
CA SER A 688 -31.92 35.74 21.96
C SER A 688 -31.87 35.20 20.54
N ILE A 689 -32.19 33.91 20.39
CA ILE A 689 -32.11 33.22 19.11
C ILE A 689 -33.53 32.84 18.68
N ILE A 690 -33.93 33.27 17.48
CA ILE A 690 -35.27 33.06 16.97
C ILE A 690 -35.17 32.36 15.62
N ALA A 691 -35.83 31.21 15.48
CA ALA A 691 -35.84 30.43 14.27
C ALA A 691 -37.24 30.43 13.67
N TYR A 692 -37.33 30.56 12.35
CA TYR A 692 -38.61 30.67 11.70
C TYR A 692 -38.50 30.09 10.30
N THR A 693 -39.48 30.41 9.45
CA THR A 693 -39.50 29.98 8.05
C THR A 693 -39.25 31.18 7.14
N MET A 694 -38.55 30.93 6.04
CA MET A 694 -38.18 32.01 5.15
C MET A 694 -39.42 32.68 4.58
N SER A 695 -39.20 33.82 3.92
CA SER A 695 -40.27 34.53 3.25
C SER A 695 -39.65 35.47 2.23
N LEU A 696 -39.89 35.21 0.94
CA LEU A 696 -39.43 36.14 -0.08
C LEU A 696 -40.10 37.49 0.10
N GLY A 697 -41.30 37.51 0.62
CA GLY A 697 -42.01 38.75 0.87
C GLY A 697 -43.49 38.50 1.03
N ALA A 698 -44.21 39.60 1.26
CA ALA A 698 -45.66 39.53 1.33
C ALA A 698 -46.22 39.18 -0.03
N GLU A 699 -47.19 38.26 -0.05
CA GLU A 699 -47.80 37.85 -1.30
C GLU A 699 -48.48 39.04 -1.94
N ASN A 700 -47.90 39.53 -3.03
CA ASN A 700 -48.47 40.67 -3.75
C ASN A 700 -49.53 40.16 -4.72
N SER A 701 -50.79 40.45 -4.43
CA SER A 701 -51.89 40.07 -5.29
C SER A 701 -51.99 41.08 -6.42
N VAL A 702 -51.97 40.58 -7.66
CA VAL A 702 -52.08 41.41 -8.85
C VAL A 702 -53.47 41.25 -9.42
N ALA A 703 -54.12 42.37 -9.74
CA ALA A 703 -55.49 42.36 -10.24
C ALA A 703 -55.47 41.97 -11.71
N TYR A 704 -55.18 40.70 -11.95
CA TYR A 704 -55.22 40.18 -13.31
C TYR A 704 -56.62 40.32 -13.88
N SER A 705 -56.70 40.84 -15.10
CA SER A 705 -57.98 41.07 -15.75
C SER A 705 -57.75 41.15 -17.24
N ASN A 706 -58.82 40.90 -18.00
CA ASN A 706 -58.73 40.96 -19.46
C ASN A 706 -58.84 42.37 -20.01
N ASN A 707 -58.74 43.40 -19.15
CA ASN A 707 -58.71 44.77 -19.63
C ASN A 707 -57.72 45.64 -18.86
N SER A 708 -56.94 45.08 -17.95
CA SER A 708 -56.06 45.83 -17.09
C SER A 708 -54.65 45.87 -17.65
N ILE A 709 -53.95 46.98 -17.43
CA ILE A 709 -52.57 47.17 -17.88
C ILE A 709 -51.94 48.20 -16.94
N ALA A 710 -50.61 48.31 -16.99
CA ALA A 710 -49.88 49.24 -16.12
C ALA A 710 -48.76 49.89 -16.91
N ILE A 711 -48.87 51.19 -17.15
CA ILE A 711 -47.85 51.97 -17.85
C ILE A 711 -47.14 52.83 -16.81
N PRO A 712 -45.84 52.61 -16.54
CA PRO A 712 -45.11 53.50 -15.64
C PRO A 712 -45.00 54.90 -16.22
N THR A 713 -44.91 55.89 -15.32
CA THR A 713 -44.84 57.29 -15.70
C THR A 713 -43.55 57.96 -15.23
N ASN A 714 -42.62 57.20 -14.68
CA ASN A 714 -41.36 57.74 -14.18
C ASN A 714 -40.35 56.60 -14.14
N PHE A 715 -39.12 56.93 -13.77
CA PHE A 715 -38.07 55.93 -13.79
C PHE A 715 -36.97 56.30 -12.82
N THR A 716 -35.94 55.46 -12.79
CA THR A 716 -34.71 55.70 -12.05
C THR A 716 -33.57 55.06 -12.83
N ILE A 717 -32.38 55.64 -12.71
CA ILE A 717 -31.19 55.11 -13.36
C ILE A 717 -30.28 54.60 -12.26
N SER A 718 -30.44 53.32 -11.92
CA SER A 718 -29.58 52.71 -10.93
C SER A 718 -28.19 52.48 -11.50
N VAL A 719 -27.21 52.40 -10.61
CA VAL A 719 -25.86 52.02 -11.02
C VAL A 719 -25.36 50.96 -10.05
N THR A 720 -25.56 49.70 -10.39
CA THR A 720 -25.12 48.60 -9.55
C THR A 720 -23.74 48.15 -9.96
N THR A 721 -23.06 47.44 -9.06
CA THR A 721 -21.69 47.00 -9.27
C THR A 721 -21.66 45.49 -9.33
N GLU A 722 -21.44 44.94 -10.53
CA GLU A 722 -21.14 43.53 -10.68
C GLU A 722 -19.64 43.33 -10.62
N ILE A 723 -19.20 42.42 -9.77
CA ILE A 723 -17.79 42.18 -9.53
C ILE A 723 -17.42 40.83 -10.11
N LEU A 724 -16.43 40.83 -11.02
CA LEU A 724 -16.01 39.64 -11.74
C LEU A 724 -14.52 39.43 -11.53
N PRO A 725 -14.08 38.25 -11.13
CA PRO A 725 -12.66 37.94 -11.21
C PRO A 725 -12.21 37.82 -12.65
N VAL A 726 -10.93 38.10 -12.88
CA VAL A 726 -10.35 37.93 -14.22
C VAL A 726 -9.06 37.12 -14.22
N SER A 727 -8.33 37.01 -13.11
CA SER A 727 -7.11 36.23 -13.09
C SER A 727 -6.70 35.99 -11.66
N MET A 728 -6.00 34.88 -11.43
CA MET A 728 -5.47 34.57 -10.12
C MET A 728 -3.98 34.90 -10.08
N THR A 729 -3.37 34.67 -8.93
CA THR A 729 -1.96 34.98 -8.76
C THR A 729 -1.10 33.92 -9.43
N LYS A 730 -0.11 34.37 -10.21
CA LYS A 730 0.85 33.45 -10.80
C LYS A 730 1.73 32.84 -9.71
N THR A 731 1.87 31.53 -9.73
CA THR A 731 2.64 30.84 -8.71
C THR A 731 3.65 29.90 -9.35
N SER A 732 4.69 29.59 -8.59
CA SER A 732 5.74 28.68 -9.04
C SER A 732 6.23 27.87 -7.85
N VAL A 733 6.50 26.59 -8.11
CA VAL A 733 6.94 25.65 -7.08
C VAL A 733 8.21 24.97 -7.58
N ASP A 734 9.09 24.60 -6.67
CA ASP A 734 10.34 23.94 -7.01
C ASP A 734 10.26 22.46 -6.66
N CYS A 735 10.69 21.61 -7.59
CA CYS A 735 10.68 20.17 -7.40
C CYS A 735 11.41 19.76 -6.13
N THR A 736 12.71 20.01 -6.11
CA THR A 736 13.56 19.39 -5.11
C THR A 736 13.66 20.20 -3.82
N MET A 737 13.46 21.52 -3.90
CA MET A 737 13.59 22.34 -2.71
C MET A 737 12.43 22.12 -1.75
N TYR A 738 11.23 21.88 -2.26
CA TYR A 738 10.10 21.62 -1.37
C TYR A 738 10.20 20.25 -0.73
N ILE A 739 10.52 19.22 -1.51
CA ILE A 739 10.55 17.86 -0.99
C ILE A 739 11.83 17.59 -0.24
N CYS A 740 12.97 17.86 -0.85
CA CYS A 740 14.26 17.48 -0.29
C CYS A 740 15.11 18.70 -0.02
N GLY A 741 14.54 19.70 0.65
CA GLY A 741 15.24 20.93 0.92
C GLY A 741 16.55 20.75 1.65
N ASP A 742 17.58 21.45 1.20
CA ASP A 742 18.93 21.46 1.78
C ASP A 742 19.42 20.07 2.16
N SER A 743 19.19 19.08 1.29
CA SER A 743 19.74 17.75 1.47
C SER A 743 20.29 17.25 0.14
N THR A 744 21.33 16.43 0.21
CA THR A 744 21.99 15.93 -0.98
C THR A 744 21.56 14.52 -1.36
N GLU A 745 21.48 13.61 -0.39
CA GLU A 745 21.04 12.25 -0.70
C GLU A 745 19.60 12.23 -1.17
N CYS A 746 18.74 13.06 -0.57
CA CYS A 746 17.34 13.09 -0.96
C CYS A 746 17.17 13.55 -2.40
N SER A 747 18.03 14.46 -2.86
CA SER A 747 17.97 14.89 -4.25
C SER A 747 18.45 13.82 -5.20
N ASN A 748 19.24 12.85 -4.71
CA ASN A 748 19.66 11.74 -5.55
C ASN A 748 18.56 10.72 -5.73
N LEU A 749 17.76 10.48 -4.69
CA LEU A 749 16.67 9.51 -4.80
C LEU A 749 15.51 10.05 -5.61
N LEU A 750 15.38 11.38 -5.70
CA LEU A 750 14.24 11.94 -6.41
C LEU A 750 14.30 11.69 -7.90
N LEU A 751 15.49 11.41 -8.44
CA LEU A 751 15.59 11.12 -9.87
C LEU A 751 15.07 9.73 -10.20
N GLN A 752 15.11 8.81 -9.25
CA GLN A 752 14.61 7.46 -9.47
C GLN A 752 13.08 7.40 -9.55
N TYR A 753 12.39 8.48 -9.22
CA TYR A 753 10.94 8.49 -9.21
C TYR A 753 10.35 8.96 -10.53
N GLY A 754 11.05 8.72 -11.63
CA GLY A 754 10.54 9.05 -12.93
C GLY A 754 10.60 10.54 -13.22
N SER A 755 9.87 10.92 -14.25
CA SER A 755 9.78 12.31 -14.71
C SER A 755 8.55 12.99 -14.16
N PHE A 756 8.19 12.69 -12.91
CA PHE A 756 6.92 13.16 -12.38
C PHE A 756 6.85 14.68 -12.32
N CYS A 757 7.84 15.33 -11.71
CA CYS A 757 7.62 16.73 -11.39
C CYS A 757 8.03 17.66 -12.53
N THR A 758 8.65 17.14 -13.58
CA THR A 758 8.81 17.98 -14.76
C THR A 758 7.48 18.24 -15.46
N GLN A 759 6.44 17.48 -15.12
CA GLN A 759 5.09 17.85 -15.49
C GLN A 759 4.55 18.98 -14.63
N LEU A 760 4.96 19.03 -13.36
CA LEU A 760 4.53 20.11 -12.49
C LEU A 760 4.97 21.46 -13.04
N LYS A 761 6.22 21.54 -13.50
CA LYS A 761 6.71 22.80 -14.04
C LYS A 761 5.95 23.20 -15.29
N ARG A 762 5.62 22.23 -16.15
CA ARG A 762 4.83 22.54 -17.34
C ARG A 762 3.37 22.83 -16.98
N ALA A 763 2.81 22.08 -16.02
CA ALA A 763 1.43 22.32 -15.61
C ALA A 763 1.28 23.69 -14.97
N LEU A 764 2.24 24.09 -14.14
CA LEU A 764 2.19 25.38 -13.47
C LEU A 764 2.60 26.53 -14.38
N THR A 765 3.13 26.22 -15.58
CA THR A 765 3.40 27.25 -16.56
C THR A 765 2.22 27.49 -17.49
N GLY A 766 1.42 26.46 -17.76
CA GLY A 766 0.20 26.66 -18.52
C GLY A 766 -0.75 27.61 -17.82
N ILE A 767 -0.85 27.50 -16.50
CA ILE A 767 -1.61 28.47 -15.73
C ILE A 767 -0.96 29.84 -15.82
N ALA A 768 0.37 29.88 -15.76
CA ALA A 768 1.07 31.16 -15.72
C ALA A 768 0.84 31.97 -16.98
N VAL A 769 0.87 31.32 -18.15
CA VAL A 769 0.70 32.06 -19.40
C VAL A 769 -0.74 32.53 -19.55
N GLU A 770 -1.72 31.68 -19.19
CA GLU A 770 -3.11 32.03 -19.39
C GLU A 770 -3.49 33.29 -18.62
N GLN A 771 -2.89 33.49 -17.44
CA GLN A 771 -3.18 34.69 -16.68
C GLN A 771 -2.74 35.95 -17.40
N ASP A 772 -1.87 35.82 -18.40
CA ASP A 772 -1.50 36.93 -19.26
C ASP A 772 -2.35 37.00 -20.51
N LYS A 773 -3.29 36.08 -20.69
CA LYS A 773 -4.26 36.13 -21.78
C LYS A 773 -5.63 36.62 -21.33
N ASN A 774 -6.03 36.29 -20.10
CA ASN A 774 -7.28 36.81 -19.56
C ASN A 774 -7.23 38.31 -19.33
N THR A 775 -6.05 38.90 -19.28
CA THR A 775 -5.91 40.34 -19.10
C THR A 775 -5.71 41.08 -20.41
N GLN A 776 -5.04 40.45 -21.38
CA GLN A 776 -4.84 41.07 -22.68
C GLN A 776 -6.07 40.95 -23.57
N GLU A 777 -7.02 40.10 -23.23
CA GLU A 777 -8.23 39.93 -24.03
C GLU A 777 -9.43 40.69 -23.48
N VAL A 778 -9.34 41.25 -22.28
CA VAL A 778 -10.41 42.08 -21.75
C VAL A 778 -10.05 43.54 -21.99
N PHE A 779 -8.98 44.00 -21.34
CA PHE A 779 -8.67 45.43 -21.33
C PHE A 779 -8.12 45.92 -22.65
N ALA A 780 -7.46 45.05 -23.41
CA ALA A 780 -6.73 45.45 -24.62
C ALA A 780 -7.51 45.16 -25.89
N GLN A 781 -8.83 45.31 -25.87
CA GLN A 781 -9.62 45.16 -27.08
C GLN A 781 -9.52 46.37 -28.00
N VAL A 782 -8.85 47.43 -27.57
CA VAL A 782 -8.64 48.60 -28.40
C VAL A 782 -7.25 48.55 -29.01
N LYS A 783 -7.00 49.41 -30.00
CA LYS A 783 -5.76 49.40 -30.76
C LYS A 783 -4.83 50.53 -30.32
N GLN A 784 -5.32 51.77 -30.38
CA GLN A 784 -4.55 52.93 -29.94
C GLN A 784 -4.95 53.27 -28.52
N ILE A 785 -3.96 53.67 -27.72
CA ILE A 785 -4.22 54.10 -26.35
C ILE A 785 -4.74 55.53 -26.39
N TYR A 786 -6.06 55.68 -26.36
CA TYR A 786 -6.64 57.01 -26.52
C TYR A 786 -6.32 57.88 -25.32
N LYS A 787 -6.27 59.19 -25.56
CA LYS A 787 -5.97 60.18 -24.54
C LYS A 787 -7.24 60.92 -24.14
N THR A 788 -7.39 61.17 -22.85
CA THR A 788 -8.57 61.85 -22.36
C THR A 788 -8.62 63.27 -22.91
N PRO A 789 -9.79 63.77 -23.30
CA PRO A 789 -9.88 65.12 -23.85
C PRO A 789 -9.51 66.14 -22.80
N PRO A 790 -8.96 67.29 -23.20
CA PRO A 790 -8.55 68.30 -22.20
C PRO A 790 -9.71 68.83 -21.37
N ILE A 791 -10.88 69.02 -21.96
CA ILE A 791 -12.03 69.54 -21.23
C ILE A 791 -12.78 68.38 -20.59
N LYS A 792 -13.67 68.68 -19.65
CA LYS A 792 -14.44 67.66 -18.95
C LYS A 792 -15.93 67.94 -18.94
N TYR A 793 -16.40 68.91 -19.73
CA TYR A 793 -17.83 69.20 -19.83
C TYR A 793 -18.46 68.27 -20.87
N PHE A 794 -19.52 67.58 -20.48
CA PHE A 794 -20.18 66.60 -21.35
C PHE A 794 -21.69 66.69 -21.14
N GLY A 795 -22.36 67.50 -21.96
CA GLY A 795 -23.81 67.60 -21.96
C GLY A 795 -24.46 67.86 -20.62
N GLY A 796 -23.65 68.13 -19.60
CA GLY A 796 -24.16 68.28 -18.24
C GLY A 796 -23.64 67.21 -17.31
N PHE A 797 -23.34 66.03 -17.87
CA PHE A 797 -22.78 64.95 -17.09
C PHE A 797 -21.45 65.38 -16.49
N ASN A 798 -20.97 64.64 -15.50
CA ASN A 798 -19.53 64.66 -15.23
C ASN A 798 -19.00 63.25 -15.05
N PHE A 799 -17.73 63.10 -15.39
CA PHE A 799 -17.04 61.83 -15.37
C PHE A 799 -15.75 61.88 -14.58
N SER A 800 -15.48 63.00 -13.88
CA SER A 800 -14.30 63.07 -13.03
C SER A 800 -14.34 61.99 -11.96
N GLN A 801 -15.52 61.47 -11.66
CA GLN A 801 -15.63 60.28 -10.84
C GLN A 801 -14.95 59.09 -11.51
N ILE A 802 -15.12 58.94 -12.82
CA ILE A 802 -14.58 57.81 -13.54
C ILE A 802 -13.34 58.19 -14.35
N LEU A 803 -13.30 59.38 -14.93
CA LEU A 803 -12.09 59.82 -15.61
C LEU A 803 -11.03 60.15 -14.59
N PRO A 804 -9.84 59.54 -14.64
CA PRO A 804 -8.86 59.73 -13.57
C PRO A 804 -8.36 61.17 -13.48
N ASP A 805 -8.13 61.61 -12.26
CA ASP A 805 -7.60 62.95 -11.99
C ASP A 805 -6.08 62.94 -12.16
N PRO A 806 -5.52 63.83 -12.97
CA PRO A 806 -4.06 63.89 -13.12
C PRO A 806 -3.32 64.27 -11.84
N SER A 807 -4.02 64.76 -10.81
CA SER A 807 -3.35 65.18 -9.58
C SER A 807 -2.65 64.01 -8.90
N LYS A 808 -3.30 62.85 -8.86
CA LYS A 808 -2.67 61.67 -8.25
C LYS A 808 -1.46 61.26 -9.07
N PRO A 809 -0.39 60.78 -8.42
CA PRO A 809 0.76 60.27 -9.19
C PRO A 809 0.40 59.16 -10.16
N SER A 810 -0.49 58.27 -9.77
CA SER A 810 -1.02 57.24 -10.66
C SER A 810 -2.38 57.65 -11.17
N LYS A 811 -2.67 57.33 -12.43
CA LYS A 811 -3.92 57.76 -13.03
C LYS A 811 -5.07 56.88 -12.58
N ARG A 812 -5.25 56.74 -11.26
CA ARG A 812 -6.36 55.99 -10.70
C ARG A 812 -7.51 56.94 -10.43
N SER A 813 -8.69 56.60 -10.94
CA SER A 813 -9.81 57.52 -10.97
C SER A 813 -10.35 57.78 -9.56
N PHE A 814 -11.36 58.65 -9.49
CA PHE A 814 -12.00 58.96 -8.22
C PHE A 814 -12.53 57.69 -7.55
N ILE A 815 -13.34 56.90 -8.27
CA ILE A 815 -13.93 55.72 -7.66
C ILE A 815 -12.94 54.57 -7.55
N GLU A 816 -11.89 54.56 -8.38
CA GLU A 816 -10.90 53.50 -8.27
C GLU A 816 -10.20 53.52 -6.91
N ASP A 817 -10.11 54.69 -6.29
CA ASP A 817 -9.40 54.80 -5.02
C ASP A 817 -10.03 53.94 -3.94
N LEU A 818 -11.36 53.92 -3.86
CA LEU A 818 -12.04 53.10 -2.86
C LEU A 818 -11.74 51.63 -3.06
N LEU A 819 -11.78 51.16 -4.31
CA LEU A 819 -11.58 49.75 -4.59
C LEU A 819 -10.19 49.29 -4.20
N PHE A 820 -9.17 50.09 -4.50
CA PHE A 820 -7.80 49.68 -4.29
C PHE A 820 -7.40 49.67 -2.83
N ASN A 821 -8.24 50.19 -1.93
CA ASN A 821 -7.92 50.21 -0.51
C ASN A 821 -8.64 49.14 0.30
N LYS A 822 -9.74 48.58 -0.20
CA LYS A 822 -10.53 47.63 0.57
C LYS A 822 -9.96 46.23 0.56
N VAL A 823 -8.98 45.94 -0.28
CA VAL A 823 -8.38 44.62 -0.41
C VAL A 823 -6.94 44.68 0.04
N THR A 824 -6.54 43.76 0.92
CA THR A 824 -5.17 43.70 1.42
C THR A 824 -4.55 42.36 1.08
N LEU A 825 -3.32 42.40 0.60
CA LEU A 825 -2.58 41.19 0.24
C LEU A 825 -1.30 41.08 1.06
N LEU A 846 6.42 38.65 7.11
CA LEU A 846 6.72 37.60 8.07
C LEU A 846 6.19 36.26 7.60
N ILE A 847 4.90 36.22 7.24
CA ILE A 847 4.31 35.00 6.74
C ILE A 847 4.83 34.70 5.33
N CYS A 848 4.98 35.73 4.50
CA CYS A 848 5.46 35.51 3.14
C CYS A 848 6.95 35.19 3.10
N ALA A 849 7.73 35.79 4.01
CA ALA A 849 9.15 35.46 4.09
C ALA A 849 9.37 34.03 4.55
N GLN A 850 8.33 33.38 5.10
CA GLN A 850 8.42 31.97 5.42
C GLN A 850 8.45 31.10 4.16
N LYS A 851 8.11 31.67 3.01
CA LYS A 851 8.20 30.95 1.74
C LYS A 851 9.66 30.90 1.27
N PHE A 852 10.49 30.30 2.13
CA PHE A 852 11.84 29.90 1.79
C PHE A 852 11.89 28.52 1.17
N LYS A 853 10.73 27.90 0.98
CA LYS A 853 10.64 26.52 0.50
C LYS A 853 10.27 26.44 -0.98
N GLY A 854 10.66 27.44 -1.76
CA GLY A 854 10.41 27.44 -3.17
C GLY A 854 9.07 27.98 -3.59
N LEU A 855 8.17 28.24 -2.65
CA LEU A 855 6.82 28.68 -2.98
C LEU A 855 6.89 30.17 -3.28
N THR A 856 7.19 30.52 -4.53
CA THR A 856 7.35 31.91 -4.92
C THR A 856 6.11 32.41 -5.64
N VAL A 857 6.15 33.69 -6.04
CA VAL A 857 5.08 34.32 -6.79
C VAL A 857 5.69 35.18 -7.88
N LEU A 858 5.42 34.84 -9.13
CA LEU A 858 5.93 35.66 -10.22
C LEU A 858 5.06 36.91 -10.37
N PRO A 859 5.65 38.03 -10.78
CA PRO A 859 4.86 39.24 -10.99
C PRO A 859 4.10 39.19 -12.31
N PRO A 860 2.98 39.89 -12.41
CA PRO A 860 2.23 39.89 -13.67
C PRO A 860 2.82 40.83 -14.69
N LEU A 861 2.70 40.44 -15.95
CA LEU A 861 3.30 41.20 -17.05
C LEU A 861 2.71 42.60 -17.15
N LEU A 862 1.45 42.71 -17.54
CA LEU A 862 0.81 44.01 -17.73
C LEU A 862 0.69 44.69 -16.38
N THR A 863 1.54 45.69 -16.13
CA THR A 863 1.65 46.23 -14.79
C THR A 863 0.42 47.06 -14.43
N ASP A 864 0.31 47.39 -13.15
CA ASP A 864 -0.84 48.11 -12.63
C ASP A 864 -0.99 49.48 -13.26
N GLU A 865 0.07 50.02 -13.84
CA GLU A 865 0.09 51.39 -14.35
C GLU A 865 -0.25 51.48 -15.83
N MET A 866 -0.38 50.36 -16.54
CA MET A 866 -0.97 50.38 -17.87
C MET A 866 -2.39 49.87 -17.91
N ILE A 867 -2.77 48.99 -16.99
CA ILE A 867 -4.17 48.58 -16.88
C ILE A 867 -5.04 49.78 -16.58
N ALA A 868 -4.47 50.80 -15.95
CA ALA A 868 -5.21 52.05 -15.74
C ALA A 868 -5.35 52.84 -17.02
N GLN A 869 -4.41 52.66 -17.96
CA GLN A 869 -4.45 53.40 -19.22
C GLN A 869 -5.21 52.65 -20.31
N TYR A 870 -5.09 51.32 -20.35
CA TYR A 870 -5.99 50.53 -21.19
C TYR A 870 -7.44 50.80 -20.81
N THR A 871 -7.71 50.82 -19.50
CA THR A 871 -9.05 51.17 -19.04
C THR A 871 -9.39 52.59 -19.46
N SER A 872 -8.43 53.51 -19.37
CA SER A 872 -8.72 54.91 -19.65
C SER A 872 -9.18 55.13 -21.08
N ALA A 873 -8.57 54.41 -22.03
CA ALA A 873 -8.99 54.55 -23.42
C ALA A 873 -10.44 54.11 -23.60
N LEU A 874 -10.83 53.01 -22.97
CA LEU A 874 -12.24 52.60 -23.03
C LEU A 874 -13.14 53.68 -22.45
N LEU A 875 -12.73 54.26 -21.32
CA LEU A 875 -13.49 55.35 -20.72
C LEU A 875 -13.46 56.59 -21.59
N ALA A 876 -12.37 56.81 -22.33
CA ALA A 876 -12.21 58.00 -23.16
C ALA A 876 -12.48 57.74 -24.64
N GLY A 877 -12.99 56.57 -24.98
CA GLY A 877 -13.41 56.31 -26.34
C GLY A 877 -14.89 56.04 -26.42
N THR A 878 -15.47 55.55 -25.33
CA THR A 878 -16.89 55.25 -25.27
C THR A 878 -17.75 56.49 -25.03
N ILE A 879 -17.13 57.63 -24.75
CA ILE A 879 -17.87 58.83 -24.42
C ILE A 879 -17.85 59.87 -25.54
N THR A 880 -16.72 60.06 -26.22
CA THR A 880 -16.62 61.08 -27.25
C THR A 880 -16.65 60.52 -28.66
N SER A 881 -16.52 59.21 -28.83
CA SER A 881 -16.38 58.62 -30.15
C SER A 881 -17.49 57.61 -30.44
N GLY A 882 -18.73 57.97 -30.12
CA GLY A 882 -19.87 57.15 -30.49
C GLY A 882 -19.77 55.75 -29.89
N TRP A 883 -20.12 54.75 -30.70
CA TRP A 883 -20.13 53.36 -30.25
C TRP A 883 -19.60 52.41 -31.31
N THR A 884 -18.65 52.85 -32.13
CA THR A 884 -18.11 52.01 -33.20
C THR A 884 -16.63 51.71 -33.03
N PHE A 885 -16.10 51.79 -31.81
CA PHE A 885 -14.68 51.57 -31.57
C PHE A 885 -14.34 50.10 -31.40
N GLY A 886 -15.31 49.20 -31.52
CA GLY A 886 -15.01 47.78 -31.60
C GLY A 886 -14.70 47.27 -32.99
N ALA A 887 -14.97 48.08 -34.02
CA ALA A 887 -14.75 47.68 -35.40
C ALA A 887 -13.48 48.29 -35.99
N GLY A 888 -12.61 48.85 -35.14
CA GLY A 888 -11.42 49.51 -35.64
C GLY A 888 -11.37 51.00 -35.34
N ALA A 889 -11.53 51.82 -36.38
CA ALA A 889 -11.43 53.27 -36.21
C ALA A 889 -12.65 53.81 -35.46
N ALA A 890 -12.38 54.62 -34.43
CA ALA A 890 -13.44 55.29 -33.71
C ALA A 890 -13.95 56.48 -34.50
N LEU A 891 -15.26 56.71 -34.44
CA LEU A 891 -15.91 57.77 -35.19
C LEU A 891 -16.53 58.78 -34.23
N GLN A 892 -16.53 60.05 -34.62
CA GLN A 892 -16.87 61.14 -33.72
C GLN A 892 -18.36 61.45 -33.76
N ILE A 893 -19.06 61.10 -32.70
CA ILE A 893 -20.41 61.57 -32.42
C ILE A 893 -20.43 62.04 -30.97
N PRO A 894 -20.86 63.26 -30.69
CA PRO A 894 -20.74 63.80 -29.33
C PRO A 894 -21.65 63.10 -28.33
N PHE A 895 -21.24 63.17 -27.05
CA PHE A 895 -21.95 62.48 -25.99
C PHE A 895 -23.37 63.03 -25.80
N ALA A 896 -23.55 64.35 -25.94
CA ALA A 896 -24.82 64.97 -25.63
C ALA A 896 -25.96 64.37 -26.44
N MET A 897 -25.73 64.15 -27.74
CA MET A 897 -26.71 63.50 -28.60
C MET A 897 -26.33 62.07 -28.94
N GLN A 898 -25.54 61.41 -28.09
CA GLN A 898 -25.43 59.96 -28.19
C GLN A 898 -26.67 59.28 -27.61
N MET A 899 -27.27 59.86 -26.57
CA MET A 899 -28.30 59.16 -25.81
C MET A 899 -29.54 58.89 -26.64
N ALA A 900 -29.91 59.79 -27.54
CA ALA A 900 -31.04 59.53 -28.41
C ALA A 900 -30.80 58.31 -29.29
N TYR A 901 -29.54 57.91 -29.44
CA TYR A 901 -29.17 56.62 -30.02
C TYR A 901 -28.81 55.60 -28.94
N ARG A 902 -29.12 55.88 -27.68
CA ARG A 902 -28.96 54.92 -26.60
C ARG A 902 -30.25 54.66 -25.82
N PHE A 903 -31.12 55.66 -25.68
CA PHE A 903 -32.53 55.42 -25.38
C PHE A 903 -33.27 54.76 -26.53
N ASN A 904 -32.72 54.81 -27.74
CA ASN A 904 -33.36 54.18 -28.89
C ASN A 904 -33.26 52.67 -28.89
N GLY A 905 -32.35 52.11 -28.10
CA GLY A 905 -32.17 50.68 -27.99
C GLY A 905 -33.02 50.01 -26.93
N ILE A 906 -34.01 50.72 -26.38
CA ILE A 906 -34.91 50.17 -25.38
C ILE A 906 -36.34 50.23 -25.89
N GLY A 907 -36.61 51.19 -26.78
CA GLY A 907 -37.95 51.39 -27.28
C GLY A 907 -38.49 52.77 -26.95
N VAL A 908 -37.57 53.74 -26.86
CA VAL A 908 -37.91 55.12 -26.51
C VAL A 908 -37.48 56.01 -27.68
N THR A 909 -38.37 56.92 -28.08
CA THR A 909 -38.09 57.78 -29.23
C THR A 909 -37.15 58.93 -28.87
N GLN A 910 -37.06 59.93 -29.75
CA GLN A 910 -36.13 61.04 -29.58
C GLN A 910 -36.68 62.14 -28.66
N ASN A 911 -37.91 62.01 -28.18
CA ASN A 911 -38.56 63.07 -27.43
C ASN A 911 -38.59 62.76 -25.94
N VAL A 912 -37.53 62.14 -25.43
CA VAL A 912 -37.42 61.77 -24.03
C VAL A 912 -36.34 62.56 -23.31
N LEU A 913 -35.22 62.82 -23.99
CA LEU A 913 -34.07 63.43 -23.33
C LEU A 913 -34.09 64.94 -23.47
N TYR A 914 -34.17 65.44 -24.71
CA TYR A 914 -33.93 66.86 -24.98
C TYR A 914 -35.13 67.70 -24.59
N GLU A 915 -36.35 67.17 -24.69
CA GLU A 915 -37.50 67.91 -24.18
C GLU A 915 -37.44 68.10 -22.68
N ASN A 916 -36.64 67.30 -21.98
CA ASN A 916 -36.41 67.44 -20.55
C ASN A 916 -34.92 67.38 -20.26
N GLN A 917 -34.15 68.14 -21.04
CA GLN A 917 -32.69 68.06 -21.00
C GLN A 917 -32.10 68.56 -19.69
N LYS A 918 -32.88 69.22 -18.85
CA LYS A 918 -32.34 69.71 -17.58
C LYS A 918 -32.28 68.61 -16.53
N LEU A 919 -33.44 68.08 -16.13
CA LEU A 919 -33.47 67.13 -15.02
C LEU A 919 -32.99 65.74 -15.41
N ILE A 920 -33.31 65.29 -16.63
CA ILE A 920 -32.89 63.95 -17.05
C ILE A 920 -31.37 63.86 -17.09
N ALA A 921 -30.73 64.87 -17.68
CA ALA A 921 -29.26 64.88 -17.71
C ALA A 921 -28.68 65.04 -16.32
N ASN A 922 -29.34 65.84 -15.47
CA ASN A 922 -28.84 66.03 -14.12
C ASN A 922 -29.09 64.82 -13.22
N GLN A 923 -29.95 63.89 -13.64
CA GLN A 923 -30.29 62.78 -12.76
C GLN A 923 -29.11 61.83 -12.59
N PHE A 924 -28.40 61.52 -13.68
CA PHE A 924 -27.23 60.67 -13.53
C PHE A 924 -26.15 61.37 -12.71
N ASN A 925 -25.97 62.67 -12.91
CA ASN A 925 -25.04 63.41 -12.07
C ASN A 925 -25.42 63.31 -10.60
N SER A 926 -26.72 63.22 -10.30
CA SER A 926 -27.18 63.04 -8.94
C SER A 926 -26.97 61.60 -8.46
N ALA A 927 -27.13 60.63 -9.36
CA ALA A 927 -27.07 59.22 -9.03
C ALA A 927 -25.66 58.66 -9.06
N ILE A 928 -24.65 59.46 -9.40
CA ILE A 928 -23.28 58.97 -9.36
C ILE A 928 -22.72 59.04 -7.95
N GLY A 929 -23.17 60.02 -7.15
CA GLY A 929 -22.59 60.19 -5.83
C GLY A 929 -23.00 59.13 -4.83
N LYS A 930 -24.15 58.50 -5.05
CA LYS A 930 -24.61 57.47 -4.13
C LYS A 930 -23.77 56.20 -4.20
N ILE A 931 -22.99 56.04 -5.27
CA ILE A 931 -22.24 54.79 -5.46
C ILE A 931 -21.20 54.63 -4.38
N GLN A 932 -20.49 55.71 -4.05
CA GLN A 932 -19.39 55.61 -3.10
C GLN A 932 -19.86 55.17 -1.73
N ASP A 933 -21.06 55.60 -1.31
CA ASP A 933 -21.60 55.14 -0.04
C ASP A 933 -21.84 53.64 -0.06
N SER A 934 -22.40 53.12 -1.15
CA SER A 934 -22.63 51.69 -1.26
C SER A 934 -21.31 50.92 -1.31
N LEU A 935 -20.28 51.50 -1.92
CA LEU A 935 -18.97 50.87 -1.93
C LEU A 935 -18.42 50.73 -0.53
N SER A 936 -18.60 51.76 0.30
CA SER A 936 -18.13 51.76 1.68
C SER A 936 -19.20 51.29 2.65
N SER A 937 -20.34 50.79 2.16
CA SER A 937 -21.43 50.39 3.04
C SER A 937 -21.01 49.23 3.94
N THR A 938 -20.29 48.26 3.39
CA THR A 938 -19.92 47.07 4.14
C THR A 938 -18.60 46.54 3.59
N ALA A 939 -18.24 45.33 3.99
CA ALA A 939 -17.05 44.65 3.50
C ALA A 939 -17.37 43.59 2.46
N SER A 940 -18.64 43.32 2.20
CA SER A 940 -19.06 42.32 1.22
C SER A 940 -19.28 42.91 -0.17
N ALA A 941 -19.14 44.23 -0.32
CA ALA A 941 -19.28 44.84 -1.65
C ALA A 941 -18.21 44.31 -2.60
N LEU A 942 -16.98 44.19 -2.11
CA LEU A 942 -15.87 43.63 -2.87
C LEU A 942 -15.53 42.23 -2.41
N GLY A 943 -16.56 41.42 -2.12
CA GLY A 943 -16.31 40.07 -1.64
C GLY A 943 -15.99 39.07 -2.74
N LYS A 944 -16.25 39.43 -4.00
CA LYS A 944 -16.04 38.51 -5.10
C LYS A 944 -14.66 38.65 -5.74
N LEU A 945 -13.84 39.59 -5.28
CA LEU A 945 -12.41 39.61 -5.59
C LEU A 945 -11.56 39.18 -4.42
N GLN A 946 -11.95 39.59 -3.21
CA GLN A 946 -11.23 39.17 -2.01
C GLN A 946 -11.24 37.67 -1.85
N ASP A 947 -12.28 37.01 -2.37
CA ASP A 947 -12.30 35.55 -2.33
C ASP A 947 -11.15 34.95 -3.13
N VAL A 948 -10.86 35.53 -4.30
CA VAL A 948 -9.81 35.00 -5.17
C VAL A 948 -8.46 35.07 -4.47
N VAL A 949 -8.12 36.25 -3.92
CA VAL A 949 -6.85 36.36 -3.21
C VAL A 949 -6.88 35.56 -1.93
N ASN A 950 -8.04 35.43 -1.29
CA ASN A 950 -8.13 34.60 -0.09
C ASN A 950 -7.97 33.13 -0.44
N HIS A 951 -8.64 32.67 -1.49
CA HIS A 951 -8.62 31.27 -1.83
C HIS A 951 -7.37 30.86 -2.61
N ASN A 952 -6.53 31.82 -3.01
CA ASN A 952 -5.26 31.50 -3.63
C ASN A 952 -4.06 31.99 -2.81
N ALA A 953 -4.29 32.39 -1.57
CA ALA A 953 -3.24 32.55 -0.58
C ALA A 953 -3.43 31.64 0.62
N GLN A 954 -4.66 31.26 0.92
CA GLN A 954 -4.91 30.25 1.93
C GLN A 954 -4.47 28.87 1.46
N ALA A 955 -4.53 28.62 0.14
CA ALA A 955 -4.07 27.34 -0.38
C ALA A 955 -2.59 27.15 -0.12
N LEU A 956 -1.79 28.20 -0.25
CA LEU A 956 -0.36 28.12 0.05
C LEU A 956 -0.13 27.73 1.51
N ASN A 957 -0.87 28.36 2.42
CA ASN A 957 -0.62 28.16 3.84
C ASN A 957 -0.81 26.70 4.24
N THR A 958 -1.84 26.05 3.72
CA THR A 958 -2.00 24.62 3.98
C THR A 958 -0.87 23.83 3.37
N LEU A 959 -0.44 24.21 2.16
CA LEU A 959 0.62 23.47 1.49
C LEU A 959 1.92 23.54 2.27
N VAL A 960 2.21 24.68 2.91
CA VAL A 960 3.37 24.77 3.78
C VAL A 960 3.17 23.95 5.04
N LYS A 961 1.99 24.06 5.65
CA LYS A 961 1.72 23.34 6.89
C LYS A 961 1.68 21.82 6.66
N GLN A 962 1.28 21.40 5.47
CA GLN A 962 1.01 19.99 5.21
C GLN A 962 2.27 19.14 5.21
N LEU A 963 3.46 19.75 5.20
CA LEU A 963 4.69 18.97 5.26
C LEU A 963 5.15 18.71 6.70
N SER A 964 4.39 19.17 7.69
CA SER A 964 4.67 18.79 9.06
C SER A 964 4.24 17.37 9.38
N SER A 965 3.37 16.79 8.56
CA SER A 965 2.90 15.43 8.80
C SER A 965 4.01 14.43 8.59
N LYS A 966 4.07 13.43 9.47
CA LYS A 966 5.11 12.42 9.40
C LYS A 966 4.88 11.39 8.30
N PHE A 967 3.64 11.22 7.85
CA PHE A 967 3.29 10.21 6.84
C PHE A 967 3.73 8.82 7.27
N GLY A 968 3.70 8.56 8.57
CA GLY A 968 4.09 7.27 9.09
C GLY A 968 5.58 7.05 9.24
N ALA A 969 6.41 8.05 8.95
CA ALA A 969 7.84 7.92 9.08
C ALA A 969 8.24 8.14 10.54
N ILE A 970 9.53 8.27 10.80
CA ILE A 970 10.01 8.41 12.17
C ILE A 970 10.13 9.86 12.60
N SER A 971 10.24 10.79 11.66
CA SER A 971 10.41 12.19 12.00
C SER A 971 10.10 13.04 10.77
N SER A 972 9.57 14.24 11.02
CA SER A 972 9.23 15.13 9.93
C SER A 972 10.47 15.68 9.24
N VAL A 973 11.43 16.17 10.02
CA VAL A 973 12.69 16.64 9.43
C VAL A 973 13.43 15.46 8.83
N LEU A 974 14.29 15.75 7.87
CA LEU A 974 14.84 14.70 7.01
C LEU A 974 16.32 14.42 7.26
N ASN A 975 17.10 15.40 7.72
CA ASN A 975 18.52 15.14 7.96
C ASN A 975 18.73 14.20 9.15
N ASP A 976 17.85 14.24 10.14
CA ASP A 976 18.01 13.36 11.29
C ASP A 976 17.75 11.90 10.91
N ILE A 977 16.86 11.66 9.95
CA ILE A 977 16.62 10.29 9.50
C ILE A 977 17.90 9.69 8.94
N PHE A 978 18.62 10.45 8.11
CA PHE A 978 19.85 9.95 7.51
C PHE A 978 20.95 9.80 8.54
N SER A 979 20.95 10.63 9.58
CA SER A 979 21.98 10.60 10.61
C SER A 979 21.60 9.73 11.80
N ARG A 980 20.63 8.83 11.65
CA ARG A 980 20.23 7.94 12.72
C ARG A 980 20.05 6.49 12.31
N LEU A 981 19.90 6.19 11.03
CA LEU A 981 19.64 4.82 10.60
C LEU A 981 20.51 4.49 9.39
N ASP A 982 20.83 3.21 9.25
CA ASP A 982 21.73 2.74 8.21
C ASP A 982 21.09 2.89 6.83
N LYS A 983 21.95 2.97 5.81
CA LYS A 983 21.47 3.15 4.44
C LYS A 983 20.72 1.95 3.91
N VAL A 984 20.78 0.80 4.59
CA VAL A 984 20.08 -0.38 4.11
C VAL A 984 18.57 -0.21 4.28
N GLU A 985 18.14 0.35 5.41
CA GLU A 985 16.72 0.49 5.69
C GLU A 985 16.30 1.92 6.00
N ALA A 986 17.17 2.90 5.76
CA ALA A 986 16.73 4.29 5.78
C ALA A 986 15.90 4.63 4.56
N GLU A 987 16.07 3.89 3.47
CA GLU A 987 15.30 4.13 2.26
C GLU A 987 13.85 3.68 2.37
N VAL A 988 13.54 2.79 3.31
CA VAL A 988 12.15 2.40 3.51
C VAL A 988 11.33 3.58 4.00
N GLN A 989 11.85 4.32 4.98
CA GLN A 989 11.08 5.40 5.58
C GLN A 989 11.06 6.64 4.71
N ILE A 990 12.19 7.01 4.11
CA ILE A 990 12.21 8.17 3.24
C ILE A 990 11.35 7.94 2.00
N ASP A 991 11.13 6.67 1.64
CA ASP A 991 10.19 6.38 0.57
C ASP A 991 8.77 6.76 0.96
N ARG A 992 8.38 6.45 2.20
CA ARG A 992 7.05 6.81 2.67
C ARG A 992 6.88 8.31 2.81
N LEU A 993 7.97 9.06 2.97
CA LEU A 993 7.91 10.50 3.13
C LEU A 993 8.01 11.22 1.78
N ILE A 994 8.81 10.70 0.86
CA ILE A 994 8.94 11.32 -0.46
C ILE A 994 7.76 11.00 -1.36
N THR A 995 6.90 10.06 -0.98
CA THR A 995 5.66 9.83 -1.70
C THR A 995 4.49 10.61 -1.10
N GLY A 996 4.51 10.85 0.21
CA GLY A 996 3.47 11.68 0.81
C GLY A 996 3.51 13.10 0.30
N ARG A 997 4.70 13.69 0.26
CA ARG A 997 4.82 15.06 -0.24
C ARG A 997 4.62 15.11 -1.74
N LEU A 998 5.04 14.07 -2.45
CA LEU A 998 4.87 14.05 -3.90
C LEU A 998 3.40 13.98 -4.30
N GLN A 999 2.55 13.50 -3.40
CA GLN A 999 1.12 13.50 -3.63
C GLN A 999 0.42 14.65 -2.91
N SER A 1000 1.02 15.18 -1.84
CA SER A 1000 0.51 16.39 -1.22
C SER A 1000 0.71 17.60 -2.12
N LEU A 1001 1.53 17.48 -3.15
CA LEU A 1001 1.82 18.57 -4.07
C LEU A 1001 1.02 18.48 -5.35
N GLN A 1002 0.74 17.27 -5.84
CA GLN A 1002 -0.10 17.12 -7.01
C GLN A 1002 -1.53 17.56 -6.71
N THR A 1003 -1.97 17.39 -5.46
CA THR A 1003 -3.31 17.83 -5.09
C THR A 1003 -3.44 19.34 -5.25
N TYR A 1004 -2.39 20.08 -4.91
CA TYR A 1004 -2.43 21.53 -5.10
C TYR A 1004 -2.57 21.88 -6.57
N VAL A 1005 -1.88 21.14 -7.44
CA VAL A 1005 -2.00 21.40 -8.88
C VAL A 1005 -3.43 21.11 -9.35
N THR A 1006 -3.98 19.97 -8.93
CA THR A 1006 -5.30 19.58 -9.40
C THR A 1006 -6.36 20.60 -8.99
N GLN A 1007 -6.29 21.08 -7.74
CA GLN A 1007 -7.22 22.12 -7.33
C GLN A 1007 -6.94 23.45 -8.02
N GLN A 1008 -5.77 23.59 -8.63
CA GLN A 1008 -5.44 24.80 -9.36
C GLN A 1008 -5.92 24.76 -10.81
N LEU A 1009 -5.96 23.57 -11.42
CA LEU A 1009 -6.58 23.46 -12.74
C LEU A 1009 -8.07 23.77 -12.65
N ILE A 1010 -8.73 23.32 -11.59
CA ILE A 1010 -10.15 23.60 -11.42
C ILE A 1010 -10.39 25.09 -11.27
N ARG A 1011 -9.60 25.74 -10.42
CA ARG A 1011 -9.81 27.15 -10.12
C ARG A 1011 -9.52 28.05 -11.32
N ALA A 1012 -8.80 27.57 -12.31
CA ALA A 1012 -8.52 28.34 -13.52
C ALA A 1012 -9.53 28.07 -14.62
N ALA A 1013 -10.57 27.30 -14.34
CA ALA A 1013 -11.56 26.98 -15.36
C ALA A 1013 -12.76 27.90 -15.33
N GLU A 1014 -13.13 28.43 -14.16
CA GLU A 1014 -14.21 29.40 -14.10
C GLU A 1014 -13.74 30.84 -14.24
N ILE A 1015 -12.49 31.12 -13.85
CA ILE A 1015 -11.90 32.42 -14.18
C ILE A 1015 -11.75 32.56 -15.70
N ARG A 1016 -11.33 31.48 -16.36
CA ARG A 1016 -11.39 31.44 -17.81
C ARG A 1016 -12.83 31.49 -18.32
N ALA A 1017 -13.80 31.09 -17.50
CA ALA A 1017 -15.21 31.19 -17.84
C ALA A 1017 -15.84 32.49 -17.36
N SER A 1018 -15.08 33.34 -16.68
CA SER A 1018 -15.54 34.68 -16.33
C SER A 1018 -14.74 35.77 -17.03
N ALA A 1019 -13.56 35.47 -17.53
CA ALA A 1019 -12.87 36.36 -18.45
C ALA A 1019 -13.44 36.27 -19.87
N ASN A 1020 -14.34 35.32 -20.11
CA ASN A 1020 -15.08 35.24 -21.36
C ASN A 1020 -16.42 35.97 -21.27
N LEU A 1021 -17.03 35.98 -20.09
CA LEU A 1021 -18.20 36.82 -19.87
C LEU A 1021 -17.78 38.28 -19.69
N ALA A 1022 -16.65 38.52 -19.04
CA ALA A 1022 -16.12 39.88 -18.92
C ALA A 1022 -15.69 40.41 -20.28
N ALA A 1023 -15.02 39.60 -21.09
CA ALA A 1023 -14.69 40.01 -22.44
C ALA A 1023 -15.90 40.04 -23.35
N THR A 1024 -17.09 39.77 -22.82
CA THR A 1024 -18.34 39.91 -23.55
C THR A 1024 -19.12 41.16 -23.14
N LYS A 1025 -19.21 41.45 -21.84
CA LYS A 1025 -19.81 42.70 -21.41
C LYS A 1025 -18.94 43.89 -21.76
N MET A 1026 -17.64 43.69 -21.95
CA MET A 1026 -16.76 44.65 -22.58
C MET A 1026 -16.87 44.62 -24.10
N SER A 1027 -17.66 43.68 -24.63
CA SER A 1027 -17.80 43.51 -26.07
C SER A 1027 -19.13 43.96 -26.62
N GLU A 1028 -20.19 44.00 -25.79
CA GLU A 1028 -21.49 44.47 -26.26
C GLU A 1028 -22.10 45.57 -25.42
N CYS A 1029 -21.94 45.55 -24.09
CA CYS A 1029 -22.43 46.65 -23.28
C CYS A 1029 -21.73 47.95 -23.65
N VAL A 1030 -20.41 47.89 -23.80
CA VAL A 1030 -19.58 49.08 -23.89
C VAL A 1030 -19.32 49.42 -25.35
N LEU A 1031 -19.32 48.40 -26.20
CA LEU A 1031 -19.10 48.62 -27.62
C LEU A 1031 -20.39 48.91 -28.37
N GLY A 1032 -21.52 48.94 -27.68
CA GLY A 1032 -22.81 49.26 -28.29
C GLY A 1032 -23.91 49.29 -27.25
N GLN A 1033 -25.05 48.70 -27.56
CA GLN A 1033 -26.10 48.44 -26.58
C GLN A 1033 -26.59 47.01 -26.76
N SER A 1034 -26.84 46.33 -25.65
CA SER A 1034 -27.19 44.92 -25.68
C SER A 1034 -28.71 44.73 -25.71
N LYS A 1035 -29.17 43.96 -26.69
CA LYS A 1035 -30.60 43.68 -26.81
C LYS A 1035 -31.06 42.57 -25.88
N ARG A 1036 -30.15 41.89 -25.20
CA ARG A 1036 -30.58 40.89 -24.23
C ARG A 1036 -31.30 41.57 -23.07
N VAL A 1037 -32.28 40.86 -22.52
CA VAL A 1037 -33.00 41.34 -21.36
C VAL A 1037 -32.25 40.90 -20.11
N ASP A 1038 -31.83 41.87 -19.29
CA ASP A 1038 -31.10 41.62 -18.06
C ASP A 1038 -29.77 40.92 -18.33
N PHE A 1039 -28.97 41.53 -19.20
CA PHE A 1039 -27.57 41.16 -19.37
C PHE A 1039 -26.63 42.31 -19.06
N CYS A 1040 -26.82 43.47 -19.70
CA CYS A 1040 -26.03 44.66 -19.41
C CYS A 1040 -26.75 45.60 -18.46
N GLY A 1041 -27.84 45.16 -17.87
CA GLY A 1041 -28.54 45.95 -16.89
C GLY A 1041 -29.72 45.24 -16.27
N LYS A 1042 -29.89 45.36 -14.96
CA LYS A 1042 -31.01 44.74 -14.29
C LYS A 1042 -32.26 45.49 -14.65
N GLY A 1043 -32.72 45.30 -15.87
CA GLY A 1043 -33.76 46.06 -16.51
C GLY A 1043 -33.28 46.53 -17.85
N TYR A 1044 -34.02 47.48 -18.43
CA TYR A 1044 -33.57 48.11 -19.66
C TYR A 1044 -32.21 48.75 -19.44
N HIS A 1045 -31.33 48.60 -20.42
CA HIS A 1045 -29.92 48.92 -20.25
C HIS A 1045 -29.56 50.21 -20.96
N LEU A 1046 -28.64 50.97 -20.39
CA LEU A 1046 -28.13 52.17 -21.04
C LEU A 1046 -26.65 52.09 -21.40
N MET A 1047 -25.75 51.87 -20.45
CA MET A 1047 -24.32 51.95 -20.77
C MET A 1047 -23.57 50.98 -19.88
N SER A 1048 -22.25 51.16 -19.79
CA SER A 1048 -21.44 50.39 -18.88
C SER A 1048 -20.10 51.10 -18.73
N PHE A 1049 -19.35 50.70 -17.70
CA PHE A 1049 -18.07 51.31 -17.39
C PHE A 1049 -17.19 50.27 -16.71
N PRO A 1050 -15.94 50.10 -17.15
CA PRO A 1050 -15.00 49.26 -16.40
C PRO A 1050 -14.13 50.08 -15.47
N GLN A 1051 -13.88 49.53 -14.29
CA GLN A 1051 -12.93 50.12 -13.34
C GLN A 1051 -11.95 49.04 -12.92
N SER A 1052 -10.70 49.17 -13.35
CA SER A 1052 -9.71 48.14 -13.07
C SER A 1052 -9.60 47.90 -11.58
N ALA A 1053 -9.50 46.64 -11.20
CA ALA A 1053 -9.50 46.24 -9.81
C ALA A 1053 -8.48 45.13 -9.63
N PRO A 1054 -8.03 44.88 -8.40
CA PRO A 1054 -7.04 43.82 -8.18
C PRO A 1054 -7.62 42.46 -8.53
N HIS A 1055 -6.98 41.78 -9.49
CA HIS A 1055 -7.34 40.42 -9.88
C HIS A 1055 -8.79 40.32 -10.36
N GLY A 1056 -9.29 41.37 -10.97
CA GLY A 1056 -10.68 41.35 -11.39
C GLY A 1056 -11.10 42.57 -12.17
N VAL A 1057 -12.39 42.89 -12.11
CA VAL A 1057 -12.92 44.08 -12.75
C VAL A 1057 -14.29 44.36 -12.15
N VAL A 1058 -14.71 45.62 -12.21
CA VAL A 1058 -16.00 46.03 -11.68
C VAL A 1058 -16.73 46.79 -12.77
N PHE A 1059 -17.98 46.41 -13.03
CA PHE A 1059 -18.77 47.04 -14.07
C PHE A 1059 -19.85 47.90 -13.44
N LEU A 1060 -19.74 49.20 -13.63
CA LEU A 1060 -20.76 50.15 -13.16
C LEU A 1060 -21.93 50.11 -14.13
N HIS A 1061 -22.73 49.05 -14.03
CA HIS A 1061 -23.77 48.83 -15.03
C HIS A 1061 -24.85 49.88 -14.93
N VAL A 1062 -24.71 50.97 -15.68
CA VAL A 1062 -25.75 51.99 -15.73
C VAL A 1062 -27.02 51.37 -16.32
N THR A 1063 -28.11 51.42 -15.56
CA THR A 1063 -29.32 50.67 -15.86
C THR A 1063 -30.54 51.58 -15.75
N TYR A 1064 -31.59 51.21 -16.49
CA TYR A 1064 -32.88 51.86 -16.43
C TYR A 1064 -33.81 50.97 -15.61
N VAL A 1065 -34.62 51.58 -14.74
CA VAL A 1065 -35.63 50.85 -13.97
C VAL A 1065 -36.90 51.69 -13.88
N PRO A 1066 -38.06 51.15 -14.22
CA PRO A 1066 -39.29 51.97 -14.20
C PRO A 1066 -39.76 52.29 -12.79
N ALA A 1067 -40.36 53.47 -12.67
CA ALA A 1067 -40.97 53.97 -11.43
C ALA A 1067 -42.50 53.89 -11.52
N GLN A 1068 -43.16 54.57 -10.58
CA GLN A 1068 -44.60 54.48 -10.35
C GLN A 1068 -45.40 54.58 -11.65
N GLU A 1069 -46.60 53.98 -11.61
CA GLU A 1069 -47.44 53.74 -12.78
C GLU A 1069 -48.82 54.35 -12.57
N LYS A 1070 -49.71 54.12 -13.55
CA LYS A 1070 -51.10 54.56 -13.49
C LYS A 1070 -51.96 53.58 -14.26
N ASN A 1071 -53.26 53.61 -13.97
CA ASN A 1071 -54.21 52.61 -14.45
C ASN A 1071 -54.90 53.09 -15.73
N PHE A 1072 -55.15 52.15 -16.64
CA PHE A 1072 -55.85 52.44 -17.88
C PHE A 1072 -56.57 51.18 -18.34
N THR A 1073 -57.49 51.37 -19.29
CA THR A 1073 -58.23 50.27 -19.91
C THR A 1073 -57.94 50.24 -21.40
N THR A 1074 -57.88 49.03 -21.96
CA THR A 1074 -57.37 48.81 -23.31
C THR A 1074 -58.45 48.26 -24.23
N ALA A 1075 -58.21 48.41 -25.53
CA ALA A 1075 -59.05 47.80 -26.56
C ALA A 1075 -58.20 47.64 -27.82
N PRO A 1076 -57.63 46.45 -28.05
CA PRO A 1076 -56.70 46.27 -29.17
C PRO A 1076 -57.38 46.20 -30.53
N ALA A 1077 -58.20 47.18 -30.86
CA ALA A 1077 -58.88 47.27 -32.15
C ALA A 1077 -59.61 48.60 -32.21
N ILE A 1078 -60.10 48.93 -33.41
CA ILE A 1078 -61.06 50.01 -33.60
C ILE A 1078 -61.63 49.90 -35.00
N CYS A 1079 -62.80 50.51 -35.22
CA CYS A 1079 -63.39 50.55 -36.54
C CYS A 1079 -64.25 51.80 -36.63
N HIS A 1080 -63.87 52.73 -37.50
CA HIS A 1080 -64.54 54.02 -37.58
C HIS A 1080 -65.35 54.18 -38.86
N ASP A 1081 -64.73 54.03 -40.03
CA ASP A 1081 -65.44 54.16 -41.29
C ASP A 1081 -65.96 52.82 -41.79
N GLY A 1082 -66.68 52.12 -40.91
CA GLY A 1082 -67.25 50.82 -41.25
C GLY A 1082 -66.22 49.76 -41.57
N LYS A 1083 -64.94 50.12 -41.51
CA LYS A 1083 -63.85 49.23 -41.87
C LYS A 1083 -62.74 49.39 -40.85
N ALA A 1084 -61.90 48.36 -40.75
CA ALA A 1084 -60.79 48.39 -39.82
C ALA A 1084 -59.78 49.48 -40.19
N HIS A 1085 -59.19 50.10 -39.17
CA HIS A 1085 -58.11 51.07 -39.36
C HIS A 1085 -57.25 51.01 -38.10
N PHE A 1086 -56.07 50.43 -38.22
CA PHE A 1086 -55.25 50.11 -37.07
C PHE A 1086 -53.90 50.85 -37.14
N PRO A 1087 -53.34 51.21 -36.00
CA PRO A 1087 -52.23 52.16 -35.98
C PRO A 1087 -50.92 51.54 -36.43
N ARG A 1088 -50.04 52.41 -36.95
CA ARG A 1088 -48.73 51.97 -37.40
C ARG A 1088 -47.92 51.36 -36.27
N GLU A 1089 -47.93 52.00 -35.10
CA GLU A 1089 -47.30 51.43 -33.92
C GLU A 1089 -47.84 52.13 -32.69
N GLY A 1090 -48.53 51.38 -31.84
CA GLY A 1090 -49.04 51.91 -30.59
C GLY A 1090 -50.34 51.26 -30.21
N VAL A 1091 -50.66 51.32 -28.92
CA VAL A 1091 -51.82 50.67 -28.36
C VAL A 1091 -52.94 51.68 -28.27
N PHE A 1092 -54.16 51.19 -28.12
CA PHE A 1092 -55.33 52.04 -27.92
C PHE A 1092 -55.72 51.97 -26.45
N VAL A 1093 -55.31 52.99 -25.69
CA VAL A 1093 -55.66 53.12 -24.28
C VAL A 1093 -56.44 54.42 -24.10
N SER A 1094 -57.45 54.40 -23.25
CA SER A 1094 -58.26 55.58 -22.99
C SER A 1094 -58.39 55.79 -21.49
N ASN A 1095 -58.44 57.05 -21.09
CA ASN A 1095 -58.70 57.41 -19.69
C ASN A 1095 -60.17 57.70 -19.43
N GLY A 1096 -60.97 57.87 -20.47
CA GLY A 1096 -62.38 58.18 -20.32
C GLY A 1096 -62.90 59.18 -21.32
N THR A 1097 -61.99 59.89 -21.97
CA THR A 1097 -62.36 60.90 -22.97
C THR A 1097 -62.08 60.43 -24.39
N HIS A 1098 -60.87 59.96 -24.67
CA HIS A 1098 -60.51 59.47 -25.98
C HIS A 1098 -59.49 58.35 -25.84
N TRP A 1099 -59.46 57.47 -26.84
CA TRP A 1099 -58.46 56.41 -26.89
C TRP A 1099 -57.15 56.99 -27.39
N PHE A 1100 -56.09 56.79 -26.61
CA PHE A 1100 -54.80 57.40 -26.87
C PHE A 1100 -53.76 56.32 -27.12
N VAL A 1101 -52.63 56.73 -27.70
CA VAL A 1101 -51.57 55.84 -28.13
C VAL A 1101 -50.34 56.09 -27.27
N THR A 1102 -49.78 55.03 -26.71
CA THR A 1102 -48.61 55.15 -25.85
C THR A 1102 -47.66 53.98 -26.10
N GLN A 1103 -46.39 54.21 -25.78
CA GLN A 1103 -45.37 53.19 -25.92
C GLN A 1103 -45.40 52.30 -24.69
N ARG A 1104 -44.39 51.43 -24.54
CA ARG A 1104 -44.48 50.35 -23.57
C ARG A 1104 -43.79 50.62 -22.24
N ASN A 1105 -43.14 51.78 -22.05
CA ASN A 1105 -42.58 52.02 -20.72
C ASN A 1105 -42.69 53.47 -20.24
N PHE A 1106 -43.30 54.34 -21.03
CA PHE A 1106 -43.73 55.67 -20.61
C PHE A 1106 -45.17 55.97 -21.01
N TYR A 1107 -45.91 56.64 -20.14
CA TYR A 1107 -47.19 57.20 -20.52
C TYR A 1107 -46.91 58.39 -21.44
N GLU A 1108 -47.14 58.20 -22.73
CA GLU A 1108 -46.86 59.24 -23.73
C GLU A 1108 -47.97 59.21 -24.77
N PRO A 1109 -49.05 59.94 -24.53
CA PRO A 1109 -50.23 59.84 -25.40
C PRO A 1109 -50.09 60.68 -26.66
N GLN A 1110 -51.04 60.45 -27.57
CA GLN A 1110 -51.20 61.26 -28.77
C GLN A 1110 -52.54 60.93 -29.43
N ILE A 1111 -53.15 61.94 -30.04
CA ILE A 1111 -54.43 61.75 -30.71
C ILE A 1111 -54.25 60.89 -31.96
N ILE A 1112 -55.36 60.34 -32.45
CA ILE A 1112 -55.32 59.54 -33.67
C ILE A 1112 -55.09 60.45 -34.87
N THR A 1113 -54.23 60.01 -35.78
CA THR A 1113 -53.90 60.75 -36.97
C THR A 1113 -53.65 59.76 -38.10
N THR A 1114 -53.92 60.19 -39.33
CA THR A 1114 -53.74 59.31 -40.49
C THR A 1114 -52.29 58.91 -40.68
N ASP A 1115 -51.34 59.71 -40.18
CA ASP A 1115 -49.92 59.42 -40.42
C ASP A 1115 -49.51 58.10 -39.81
N ASN A 1116 -49.98 57.80 -38.59
CA ASN A 1116 -49.61 56.59 -37.88
C ASN A 1116 -50.68 55.52 -37.97
N THR A 1117 -51.56 55.61 -38.96
CA THR A 1117 -52.71 54.71 -39.06
C THR A 1117 -52.78 54.11 -40.47
N PHE A 1118 -53.10 52.82 -40.53
CA PHE A 1118 -53.26 52.11 -41.79
C PHE A 1118 -54.52 51.25 -41.75
N VAL A 1119 -55.05 50.97 -42.93
CA VAL A 1119 -56.22 50.10 -43.08
C VAL A 1119 -55.74 48.66 -43.23
N SER A 1120 -56.40 47.74 -42.54
CA SER A 1120 -55.97 46.33 -42.57
C SER A 1120 -57.21 45.46 -42.33
N GLY A 1121 -57.80 44.98 -43.43
CA GLY A 1121 -58.91 44.05 -43.34
C GLY A 1121 -60.21 44.69 -42.87
N ASN A 1122 -61.12 43.82 -42.42
CA ASN A 1122 -62.40 44.25 -41.90
C ASN A 1122 -62.33 44.37 -40.37
N CYS A 1123 -63.42 44.86 -39.78
CA CYS A 1123 -63.46 45.13 -38.35
C CYS A 1123 -64.54 44.31 -37.66
N ASP A 1124 -64.58 43.01 -37.93
CA ASP A 1124 -65.63 42.14 -37.40
C ASP A 1124 -65.03 40.86 -36.80
N VAL A 1125 -63.95 41.00 -36.03
CA VAL A 1125 -63.34 39.87 -35.35
C VAL A 1125 -63.40 40.02 -33.84
N VAL A 1126 -63.21 41.23 -33.32
CA VAL A 1126 -63.29 41.46 -31.88
C VAL A 1126 -64.75 41.58 -31.48
N ILE A 1127 -65.12 40.91 -30.39
CA ILE A 1127 -66.51 40.85 -29.93
C ILE A 1127 -66.80 42.06 -29.05
N GLY A 1128 -67.90 42.75 -29.35
CA GLY A 1128 -68.31 43.89 -28.56
C GLY A 1128 -67.71 45.21 -28.99
N ILE A 1129 -67.08 45.28 -30.16
CA ILE A 1129 -66.48 46.53 -30.61
C ILE A 1129 -67.58 47.53 -30.90
N VAL A 1130 -67.42 48.75 -30.41
CA VAL A 1130 -68.40 49.80 -30.59
C VAL A 1130 -67.84 50.84 -31.57
N ASN A 1131 -68.72 51.73 -32.03
CA ASN A 1131 -68.40 52.74 -33.02
C ASN A 1131 -68.00 54.04 -32.33
N ASN A 1132 -67.37 54.92 -33.11
CA ASN A 1132 -66.99 56.23 -32.63
C ASN A 1132 -66.84 57.18 -33.82
N THR A 1133 -67.11 58.45 -33.56
CA THR A 1133 -66.93 59.49 -34.58
C THR A 1133 -65.45 59.91 -34.59
N VAL A 1134 -64.62 58.97 -35.01
CA VAL A 1134 -63.17 59.18 -35.01
C VAL A 1134 -62.80 60.09 -36.15
N TYR A 1135 -62.38 61.32 -35.83
CA TYR A 1135 -62.11 62.34 -36.83
C TYR A 1135 -60.84 61.96 -37.59
N ASP A 1136 -60.98 61.76 -38.89
CA ASP A 1136 -59.81 61.55 -39.74
C ASP A 1136 -59.19 62.89 -40.09
N PRO A 1137 -57.93 63.14 -39.75
CA PRO A 1137 -57.31 64.44 -40.05
C PRO A 1137 -57.05 64.66 -41.53
N LEU A 1138 -57.32 63.68 -42.39
CA LEU A 1138 -57.13 63.88 -43.82
C LEU A 1138 -58.08 64.95 -44.36
N GLN A 1139 -59.32 64.95 -43.89
CA GLN A 1139 -60.30 65.92 -44.37
C GLN A 1139 -59.90 67.36 -44.07
N PRO A 1140 -59.49 67.74 -42.84
CA PRO A 1140 -59.08 69.13 -42.62
C PRO A 1140 -57.88 69.54 -43.45
N GLU A 1141 -57.11 68.60 -43.98
CA GLU A 1141 -56.01 68.94 -44.87
C GLU A 1141 -56.52 69.52 -46.19
N LEU A 1142 -57.71 69.13 -46.62
CA LEU A 1142 -58.25 69.61 -47.88
C LEU A 1142 -59.66 70.20 -47.75
N ASP A 1143 -60.51 69.63 -46.89
CA ASP A 1143 -61.88 70.13 -46.76
C ASP A 1143 -61.92 71.49 -46.08
N SER A 1144 -60.98 71.76 -45.16
CA SER A 1144 -60.95 73.04 -44.49
C SER A 1144 -60.64 74.19 -45.44
N PHE A 1145 -60.07 73.90 -46.60
CA PHE A 1145 -59.78 74.92 -47.62
C PHE A 1145 -60.97 75.21 -48.51
N LYS A 1146 -62.07 74.46 -48.38
CA LYS A 1146 -63.25 74.72 -49.19
C LYS A 1146 -63.96 75.99 -48.75
N GLU A 1147 -63.78 76.42 -47.50
CA GLU A 1147 -64.46 77.61 -47.01
C GLU A 1147 -64.00 78.85 -47.76
N GLU A 1148 -62.69 78.96 -48.01
CA GLU A 1148 -62.16 80.13 -48.70
C GLU A 1148 -62.48 80.15 -50.19
N LEU A 1149 -63.03 79.06 -50.72
CA LEU A 1149 -63.35 78.97 -52.14
C LEU A 1149 -64.82 79.23 -52.44
N ASP A 1150 -65.73 78.76 -51.59
CA ASP A 1150 -67.15 78.97 -51.82
C ASP A 1150 -67.62 80.36 -51.41
N LYS A 1151 -66.82 81.09 -50.64
CA LYS A 1151 -67.22 82.43 -50.22
C LYS A 1151 -67.20 83.42 -51.37
N TYR A 1152 -66.34 83.18 -52.37
CA TYR A 1152 -66.29 84.07 -53.53
C TYR A 1152 -67.58 84.03 -54.33
N PHE A 1153 -68.26 82.87 -54.34
CA PHE A 1153 -69.55 82.79 -55.05
C PHE A 1153 -70.59 83.67 -54.38
N LYS A 1154 -70.63 83.70 -53.05
CA LYS A 1154 -71.62 84.47 -52.31
C LYS A 1154 -71.19 85.91 -52.03
N ASN A 1155 -69.93 86.27 -52.32
CA ASN A 1155 -69.50 87.64 -52.04
C ASN A 1155 -70.04 88.62 -53.07
N HIS A 1156 -70.18 88.19 -54.32
CA HIS A 1156 -70.64 89.07 -55.38
C HIS A 1156 -72.14 88.95 -55.65
N THR A 1157 -72.76 87.82 -55.29
CA THR A 1157 -74.17 87.62 -55.56
C THR A 1157 -75.07 88.11 -54.43
N SER A 1158 -74.59 88.10 -53.18
CA SER A 1158 -75.42 88.54 -52.07
C SER A 1158 -75.83 90.01 -52.15
N PRO A 1159 -74.94 90.98 -52.48
CA PRO A 1159 -75.48 92.34 -52.51
C PRO A 1159 -76.24 92.64 -53.80
N GLN B 14 72.46 -4.92 -19.17
CA GLN B 14 71.46 -5.05 -18.11
C GLN B 14 70.61 -3.78 -18.01
N CYS B 15 70.89 -2.97 -16.99
CA CYS B 15 70.19 -1.72 -16.78
C CYS B 15 71.17 -0.55 -16.89
N VAL B 16 70.67 0.58 -17.36
CA VAL B 16 71.49 1.77 -17.57
C VAL B 16 71.04 2.86 -16.61
N ASN B 17 72.00 3.67 -16.17
CA ASN B 17 71.74 4.82 -15.30
C ASN B 17 71.30 5.98 -16.19
N LEU B 18 69.99 6.24 -16.22
CA LEU B 18 69.45 7.29 -17.08
C LEU B 18 69.49 8.66 -16.40
N THR B 19 68.82 8.79 -15.25
CA THR B 19 68.72 10.05 -14.52
C THR B 19 68.24 11.18 -15.44
N THR B 20 69.03 12.25 -15.53
CA THR B 20 68.76 13.42 -16.38
C THR B 20 67.28 13.78 -16.42
N ARG B 21 66.69 13.91 -15.23
CA ARG B 21 65.27 14.26 -15.10
C ARG B 21 65.12 15.75 -15.39
N THR B 22 64.41 16.08 -16.46
CA THR B 22 64.22 17.46 -16.87
C THR B 22 62.75 17.68 -17.23
N GLN B 23 62.32 18.95 -17.16
CA GLN B 23 60.95 19.34 -17.43
C GLN B 23 60.93 20.44 -18.48
N LEU B 24 59.97 20.33 -19.40
CA LEU B 24 59.81 21.29 -20.49
C LEU B 24 58.37 21.77 -20.53
N PRO B 25 58.14 23.04 -20.86
CA PRO B 25 56.76 23.55 -20.94
C PRO B 25 56.03 23.00 -22.15
N PRO B 26 54.95 22.25 -21.94
CA PRO B 26 54.19 21.71 -23.06
C PRO B 26 53.29 22.76 -23.69
N ALA B 27 52.87 22.49 -24.92
CA ALA B 27 51.98 23.43 -25.57
C ALA B 27 50.53 23.18 -25.15
N TYR B 28 49.71 24.21 -25.23
CA TYR B 28 48.29 24.10 -24.89
C TYR B 28 47.46 24.42 -26.12
N THR B 29 46.57 23.50 -26.49
CA THR B 29 45.80 23.63 -27.72
C THR B 29 44.32 23.41 -27.45
N ASN B 30 43.48 24.22 -28.07
CA ASN B 30 42.03 24.14 -27.84
C ASN B 30 41.44 23.00 -28.67
N SER B 31 41.20 21.87 -28.00
CA SER B 31 40.49 20.76 -28.62
C SER B 31 39.00 21.09 -28.66
N PHE B 32 38.45 21.18 -29.86
CA PHE B 32 37.12 21.78 -30.02
C PHE B 32 35.99 20.79 -29.77
N THR B 33 35.85 19.79 -30.62
CA THR B 33 34.70 18.89 -30.61
C THR B 33 35.16 17.45 -30.73
N ARG B 34 36.14 17.08 -29.93
CA ARG B 34 36.83 15.80 -30.08
C ARG B 34 36.39 14.82 -29.00
N GLY B 35 36.30 13.55 -29.40
CA GLY B 35 36.01 12.50 -28.44
C GLY B 35 34.54 12.22 -28.26
N VAL B 36 33.80 12.10 -29.36
CA VAL B 36 32.37 11.77 -29.32
C VAL B 36 32.17 10.37 -29.85
N TYR B 37 32.15 9.38 -28.97
CA TYR B 37 32.14 7.98 -29.39
C TYR B 37 30.78 7.34 -29.09
N TYR B 38 30.69 6.03 -29.31
CA TYR B 38 29.46 5.29 -29.12
C TYR B 38 29.36 4.79 -27.69
N PRO B 39 28.36 5.19 -26.93
CA PRO B 39 28.34 4.87 -25.49
C PRO B 39 28.13 3.41 -25.16
N ASP B 40 27.08 2.80 -25.71
CA ASP B 40 26.65 1.48 -25.28
C ASP B 40 26.41 0.58 -26.49
N LYS B 41 26.26 -0.71 -26.23
CA LYS B 41 25.92 -1.66 -27.28
C LYS B 41 24.42 -1.87 -27.41
N VAL B 42 23.71 -0.75 -27.49
CA VAL B 42 22.27 -0.71 -27.76
C VAL B 42 22.03 0.47 -28.69
N PHE B 43 21.28 0.25 -29.77
CA PHE B 43 21.45 1.08 -30.94
C PHE B 43 20.12 1.54 -31.52
N ARG B 44 20.08 2.79 -31.98
CA ARG B 44 18.89 3.49 -32.41
C ARG B 44 18.98 3.86 -33.89
N SER B 45 18.00 4.63 -34.36
CA SER B 45 17.97 5.06 -35.76
C SER B 45 17.25 6.39 -35.87
N SER B 46 18.01 7.44 -36.24
CA SER B 46 17.45 8.76 -36.54
C SER B 46 16.68 9.34 -35.35
N VAL B 47 17.23 9.20 -34.15
CA VAL B 47 16.64 9.78 -32.95
C VAL B 47 17.74 10.47 -32.16
N LEU B 48 17.33 11.17 -31.11
CA LEU B 48 18.22 11.92 -30.23
C LEU B 48 18.31 11.23 -28.88
N HIS B 49 19.40 11.47 -28.15
CA HIS B 49 19.49 11.02 -26.78
C HIS B 49 20.22 12.01 -25.89
N SER B 50 19.85 11.98 -24.62
CA SER B 50 20.54 12.70 -23.55
C SER B 50 21.14 11.63 -22.64
N THR B 51 22.40 11.29 -22.87
CA THR B 51 23.08 10.25 -22.13
C THR B 51 24.16 10.85 -21.23
N GLN B 52 24.24 10.35 -20.02
CA GLN B 52 25.20 10.83 -19.03
C GLN B 52 26.34 9.83 -18.95
N ASP B 53 27.53 10.24 -19.37
CA ASP B 53 28.66 9.33 -19.45
C ASP B 53 29.95 10.15 -19.45
N LEU B 54 31.07 9.44 -19.41
CA LEU B 54 32.38 10.10 -19.41
C LEU B 54 32.71 10.57 -20.82
N PHE B 55 33.14 11.82 -20.94
CA PHE B 55 33.41 12.40 -22.24
C PHE B 55 34.55 13.40 -22.14
N LEU B 56 34.97 13.93 -23.28
CA LEU B 56 35.92 15.03 -23.31
C LEU B 56 35.12 16.32 -23.40
N PRO B 57 35.17 17.20 -22.41
CA PRO B 57 34.40 18.44 -22.49
C PRO B 57 34.81 19.26 -23.70
N PHE B 58 33.81 19.85 -24.36
CA PHE B 58 34.04 20.57 -25.59
C PHE B 58 34.89 21.81 -25.34
N PHE B 59 35.68 22.19 -26.34
CA PHE B 59 36.51 23.38 -26.30
C PHE B 59 37.46 23.36 -25.10
N SER B 60 38.05 22.21 -24.81
CA SER B 60 38.97 22.10 -23.70
C SER B 60 40.39 22.40 -24.15
N ASN B 61 41.35 22.29 -23.23
CA ASN B 61 42.74 22.62 -23.53
C ASN B 61 43.60 21.35 -23.42
N VAL B 62 43.72 20.64 -24.54
CA VAL B 62 44.56 19.46 -24.63
C VAL B 62 46.03 19.88 -24.54
N THR B 63 46.87 18.99 -23.98
CA THR B 63 48.29 19.29 -23.87
C THR B 63 49.03 18.64 -25.02
N TRP B 64 49.92 19.40 -25.66
CA TRP B 64 50.57 19.04 -26.90
C TRP B 64 52.06 18.86 -26.67
N PHE B 65 52.57 17.69 -27.07
CA PHE B 65 54.00 17.39 -27.03
C PHE B 65 54.45 17.09 -28.46
N HIS B 66 55.47 17.81 -28.93
CA HIS B 66 56.05 17.58 -30.24
C HIS B 66 57.55 17.33 -30.10
N VAL B 67 58.05 16.38 -30.87
CA VAL B 67 59.44 15.94 -30.81
C VAL B 67 60.10 16.26 -32.15
N ILE B 68 61.23 16.96 -32.10
CA ILE B 68 61.96 17.31 -33.30
C ILE B 68 63.09 16.30 -33.54
N LYS B 75 67.64 17.44 -30.38
CA LYS B 75 68.02 17.62 -28.98
C LYS B 75 66.79 17.69 -28.09
N ARG B 76 65.93 16.68 -28.19
CA ARG B 76 64.67 16.65 -27.45
C ARG B 76 64.57 15.34 -26.68
N PHE B 77 64.04 15.44 -25.47
CA PHE B 77 63.82 14.27 -24.61
C PHE B 77 62.59 14.53 -23.76
N ASP B 78 61.60 13.64 -23.88
CA ASP B 78 60.34 13.82 -23.15
C ASP B 78 59.68 12.46 -22.95
N ASN B 79 59.66 11.99 -21.71
CA ASN B 79 58.93 10.79 -21.31
C ASN B 79 58.05 11.18 -20.14
N PRO B 80 57.00 11.96 -20.40
CA PRO B 80 56.30 12.68 -19.32
C PRO B 80 55.54 11.76 -18.40
N VAL B 81 55.21 12.28 -17.22
CA VAL B 81 54.42 11.57 -16.21
C VAL B 81 52.98 12.02 -16.40
N LEU B 82 52.24 11.28 -17.21
CA LEU B 82 50.86 11.66 -17.44
C LEU B 82 49.96 11.12 -16.32
N PRO B 83 48.88 11.81 -16.00
CA PRO B 83 47.94 11.30 -15.00
C PRO B 83 46.85 10.43 -15.61
N PHE B 84 46.79 9.17 -15.20
CA PHE B 84 45.73 8.27 -15.64
C PHE B 84 44.55 8.41 -14.70
N ASN B 85 43.47 9.03 -15.20
CA ASN B 85 42.28 9.29 -14.40
C ASN B 85 41.04 9.04 -15.25
N ASP B 86 40.23 8.07 -14.82
CA ASP B 86 38.96 7.69 -15.45
C ASP B 86 39.03 7.73 -16.97
N GLY B 87 40.07 7.09 -17.50
CA GLY B 87 40.23 7.01 -18.95
C GLY B 87 40.86 8.26 -19.52
N VAL B 88 41.68 8.09 -20.56
CA VAL B 88 42.47 9.18 -21.10
C VAL B 88 42.30 9.19 -22.62
N TYR B 89 42.28 10.39 -23.20
CA TYR B 89 42.24 10.58 -24.64
C TYR B 89 43.66 10.82 -25.17
N PHE B 90 44.07 10.03 -26.16
CA PHE B 90 45.29 10.27 -26.92
C PHE B 90 44.96 10.53 -28.37
N ALA B 91 45.68 11.49 -28.97
CA ALA B 91 45.55 11.77 -30.39
C ALA B 91 46.94 12.00 -30.96
N SER B 92 47.46 11.03 -31.71
CA SER B 92 48.79 11.10 -32.27
C SER B 92 48.70 11.33 -33.76
N ILE B 93 49.45 12.32 -34.27
CA ILE B 93 49.49 12.58 -35.70
C ILE B 93 50.87 12.18 -36.20
N GLU B 94 50.91 11.15 -37.06
CA GLU B 94 52.17 10.54 -37.44
C GLU B 94 52.03 9.88 -38.80
N LYS B 95 53.17 9.67 -39.45
CA LYS B 95 53.24 8.86 -40.67
C LYS B 95 54.37 7.85 -40.68
N SER B 96 55.42 8.04 -39.87
CA SER B 96 56.62 7.22 -39.95
C SER B 96 56.65 6.10 -38.92
N ASN B 97 55.54 5.86 -38.21
CA ASN B 97 55.43 4.76 -37.25
C ASN B 97 56.49 4.90 -36.14
N ILE B 98 56.38 5.99 -35.38
CA ILE B 98 57.26 6.19 -34.24
C ILE B 98 56.63 5.67 -32.95
N ILE B 99 55.33 5.87 -32.75
CA ILE B 99 54.63 5.36 -31.57
C ILE B 99 54.29 3.90 -31.80
N ARG B 100 54.70 3.06 -30.87
CA ARG B 100 54.50 1.62 -30.98
C ARG B 100 53.59 1.04 -29.90
N GLY B 101 53.44 1.71 -28.77
CA GLY B 101 52.56 1.20 -27.73
C GLY B 101 52.53 2.15 -26.54
N TRP B 102 51.69 1.78 -25.58
CA TRP B 102 51.53 2.53 -24.34
C TRP B 102 51.62 1.56 -23.18
N ILE B 103 52.47 1.86 -22.21
CA ILE B 103 52.70 0.96 -21.08
C ILE B 103 51.89 1.49 -19.90
N PHE B 104 50.80 0.80 -19.56
CA PHE B 104 49.97 1.21 -18.43
C PHE B 104 50.47 0.54 -17.16
N GLY B 105 51.62 1.02 -16.70
CA GLY B 105 52.28 0.45 -15.54
C GLY B 105 52.74 1.51 -14.56
N THR B 106 52.75 1.11 -13.29
CA THR B 106 53.13 2.01 -12.20
C THR B 106 54.41 1.61 -11.49
N THR B 107 54.75 0.33 -11.48
CA THR B 107 55.93 -0.16 -10.76
C THR B 107 56.95 -0.81 -11.67
N LEU B 108 56.52 -1.73 -12.53
CA LEU B 108 57.41 -2.42 -13.48
C LEU B 108 58.56 -3.12 -12.76
N ASP B 109 58.30 -3.59 -11.53
CA ASP B 109 59.28 -4.31 -10.73
C ASP B 109 58.87 -5.76 -10.55
N SER B 110 58.02 -6.27 -11.44
CA SER B 110 57.58 -7.66 -11.46
C SER B 110 56.80 -8.05 -10.21
N LYS B 111 56.22 -7.08 -9.50
CA LYS B 111 55.35 -7.39 -8.37
C LYS B 111 53.90 -7.01 -8.62
N THR B 112 53.64 -6.06 -9.52
CA THR B 112 52.29 -5.73 -9.95
C THR B 112 52.22 -5.87 -11.47
N GLN B 113 51.22 -6.60 -11.95
CA GLN B 113 51.09 -6.83 -13.38
C GLN B 113 50.72 -5.53 -14.09
N SER B 114 51.41 -5.25 -15.18
CA SER B 114 51.27 -4.00 -15.91
C SER B 114 51.02 -4.28 -17.38
N LEU B 115 50.12 -3.51 -17.99
CA LEU B 115 49.79 -3.71 -19.38
C LEU B 115 50.97 -3.35 -20.28
N LEU B 116 51.19 -4.17 -21.30
CA LEU B 116 52.28 -3.98 -22.25
C LEU B 116 51.74 -4.09 -23.67
N ILE B 117 52.43 -3.46 -24.61
CA ILE B 117 52.07 -3.52 -26.02
C ILE B 117 53.24 -4.15 -26.77
N VAL B 118 53.08 -5.43 -27.13
CA VAL B 118 54.13 -6.19 -27.83
C VAL B 118 53.47 -6.89 -29.01
N ASN B 119 53.51 -6.25 -30.19
CA ASN B 119 53.20 -6.89 -31.46
C ASN B 119 54.39 -6.64 -32.37
N ASN B 120 55.19 -7.68 -32.61
CA ASN B 120 56.52 -7.47 -33.18
C ASN B 120 56.44 -7.13 -34.68
N ALA B 121 56.07 -8.10 -35.50
CA ALA B 121 55.87 -7.88 -36.91
C ALA B 121 54.45 -8.21 -37.35
N THR B 122 53.98 -9.42 -37.07
CA THR B 122 52.61 -9.82 -37.32
C THR B 122 51.99 -10.57 -36.15
N ASN B 123 52.77 -11.18 -35.27
CA ASN B 123 52.22 -11.85 -34.10
C ASN B 123 51.57 -10.83 -33.18
N VAL B 124 50.38 -11.19 -32.67
CA VAL B 124 49.63 -10.34 -31.76
C VAL B 124 49.69 -10.85 -30.33
N VAL B 125 50.43 -11.93 -30.08
CA VAL B 125 50.52 -12.49 -28.75
C VAL B 125 51.26 -11.53 -27.82
N ILE B 126 50.57 -11.10 -26.77
CA ILE B 126 51.13 -10.25 -25.73
C ILE B 126 51.04 -11.03 -24.43
N LYS B 127 52.20 -11.40 -23.88
CA LYS B 127 52.27 -12.13 -22.61
C LYS B 127 52.45 -11.11 -21.51
N VAL B 128 51.34 -10.58 -21.00
CA VAL B 128 51.39 -9.64 -19.89
C VAL B 128 51.96 -10.37 -18.69
N CYS B 129 53.18 -10.01 -18.30
CA CYS B 129 53.96 -10.82 -17.39
C CYS B 129 54.74 -9.94 -16.43
N GLU B 130 55.10 -10.52 -15.29
CA GLU B 130 55.95 -9.85 -14.30
C GLU B 130 57.41 -10.06 -14.68
N PHE B 131 57.80 -9.42 -15.78
CA PHE B 131 59.17 -9.52 -16.26
C PHE B 131 60.11 -8.69 -15.37
N GLN B 132 61.39 -9.06 -15.41
CA GLN B 132 62.42 -8.35 -14.64
C GLN B 132 62.84 -7.09 -15.41
N PHE B 133 61.98 -6.07 -15.30
CA PHE B 133 62.28 -4.79 -15.92
C PHE B 133 63.01 -3.88 -14.94
N CYS B 134 63.89 -3.05 -15.48
CA CYS B 134 64.67 -2.11 -14.67
C CYS B 134 63.80 -0.91 -14.31
N ASN B 135 64.43 0.14 -13.77
CA ASN B 135 63.68 1.34 -13.43
C ASN B 135 63.09 2.00 -14.67
N ASP B 136 63.87 2.05 -15.76
CA ASP B 136 63.42 2.60 -17.03
C ASP B 136 63.67 1.59 -18.13
N PRO B 137 62.81 0.56 -18.39
CA PRO B 137 63.04 -0.32 -19.56
C PRO B 137 62.87 0.51 -20.85
N PHE B 138 63.92 0.62 -21.68
CA PHE B 138 63.85 1.50 -22.88
C PHE B 138 64.66 0.93 -24.07
N LEU B 139 64.45 1.47 -25.28
CA LEU B 139 65.16 1.01 -26.51
C LEU B 139 65.83 2.20 -27.21
N ASP B 140 66.86 1.97 -28.03
CA ASP B 140 67.63 3.09 -28.65
C ASP B 140 67.84 2.90 -30.17
N HIS B 141 68.18 4.00 -30.86
CA HIS B 141 68.50 4.08 -32.32
C HIS B 141 69.81 3.33 -32.61
N LYS B 142 70.01 2.81 -33.83
CA LYS B 142 71.22 1.98 -34.09
C LYS B 142 71.68 1.97 -35.55
N ASN B 143 72.96 2.23 -35.83
CA ASN B 143 73.56 2.13 -37.16
C ASN B 143 72.67 2.81 -38.21
N ASN B 144 72.56 4.12 -38.04
CA ASN B 144 71.79 5.02 -38.91
C ASN B 144 70.46 4.44 -39.35
N LYS B 145 70.20 4.46 -40.67
CA LYS B 145 68.88 4.10 -41.19
C LYS B 145 68.53 2.63 -40.96
N SER B 146 69.53 1.77 -40.78
CA SER B 146 69.25 0.35 -40.55
C SER B 146 68.55 0.17 -39.20
N TRP B 147 67.55 -0.72 -39.18
CA TRP B 147 66.76 -0.97 -37.98
C TRP B 147 66.53 -2.48 -37.87
N MET B 148 67.34 -3.15 -37.06
CA MET B 148 67.23 -4.58 -36.84
C MET B 148 66.60 -4.85 -35.48
N GLU B 149 65.94 -5.99 -35.35
CA GLU B 149 65.28 -6.39 -34.12
C GLU B 149 66.26 -7.08 -33.18
N SER B 150 67.26 -6.32 -32.75
CA SER B 150 68.26 -6.82 -31.82
C SER B 150 67.67 -6.91 -30.41
N GLU B 151 68.38 -7.65 -29.55
CA GLU B 151 67.99 -7.89 -28.17
C GLU B 151 66.60 -8.53 -28.09
N PHE B 152 66.52 -9.74 -28.65
CA PHE B 152 65.28 -10.50 -28.67
C PHE B 152 65.03 -11.26 -27.38
N ARG B 153 65.99 -11.26 -26.45
CA ARG B 153 65.88 -11.97 -25.18
C ARG B 153 65.99 -10.98 -24.05
N VAL B 154 65.01 -11.00 -23.14
CA VAL B 154 65.06 -10.17 -21.94
C VAL B 154 65.18 -11.01 -20.67
N TYR B 155 64.56 -12.19 -20.62
CA TYR B 155 64.57 -13.04 -19.44
C TYR B 155 65.17 -14.39 -19.78
N SER B 156 66.03 -14.90 -18.88
CA SER B 156 66.64 -16.20 -19.09
C SER B 156 65.62 -17.33 -18.88
N SER B 157 64.72 -17.16 -17.92
CA SER B 157 63.70 -18.15 -17.64
C SER B 157 62.40 -17.44 -17.29
N ALA B 158 61.27 -18.12 -17.53
CA ALA B 158 59.95 -17.58 -17.26
C ALA B 158 59.61 -17.87 -15.81
N ASN B 159 59.61 -16.81 -14.98
CA ASN B 159 59.35 -16.99 -13.55
C ASN B 159 57.85 -17.03 -13.26
N ASN B 160 57.14 -15.94 -13.58
CA ASN B 160 55.71 -15.86 -13.29
C ASN B 160 55.07 -14.95 -14.33
N CYS B 161 54.34 -15.55 -15.27
CA CYS B 161 53.55 -14.83 -16.25
C CYS B 161 52.07 -15.13 -16.02
N THR B 162 51.24 -14.10 -16.11
CA THR B 162 49.84 -14.20 -15.72
C THR B 162 48.89 -14.15 -16.92
N PHE B 163 48.98 -13.10 -17.73
CA PHE B 163 48.00 -12.89 -18.81
C PHE B 163 48.66 -12.96 -20.17
N GLU B 164 47.91 -13.52 -21.12
CA GLU B 164 48.32 -13.59 -22.52
C GLU B 164 47.11 -13.30 -23.40
N TYR B 165 47.31 -12.47 -24.42
CA TYR B 165 46.23 -12.08 -25.31
C TYR B 165 46.67 -12.12 -26.77
N VAL B 166 45.76 -12.53 -27.64
CA VAL B 166 45.98 -12.58 -29.08
C VAL B 166 44.76 -12.00 -29.77
N SER B 167 45.00 -11.20 -30.82
CA SER B 167 43.92 -10.66 -31.63
C SER B 167 44.40 -10.51 -33.06
N GLN B 168 43.69 -9.70 -33.84
CA GLN B 168 44.09 -9.45 -35.21
C GLN B 168 45.30 -8.53 -35.25
N PRO B 169 46.13 -8.63 -36.30
CA PRO B 169 47.26 -7.70 -36.44
C PRO B 169 46.78 -6.31 -36.81
N PHE B 170 47.44 -5.31 -36.26
CA PHE B 170 47.10 -3.93 -36.56
C PHE B 170 47.70 -3.53 -37.90
N LEU B 171 47.36 -2.32 -38.35
CA LEU B 171 47.85 -1.80 -39.63
C LEU B 171 49.32 -1.42 -39.47
N MET B 172 50.19 -2.41 -39.65
CA MET B 172 51.63 -2.20 -39.56
C MET B 172 52.16 -1.73 -40.91
N ASP B 173 52.48 -0.44 -41.00
CA ASP B 173 53.00 0.16 -42.22
C ASP B 173 54.52 0.05 -42.22
N LEU B 174 55.07 -0.68 -43.17
CA LEU B 174 56.51 -0.86 -43.25
C LEU B 174 57.20 0.45 -43.63
N GLU B 175 58.30 0.73 -42.95
CA GLU B 175 59.07 1.97 -43.14
C GLU B 175 58.14 3.16 -42.86
N GLY B 176 58.36 4.27 -43.55
CA GLY B 176 57.52 5.44 -43.34
C GLY B 176 58.03 6.61 -44.15
N LYS B 177 57.28 7.70 -44.07
CA LYS B 177 57.59 8.91 -44.81
C LYS B 177 57.49 10.12 -43.88
N GLN B 178 58.48 11.00 -43.98
CA GLN B 178 58.53 12.19 -43.15
C GLN B 178 57.71 13.31 -43.78
N GLY B 179 56.82 13.91 -42.99
CA GLY B 179 55.91 14.92 -43.49
C GLY B 179 54.61 14.32 -43.98
N ASN B 180 53.59 15.19 -44.09
CA ASN B 180 52.24 14.79 -44.47
C ASN B 180 51.75 13.65 -43.57
N PHE B 181 51.60 13.99 -42.29
CA PHE B 181 51.32 13.00 -41.25
C PHE B 181 49.89 12.50 -41.46
N LYS B 182 49.75 11.58 -42.41
CA LYS B 182 48.43 11.09 -42.80
C LYS B 182 47.75 10.35 -41.66
N ASN B 183 48.51 9.58 -40.88
CA ASN B 183 47.95 8.76 -39.81
C ASN B 183 47.47 9.65 -38.68
N LEU B 184 46.16 9.73 -38.48
CA LEU B 184 45.57 10.39 -37.33
C LEU B 184 45.00 9.29 -36.44
N ARG B 185 45.68 8.98 -35.34
CA ARG B 185 45.29 7.90 -34.46
C ARG B 185 44.65 8.50 -33.22
N GLU B 186 43.34 8.30 -33.07
CA GLU B 186 42.61 8.79 -31.90
C GLU B 186 42.14 7.60 -31.08
N PHE B 187 42.57 7.55 -29.82
CA PHE B 187 42.24 6.42 -28.95
C PHE B 187 41.71 6.94 -27.63
N VAL B 188 40.54 6.44 -27.24
CA VAL B 188 39.98 6.71 -25.92
C VAL B 188 40.16 5.44 -25.10
N PHE B 189 40.97 5.53 -24.05
CA PHE B 189 41.24 4.40 -23.18
C PHE B 189 40.38 4.53 -21.92
N LYS B 190 39.51 3.56 -21.68
CA LYS B 190 38.65 3.59 -20.51
C LYS B 190 38.77 2.28 -19.76
N ASN B 191 38.47 2.33 -18.46
CA ASN B 191 38.43 1.13 -17.62
C ASN B 191 37.18 1.20 -16.75
N ILE B 192 36.15 0.47 -17.13
CA ILE B 192 34.87 0.47 -16.44
C ILE B 192 34.61 -0.93 -15.93
N ASP B 193 34.31 -1.04 -14.62
CA ASP B 193 34.10 -2.28 -13.86
C ASP B 193 34.93 -3.44 -14.39
N GLY B 194 36.25 -3.27 -14.42
CA GLY B 194 37.17 -4.31 -14.85
C GLY B 194 37.44 -4.34 -16.34
N TYR B 195 36.41 -4.16 -17.15
CA TYR B 195 36.57 -4.13 -18.59
C TYR B 195 37.46 -2.97 -19.01
N PHE B 196 38.47 -3.28 -19.82
CA PHE B 196 39.35 -2.28 -20.41
C PHE B 196 38.94 -2.07 -21.86
N LYS B 197 38.48 -0.87 -22.17
CA LYS B 197 37.91 -0.56 -23.47
C LYS B 197 38.81 0.40 -24.23
N ILE B 198 38.99 0.13 -25.51
CA ILE B 198 39.83 0.96 -26.38
C ILE B 198 38.94 1.40 -27.53
N TYR B 199 38.32 2.57 -27.41
CA TYR B 199 37.53 3.10 -28.51
C TYR B 199 38.49 3.77 -29.49
N SER B 200 38.61 3.21 -30.69
CA SER B 200 39.68 3.56 -31.60
C SER B 200 39.14 4.20 -32.87
N LYS B 201 39.97 5.05 -33.46
CA LYS B 201 39.69 5.63 -34.77
C LYS B 201 41.03 5.89 -35.44
N HIS B 202 41.36 5.06 -36.43
CA HIS B 202 42.59 5.19 -37.20
C HIS B 202 42.21 5.80 -38.54
N THR B 203 42.51 7.09 -38.71
CA THR B 203 42.09 7.81 -39.90
C THR B 203 43.29 8.06 -40.80
N PRO B 204 43.43 7.36 -41.93
CA PRO B 204 44.53 7.60 -42.86
C PRO B 204 44.22 8.66 -43.91
N ILE B 205 43.69 9.80 -43.48
CA ILE B 205 43.43 10.90 -44.42
C ILE B 205 43.56 12.26 -43.76
N LEU B 206 44.53 13.04 -44.21
CA LEU B 206 44.62 14.47 -43.92
C LEU B 206 45.59 15.10 -44.92
N VAL B 207 45.20 16.23 -45.51
CA VAL B 207 46.06 16.99 -46.41
C VAL B 207 45.99 18.45 -45.98
N ARG B 208 46.92 18.86 -45.13
CA ARG B 208 46.93 20.20 -44.53
C ARG B 208 48.22 20.35 -43.73
N GLU B 209 48.63 21.59 -43.54
CA GLU B 209 49.80 21.86 -42.70
C GLU B 209 49.50 21.43 -41.26
N PRO B 210 50.53 21.02 -40.50
CA PRO B 210 50.31 20.50 -39.14
C PRO B 210 49.57 21.47 -38.23
N GLU B 211 50.12 22.68 -38.07
CA GLU B 211 49.60 23.73 -37.20
C GLU B 211 48.96 23.17 -35.93
N ASP B 212 47.73 23.58 -35.64
CA ASP B 212 46.98 23.11 -34.50
C ASP B 212 45.97 22.04 -34.94
N LEU B 213 45.13 21.61 -34.01
CA LEU B 213 44.12 20.61 -34.32
C LEU B 213 43.14 21.16 -35.36
N PRO B 214 42.66 20.32 -36.27
CA PRO B 214 41.78 20.79 -37.33
C PRO B 214 40.37 21.04 -36.82
N GLN B 215 39.53 21.54 -37.72
CA GLN B 215 38.12 21.75 -37.46
C GLN B 215 37.33 20.64 -38.15
N GLY B 216 36.60 19.86 -37.35
CA GLY B 216 35.84 18.76 -37.91
C GLY B 216 35.21 17.94 -36.82
N PHE B 217 34.58 16.84 -37.23
CA PHE B 217 33.87 15.97 -36.30
C PHE B 217 33.83 14.56 -36.87
N SER B 218 33.94 13.57 -35.98
CA SER B 218 33.85 12.16 -36.38
C SER B 218 33.71 11.31 -35.14
N ALA B 219 32.86 10.28 -35.23
CA ALA B 219 32.62 9.38 -34.12
C ALA B 219 33.82 8.44 -33.95
N LEU B 220 33.68 7.49 -33.02
CA LEU B 220 34.75 6.55 -32.72
C LEU B 220 34.15 5.17 -32.53
N GLU B 221 34.42 4.26 -33.47
CA GLU B 221 33.88 2.91 -33.38
C GLU B 221 34.53 2.14 -32.25
N PRO B 222 33.78 1.26 -31.58
CA PRO B 222 34.37 0.40 -30.55
C PRO B 222 35.02 -0.82 -31.18
N LEU B 223 36.29 -1.04 -30.84
CA LEU B 223 37.04 -2.13 -31.46
C LEU B 223 37.61 -3.13 -30.47
N VAL B 224 38.17 -2.68 -29.35
CA VAL B 224 38.96 -3.53 -28.49
C VAL B 224 38.36 -3.55 -27.09
N ASP B 225 38.10 -4.75 -26.58
CA ASP B 225 37.61 -4.93 -25.22
C ASP B 225 38.40 -6.06 -24.58
N LEU B 226 38.90 -5.82 -23.38
CA LEU B 226 39.68 -6.80 -22.64
C LEU B 226 39.07 -7.01 -21.26
N PRO B 227 38.80 -8.24 -20.85
CA PRO B 227 38.40 -8.52 -19.47
C PRO B 227 39.58 -8.78 -18.55
N ILE B 228 40.55 -7.87 -18.56
CA ILE B 228 41.77 -8.06 -17.79
C ILE B 228 41.49 -7.98 -16.29
N GLY B 229 40.65 -7.04 -15.88
CA GLY B 229 40.22 -6.95 -14.50
C GLY B 229 41.20 -6.31 -13.54
N ILE B 230 42.36 -5.86 -14.02
CA ILE B 230 43.34 -5.24 -13.15
C ILE B 230 43.02 -3.76 -13.01
N ASN B 231 43.61 -3.12 -12.00
CA ASN B 231 43.42 -1.71 -11.74
C ASN B 231 44.71 -0.96 -12.05
N ILE B 232 44.61 0.07 -12.90
CA ILE B 232 45.76 0.84 -13.36
C ILE B 232 45.50 2.31 -13.07
N THR B 233 46.51 3.00 -12.54
CA THR B 233 46.43 4.44 -12.28
C THR B 233 47.60 5.23 -12.86
N ARG B 234 48.56 4.57 -13.48
CA ARG B 234 49.81 5.20 -13.89
C ARG B 234 50.24 4.59 -15.22
N PHE B 235 50.78 5.42 -16.11
CA PHE B 235 51.14 4.92 -17.44
C PHE B 235 52.16 5.85 -18.09
N GLN B 236 52.78 5.32 -19.15
CA GLN B 236 53.77 6.03 -19.95
C GLN B 236 53.56 5.69 -21.42
N THR B 237 54.10 6.54 -22.30
CA THR B 237 54.08 6.28 -23.72
C THR B 237 55.46 5.77 -24.17
N LEU B 238 55.46 5.00 -25.25
CA LEU B 238 56.68 4.37 -25.76
C LEU B 238 57.38 5.30 -26.74
N LEU B 239 58.21 6.18 -26.19
CA LEU B 239 58.99 7.09 -27.02
C LEU B 239 60.16 6.34 -27.67
N ALA B 240 60.53 6.80 -28.86
CA ALA B 240 61.63 6.19 -29.60
C ALA B 240 62.95 6.93 -29.37
N SER B 251 74.40 6.35 -28.28
CA SER B 251 75.69 6.79 -27.77
C SER B 251 75.56 8.12 -27.04
N SER B 252 76.71 8.65 -26.58
CA SER B 252 76.71 9.92 -25.88
C SER B 252 76.27 11.06 -26.80
N SER B 253 76.75 11.06 -28.04
CA SER B 253 76.43 12.10 -29.01
C SER B 253 75.98 11.46 -30.32
N GLY B 254 75.12 12.18 -31.03
CA GLY B 254 74.58 11.70 -32.29
C GLY B 254 73.11 11.36 -32.20
N TRP B 255 72.25 12.26 -32.69
CA TRP B 255 70.81 12.05 -32.63
C TRP B 255 70.18 12.87 -33.75
N THR B 256 69.82 12.21 -34.85
CA THR B 256 69.19 12.87 -36.00
C THR B 256 67.96 12.06 -36.39
N ALA B 257 66.79 12.66 -36.22
CA ALA B 257 65.53 11.99 -36.52
C ALA B 257 64.53 13.03 -37.03
N GLY B 258 63.31 12.57 -37.29
CA GLY B 258 62.27 13.42 -37.81
C GLY B 258 61.48 14.12 -36.72
N ALA B 259 60.26 14.53 -37.08
CA ALA B 259 59.37 15.22 -36.17
C ALA B 259 58.10 14.42 -35.95
N ALA B 260 57.50 14.59 -34.78
CA ALA B 260 56.25 13.91 -34.44
C ALA B 260 55.48 14.78 -33.46
N ALA B 261 54.18 14.53 -33.38
CA ALA B 261 53.33 15.33 -32.52
C ALA B 261 52.19 14.47 -31.96
N TYR B 262 51.91 14.65 -30.67
CA TYR B 262 50.80 13.95 -30.06
C TYR B 262 50.22 14.79 -28.92
N TYR B 263 48.92 14.65 -28.74
CA TYR B 263 48.14 15.43 -27.78
C TYR B 263 47.47 14.50 -26.79
N VAL B 264 47.36 14.95 -25.54
CA VAL B 264 46.79 14.17 -24.46
C VAL B 264 45.74 15.00 -23.75
N GLY B 265 44.58 14.39 -23.49
CA GLY B 265 43.52 15.04 -22.75
C GLY B 265 42.83 14.07 -21.81
N TYR B 266 41.98 14.61 -20.96
CA TYR B 266 41.34 13.84 -19.91
C TYR B 266 39.83 13.99 -19.99
N LEU B 267 39.13 13.00 -19.43
CA LEU B 267 37.68 12.91 -19.52
C LEU B 267 37.02 13.25 -18.19
N GLN B 268 35.81 13.75 -18.26
CA GLN B 268 34.98 14.11 -17.12
C GLN B 268 33.58 13.57 -17.32
N PRO B 269 32.84 13.33 -16.24
CA PRO B 269 31.43 12.91 -16.38
C PRO B 269 30.58 14.07 -16.85
N ARG B 270 29.95 13.92 -18.02
CA ARG B 270 29.13 14.96 -18.59
C ARG B 270 27.89 14.32 -19.19
N THR B 271 26.84 15.15 -19.36
CA THR B 271 25.64 14.73 -20.05
C THR B 271 25.65 15.32 -21.46
N PHE B 272 25.43 14.48 -22.46
CA PHE B 272 25.57 14.84 -23.86
C PHE B 272 24.30 14.50 -24.60
N LEU B 273 23.92 15.38 -25.51
CA LEU B 273 22.81 15.13 -26.44
C LEU B 273 23.42 14.70 -27.77
N LEU B 274 23.25 13.43 -28.11
CA LEU B 274 23.76 12.86 -29.34
C LEU B 274 22.64 12.79 -30.37
N LYS B 275 23.01 12.99 -31.64
CA LYS B 275 22.08 12.90 -32.75
C LYS B 275 22.52 11.80 -33.70
N TYR B 276 21.57 10.97 -34.14
CA TYR B 276 21.85 9.87 -35.05
C TYR B 276 21.31 10.20 -36.44
N ASN B 277 21.69 9.37 -37.41
CA ASN B 277 21.20 9.47 -38.78
C ASN B 277 20.61 8.12 -39.18
N GLU B 278 20.23 8.01 -40.46
CA GLU B 278 19.50 6.84 -40.91
C GLU B 278 20.34 5.58 -40.82
N ASN B 279 21.58 5.63 -41.31
CA ASN B 279 22.41 4.44 -41.34
C ASN B 279 22.78 3.98 -39.93
N GLY B 280 22.80 4.88 -38.96
CA GLY B 280 23.04 4.51 -37.59
C GLY B 280 24.39 4.92 -37.04
N THR B 281 24.90 6.06 -37.49
CA THR B 281 26.17 6.60 -37.01
C THR B 281 25.97 8.00 -36.46
N ILE B 282 26.76 8.33 -35.43
CA ILE B 282 26.62 9.64 -34.78
C ILE B 282 27.09 10.72 -35.73
N THR B 283 26.25 11.73 -35.95
CA THR B 283 26.59 12.84 -36.82
C THR B 283 26.85 14.14 -36.07
N ASP B 284 26.46 14.24 -34.80
CA ASP B 284 26.70 15.44 -34.02
C ASP B 284 26.39 15.16 -32.55
N ALA B 285 26.99 15.98 -31.68
CA ALA B 285 26.71 15.96 -30.26
C ALA B 285 26.80 17.38 -29.71
N VAL B 286 26.06 17.62 -28.64
CA VAL B 286 26.12 18.88 -27.90
C VAL B 286 26.15 18.55 -26.42
N ASP B 287 26.55 19.51 -25.61
CA ASP B 287 26.69 19.28 -24.18
C ASP B 287 25.82 20.26 -23.40
N CYS B 288 25.17 19.75 -22.35
CA CYS B 288 24.32 20.62 -21.53
C CYS B 288 25.13 21.70 -20.82
N ALA B 289 26.29 21.34 -20.28
CA ALA B 289 26.96 22.11 -19.24
C ALA B 289 28.07 23.02 -19.78
N LEU B 290 27.90 23.59 -20.96
CA LEU B 290 28.91 24.47 -21.52
C LEU B 290 28.46 25.92 -21.63
N ASP B 291 27.26 26.17 -22.09
CA ASP B 291 26.77 27.53 -22.32
C ASP B 291 25.33 27.64 -21.86
N PRO B 292 24.80 28.86 -21.69
CA PRO B 292 23.34 28.97 -21.49
C PRO B 292 22.56 28.43 -22.66
N LEU B 293 22.89 28.84 -23.89
CA LEU B 293 22.14 28.35 -25.04
C LEU B 293 22.36 26.87 -25.27
N SER B 294 23.55 26.35 -24.96
CA SER B 294 23.76 24.92 -25.04
C SER B 294 22.86 24.18 -24.07
N GLU B 295 22.67 24.72 -22.87
CA GLU B 295 21.75 24.12 -21.91
C GLU B 295 20.31 24.18 -22.41
N THR B 296 19.92 25.31 -23.01
CA THR B 296 18.57 25.41 -23.56
C THR B 296 18.34 24.37 -24.65
N LYS B 297 19.30 24.21 -25.56
CA LYS B 297 19.22 23.15 -26.55
C LYS B 297 19.13 21.78 -25.89
N CYS B 298 19.87 21.60 -24.81
CA CYS B 298 20.01 20.31 -24.16
C CYS B 298 18.81 19.96 -23.29
N THR B 299 17.91 20.91 -23.03
CA THR B 299 16.71 20.63 -22.24
C THR B 299 15.42 20.57 -23.06
N LEU B 300 15.43 21.09 -24.29
CA LEU B 300 14.28 20.98 -25.17
C LEU B 300 14.33 19.73 -26.04
N LYS B 301 15.45 19.01 -26.03
CA LYS B 301 15.68 17.87 -26.93
C LYS B 301 15.55 18.31 -28.39
N SER B 302 16.43 19.22 -28.78
CA SER B 302 16.45 19.73 -30.15
C SER B 302 17.79 20.40 -30.39
N PHE B 303 18.01 20.80 -31.65
CA PHE B 303 19.18 21.57 -32.02
C PHE B 303 18.87 22.99 -32.46
N THR B 304 17.59 23.34 -32.68
CA THR B 304 17.21 24.69 -33.08
C THR B 304 16.03 25.12 -32.23
N VAL B 305 16.27 26.03 -31.30
CA VAL B 305 15.25 26.52 -30.38
C VAL B 305 14.68 27.82 -30.92
N GLU B 306 13.39 28.03 -30.70
CA GLU B 306 12.72 29.22 -31.21
C GLU B 306 12.98 30.41 -30.29
N LYS B 307 12.59 31.59 -30.77
CA LYS B 307 12.85 32.83 -30.06
C LYS B 307 11.83 33.02 -28.93
N GLY B 308 12.33 33.25 -27.73
CA GLY B 308 11.47 33.44 -26.58
C GLY B 308 12.20 33.11 -25.31
N ILE B 309 11.57 33.48 -24.19
CA ILE B 309 12.14 33.19 -22.88
C ILE B 309 11.85 31.75 -22.52
N TYR B 310 12.87 31.04 -22.06
CA TYR B 310 12.73 29.64 -21.70
C TYR B 310 12.95 29.47 -20.20
N GLN B 311 12.92 28.21 -19.76
CA GLN B 311 13.20 27.87 -18.38
C GLN B 311 14.37 26.91 -18.33
N THR B 312 15.06 26.91 -17.20
CA THR B 312 16.26 26.11 -17.03
C THR B 312 16.31 25.70 -15.56
N SER B 313 17.34 24.97 -15.18
CA SER B 313 17.49 24.53 -13.80
C SER B 313 17.63 25.74 -12.87
N ASN B 314 17.67 25.45 -11.57
CA ASN B 314 17.66 26.48 -10.54
C ASN B 314 19.03 27.11 -10.33
N PHE B 315 19.17 27.82 -9.23
CA PHE B 315 20.34 28.65 -8.93
C PHE B 315 20.59 28.58 -7.42
N ARG B 316 21.46 27.66 -7.01
CA ARG B 316 21.71 27.39 -5.60
C ARG B 316 23.14 27.73 -5.25
N VAL B 317 23.31 28.72 -4.37
CA VAL B 317 24.64 29.15 -3.95
C VAL B 317 25.24 28.08 -3.05
N GLN B 318 26.35 27.50 -3.48
CA GLN B 318 27.00 26.46 -2.70
C GLN B 318 27.66 27.06 -1.47
N PRO B 319 27.88 26.26 -0.43
CA PRO B 319 28.53 26.78 0.77
C PRO B 319 30.02 27.04 0.56
N THR B 320 30.72 27.45 1.61
CA THR B 320 32.16 27.71 1.54
C THR B 320 32.94 26.73 2.39
N GLU B 321 32.63 26.62 3.68
CA GLU B 321 33.38 25.76 4.60
C GLU B 321 32.39 25.08 5.53
N SER B 322 32.90 24.45 6.60
CA SER B 322 32.02 23.73 7.54
C SER B 322 32.41 24.04 9.00
N ILE B 323 31.42 24.31 9.85
CA ILE B 323 31.70 24.56 11.29
C ILE B 323 30.97 23.51 12.15
N VAL B 324 31.69 22.86 13.06
CA VAL B 324 31.07 21.88 13.99
C VAL B 324 31.32 22.38 15.42
N ARG B 325 30.28 22.53 16.24
CA ARG B 325 30.50 23.04 17.62
C ARG B 325 29.89 22.09 18.67
N PHE B 326 30.69 21.71 19.66
CA PHE B 326 30.21 20.83 20.75
C PHE B 326 30.37 21.58 22.07
N PRO B 327 29.42 21.49 23.03
CA PRO B 327 29.46 22.32 24.26
C PRO B 327 30.82 22.63 24.90
N ASN B 328 31.36 21.70 25.69
CA ASN B 328 32.62 21.92 26.41
C ASN B 328 33.25 20.67 26.98
N ILE B 329 32.49 19.60 27.23
CA ILE B 329 32.89 18.58 28.19
C ILE B 329 34.02 17.74 27.62
N THR B 330 34.98 17.40 28.48
CA THR B 330 36.10 16.51 28.15
C THR B 330 36.30 15.58 29.34
N ASN B 331 35.61 14.45 29.32
CA ASN B 331 35.71 13.45 30.37
C ASN B 331 35.51 12.08 29.73
N LEU B 332 35.34 11.06 30.57
CA LEU B 332 34.99 9.72 30.11
C LEU B 332 33.74 9.27 30.85
N CYS B 333 32.77 8.76 30.11
CA CYS B 333 31.54 8.29 30.73
C CYS B 333 31.80 7.05 31.57
N PRO B 334 31.07 6.86 32.66
CA PRO B 334 31.29 5.72 33.55
C PRO B 334 30.73 4.41 33.00
N PHE B 335 31.00 4.14 31.72
CA PHE B 335 30.54 2.88 31.13
C PHE B 335 31.29 1.69 31.71
N ASP B 336 32.55 1.88 32.10
CA ASP B 336 33.34 0.78 32.65
C ASP B 336 32.89 0.36 34.03
N GLU B 337 31.99 1.11 34.67
CA GLU B 337 31.51 0.77 36.00
C GLU B 337 30.27 -0.12 35.96
N VAL B 338 29.22 0.31 35.27
CA VAL B 338 27.97 -0.45 35.25
C VAL B 338 28.14 -1.74 34.46
N PHE B 339 28.88 -1.68 33.35
CA PHE B 339 29.02 -2.86 32.50
C PHE B 339 29.86 -3.95 33.18
N ASN B 340 30.89 -3.54 33.91
CA ASN B 340 31.83 -4.48 34.52
C ASN B 340 31.62 -4.67 36.02
N ALA B 341 30.46 -4.27 36.54
CA ALA B 341 30.19 -4.46 37.95
C ALA B 341 30.07 -5.94 38.29
N THR B 342 30.56 -6.31 39.47
CA THR B 342 30.57 -7.71 39.88
C THR B 342 29.26 -8.15 40.51
N ARG B 343 28.29 -7.26 40.67
CA ARG B 343 27.03 -7.59 41.34
C ARG B 343 25.91 -6.92 40.55
N PHE B 344 25.17 -7.70 39.77
CA PHE B 344 23.99 -7.22 39.08
C PHE B 344 22.75 -7.44 39.94
N ALA B 345 21.72 -6.65 39.65
CA ALA B 345 20.51 -6.69 40.44
C ALA B 345 19.66 -7.91 40.09
N SER B 346 18.68 -8.19 40.95
CA SER B 346 17.63 -9.11 40.59
C SER B 346 16.70 -8.46 39.57
N VAL B 347 15.93 -9.28 38.87
CA VAL B 347 15.10 -8.74 37.79
C VAL B 347 13.99 -7.85 38.35
N TYR B 348 13.44 -8.20 39.52
CA TYR B 348 12.30 -7.47 40.05
C TYR B 348 12.68 -6.21 40.79
N ALA B 349 13.96 -6.04 41.14
CA ALA B 349 14.44 -4.88 41.88
C ALA B 349 15.63 -4.26 41.16
N TRP B 350 15.47 -4.06 39.86
CA TRP B 350 16.56 -3.58 39.03
C TRP B 350 16.98 -2.16 39.42
N ASN B 351 18.23 -1.84 39.17
CA ASN B 351 18.79 -0.54 39.52
C ASN B 351 18.96 0.31 38.28
N ARG B 352 18.49 1.55 38.33
CA ARG B 352 18.59 2.49 37.24
C ARG B 352 19.62 3.55 37.59
N LYS B 353 20.54 3.81 36.66
CA LYS B 353 21.68 4.69 36.91
C LYS B 353 21.65 5.89 35.97
N ARG B 354 22.00 7.05 36.52
CA ARG B 354 22.15 8.26 35.72
C ARG B 354 23.53 8.28 35.07
N ILE B 355 23.62 8.98 33.94
CA ILE B 355 24.88 9.24 33.26
C ILE B 355 24.80 10.64 32.66
N SER B 356 25.65 11.55 33.13
CA SER B 356 25.55 12.94 32.73
C SER B 356 26.92 13.59 32.68
N ASN B 357 27.04 14.60 31.82
CA ASN B 357 28.25 15.41 31.69
C ASN B 357 29.49 14.55 31.46
N CYS B 358 29.50 13.84 30.34
CA CYS B 358 30.66 13.03 29.99
C CYS B 358 30.67 12.80 28.48
N VAL B 359 31.84 12.43 27.98
CA VAL B 359 32.03 12.09 26.58
C VAL B 359 31.81 10.59 26.42
N ALA B 360 30.86 10.22 25.58
CA ALA B 360 30.45 8.83 25.43
C ALA B 360 31.06 8.24 24.17
N ASP B 361 31.86 7.19 24.33
CA ASP B 361 32.43 6.45 23.21
C ASP B 361 31.95 5.02 23.29
N TYR B 362 31.18 4.59 22.30
CA TYR B 362 30.64 3.24 22.25
C TYR B 362 31.56 2.26 21.53
N SER B 363 32.70 2.73 21.02
CA SER B 363 33.62 1.83 20.33
C SER B 363 34.20 0.80 21.28
N VAL B 364 34.56 1.21 22.50
CA VAL B 364 35.18 0.32 23.47
C VAL B 364 34.14 -0.67 23.98
N LEU B 365 32.89 -0.46 23.57
CA LEU B 365 31.78 -1.31 23.97
C LEU B 365 31.40 -2.32 22.89
N TYR B 366 31.18 -1.84 21.66
CA TYR B 366 30.69 -2.70 20.60
C TYR B 366 31.74 -3.68 20.12
N ASN B 367 33.02 -3.44 20.43
CA ASN B 367 34.09 -4.34 20.03
C ASN B 367 34.08 -5.66 20.80
N LEU B 368 33.27 -5.78 21.84
CA LEU B 368 33.23 -7.01 22.63
C LEU B 368 32.72 -8.17 21.78
N ALA B 369 33.63 -9.05 21.37
CA ALA B 369 33.25 -10.19 20.55
C ALA B 369 32.22 -11.12 21.19
N PRO B 370 32.29 -11.46 22.49
CA PRO B 370 31.36 -12.47 23.03
C PRO B 370 29.92 -12.02 23.14
N PHE B 371 29.57 -10.87 22.56
CA PHE B 371 28.18 -10.46 22.50
C PHE B 371 27.36 -11.51 21.76
N PHE B 372 26.14 -11.74 22.24
CA PHE B 372 25.19 -12.57 21.54
C PHE B 372 24.03 -11.77 20.94
N THR B 373 23.93 -10.48 21.26
CA THR B 373 22.85 -9.66 20.74
C THR B 373 23.20 -8.19 20.92
N PHE B 374 22.99 -7.39 19.88
CA PHE B 374 23.07 -5.94 19.97
C PHE B 374 22.12 -5.39 18.90
N LYS B 375 20.89 -5.11 19.31
CA LYS B 375 19.85 -4.67 18.38
C LYS B 375 19.24 -3.39 18.87
N CYS B 376 19.12 -2.40 17.98
CA CYS B 376 18.67 -1.08 18.37
C CYS B 376 17.45 -0.66 17.57
N TYR B 377 16.53 0.04 18.23
CA TYR B 377 15.23 0.37 17.66
C TYR B 377 15.22 1.73 16.97
N GLY B 378 15.47 2.79 17.72
CA GLY B 378 15.42 4.12 17.15
C GLY B 378 16.69 4.59 16.50
N VAL B 379 17.80 3.92 16.74
CA VAL B 379 19.10 4.31 16.21
C VAL B 379 19.79 3.08 15.64
N SER B 380 20.79 3.32 14.87
CA SER B 380 21.58 2.19 14.42
C SER B 380 22.83 2.05 15.27
N PRO B 381 23.28 0.82 15.52
CA PRO B 381 24.42 0.64 16.45
C PRO B 381 25.69 1.34 16.01
N THR B 382 25.89 1.53 14.71
CA THR B 382 27.12 2.13 14.22
C THR B 382 27.04 3.64 14.07
N LYS B 383 25.88 4.25 14.31
CA LYS B 383 25.69 5.69 14.16
C LYS B 383 25.45 6.36 15.51
N LEU B 384 26.07 5.84 16.57
CA LEU B 384 25.90 6.38 17.92
C LEU B 384 27.09 7.24 18.35
N ASN B 385 27.95 7.63 17.41
CA ASN B 385 29.16 8.37 17.74
C ASN B 385 29.15 9.79 17.20
N ASP B 386 27.97 10.32 16.87
CA ASP B 386 27.90 11.70 16.39
C ASP B 386 26.68 12.45 16.90
N LEU B 387 25.88 11.86 17.77
CA LEU B 387 24.64 12.48 18.24
C LEU B 387 24.74 12.78 19.73
N CYS B 388 24.17 13.90 20.16
CA CYS B 388 24.16 14.27 21.56
C CYS B 388 22.78 14.05 22.17
N PHE B 389 22.73 13.29 23.25
CA PHE B 389 21.49 12.88 23.87
C PHE B 389 21.16 13.77 25.06
N THR B 390 19.87 14.05 25.25
CA THR B 390 19.44 14.92 26.34
C THR B 390 19.65 14.24 27.69
N ASN B 391 19.36 12.95 27.79
CA ASN B 391 19.52 12.22 29.04
C ASN B 391 19.71 10.75 28.71
N VAL B 392 20.54 10.06 29.50
CA VAL B 392 20.82 8.65 29.31
C VAL B 392 20.61 7.92 30.63
N TYR B 393 19.90 6.79 30.58
CA TYR B 393 19.66 5.96 31.75
C TYR B 393 19.99 4.52 31.40
N ALA B 394 20.79 3.87 32.25
CA ALA B 394 21.26 2.51 32.00
C ALA B 394 20.72 1.57 33.07
N ASP B 395 19.71 0.78 32.71
CA ASP B 395 19.13 -0.22 33.59
C ASP B 395 20.01 -1.45 33.65
N SER B 396 19.60 -2.43 34.45
CA SER B 396 20.44 -3.62 34.63
C SER B 396 19.67 -4.69 35.38
N PHE B 397 19.83 -5.93 34.94
CA PHE B 397 19.30 -7.09 35.67
C PHE B 397 19.88 -8.35 35.04
N VAL B 398 19.52 -9.49 35.64
CA VAL B 398 19.99 -10.80 35.19
C VAL B 398 18.78 -11.72 35.07
N ILE B 399 18.56 -12.26 33.88
CA ILE B 399 17.42 -13.13 33.63
C ILE B 399 17.90 -14.42 32.98
N ARG B 400 17.04 -15.43 33.03
CA ARG B 400 17.36 -16.73 32.44
C ARG B 400 17.49 -16.61 30.93
N GLY B 401 18.34 -17.46 30.35
CA GLY B 401 18.70 -17.30 28.94
C GLY B 401 17.52 -17.41 28.01
N ASP B 402 16.55 -18.27 28.35
CA ASP B 402 15.38 -18.45 27.51
C ASP B 402 14.58 -17.17 27.35
N GLU B 403 14.55 -16.32 28.37
CA GLU B 403 13.67 -15.16 28.40
C GLU B 403 14.35 -13.88 27.95
N VAL B 404 15.55 -13.96 27.40
CA VAL B 404 16.22 -12.76 26.90
C VAL B 404 15.48 -12.17 25.70
N ARG B 405 14.72 -12.99 24.97
CA ARG B 405 13.91 -12.49 23.87
C ARG B 405 12.74 -11.67 24.34
N GLN B 406 12.42 -11.69 25.63
CA GLN B 406 11.18 -11.16 26.15
C GLN B 406 11.30 -9.70 26.61
N ILE B 407 12.51 -9.14 26.62
CA ILE B 407 12.69 -7.75 26.98
C ILE B 407 12.26 -6.79 25.87
N ALA B 408 12.14 -7.29 24.64
CA ALA B 408 11.73 -6.43 23.53
C ALA B 408 10.31 -5.91 23.77
N PRO B 409 9.97 -4.76 23.20
CA PRO B 409 8.63 -4.21 23.42
C PRO B 409 7.55 -5.07 22.80
N GLY B 410 6.37 -5.05 23.43
CA GLY B 410 5.21 -5.74 22.91
C GLY B 410 5.12 -7.21 23.22
N GLN B 411 5.92 -7.72 24.16
CA GLN B 411 5.87 -9.12 24.52
C GLN B 411 5.02 -9.31 25.78
N THR B 412 4.88 -10.57 26.20
CA THR B 412 4.06 -10.90 27.36
C THR B 412 4.60 -12.17 28.00
N GLY B 413 4.41 -12.28 29.32
CA GLY B 413 4.84 -13.46 30.04
C GLY B 413 4.98 -13.16 31.52
N ASN B 414 5.80 -13.97 32.18
CA ASN B 414 6.02 -13.85 33.62
C ASN B 414 7.23 -12.97 33.96
N ILE B 415 7.85 -12.34 32.97
CA ILE B 415 8.95 -11.42 33.23
C ILE B 415 8.71 -10.14 32.44
N ALA B 416 7.62 -10.10 31.71
CA ALA B 416 7.26 -8.93 30.92
C ALA B 416 6.01 -8.22 31.41
N ASP B 417 5.36 -8.75 32.44
CA ASP B 417 4.22 -8.04 33.05
C ASP B 417 4.25 -8.01 34.56
N TYR B 418 4.98 -8.89 35.23
CA TYR B 418 5.00 -8.91 36.68
C TYR B 418 6.32 -8.45 37.27
N ASN B 419 7.36 -8.25 36.46
CA ASN B 419 8.63 -7.75 36.97
C ASN B 419 9.06 -6.44 36.33
N TYR B 420 9.16 -6.38 35.01
CA TYR B 420 9.82 -5.25 34.36
C TYR B 420 9.34 -5.18 32.91
N LYS B 421 8.58 -4.15 32.57
CA LYS B 421 7.94 -4.04 31.27
C LYS B 421 8.41 -2.80 30.55
N LEU B 422 8.87 -2.97 29.31
CA LEU B 422 9.28 -1.82 28.52
C LEU B 422 8.07 -1.17 27.85
N PRO B 423 8.13 0.13 27.59
CA PRO B 423 7.02 0.81 26.93
C PRO B 423 6.96 0.45 25.45
N ASP B 424 5.83 0.80 24.82
CA ASP B 424 5.62 0.44 23.43
C ASP B 424 6.46 1.28 22.49
N ASP B 425 6.79 2.52 22.88
CA ASP B 425 7.53 3.45 22.03
C ASP B 425 8.99 3.57 22.46
N PHE B 426 9.62 2.45 22.81
CA PHE B 426 10.97 2.47 23.36
C PHE B 426 11.97 3.06 22.37
N THR B 427 12.94 3.79 22.91
CA THR B 427 14.11 4.28 22.18
C THR B 427 15.34 3.69 22.85
N GLY B 428 16.50 3.89 22.24
CA GLY B 428 17.70 3.28 22.76
C GLY B 428 17.69 1.80 22.45
N CYS B 429 18.58 1.06 23.09
CA CYS B 429 18.66 -0.36 22.75
C CYS B 429 19.33 -1.19 23.81
N VAL B 430 19.19 -2.50 23.65
CA VAL B 430 19.51 -3.50 24.67
C VAL B 430 20.79 -4.23 24.27
N ILE B 431 21.62 -4.51 25.26
CA ILE B 431 22.91 -5.16 25.06
C ILE B 431 22.94 -6.39 25.94
N ALA B 432 22.67 -7.55 25.35
CA ALA B 432 22.54 -8.79 26.09
C ALA B 432 23.67 -9.73 25.73
N TRP B 433 24.25 -10.38 26.74
CA TRP B 433 25.31 -11.34 26.49
C TRP B 433 25.30 -12.40 27.57
N ASN B 434 25.76 -13.59 27.20
CA ASN B 434 25.84 -14.71 28.12
C ASN B 434 26.91 -14.46 29.18
N SER B 435 26.62 -14.89 30.41
CA SER B 435 27.56 -14.73 31.52
C SER B 435 27.59 -15.99 32.37
N ASN B 436 27.66 -17.15 31.74
CA ASN B 436 27.65 -18.41 32.46
C ASN B 436 28.84 -18.58 33.39
N LYS B 437 29.93 -17.83 33.15
CA LYS B 437 31.14 -18.02 33.94
C LYS B 437 30.99 -17.46 35.36
N LEU B 438 30.25 -16.35 35.50
CA LEU B 438 30.22 -15.62 36.76
C LEU B 438 29.00 -15.95 37.61
N ASP B 439 27.80 -15.78 37.05
CA ASP B 439 26.58 -15.93 37.86
C ASP B 439 26.37 -17.37 38.29
N SER B 440 26.45 -18.30 37.35
CA SER B 440 26.15 -19.70 37.66
C SER B 440 27.21 -20.30 38.58
N LYS B 441 26.78 -21.22 39.42
CA LYS B 441 27.67 -21.93 40.33
C LYS B 441 27.35 -23.41 40.31
N VAL B 442 28.38 -24.23 40.56
CA VAL B 442 28.21 -25.68 40.58
C VAL B 442 27.30 -26.09 41.73
N SER B 443 27.49 -25.49 42.91
CA SER B 443 26.63 -25.80 44.04
C SER B 443 25.19 -25.39 43.85
N GLY B 444 24.94 -24.43 42.98
CA GLY B 444 23.59 -23.96 42.73
C GLY B 444 23.36 -22.54 43.22
N ASN B 445 23.37 -21.58 42.30
CA ASN B 445 23.24 -20.18 42.69
C ASN B 445 21.82 -19.87 43.12
N TYR B 446 21.70 -19.18 44.26
CA TYR B 446 20.39 -18.91 44.85
C TYR B 446 20.31 -17.46 45.33
N ASN B 447 20.69 -16.51 44.48
CA ASN B 447 20.64 -15.10 44.82
C ASN B 447 19.98 -14.28 43.71
N TYR B 448 18.99 -14.85 43.04
CA TYR B 448 18.30 -14.15 41.96
C TYR B 448 16.84 -14.57 41.99
N LEU B 449 15.94 -13.60 42.21
CA LEU B 449 14.53 -13.85 42.42
C LEU B 449 13.70 -13.25 41.29
N TYR B 450 12.42 -13.62 41.27
CA TYR B 450 11.48 -13.03 40.32
C TYR B 450 10.07 -13.25 40.84
N ARG B 451 9.22 -12.25 40.62
CA ARG B 451 7.85 -12.27 41.13
C ARG B 451 6.95 -13.11 40.22
N LEU B 452 6.13 -13.95 40.84
CA LEU B 452 5.22 -14.84 40.10
C LEU B 452 3.77 -14.41 40.17
N PHE B 453 3.28 -14.08 41.36
CA PHE B 453 1.86 -13.78 41.57
C PHE B 453 1.69 -12.30 41.84
N ARG B 454 0.92 -11.62 41.00
CA ARG B 454 0.56 -10.23 41.23
C ARG B 454 -0.92 -10.05 40.92
N LYS B 455 -1.57 -9.19 41.69
CA LYS B 455 -3.00 -8.97 41.50
C LYS B 455 -3.31 -8.35 40.14
N SER B 456 -2.43 -7.49 39.65
CA SER B 456 -2.62 -6.85 38.36
C SER B 456 -1.27 -6.55 37.73
N ASN B 457 -1.30 -6.27 36.43
CA ASN B 457 -0.08 -5.94 35.70
C ASN B 457 0.42 -4.57 36.13
N LEU B 458 1.49 -4.11 35.48
CA LEU B 458 2.13 -2.86 35.83
C LEU B 458 2.48 -2.07 34.58
N LYS B 459 2.28 -0.75 34.65
CA LYS B 459 2.67 0.13 33.57
C LYS B 459 4.19 0.17 33.45
N PRO B 460 4.71 0.59 32.28
CA PRO B 460 6.15 0.43 32.02
C PRO B 460 7.02 1.15 33.05
N PHE B 461 8.18 0.55 33.30
CA PHE B 461 9.21 1.13 34.15
C PHE B 461 8.75 1.35 35.59
N GLU B 462 7.91 0.45 36.09
CA GLU B 462 7.48 0.51 37.48
C GLU B 462 8.25 -0.51 38.31
N ARG B 463 8.25 -0.30 39.62
CA ARG B 463 8.98 -1.15 40.55
C ARG B 463 8.10 -1.44 41.75
N ASP B 464 8.35 -2.60 42.38
CA ASP B 464 7.57 -3.00 43.55
C ASP B 464 8.44 -3.87 44.44
N ILE B 465 8.93 -3.30 45.55
CA ILE B 465 9.70 -4.08 46.52
C ILE B 465 8.78 -4.79 47.50
N SER B 466 7.49 -4.48 47.52
CA SER B 466 6.57 -5.07 48.47
C SER B 466 6.53 -6.59 48.33
N THR B 467 6.47 -7.27 49.46
CA THR B 467 6.49 -8.73 49.49
C THR B 467 5.36 -9.29 50.37
N GLU B 468 4.25 -8.57 50.47
CA GLU B 468 3.12 -9.05 51.25
C GLU B 468 2.52 -10.29 50.60
N ILE B 469 1.94 -11.15 51.43
CA ILE B 469 1.46 -12.45 50.97
C ILE B 469 0.33 -12.26 49.97
N TYR B 470 0.44 -12.94 48.82
CA TYR B 470 -0.62 -12.91 47.83
C TYR B 470 -1.85 -13.63 48.35
N GLN B 471 -3.03 -13.20 47.88
CA GLN B 471 -4.30 -13.77 48.32
C GLN B 471 -4.99 -14.39 47.12
N ALA B 472 -5.36 -15.66 47.24
CA ALA B 472 -6.08 -16.37 46.20
C ALA B 472 -7.46 -16.86 46.63
N GLY B 473 -7.64 -17.19 47.91
CA GLY B 473 -8.94 -17.63 48.39
C GLY B 473 -9.79 -16.49 48.92
N ASN B 474 -11.00 -16.83 49.35
CA ASN B 474 -11.90 -15.83 49.89
C ASN B 474 -11.47 -15.38 51.28
N LYS B 475 -11.01 -16.31 52.11
CA LYS B 475 -10.61 -15.97 53.47
C LYS B 475 -9.13 -15.61 53.50
N PRO B 476 -8.77 -14.41 53.94
CA PRO B 476 -7.35 -14.06 54.03
C PRO B 476 -6.62 -14.90 55.06
N CYS B 477 -5.34 -15.14 54.81
CA CYS B 477 -4.49 -15.87 55.72
C CYS B 477 -3.49 -14.92 56.37
N ASN B 478 -2.60 -15.49 57.18
CA ASN B 478 -1.57 -14.73 57.85
C ASN B 478 -0.46 -15.68 58.28
N GLY B 479 0.56 -15.12 58.94
CA GLY B 479 1.69 -15.92 59.37
C GLY B 479 2.47 -16.47 58.20
N VAL B 480 2.35 -17.77 57.98
CA VAL B 480 3.00 -18.39 56.83
C VAL B 480 1.99 -18.56 55.71
N ALA B 481 2.50 -18.65 54.47
CA ALA B 481 1.66 -18.89 53.32
C ALA B 481 1.32 -20.37 53.22
N GLY B 482 0.64 -20.74 52.14
CA GLY B 482 0.24 -22.11 51.95
C GLY B 482 -0.95 -22.25 51.01
N PHE B 483 -1.99 -22.94 51.47
CA PHE B 483 -3.20 -23.08 50.68
C PHE B 483 -3.83 -21.70 50.43
N ASN B 484 -4.18 -21.44 49.18
CA ASN B 484 -4.91 -20.25 48.76
C ASN B 484 -4.19 -18.94 49.06
N CYS B 485 -2.94 -19.00 49.52
CA CYS B 485 -2.13 -17.80 49.67
C CYS B 485 -0.66 -18.20 49.63
N TYR B 486 0.11 -17.51 48.79
CA TYR B 486 1.44 -17.96 48.42
C TYR B 486 2.47 -16.85 48.62
N PHE B 487 3.72 -17.26 48.79
CA PHE B 487 4.83 -16.33 48.82
C PHE B 487 5.10 -15.80 47.42
N PRO B 488 5.11 -14.48 47.20
CA PRO B 488 5.11 -13.96 45.83
C PRO B 488 6.41 -14.18 45.07
N LEU B 489 7.53 -14.45 45.75
CA LEU B 489 8.83 -14.51 45.10
C LEU B 489 9.38 -15.92 45.14
N ARG B 490 9.85 -16.41 44.00
CA ARG B 490 10.49 -17.71 43.88
C ARG B 490 11.88 -17.54 43.28
N SER B 491 12.84 -18.30 43.79
CA SER B 491 14.24 -18.10 43.44
C SER B 491 14.63 -18.93 42.22
N TYR B 492 15.41 -18.31 41.33
CA TYR B 492 16.00 -19.05 40.22
C TYR B 492 16.99 -20.07 40.75
N SER B 493 17.18 -21.14 39.97
CA SER B 493 18.16 -22.18 40.27
C SER B 493 19.10 -22.30 39.09
N PHE B 494 20.32 -21.78 39.23
CA PHE B 494 21.29 -21.74 38.15
C PHE B 494 22.38 -22.77 38.40
N ARG B 495 22.61 -23.61 37.39
CA ARG B 495 23.69 -24.59 37.38
C ARG B 495 24.43 -24.49 36.05
N PRO B 496 25.71 -24.86 36.02
CA PRO B 496 26.43 -24.93 34.73
C PRO B 496 25.99 -26.10 33.87
N THR B 497 25.30 -27.10 34.44
CA THR B 497 24.83 -28.23 33.66
C THR B 497 23.86 -27.79 32.57
N TYR B 498 22.90 -26.94 32.94
CA TYR B 498 21.80 -26.62 32.04
C TYR B 498 22.31 -25.94 30.78
N GLY B 499 21.60 -26.15 29.68
CA GLY B 499 21.98 -25.62 28.40
C GLY B 499 21.44 -24.22 28.16
N VAL B 500 21.61 -23.76 26.91
CA VAL B 500 21.09 -22.46 26.52
C VAL B 500 19.58 -22.43 26.76
N GLY B 501 19.11 -21.31 27.27
CA GLY B 501 17.78 -21.22 27.83
C GLY B 501 17.75 -21.33 29.33
N HIS B 502 18.88 -21.70 29.95
CA HIS B 502 18.98 -21.72 31.40
C HIS B 502 20.33 -21.20 31.89
N GLN B 503 21.18 -20.60 31.00
CA GLN B 503 22.21 -19.82 31.66
C GLN B 503 21.76 -18.36 31.79
N PRO B 504 22.22 -17.66 32.82
CA PRO B 504 21.81 -16.26 33.01
C PRO B 504 22.46 -15.35 31.98
N TYR B 505 21.64 -14.77 31.10
CA TYR B 505 22.11 -13.72 30.19
C TYR B 505 22.04 -12.39 30.90
N ARG B 506 23.21 -11.86 31.29
CA ARG B 506 23.27 -10.51 31.82
C ARG B 506 22.74 -9.52 30.78
N VAL B 507 21.92 -8.58 31.22
CA VAL B 507 21.29 -7.62 30.32
C VAL B 507 21.48 -6.23 30.87
N VAL B 508 21.84 -5.30 29.98
CA VAL B 508 21.88 -3.87 30.29
C VAL B 508 21.16 -3.13 29.17
N VAL B 509 20.33 -2.17 29.55
CA VAL B 509 19.46 -1.49 28.60
C VAL B 509 19.72 0.00 28.68
N LEU B 510 19.96 0.63 27.54
CA LEU B 510 20.17 2.07 27.48
C LEU B 510 18.95 2.71 26.84
N SER B 511 18.36 3.69 27.53
CA SER B 511 17.22 4.44 27.03
C SER B 511 17.56 5.92 27.08
N PHE B 512 17.31 6.62 25.97
CA PHE B 512 17.68 8.03 25.90
C PHE B 512 16.77 8.78 24.95
N GLU B 513 16.30 9.94 25.40
CA GLU B 513 15.51 10.85 24.57
C GLU B 513 16.39 11.55 23.57
N LEU B 514 15.84 11.84 22.39
CA LEU B 514 16.61 12.35 21.27
C LEU B 514 16.12 13.73 20.86
N LEU B 515 16.99 14.74 21.03
CA LEU B 515 16.83 16.07 20.45
C LEU B 515 15.53 16.74 20.88
N HIS B 516 15.40 16.95 22.19
CA HIS B 516 14.31 17.77 22.71
C HIS B 516 14.71 18.66 23.87
N ALA B 517 15.99 18.73 24.21
CA ALA B 517 16.43 19.45 25.40
C ALA B 517 17.91 19.74 25.27
N PRO B 518 18.46 20.59 26.13
CA PRO B 518 19.92 20.76 26.17
C PRO B 518 20.62 19.43 26.42
N ALA B 519 21.74 19.24 25.73
CA ALA B 519 22.47 17.98 25.79
C ALA B 519 23.53 18.02 26.87
N THR B 520 23.91 16.83 27.33
CA THR B 520 24.97 16.67 28.32
C THR B 520 25.98 15.60 28.00
N VAL B 521 25.65 14.61 27.16
CA VAL B 521 26.52 13.48 26.88
C VAL B 521 26.51 13.20 25.39
N CYS B 522 27.70 13.05 24.80
CA CYS B 522 27.84 12.63 23.40
C CYS B 522 29.29 12.46 23.02
N GLY B 523 29.49 11.92 21.82
CA GLY B 523 30.76 11.42 21.37
C GLY B 523 31.77 12.48 21.02
N PRO B 524 33.03 12.06 20.85
CA PRO B 524 34.10 13.03 20.61
C PRO B 524 33.93 13.76 19.30
N LYS B 525 34.29 15.04 19.31
CA LYS B 525 34.32 15.84 18.10
C LYS B 525 35.21 17.06 18.35
N LYS B 526 35.67 17.67 17.27
CA LYS B 526 36.57 18.81 17.34
C LYS B 526 35.81 20.05 16.89
N SER B 527 35.70 21.04 17.79
CA SER B 527 35.04 22.28 17.44
C SER B 527 35.84 23.03 16.38
N THR B 528 35.13 23.81 15.58
CA THR B 528 35.71 24.51 14.44
C THR B 528 35.25 25.97 14.42
N ASN B 529 35.42 26.63 15.55
CA ASN B 529 35.18 28.07 15.66
C ASN B 529 33.75 28.43 15.29
N LEU B 530 33.52 29.68 14.90
CA LEU B 530 32.19 30.14 14.53
C LEU B 530 32.32 31.22 13.47
N VAL B 531 31.37 31.22 12.53
CA VAL B 531 31.35 32.19 11.44
C VAL B 531 29.93 32.71 11.27
N LYS B 532 29.82 33.88 10.65
CA LYS B 532 28.54 34.55 10.45
C LYS B 532 28.43 35.03 9.01
N ASN B 533 27.20 35.06 8.51
CA ASN B 533 26.89 35.62 7.19
C ASN B 533 27.73 34.98 6.09
N LYS B 534 27.94 33.68 6.21
CA LYS B 534 28.71 32.93 5.21
C LYS B 534 28.13 31.53 5.14
N CYS B 535 27.68 31.13 3.96
CA CYS B 535 27.01 29.84 3.78
C CYS B 535 27.94 28.71 4.20
N VAL B 536 27.59 28.01 5.27
CA VAL B 536 28.44 26.98 5.85
C VAL B 536 27.61 25.73 6.10
N ASN B 537 28.24 24.71 6.65
CA ASN B 537 27.61 23.43 6.95
C ASN B 537 27.72 23.21 8.46
N PHE B 538 26.71 23.66 9.19
CA PHE B 538 26.76 23.63 10.64
C PHE B 538 26.32 22.28 11.19
N ASN B 539 26.96 21.88 12.29
CA ASN B 539 26.62 20.65 13.01
C ASN B 539 26.52 21.02 14.49
N PHE B 540 25.36 21.53 14.89
CA PHE B 540 25.13 21.96 16.27
C PHE B 540 24.46 20.83 17.02
N ASN B 541 25.23 20.13 17.85
CA ASN B 541 24.70 19.05 18.68
C ASN B 541 24.00 17.99 17.84
N GLY B 542 24.56 17.66 16.69
CA GLY B 542 24.00 16.65 15.81
C GLY B 542 22.93 17.13 14.87
N LEU B 543 22.62 18.42 14.86
CA LEU B 543 21.60 18.98 13.98
C LEU B 543 22.30 19.53 12.74
N LYS B 544 22.40 18.69 11.71
CA LYS B 544 23.06 19.11 10.48
C LYS B 544 22.14 20.03 9.68
N GLY B 545 22.71 20.67 8.66
CA GLY B 545 21.93 21.59 7.86
C GLY B 545 22.83 22.38 6.92
N THR B 546 22.34 23.56 6.53
CA THR B 546 23.08 24.46 5.64
C THR B 546 22.40 25.82 5.64
N GLY B 547 23.18 26.87 5.85
CA GLY B 547 22.65 28.21 5.85
C GLY B 547 23.67 29.21 6.36
N VAL B 548 23.18 30.40 6.69
CA VAL B 548 23.99 31.46 7.25
C VAL B 548 23.44 31.81 8.63
N LEU B 549 24.33 31.97 9.60
CA LEU B 549 23.95 32.16 11.00
C LEU B 549 24.12 33.63 11.37
N THR B 550 23.02 34.37 11.35
CA THR B 550 23.04 35.77 11.77
C THR B 550 22.93 35.85 13.28
N GLU B 551 22.65 37.03 13.82
CA GLU B 551 22.41 37.20 15.25
C GLU B 551 20.96 37.59 15.47
N SER B 552 20.39 37.09 16.55
CA SER B 552 18.96 37.25 16.83
C SER B 552 18.76 37.86 18.20
N ASN B 553 17.60 38.48 18.38
CA ASN B 553 17.26 39.16 19.64
C ASN B 553 16.04 38.56 20.32
N LYS B 554 15.55 37.41 19.85
CA LYS B 554 14.43 36.75 20.51
C LYS B 554 14.90 36.13 21.82
N LYS B 555 14.13 36.37 22.88
CA LYS B 555 14.52 35.96 24.22
C LYS B 555 14.14 34.51 24.46
N PHE B 556 15.13 33.69 24.82
CA PHE B 556 14.91 32.28 25.12
C PHE B 556 14.70 32.11 26.61
N LEU B 557 13.62 31.43 26.98
CA LEU B 557 13.42 31.08 28.38
C LEU B 557 14.48 30.07 28.81
N PRO B 558 14.83 30.05 30.10
CA PRO B 558 15.99 29.24 30.53
C PRO B 558 15.84 27.75 30.28
N PHE B 559 14.63 27.24 30.11
CA PHE B 559 14.41 25.81 29.96
C PHE B 559 14.23 25.39 28.50
N GLN B 560 14.68 26.20 27.56
CA GLN B 560 14.49 25.91 26.14
C GLN B 560 15.81 26.05 25.40
N GLN B 561 15.95 25.29 24.32
CA GLN B 561 17.15 25.39 23.50
C GLN B 561 16.85 25.61 22.02
N PHE B 562 15.80 25.01 21.47
CA PHE B 562 15.50 25.08 20.05
C PHE B 562 14.22 25.84 19.83
N GLY B 563 14.26 26.84 18.95
CA GLY B 563 13.05 27.46 18.45
C GLY B 563 12.55 26.76 17.22
N ARG B 564 11.31 27.06 16.84
CA ARG B 564 10.71 26.41 15.68
C ARG B 564 9.76 27.37 14.99
N ASP B 565 9.33 26.99 13.79
CA ASP B 565 8.42 27.80 12.99
C ASP B 565 7.19 27.00 12.58
N ILE B 566 6.38 27.55 11.68
CA ILE B 566 5.10 26.94 11.36
C ILE B 566 5.30 25.55 10.76
N ALA B 567 6.24 25.42 9.83
CA ALA B 567 6.44 24.16 9.13
C ALA B 567 7.21 23.12 9.94
N ASP B 568 7.42 23.36 11.23
CA ASP B 568 8.15 22.44 12.11
C ASP B 568 9.58 22.22 11.60
N THR B 569 10.33 23.32 11.51
CA THR B 569 11.75 23.28 11.18
C THR B 569 12.49 24.21 12.12
N THR B 570 13.61 23.74 12.66
CA THR B 570 14.40 24.55 13.58
C THR B 570 14.95 25.78 12.87
N ASP B 571 14.80 26.94 13.52
CA ASP B 571 15.29 28.18 12.94
C ASP B 571 15.89 29.12 13.97
N ALA B 572 16.24 28.61 15.16
CA ALA B 572 16.97 29.41 16.15
C ALA B 572 17.59 28.46 17.13
N VAL B 573 18.91 28.51 17.29
CA VAL B 573 19.62 27.59 18.16
C VAL B 573 20.48 28.38 19.14
N ARG B 574 20.80 27.75 20.25
CA ARG B 574 21.68 28.31 21.26
C ARG B 574 23.06 27.72 21.06
N ASP B 575 24.06 28.59 20.89
CA ASP B 575 25.41 28.12 20.71
C ASP B 575 25.83 27.31 21.93
N PRO B 576 26.27 26.07 21.78
CA PRO B 576 26.57 25.25 22.96
C PRO B 576 27.67 25.81 23.84
N GLN B 577 28.69 26.44 23.26
CA GLN B 577 29.82 26.93 24.07
C GLN B 577 29.50 28.28 24.70
N THR B 578 29.21 29.29 23.87
CA THR B 578 28.75 30.58 24.36
C THR B 578 27.27 30.45 24.70
N LEU B 579 26.59 31.57 24.89
CA LEU B 579 25.14 31.53 25.13
C LEU B 579 24.40 32.46 24.19
N GLU B 580 24.97 32.73 23.02
CA GLU B 580 24.31 33.57 22.05
C GLU B 580 23.16 32.83 21.38
N ILE B 581 22.15 33.59 20.95
CA ILE B 581 20.99 33.04 20.26
C ILE B 581 21.11 33.38 18.79
N LEU B 582 21.27 32.35 17.96
CA LEU B 582 21.52 32.52 16.53
C LEU B 582 20.22 32.43 15.74
N ASP B 583 20.36 32.43 14.42
CA ASP B 583 19.20 32.46 13.53
C ASP B 583 19.60 31.84 12.21
N ILE B 584 18.98 30.72 11.87
CA ILE B 584 19.37 29.91 10.70
C ILE B 584 18.42 30.22 9.56
N THR B 585 18.96 30.66 8.43
CA THR B 585 18.17 30.95 7.24
C THR B 585 18.88 30.40 6.00
N PRO B 586 18.13 29.94 5.00
CA PRO B 586 18.76 29.22 3.88
C PRO B 586 19.54 30.13 2.95
N CYS B 587 20.48 29.52 2.23
CA CYS B 587 21.26 30.24 1.24
C CYS B 587 20.38 30.67 0.07
N SER B 588 20.70 31.83 -0.50
CA SER B 588 19.84 32.42 -1.52
C SER B 588 19.76 31.53 -2.75
N PHE B 589 18.53 31.36 -3.26
CA PHE B 589 18.28 30.53 -4.43
C PHE B 589 17.26 31.25 -5.32
N GLY B 590 16.96 30.64 -6.46
CA GLY B 590 16.03 31.23 -7.39
C GLY B 590 16.06 30.53 -8.72
N GLY B 591 15.22 31.02 -9.63
CA GLY B 591 15.14 30.45 -10.95
C GLY B 591 16.16 31.03 -11.92
N VAL B 592 16.20 30.44 -13.11
CA VAL B 592 17.07 30.90 -14.19
C VAL B 592 16.27 30.80 -15.49
N SER B 593 16.32 31.86 -16.31
CA SER B 593 15.63 31.88 -17.59
C SER B 593 16.55 32.46 -18.64
N VAL B 594 16.63 31.80 -19.79
CA VAL B 594 17.57 32.16 -20.85
C VAL B 594 16.82 32.93 -21.92
N ILE B 595 17.15 34.21 -22.07
CA ILE B 595 16.56 35.03 -23.12
C ILE B 595 17.35 34.82 -24.40
N THR B 596 16.72 34.23 -25.40
CA THR B 596 17.43 33.93 -26.63
C THR B 596 16.64 34.38 -27.84
N PRO B 597 17.32 34.81 -28.89
CA PRO B 597 16.67 34.95 -30.20
C PRO B 597 16.70 33.61 -30.92
N GLY B 598 16.11 33.58 -32.11
CA GLY B 598 16.01 32.33 -32.84
C GLY B 598 17.38 31.73 -33.11
N THR B 599 17.43 30.39 -33.10
CA THR B 599 18.71 29.71 -33.29
C THR B 599 19.31 30.04 -34.65
N ASN B 600 18.47 30.16 -35.67
CA ASN B 600 18.93 30.52 -37.01
C ASN B 600 19.22 32.00 -37.14
N THR B 601 19.31 32.73 -36.03
CA THR B 601 19.69 34.13 -36.03
C THR B 601 21.04 34.37 -35.38
N SER B 602 21.25 33.85 -34.18
CA SER B 602 22.50 34.07 -33.47
C SER B 602 22.66 33.00 -32.40
N ASN B 603 23.78 33.07 -31.68
CA ASN B 603 24.01 32.26 -30.50
C ASN B 603 24.10 33.09 -29.23
N GLN B 604 24.32 34.41 -29.36
CA GLN B 604 24.39 35.28 -28.19
C GLN B 604 23.04 35.34 -27.49
N VAL B 605 23.05 35.21 -26.17
CA VAL B 605 21.84 35.20 -25.36
C VAL B 605 22.05 36.11 -24.15
N ALA B 606 21.01 36.20 -23.31
CA ALA B 606 21.08 36.93 -22.06
C ALA B 606 20.38 36.13 -20.97
N VAL B 607 21.06 35.91 -19.86
CA VAL B 607 20.55 35.09 -18.77
C VAL B 607 19.78 36.00 -17.82
N LEU B 608 18.63 35.52 -17.36
CA LEU B 608 17.84 36.20 -16.34
C LEU B 608 17.90 35.41 -15.03
N TYR B 609 17.92 36.13 -13.92
CA TYR B 609 17.94 35.53 -12.60
C TYR B 609 16.65 35.93 -11.88
N GLN B 610 15.74 34.97 -11.73
CA GLN B 610 14.44 35.27 -11.16
C GLN B 610 14.54 35.55 -9.67
N GLY B 611 13.96 36.68 -9.25
CA GLY B 611 13.69 36.94 -7.85
C GLY B 611 14.89 36.92 -6.93
N VAL B 612 15.98 37.58 -7.32
CA VAL B 612 17.11 37.76 -6.42
C VAL B 612 17.80 39.09 -6.70
N ASN B 613 17.81 39.97 -5.71
CA ASN B 613 18.56 41.20 -5.82
C ASN B 613 20.02 40.88 -6.04
N CYS B 614 20.64 41.51 -7.03
CA CYS B 614 21.94 41.09 -7.52
C CYS B 614 23.08 41.97 -7.03
N THR B 615 23.02 42.38 -5.77
CA THR B 615 24.20 42.90 -5.11
C THR B 615 25.12 41.78 -4.64
N GLU B 616 24.72 40.53 -4.82
CA GLU B 616 25.47 39.39 -4.31
C GLU B 616 25.96 38.42 -5.36
N VAL B 617 25.22 38.23 -6.46
CA VAL B 617 25.61 37.23 -7.46
C VAL B 617 26.82 37.67 -8.30
N PRO B 618 27.01 38.95 -8.66
CA PRO B 618 28.24 39.27 -9.39
C PRO B 618 29.49 39.15 -8.55
N VAL B 619 29.39 39.41 -7.24
CA VAL B 619 30.50 39.20 -6.32
C VAL B 619 30.70 37.72 -6.02
N ALA B 620 29.71 36.88 -6.31
CA ALA B 620 29.74 35.46 -5.98
C ALA B 620 30.58 34.64 -6.96
N ILE B 621 31.47 35.27 -7.72
CA ILE B 621 32.34 34.53 -8.61
C ILE B 621 33.45 33.91 -7.79
N HIS B 622 33.21 32.69 -7.31
CA HIS B 622 34.16 31.96 -6.49
C HIS B 622 34.21 30.52 -6.99
N ALA B 623 35.28 29.82 -6.64
CA ALA B 623 35.50 28.47 -7.13
C ALA B 623 34.36 27.54 -6.69
N ASP B 624 33.54 27.13 -7.65
CA ASP B 624 32.45 26.17 -7.43
C ASP B 624 31.51 26.64 -6.32
N GLN B 625 30.87 27.79 -6.56
CA GLN B 625 29.91 28.33 -5.61
C GLN B 625 28.49 28.43 -6.16
N LEU B 626 28.32 28.53 -7.47
CA LEU B 626 27.00 28.60 -8.09
C LEU B 626 26.73 27.31 -8.86
N THR B 627 25.48 26.83 -8.77
CA THR B 627 25.14 25.56 -9.40
C THR B 627 25.37 25.56 -10.90
N PRO B 628 24.95 26.57 -11.67
CA PRO B 628 25.41 26.64 -13.07
C PRO B 628 26.92 26.82 -13.13
N THR B 629 27.53 26.25 -14.16
CA THR B 629 28.97 26.25 -14.29
C THR B 629 29.51 27.49 -14.99
N TRP B 630 28.65 28.32 -15.57
CA TRP B 630 29.10 29.51 -16.30
C TRP B 630 29.05 30.74 -15.40
N ARG B 631 29.82 30.68 -14.30
CA ARG B 631 29.94 31.85 -13.43
C ARG B 631 30.66 32.99 -14.14
N VAL B 632 31.68 32.67 -14.94
CA VAL B 632 32.43 33.68 -15.68
C VAL B 632 31.53 34.52 -16.57
N TYR B 633 30.31 34.07 -16.83
CA TYR B 633 29.36 34.87 -17.59
C TYR B 633 28.95 36.12 -16.83
N SER B 634 29.21 36.18 -15.51
CA SER B 634 28.78 37.31 -14.70
C SER B 634 29.45 38.60 -15.15
N THR B 635 30.70 38.52 -15.59
CA THR B 635 31.41 39.71 -16.06
C THR B 635 31.01 40.05 -17.48
N GLY B 636 29.70 40.15 -17.73
CA GLY B 636 29.15 40.48 -19.03
C GLY B 636 28.79 41.94 -19.12
N SER B 637 27.65 42.22 -19.77
CA SER B 637 27.20 43.58 -19.91
C SER B 637 26.71 44.13 -18.57
N ASN B 638 26.33 45.40 -18.58
CA ASN B 638 25.87 46.05 -17.36
C ASN B 638 24.62 45.36 -16.84
N VAL B 639 24.73 44.77 -15.66
CA VAL B 639 23.58 44.13 -15.03
C VAL B 639 22.53 45.20 -14.72
N PHE B 640 21.33 45.02 -15.26
CA PHE B 640 20.26 45.99 -15.14
C PHE B 640 19.19 45.45 -14.21
N GLN B 641 18.95 46.15 -13.10
CA GLN B 641 18.00 45.69 -12.12
C GLN B 641 16.56 45.88 -12.59
N THR B 642 15.70 44.94 -12.22
CA THR B 642 14.26 45.05 -12.47
C THR B 642 13.54 44.45 -11.27
N ARG B 643 12.21 44.37 -11.36
CA ARG B 643 11.39 43.86 -10.26
C ARG B 643 11.27 42.35 -10.25
N ALA B 644 12.19 41.64 -10.89
CA ALA B 644 12.20 40.19 -10.85
C ALA B 644 13.61 39.62 -10.71
N GLY B 645 14.61 40.44 -10.45
CA GLY B 645 16.00 39.99 -10.45
C GLY B 645 16.68 40.46 -11.71
N CYS B 646 17.93 40.92 -11.61
CA CYS B 646 18.55 41.61 -12.72
C CYS B 646 19.10 40.61 -13.73
N LEU B 647 18.77 40.82 -15.00
CA LEU B 647 19.25 39.99 -16.09
C LEU B 647 20.65 40.42 -16.49
N ILE B 648 21.46 39.43 -16.87
CA ILE B 648 22.86 39.64 -17.21
C ILE B 648 23.02 39.54 -18.72
N GLY B 649 23.43 40.64 -19.34
CA GLY B 649 23.70 40.61 -20.76
C GLY B 649 22.74 41.42 -21.61
N ALA B 650 22.29 42.56 -21.10
CA ALA B 650 21.52 43.47 -21.92
C ALA B 650 21.62 44.87 -21.34
N GLU B 651 21.56 45.86 -22.22
CA GLU B 651 21.64 47.27 -21.84
C GLU B 651 20.27 47.91 -21.92
N TYR B 652 19.88 48.61 -20.85
CA TYR B 652 18.55 49.18 -20.75
C TYR B 652 18.46 50.43 -21.60
N VAL B 653 17.74 50.35 -22.70
CA VAL B 653 17.43 51.54 -23.49
C VAL B 653 16.16 52.18 -22.94
N ASN B 654 15.96 53.45 -23.25
CA ASN B 654 14.84 54.20 -22.72
C ASN B 654 13.76 54.52 -23.75
N ASN B 655 14.11 54.66 -25.03
CA ASN B 655 13.10 54.87 -26.05
C ASN B 655 12.23 53.63 -26.18
N SER B 656 10.95 53.85 -26.45
CA SER B 656 9.97 52.78 -26.46
C SER B 656 10.02 51.99 -27.78
N TYR B 657 9.73 50.70 -27.68
CA TYR B 657 9.66 49.82 -28.84
C TYR B 657 8.65 48.72 -28.55
N GLU B 658 8.17 48.09 -29.61
CA GLU B 658 7.20 47.02 -29.47
C GLU B 658 7.79 45.83 -28.71
N CYS B 659 6.94 45.13 -27.99
CA CYS B 659 7.36 43.97 -27.22
C CYS B 659 7.45 42.73 -28.12
N ASP B 660 8.53 41.97 -27.94
CA ASP B 660 8.75 40.73 -28.67
C ASP B 660 8.95 39.53 -27.76
N ILE B 661 9.23 39.73 -26.49
CA ILE B 661 9.49 38.65 -25.54
C ILE B 661 9.19 39.16 -24.14
N PRO B 662 8.11 38.70 -23.50
CA PRO B 662 7.80 39.16 -22.15
C PRO B 662 8.88 38.75 -21.15
N ILE B 663 9.12 39.62 -20.17
CA ILE B 663 10.13 39.41 -19.16
C ILE B 663 9.53 39.44 -17.75
N GLY B 664 8.76 40.49 -17.45
CA GLY B 664 8.13 40.60 -16.15
C GLY B 664 8.06 42.03 -15.63
N ALA B 665 6.88 42.43 -15.18
CA ALA B 665 6.65 43.76 -14.61
C ALA B 665 6.94 44.87 -15.63
N GLY B 666 6.30 44.77 -16.80
CA GLY B 666 6.40 45.81 -17.80
C GLY B 666 7.79 45.99 -18.39
N ILE B 667 8.43 44.88 -18.74
CA ILE B 667 9.75 44.91 -19.36
C ILE B 667 9.74 43.90 -20.50
N CYS B 668 10.18 44.32 -21.68
CA CYS B 668 10.20 43.46 -22.86
C CYS B 668 11.54 43.60 -23.57
N ALA B 669 12.15 42.47 -23.89
CA ALA B 669 13.42 42.45 -24.59
C ALA B 669 13.19 42.38 -26.10
N SER B 670 14.28 42.45 -26.86
CA SER B 670 14.22 42.36 -28.32
C SER B 670 15.64 42.27 -28.85
N TYR B 671 15.73 41.99 -30.15
CA TYR B 671 17.02 41.90 -30.86
C TYR B 671 17.07 43.06 -31.85
N GLN B 672 17.56 44.21 -31.41
CA GLN B 672 17.64 45.36 -32.29
C GLN B 672 18.77 45.20 -33.28
N THR B 673 18.69 45.93 -34.39
CA THR B 673 19.71 45.89 -35.43
C THR B 673 20.13 47.29 -35.82
N SER B 686 27.47 42.82 -35.03
CA SER B 686 27.56 44.15 -34.42
C SER B 686 26.23 44.56 -33.82
N GLN B 687 25.38 43.57 -33.53
CA GLN B 687 24.07 43.81 -32.93
C GLN B 687 23.97 43.06 -31.61
N SER B 688 23.11 43.56 -30.73
CA SER B 688 22.95 43.01 -29.39
C SER B 688 21.46 42.86 -29.09
N ILE B 689 21.18 42.46 -27.85
CA ILE B 689 19.82 42.28 -27.37
C ILE B 689 19.58 43.22 -26.19
N ILE B 690 18.49 43.98 -26.25
CA ILE B 690 18.21 45.03 -25.28
C ILE B 690 16.99 44.67 -24.44
N ALA B 691 16.66 45.51 -23.47
CA ALA B 691 15.51 45.27 -22.59
C ALA B 691 14.93 46.63 -22.21
N TYR B 692 13.76 46.94 -22.76
CA TYR B 692 13.20 48.28 -22.70
C TYR B 692 11.85 48.27 -21.98
N THR B 693 11.19 49.42 -21.99
CA THR B 693 9.84 49.55 -21.46
C THR B 693 8.83 49.14 -22.53
N MET B 694 7.83 48.37 -22.12
CA MET B 694 6.90 47.80 -23.08
C MET B 694 6.18 48.90 -23.85
N SER B 695 5.97 48.66 -25.14
CA SER B 695 5.32 49.64 -26.00
C SER B 695 3.88 49.81 -25.57
N LEU B 696 3.59 50.96 -24.98
CA LEU B 696 2.22 51.27 -24.59
C LEU B 696 1.32 51.32 -25.82
N GLY B 697 1.83 51.87 -26.90
CA GLY B 697 1.06 52.15 -28.10
C GLY B 697 1.08 53.63 -28.46
N ALA B 698 0.59 53.90 -29.65
CA ALA B 698 0.58 55.27 -30.18
C ALA B 698 -0.60 56.02 -29.56
N GLU B 699 -0.29 56.98 -28.68
CA GLU B 699 -1.32 57.74 -28.01
C GLU B 699 -2.10 58.57 -29.01
N ASN B 700 -3.42 58.62 -28.84
CA ASN B 700 -4.31 59.36 -29.72
C ASN B 700 -5.12 60.36 -28.90
N SER B 701 -5.20 61.59 -29.39
CA SER B 701 -5.95 62.66 -28.73
C SER B 701 -7.13 63.03 -29.63
N VAL B 702 -8.24 62.32 -29.44
CA VAL B 702 -9.45 62.55 -30.22
C VAL B 702 -10.32 63.56 -29.49
N ALA B 703 -10.82 64.55 -30.22
CA ALA B 703 -11.46 65.72 -29.63
C ALA B 703 -12.98 65.61 -29.71
N TYR B 704 -13.65 65.92 -28.61
CA TYR B 704 -15.09 66.06 -28.56
C TYR B 704 -15.52 67.33 -29.27
N SER B 705 -16.78 67.36 -29.70
CA SER B 705 -17.34 68.54 -30.33
C SER B 705 -18.84 68.57 -30.07
N ASN B 706 -19.51 69.55 -30.67
CA ASN B 706 -20.97 69.59 -30.70
C ASN B 706 -21.50 70.05 -32.05
N ASN B 707 -20.63 70.14 -33.07
CA ASN B 707 -21.03 70.48 -34.42
C ASN B 707 -20.30 69.62 -35.45
N SER B 708 -19.93 68.40 -35.07
CA SER B 708 -19.19 67.51 -35.95
C SER B 708 -19.63 66.08 -35.67
N ILE B 709 -20.13 65.41 -36.71
CA ILE B 709 -20.53 64.01 -36.63
C ILE B 709 -19.84 63.27 -37.76
N ALA B 710 -19.05 62.25 -37.40
CA ALA B 710 -18.18 61.58 -38.37
C ALA B 710 -18.90 60.39 -38.98
N ILE B 711 -19.73 60.68 -39.98
CA ILE B 711 -20.43 59.63 -40.72
C ILE B 711 -19.50 59.12 -41.82
N PRO B 712 -19.10 57.85 -41.78
CA PRO B 712 -18.18 57.34 -42.81
C PRO B 712 -18.80 57.35 -44.20
N THR B 713 -17.94 57.50 -45.20
CA THR B 713 -18.36 57.55 -46.60
C THR B 713 -18.11 56.26 -47.36
N ASN B 714 -17.32 55.34 -46.81
CA ASN B 714 -17.01 54.10 -47.51
C ASN B 714 -16.74 53.01 -46.49
N PHE B 715 -16.73 51.78 -46.97
CA PHE B 715 -16.59 50.62 -46.10
C PHE B 715 -15.81 49.53 -46.83
N THR B 716 -15.83 48.32 -46.28
CA THR B 716 -15.26 47.15 -46.90
C THR B 716 -16.18 45.97 -46.67
N ILE B 717 -15.76 44.81 -47.17
CA ILE B 717 -16.31 43.52 -46.74
C ILE B 717 -15.13 42.59 -46.46
N SER B 718 -14.70 42.55 -45.21
CA SER B 718 -13.50 41.80 -44.87
C SER B 718 -13.86 40.33 -44.67
N VAL B 719 -12.85 39.51 -44.42
CA VAL B 719 -13.02 38.11 -44.06
C VAL B 719 -11.96 37.75 -43.05
N THR B 720 -12.37 37.17 -41.93
CA THR B 720 -11.48 36.71 -40.88
C THR B 720 -11.37 35.19 -41.00
N THR B 721 -10.80 34.54 -40.00
CA THR B 721 -10.81 33.07 -39.95
C THR B 721 -10.66 32.65 -38.50
N GLU B 722 -11.73 32.17 -37.91
CA GLU B 722 -11.73 31.76 -36.51
C GLU B 722 -11.78 30.24 -36.41
N ILE B 723 -11.00 29.68 -35.49
CA ILE B 723 -10.77 28.25 -35.42
C ILE B 723 -11.12 27.75 -34.03
N LEU B 724 -11.78 26.60 -33.96
CA LEU B 724 -12.18 25.98 -32.71
C LEU B 724 -11.89 24.49 -32.74
N PRO B 725 -11.60 23.88 -31.61
CA PRO B 725 -11.69 22.42 -31.51
C PRO B 725 -13.12 21.99 -31.24
N VAL B 726 -13.43 20.76 -31.65
CA VAL B 726 -14.75 20.18 -31.39
C VAL B 726 -14.70 18.83 -30.71
N SER B 727 -13.61 18.06 -30.85
CA SER B 727 -13.52 16.75 -30.23
C SER B 727 -12.07 16.36 -30.16
N MET B 728 -11.69 15.62 -29.14
CA MET B 728 -10.33 15.12 -29.05
C MET B 728 -10.34 13.61 -29.26
N THR B 729 -9.15 13.07 -29.52
CA THR B 729 -9.04 11.67 -29.89
C THR B 729 -9.48 10.77 -28.75
N LYS B 730 -10.29 9.76 -29.09
CA LYS B 730 -10.74 8.80 -28.10
C LYS B 730 -9.60 7.88 -27.67
N THR B 731 -9.78 7.24 -26.52
CA THR B 731 -8.73 6.40 -25.98
C THR B 731 -9.33 5.45 -24.94
N SER B 732 -8.86 4.21 -24.95
CA SER B 732 -9.18 3.24 -23.92
C SER B 732 -7.88 2.67 -23.37
N VAL B 733 -7.97 2.06 -22.19
CA VAL B 733 -6.80 1.52 -21.51
C VAL B 733 -7.12 0.11 -21.03
N ASP B 734 -6.07 -0.71 -20.91
CA ASP B 734 -6.16 -2.04 -20.33
C ASP B 734 -5.39 -2.01 -19.01
N CYS B 735 -6.13 -2.08 -17.90
CA CYS B 735 -5.50 -1.88 -16.59
C CYS B 735 -4.46 -2.95 -16.30
N THR B 736 -4.85 -4.21 -16.41
CA THR B 736 -3.95 -5.29 -16.02
C THR B 736 -2.76 -5.37 -16.97
N MET B 737 -2.96 -5.07 -18.24
CA MET B 737 -1.84 -5.03 -19.18
C MET B 737 -0.84 -3.96 -18.77
N TYR B 738 -1.33 -2.73 -18.56
CA TYR B 738 -0.41 -1.61 -18.35
C TYR B 738 0.38 -1.75 -17.05
N ILE B 739 -0.18 -2.41 -16.05
CA ILE B 739 0.46 -2.48 -14.75
C ILE B 739 1.26 -3.77 -14.64
N CYS B 740 0.58 -4.91 -14.69
CA CYS B 740 1.26 -6.20 -14.58
C CYS B 740 1.01 -7.05 -15.81
N GLY B 741 1.12 -6.44 -17.00
CA GLY B 741 0.80 -7.18 -18.20
C GLY B 741 1.82 -8.26 -18.49
N ASP B 742 1.35 -9.33 -19.15
CA ASP B 742 2.19 -10.43 -19.58
C ASP B 742 2.89 -11.11 -18.40
N SER B 743 2.21 -11.12 -17.26
CA SER B 743 2.77 -11.73 -16.05
C SER B 743 1.59 -12.13 -15.15
N THR B 744 1.28 -13.42 -15.14
CA THR B 744 0.20 -13.92 -14.29
C THR B 744 0.57 -13.90 -12.82
N GLU B 745 1.87 -13.81 -12.49
CA GLU B 745 2.30 -13.73 -11.10
C GLU B 745 2.15 -12.32 -10.53
N CYS B 746 1.92 -11.32 -11.38
CA CYS B 746 1.67 -9.96 -10.92
C CYS B 746 0.20 -9.57 -11.00
N SER B 747 -0.57 -10.22 -11.87
CA SER B 747 -1.98 -9.87 -12.01
C SER B 747 -2.77 -10.25 -10.77
N ASN B 748 -2.39 -11.33 -10.09
CA ASN B 748 -3.17 -11.79 -8.95
C ASN B 748 -3.14 -10.78 -7.81
N LEU B 749 -2.02 -10.06 -7.66
CA LEU B 749 -1.90 -9.09 -6.56
C LEU B 749 -2.84 -7.90 -6.75
N LEU B 750 -3.10 -7.50 -7.99
CA LEU B 750 -3.82 -6.26 -8.23
C LEU B 750 -5.28 -6.33 -7.79
N LEU B 751 -5.86 -7.53 -7.73
CA LEU B 751 -7.29 -7.64 -7.41
C LEU B 751 -7.59 -7.10 -6.02
N GLN B 752 -6.66 -7.28 -5.08
CA GLN B 752 -6.92 -6.88 -3.70
C GLN B 752 -7.09 -5.37 -3.54
N TYR B 753 -6.62 -4.58 -4.51
CA TYR B 753 -6.74 -3.13 -4.37
C TYR B 753 -8.18 -2.67 -4.46
N GLY B 754 -9.03 -3.41 -5.17
CA GLY B 754 -10.45 -3.13 -5.24
C GLY B 754 -10.88 -2.77 -6.66
N SER B 755 -11.80 -1.82 -6.75
CA SER B 755 -12.39 -1.41 -8.03
C SER B 755 -11.72 -0.17 -8.60
N PHE B 756 -10.42 -0.02 -8.40
CA PHE B 756 -9.73 1.13 -8.96
C PHE B 756 -9.75 1.12 -10.48
N CYS B 757 -9.58 -0.07 -11.08
CA CYS B 757 -9.60 -0.14 -12.55
C CYS B 757 -10.97 0.21 -13.10
N THR B 758 -12.04 -0.23 -12.42
CA THR B 758 -13.38 -0.01 -12.94
C THR B 758 -13.69 1.48 -13.07
N GLN B 759 -13.28 2.27 -12.09
CA GLN B 759 -13.42 3.72 -12.21
C GLN B 759 -12.60 4.25 -13.37
N LEU B 760 -11.39 3.72 -13.55
CA LEU B 760 -10.57 4.11 -14.69
C LEU B 760 -11.23 3.73 -16.00
N LYS B 761 -11.84 2.55 -16.06
CA LYS B 761 -12.46 2.10 -17.30
C LYS B 761 -13.74 2.88 -17.59
N ARG B 762 -14.51 3.20 -16.55
CA ARG B 762 -15.77 3.90 -16.77
C ARG B 762 -15.54 5.37 -17.15
N ALA B 763 -14.63 6.04 -16.45
CA ALA B 763 -14.41 7.46 -16.71
C ALA B 763 -13.90 7.68 -18.14
N LEU B 764 -12.95 6.87 -18.58
CA LEU B 764 -12.46 6.97 -19.95
C LEU B 764 -13.51 6.57 -20.97
N THR B 765 -14.55 5.86 -20.54
CA THR B 765 -15.69 5.60 -21.42
C THR B 765 -16.58 6.83 -21.52
N GLY B 766 -16.71 7.58 -20.42
CA GLY B 766 -17.54 8.77 -20.45
C GLY B 766 -17.06 9.80 -21.46
N ILE B 767 -15.74 9.97 -21.55
CA ILE B 767 -15.19 10.84 -22.60
C ILE B 767 -15.45 10.23 -23.96
N ALA B 768 -15.38 8.91 -24.07
CA ALA B 768 -15.52 8.27 -25.38
C ALA B 768 -16.88 8.55 -26.00
N VAL B 769 -17.96 8.36 -25.22
CA VAL B 769 -19.28 8.64 -25.75
C VAL B 769 -19.48 10.14 -25.93
N GLU B 770 -18.94 10.96 -25.03
CA GLU B 770 -19.15 12.40 -25.10
C GLU B 770 -18.57 12.98 -26.38
N GLN B 771 -17.42 12.47 -26.83
CA GLN B 771 -16.82 12.97 -28.07
C GLN B 771 -17.72 12.72 -29.27
N ASP B 772 -18.53 11.67 -29.23
CA ASP B 772 -19.48 11.44 -30.32
C ASP B 772 -20.56 12.52 -30.33
N LYS B 773 -21.16 12.79 -29.17
CA LYS B 773 -22.26 13.74 -29.10
C LYS B 773 -21.83 15.15 -29.47
N ASN B 774 -20.53 15.44 -29.40
CA ASN B 774 -20.02 16.77 -29.74
C ASN B 774 -20.14 17.02 -31.23
N THR B 775 -20.51 16.00 -32.00
CA THR B 775 -20.61 16.13 -33.43
C THR B 775 -22.03 16.01 -33.96
N GLN B 776 -22.94 15.34 -33.24
CA GLN B 776 -24.33 15.38 -33.65
C GLN B 776 -25.03 16.67 -33.22
N GLU B 777 -24.35 17.57 -32.54
CA GLU B 777 -24.91 18.89 -32.26
C GLU B 777 -24.18 20.03 -32.96
N VAL B 778 -22.92 19.85 -33.32
CA VAL B 778 -22.18 20.88 -34.04
C VAL B 778 -22.45 20.81 -35.54
N PHE B 779 -22.56 19.61 -36.09
CA PHE B 779 -22.74 19.41 -37.52
C PHE B 779 -24.14 18.96 -37.91
N ALA B 780 -24.82 18.18 -37.06
CA ALA B 780 -26.07 17.54 -37.41
C ALA B 780 -27.28 18.38 -37.04
N GLN B 781 -27.15 19.71 -37.03
CA GLN B 781 -28.27 20.58 -36.71
C GLN B 781 -29.32 20.62 -37.81
N VAL B 782 -29.05 20.07 -38.98
CA VAL B 782 -30.01 20.04 -40.07
C VAL B 782 -30.65 18.66 -40.12
N LYS B 783 -31.77 18.56 -40.85
CA LYS B 783 -32.51 17.32 -40.94
C LYS B 783 -32.53 16.71 -42.33
N GLN B 784 -32.11 17.45 -43.36
CA GLN B 784 -32.07 16.94 -44.73
C GLN B 784 -30.69 17.19 -45.32
N ILE B 785 -30.17 16.19 -46.04
CA ILE B 785 -28.88 16.29 -46.70
C ILE B 785 -29.14 16.85 -48.09
N TYR B 786 -29.11 18.17 -48.21
CA TYR B 786 -29.35 18.80 -49.50
C TYR B 786 -28.17 18.57 -50.44
N LYS B 787 -28.37 18.92 -51.70
CA LYS B 787 -27.32 18.84 -52.70
C LYS B 787 -27.34 20.10 -53.54
N THR B 788 -26.15 20.59 -53.88
CA THR B 788 -26.05 21.85 -54.61
C THR B 788 -26.59 21.68 -56.02
N PRO B 789 -27.26 22.68 -56.56
CA PRO B 789 -27.81 22.58 -57.91
C PRO B 789 -26.71 22.60 -58.96
N PRO B 790 -27.00 22.13 -60.17
CA PRO B 790 -25.97 22.20 -61.23
C PRO B 790 -25.52 23.62 -61.55
N ILE B 791 -26.41 24.61 -61.40
CA ILE B 791 -26.03 26.00 -61.60
C ILE B 791 -24.96 26.38 -60.58
N LYS B 792 -24.05 27.25 -61.01
CA LYS B 792 -23.02 27.76 -60.11
C LYS B 792 -22.85 29.28 -60.20
N TYR B 793 -23.59 29.96 -61.06
CA TYR B 793 -23.51 31.41 -61.18
C TYR B 793 -24.42 32.01 -60.12
N PHE B 794 -23.86 32.37 -58.98
CA PHE B 794 -24.62 32.95 -57.88
C PHE B 794 -24.52 34.47 -57.91
N GLY B 795 -24.92 35.05 -59.04
CA GLY B 795 -24.99 36.49 -59.17
C GLY B 795 -23.66 37.19 -59.00
N GLY B 796 -22.59 36.63 -59.57
CA GLY B 796 -21.28 37.20 -59.50
C GLY B 796 -20.42 36.73 -58.35
N PHE B 797 -21.03 36.15 -57.32
CA PHE B 797 -20.25 35.59 -56.22
C PHE B 797 -19.59 34.30 -56.66
N ASN B 798 -18.37 34.07 -56.20
CA ASN B 798 -17.62 32.87 -56.55
C ASN B 798 -17.63 31.91 -55.37
N PHE B 799 -18.04 30.68 -55.63
CA PHE B 799 -18.19 29.67 -54.60
C PHE B 799 -17.33 28.44 -54.82
N SER B 800 -16.62 28.35 -55.93
CA SER B 800 -15.81 27.17 -56.22
C SER B 800 -14.80 26.89 -55.13
N GLN B 801 -14.38 27.92 -54.40
CA GLN B 801 -13.46 27.71 -53.29
C GLN B 801 -14.10 26.84 -52.21
N ILE B 802 -15.36 27.06 -51.90
CA ILE B 802 -16.04 26.36 -50.81
C ILE B 802 -16.95 25.26 -51.32
N LEU B 803 -17.73 25.52 -52.37
CA LEU B 803 -18.63 24.50 -52.86
C LEU B 803 -17.82 23.39 -53.53
N PRO B 804 -17.91 22.15 -53.06
CA PRO B 804 -16.98 21.11 -53.51
C PRO B 804 -17.14 20.78 -54.99
N ASP B 805 -16.02 20.37 -55.60
CA ASP B 805 -15.99 19.96 -57.00
C ASP B 805 -15.82 18.45 -57.05
N PRO B 806 -16.74 17.70 -57.68
CA PRO B 806 -16.66 16.24 -57.66
C PRO B 806 -15.53 15.66 -58.49
N SER B 807 -14.66 16.48 -59.08
CA SER B 807 -13.57 15.95 -59.89
C SER B 807 -12.63 15.09 -59.06
N LYS B 808 -12.26 15.57 -57.88
CA LYS B 808 -11.44 14.79 -56.98
C LYS B 808 -12.25 13.69 -56.31
N PRO B 809 -11.59 12.63 -55.84
CA PRO B 809 -12.35 11.49 -55.28
C PRO B 809 -13.28 11.86 -54.13
N SER B 810 -12.87 12.77 -53.26
CA SER B 810 -13.71 13.21 -52.16
C SER B 810 -14.44 14.49 -52.53
N LYS B 811 -15.52 14.77 -51.81
CA LYS B 811 -16.28 16.00 -52.00
C LYS B 811 -15.78 17.09 -51.07
N ARG B 812 -14.48 17.31 -51.07
CA ARG B 812 -13.83 18.25 -50.18
C ARG B 812 -13.62 19.58 -50.91
N SER B 813 -13.92 20.67 -50.20
CA SER B 813 -13.71 22.00 -50.77
C SER B 813 -12.22 22.24 -50.98
N PHE B 814 -11.91 23.11 -51.94
CA PHE B 814 -10.52 23.41 -52.24
C PHE B 814 -9.83 24.05 -51.04
N ILE B 815 -10.47 25.01 -50.41
CA ILE B 815 -9.94 25.59 -49.18
C ILE B 815 -9.90 24.56 -48.07
N GLU B 816 -10.95 23.74 -47.97
CA GLU B 816 -10.96 22.66 -47.00
C GLU B 816 -9.83 21.68 -47.27
N ASP B 817 -9.57 21.37 -48.54
CA ASP B 817 -8.54 20.39 -48.86
C ASP B 817 -7.18 20.86 -48.39
N LEU B 818 -6.84 22.13 -48.64
CA LEU B 818 -5.59 22.66 -48.10
C LEU B 818 -5.64 22.75 -46.59
N LEU B 819 -6.83 23.01 -46.02
CA LEU B 819 -6.95 23.03 -44.57
C LEU B 819 -6.65 21.66 -43.96
N PHE B 820 -7.15 20.60 -44.58
CA PHE B 820 -6.84 19.26 -44.08
C PHE B 820 -5.38 18.92 -44.30
N ASN B 821 -4.79 19.38 -45.39
CA ASN B 821 -3.42 19.00 -45.75
C ASN B 821 -2.36 19.69 -44.90
N LYS B 822 -2.70 20.73 -44.15
CA LYS B 822 -1.72 21.44 -43.35
C LYS B 822 -1.62 20.91 -41.93
N VAL B 823 -2.39 19.89 -41.57
CA VAL B 823 -2.36 19.30 -40.25
C VAL B 823 -1.92 17.84 -40.39
N THR B 824 -0.92 17.46 -39.60
CA THR B 824 -0.41 16.09 -39.60
C THR B 824 -0.87 15.38 -38.34
N LEU B 825 -1.37 14.16 -38.50
CA LEU B 825 -1.88 13.37 -37.38
C LEU B 825 -0.78 13.10 -36.36
N LEU B 846 0.20 4.58 -42.51
CA LEU B 846 1.39 3.83 -42.14
C LEU B 846 1.64 3.88 -40.64
N ILE B 847 1.42 5.06 -40.05
CA ILE B 847 1.63 5.25 -38.62
C ILE B 847 0.38 4.93 -37.80
N CYS B 848 -0.77 4.76 -38.44
CA CYS B 848 -1.99 4.44 -37.72
C CYS B 848 -1.91 3.07 -37.04
N ALA B 849 -1.32 2.09 -37.72
CA ALA B 849 -1.22 0.73 -37.21
C ALA B 849 0.05 0.50 -36.38
N GLN B 850 0.84 1.53 -36.14
CA GLN B 850 2.05 1.42 -35.33
C GLN B 850 1.80 1.71 -33.85
N LYS B 851 0.55 1.90 -33.45
CA LYS B 851 0.20 2.31 -32.09
C LYS B 851 -0.34 1.15 -31.25
N PHE B 852 0.24 -0.04 -31.38
CA PHE B 852 -0.17 -1.21 -30.61
C PHE B 852 0.61 -1.35 -29.31
N LYS B 853 1.05 -0.24 -28.72
CA LYS B 853 1.82 -0.30 -27.47
C LYS B 853 0.97 -0.70 -26.28
N GLY B 854 -0.36 -0.60 -26.40
CA GLY B 854 -1.24 -1.04 -25.33
C GLY B 854 -2.44 -0.14 -25.09
N LEU B 855 -2.34 1.11 -25.51
CA LEU B 855 -3.41 2.10 -25.37
C LEU B 855 -4.04 2.27 -26.75
N THR B 856 -5.12 1.53 -26.99
CA THR B 856 -5.78 1.59 -28.29
C THR B 856 -6.38 2.96 -28.54
N VAL B 857 -6.43 3.34 -29.80
CA VAL B 857 -7.06 4.58 -30.24
C VAL B 857 -8.32 4.19 -30.98
N LEU B 858 -9.45 4.24 -30.29
CA LEU B 858 -10.70 3.84 -30.91
C LEU B 858 -11.07 4.82 -32.03
N PRO B 859 -11.65 4.33 -33.13
CA PRO B 859 -12.02 5.21 -34.22
C PRO B 859 -13.33 5.93 -33.92
N PRO B 860 -13.57 7.08 -34.57
CA PRO B 860 -14.81 7.81 -34.31
C PRO B 860 -16.03 7.15 -34.92
N LEU B 861 -17.19 7.83 -34.85
CA LEU B 861 -18.42 7.31 -35.45
C LEU B 861 -18.71 7.95 -36.79
N LEU B 862 -18.83 9.27 -36.84
CA LEU B 862 -19.02 9.98 -38.10
C LEU B 862 -17.67 10.11 -38.80
N THR B 863 -17.46 9.33 -39.86
CA THR B 863 -16.19 9.35 -40.56
C THR B 863 -16.02 10.66 -41.32
N ASP B 864 -14.78 10.91 -41.75
CA ASP B 864 -14.44 12.19 -42.36
C ASP B 864 -15.20 12.41 -43.66
N GLU B 865 -15.34 11.37 -44.48
CA GLU B 865 -16.09 11.52 -45.72
C GLU B 865 -17.56 11.77 -45.44
N MET B 866 -18.11 11.14 -44.40
CA MET B 866 -19.47 11.46 -43.98
C MET B 866 -19.57 12.91 -43.52
N ILE B 867 -18.57 13.37 -42.75
CA ILE B 867 -18.62 14.72 -42.19
C ILE B 867 -18.64 15.75 -43.30
N ALA B 868 -17.82 15.56 -44.34
CA ALA B 868 -17.80 16.51 -45.45
C ALA B 868 -19.14 16.58 -46.16
N GLN B 869 -19.91 15.50 -46.15
CA GLN B 869 -21.24 15.53 -46.75
C GLN B 869 -22.15 16.51 -45.99
N TYR B 870 -22.06 16.52 -44.66
CA TYR B 870 -22.87 17.42 -43.87
C TYR B 870 -22.57 18.87 -44.20
N THR B 871 -21.28 19.21 -44.35
CA THR B 871 -20.89 20.59 -44.58
C THR B 871 -21.49 21.13 -45.88
N SER B 872 -21.48 20.33 -46.95
CA SER B 872 -22.08 20.78 -48.20
C SER B 872 -23.58 21.05 -48.03
N ALA B 873 -24.23 20.27 -47.17
CA ALA B 873 -25.64 20.53 -46.88
C ALA B 873 -25.83 21.89 -46.23
N LEU B 874 -24.94 22.25 -45.30
CA LEU B 874 -25.04 23.56 -44.65
C LEU B 874 -24.91 24.68 -45.68
N LEU B 875 -23.97 24.55 -46.61
CA LEU B 875 -23.80 25.58 -47.62
C LEU B 875 -24.93 25.60 -48.65
N ALA B 876 -25.81 24.61 -48.64
CA ALA B 876 -26.88 24.55 -49.64
C ALA B 876 -28.13 25.33 -49.26
N GLY B 877 -28.44 25.40 -47.96
CA GLY B 877 -29.61 26.13 -47.51
C GLY B 877 -29.28 27.52 -47.02
N THR B 878 -27.98 27.81 -46.88
CA THR B 878 -27.51 29.13 -46.49
C THR B 878 -27.22 30.05 -47.67
N ILE B 879 -27.36 29.55 -48.90
CA ILE B 879 -27.10 30.37 -50.08
C ILE B 879 -28.33 30.58 -50.94
N THR B 880 -29.38 29.78 -50.79
CA THR B 880 -30.65 30.06 -51.46
C THR B 880 -31.75 30.37 -50.46
N SER B 881 -32.03 29.46 -49.53
CA SER B 881 -33.01 29.74 -48.50
C SER B 881 -32.49 30.76 -47.49
N GLY B 882 -31.26 30.58 -47.05
CA GLY B 882 -30.63 31.53 -46.12
C GLY B 882 -30.82 31.08 -44.68
N TRP B 883 -31.39 31.96 -43.86
CA TRP B 883 -31.62 31.66 -42.46
C TRP B 883 -32.88 30.85 -42.22
N THR B 884 -33.70 30.65 -43.25
CA THR B 884 -35.03 30.12 -43.06
C THR B 884 -35.05 28.63 -42.72
N PHE B 885 -33.98 27.89 -43.03
CA PHE B 885 -34.09 26.44 -42.89
C PHE B 885 -33.78 25.97 -41.48
N GLY B 886 -33.36 26.86 -40.58
CA GLY B 886 -33.19 26.47 -39.20
C GLY B 886 -34.48 26.33 -38.42
N ALA B 887 -35.60 26.67 -39.04
CA ALA B 887 -36.91 26.61 -38.41
C ALA B 887 -37.82 25.56 -39.05
N GLY B 888 -37.43 24.99 -40.18
CA GLY B 888 -38.30 24.06 -40.88
C GLY B 888 -38.06 23.98 -42.37
N ALA B 889 -39.09 24.24 -43.17
CA ALA B 889 -39.00 24.12 -44.61
C ALA B 889 -38.13 25.23 -45.19
N ALA B 890 -37.17 24.85 -46.02
CA ALA B 890 -36.30 25.81 -46.69
C ALA B 890 -36.97 26.33 -47.94
N LEU B 891 -36.94 27.65 -48.12
CA LEU B 891 -37.66 28.32 -49.20
C LEU B 891 -36.68 28.77 -50.28
N GLN B 892 -36.99 28.45 -51.53
CA GLN B 892 -36.13 28.83 -52.63
C GLN B 892 -36.15 30.34 -52.82
N ILE B 893 -34.97 30.96 -52.76
CA ILE B 893 -34.81 32.40 -52.94
C ILE B 893 -33.43 32.64 -53.55
N PRO B 894 -33.29 33.52 -54.54
CA PRO B 894 -31.96 33.78 -55.10
C PRO B 894 -31.03 34.42 -54.08
N PHE B 895 -29.73 34.19 -54.28
CA PHE B 895 -28.72 34.64 -53.33
C PHE B 895 -28.70 36.16 -53.20
N ALA B 896 -28.79 36.87 -54.34
CA ALA B 896 -28.73 38.32 -54.30
C ALA B 896 -29.82 38.90 -53.42
N MET B 897 -30.93 38.19 -53.26
CA MET B 897 -31.93 38.57 -52.26
C MET B 897 -31.38 38.40 -50.84
N GLN B 898 -30.65 37.31 -50.59
CA GLN B 898 -30.33 36.95 -49.22
C GLN B 898 -29.50 38.03 -48.51
N MET B 899 -28.27 38.27 -48.97
CA MET B 899 -27.44 39.24 -48.25
C MET B 899 -27.97 40.66 -48.39
N ALA B 900 -28.83 40.91 -49.38
CA ALA B 900 -29.52 42.20 -49.45
C ALA B 900 -30.41 42.39 -48.25
N TYR B 901 -30.88 41.29 -47.65
CA TYR B 901 -31.60 41.38 -46.39
C TYR B 901 -30.66 41.59 -45.20
N ARG B 902 -29.45 41.03 -45.25
CA ARG B 902 -28.49 41.29 -44.18
C ARG B 902 -28.03 42.74 -44.14
N PHE B 903 -28.13 43.47 -45.27
CA PHE B 903 -27.99 44.92 -45.20
C PHE B 903 -29.09 45.53 -44.34
N ASN B 904 -30.31 45.03 -44.45
CA ASN B 904 -31.38 45.48 -43.57
C ASN B 904 -31.11 45.11 -42.11
N GLY B 905 -30.16 44.22 -41.86
CA GLY B 905 -29.75 43.84 -40.53
C GLY B 905 -28.63 44.65 -39.92
N ILE B 906 -28.22 45.76 -40.54
CA ILE B 906 -27.21 46.63 -39.95
C ILE B 906 -27.72 48.07 -39.93
N GLY B 907 -28.66 48.40 -40.82
CA GLY B 907 -29.25 49.71 -40.80
C GLY B 907 -29.36 50.42 -42.13
N VAL B 908 -29.04 49.74 -43.22
CA VAL B 908 -29.14 50.31 -44.57
C VAL B 908 -29.98 49.39 -45.42
N THR B 909 -30.90 49.97 -46.20
CA THR B 909 -31.80 49.16 -47.01
C THR B 909 -31.05 48.61 -48.22
N GLN B 910 -31.80 48.07 -49.18
CA GLN B 910 -31.22 47.44 -50.36
C GLN B 910 -30.50 48.45 -51.25
N ASN B 911 -30.70 49.75 -50.97
CA ASN B 911 -30.13 50.78 -51.82
C ASN B 911 -28.61 50.68 -51.88
N VAL B 912 -27.97 50.17 -50.83
CA VAL B 912 -26.51 50.05 -50.86
C VAL B 912 -26.08 49.00 -51.88
N LEU B 913 -26.75 47.84 -51.89
CA LEU B 913 -26.31 46.72 -52.69
C LEU B 913 -26.61 46.88 -54.18
N TYR B 914 -27.89 46.94 -54.54
CA TYR B 914 -28.28 46.90 -55.95
C TYR B 914 -27.77 48.10 -56.71
N GLU B 915 -27.66 49.25 -56.04
CA GLU B 915 -27.03 50.40 -56.68
C GLU B 915 -25.55 50.20 -56.90
N ASN B 916 -24.95 49.16 -56.28
CA ASN B 916 -23.54 48.86 -56.50
C ASN B 916 -23.31 47.36 -56.58
N GLN B 917 -24.27 46.60 -57.12
CA GLN B 917 -24.18 45.16 -57.09
C GLN B 917 -22.95 44.63 -57.81
N LYS B 918 -22.63 45.24 -58.96
CA LYS B 918 -21.48 44.77 -59.74
C LYS B 918 -20.19 44.83 -58.94
N LEU B 919 -19.90 45.99 -58.34
CA LEU B 919 -18.67 46.14 -57.57
C LEU B 919 -18.75 45.43 -56.22
N ILE B 920 -19.88 45.60 -55.51
CA ILE B 920 -19.98 45.07 -54.15
C ILE B 920 -19.85 43.55 -54.16
N ALA B 921 -20.57 42.89 -55.07
CA ALA B 921 -20.47 41.44 -55.18
C ALA B 921 -19.13 41.00 -55.72
N ASN B 922 -18.41 41.88 -56.40
CA ASN B 922 -17.09 41.51 -56.92
C ASN B 922 -16.03 41.50 -55.83
N GLN B 923 -16.17 42.36 -54.81
CA GLN B 923 -15.15 42.42 -53.77
C GLN B 923 -15.09 41.12 -52.98
N PHE B 924 -16.24 40.54 -52.65
CA PHE B 924 -16.22 39.27 -51.93
C PHE B 924 -15.55 38.18 -52.76
N ASN B 925 -15.64 38.27 -54.08
CA ASN B 925 -14.92 37.33 -54.93
C ASN B 925 -13.41 37.44 -54.72
N SER B 926 -12.90 38.66 -54.63
CA SER B 926 -11.46 38.84 -54.41
C SER B 926 -11.07 38.59 -52.97
N ALA B 927 -11.97 38.87 -52.02
CA ALA B 927 -11.64 38.68 -50.60
C ALA B 927 -11.37 37.22 -50.29
N ILE B 928 -11.97 36.30 -51.04
CA ILE B 928 -11.77 34.88 -50.79
C ILE B 928 -10.42 34.39 -51.30
N GLY B 929 -9.81 35.09 -52.26
CA GLY B 929 -8.58 34.61 -52.85
C GLY B 929 -7.42 34.61 -51.88
N LYS B 930 -7.25 35.69 -51.13
CA LYS B 930 -6.13 35.82 -50.22
C LYS B 930 -6.21 34.86 -49.04
N ILE B 931 -7.36 34.21 -48.85
CA ILE B 931 -7.51 33.29 -47.73
C ILE B 931 -6.55 32.12 -47.87
N GLN B 932 -6.33 31.66 -49.11
CA GLN B 932 -5.44 30.52 -49.32
C GLN B 932 -4.02 30.85 -48.86
N ASP B 933 -3.54 32.05 -49.16
CA ASP B 933 -2.18 32.43 -48.76
C ASP B 933 -2.09 32.66 -47.26
N SER B 934 -3.12 33.27 -46.66
CA SER B 934 -3.08 33.57 -45.23
C SER B 934 -2.94 32.29 -44.41
N LEU B 935 -3.73 31.27 -44.74
CA LEU B 935 -3.58 29.98 -44.05
C LEU B 935 -2.22 29.37 -44.34
N SER B 936 -1.65 29.64 -45.52
CA SER B 936 -0.36 29.11 -45.90
C SER B 936 0.78 30.11 -45.71
N SER B 937 0.51 31.24 -45.06
CA SER B 937 1.58 32.20 -44.80
C SER B 937 2.63 31.61 -43.86
N THR B 938 2.19 30.88 -42.85
CA THR B 938 3.10 30.27 -41.89
C THR B 938 2.51 28.95 -41.42
N ALA B 939 3.27 28.23 -40.61
CA ALA B 939 2.79 27.00 -40.00
C ALA B 939 2.13 27.22 -38.65
N SER B 940 2.18 28.44 -38.12
CA SER B 940 1.63 28.75 -36.80
C SER B 940 0.21 29.29 -36.86
N ALA B 941 -0.37 29.45 -38.06
CA ALA B 941 -1.75 29.92 -38.16
C ALA B 941 -2.72 28.91 -37.57
N LEU B 942 -2.47 27.62 -37.79
CA LEU B 942 -3.37 26.56 -37.35
C LEU B 942 -3.03 26.04 -35.96
N GLY B 943 -2.45 26.88 -35.11
CA GLY B 943 -1.99 26.41 -33.80
C GLY B 943 -3.11 25.97 -32.87
N LYS B 944 -4.33 26.43 -33.11
CA LYS B 944 -5.43 26.10 -32.20
C LYS B 944 -5.80 24.62 -32.28
N LEU B 945 -5.85 24.05 -33.47
CA LEU B 945 -6.08 22.61 -33.61
C LEU B 945 -4.83 21.81 -33.29
N GLN B 946 -3.65 22.37 -33.55
CA GLN B 946 -2.41 21.64 -33.32
C GLN B 946 -2.23 21.26 -31.86
N ASP B 947 -2.58 22.17 -30.95
CA ASP B 947 -2.41 21.89 -29.53
C ASP B 947 -3.25 20.71 -29.09
N VAL B 948 -4.49 20.61 -29.59
CA VAL B 948 -5.37 19.51 -29.22
C VAL B 948 -4.76 18.18 -29.64
N VAL B 949 -4.22 18.11 -30.87
CA VAL B 949 -3.63 16.86 -31.32
C VAL B 949 -2.24 16.66 -30.71
N ASN B 950 -1.53 17.74 -30.41
CA ASN B 950 -0.22 17.60 -29.80
C ASN B 950 -0.32 17.23 -28.33
N HIS B 951 -1.23 17.86 -27.59
CA HIS B 951 -1.30 17.62 -26.16
C HIS B 951 -1.63 16.17 -25.86
N ASN B 952 -2.60 15.61 -26.58
CA ASN B 952 -2.91 14.19 -26.39
C ASN B 952 -1.74 13.32 -26.83
N ALA B 953 -1.10 13.66 -27.95
CA ALA B 953 0.05 12.89 -28.40
C ALA B 953 1.19 12.98 -27.39
N GLN B 954 1.42 14.16 -26.83
CA GLN B 954 2.45 14.30 -25.79
C GLN B 954 2.05 13.56 -24.53
N ALA B 955 0.77 13.61 -24.16
CA ALA B 955 0.32 12.93 -22.95
C ALA B 955 0.53 11.43 -23.06
N LEU B 956 0.26 10.85 -24.23
CA LEU B 956 0.53 9.44 -24.44
C LEU B 956 2.01 9.13 -24.28
N ASN B 957 2.87 9.99 -24.84
CA ASN B 957 4.30 9.74 -24.81
C ASN B 957 4.84 9.69 -23.39
N THR B 958 4.41 10.62 -22.54
CA THR B 958 4.85 10.59 -21.15
C THR B 958 4.30 9.38 -20.41
N LEU B 959 3.17 8.83 -20.87
CA LEU B 959 2.60 7.67 -20.18
C LEU B 959 3.45 6.42 -20.42
N VAL B 960 3.82 6.17 -21.69
CA VAL B 960 4.59 4.97 -22.00
C VAL B 960 6.01 5.10 -21.47
N LYS B 961 6.61 6.29 -21.58
CA LYS B 961 7.99 6.46 -21.12
C LYS B 961 8.10 6.30 -19.61
N GLN B 962 7.09 6.72 -18.86
CA GLN B 962 7.15 6.62 -17.41
C GLN B 962 7.13 5.19 -16.92
N LEU B 963 6.81 4.23 -17.80
CA LEU B 963 6.85 2.83 -17.40
C LEU B 963 8.28 2.35 -17.16
N SER B 964 9.27 2.99 -17.78
CA SER B 964 10.66 2.56 -17.67
C SER B 964 11.31 2.98 -16.36
N SER B 965 10.63 3.78 -15.54
CA SER B 965 11.21 4.22 -14.28
C SER B 965 11.18 3.09 -13.25
N LYS B 966 11.82 3.34 -12.12
CA LYS B 966 11.91 2.33 -11.06
C LYS B 966 11.06 2.63 -9.84
N PHE B 967 10.77 3.89 -9.55
CA PHE B 967 9.98 4.28 -8.38
C PHE B 967 10.58 3.71 -7.11
N GLY B 968 11.91 3.72 -7.02
CA GLY B 968 12.60 3.22 -5.85
C GLY B 968 12.77 1.72 -5.80
N ALA B 969 12.29 0.99 -6.81
CA ALA B 969 12.47 -0.45 -6.85
C ALA B 969 13.81 -0.80 -7.48
N ILE B 970 14.15 -2.09 -7.41
CA ILE B 970 15.47 -2.53 -7.85
C ILE B 970 15.61 -2.40 -9.37
N SER B 971 14.55 -2.66 -10.12
CA SER B 971 14.63 -2.55 -11.57
C SER B 971 13.23 -2.40 -12.14
N SER B 972 13.16 -1.92 -13.37
CA SER B 972 11.91 -1.67 -14.05
C SER B 972 11.36 -2.89 -14.79
N VAL B 973 12.16 -3.95 -14.92
CA VAL B 973 11.71 -5.18 -15.57
C VAL B 973 11.01 -6.06 -14.53
N LEU B 974 9.77 -6.45 -14.82
CA LEU B 974 8.94 -7.09 -13.82
C LEU B 974 9.41 -8.50 -13.52
N ASN B 975 9.76 -9.27 -14.54
CA ASN B 975 10.02 -10.70 -14.35
C ASN B 975 11.37 -10.94 -13.68
N ASP B 976 12.36 -10.10 -13.97
CA ASP B 976 13.70 -10.33 -13.44
C ASP B 976 13.78 -10.12 -11.93
N ILE B 977 12.82 -9.41 -11.34
CA ILE B 977 12.79 -9.28 -9.89
C ILE B 977 12.56 -10.64 -9.25
N PHE B 978 11.64 -11.43 -9.80
CA PHE B 978 11.35 -12.75 -9.25
C PHE B 978 12.54 -13.68 -9.39
N SER B 979 13.22 -13.64 -10.54
CA SER B 979 14.31 -14.57 -10.82
C SER B 979 15.54 -14.31 -9.96
N ARG B 980 15.60 -13.18 -9.26
CA ARG B 980 16.76 -12.86 -8.43
C ARG B 980 16.45 -12.84 -6.95
N LEU B 981 15.27 -12.37 -6.56
CA LEU B 981 14.90 -12.21 -5.17
C LEU B 981 13.67 -13.07 -4.90
N ASP B 982 13.65 -13.74 -3.75
CA ASP B 982 12.66 -14.78 -3.49
C ASP B 982 11.29 -14.20 -3.21
N LYS B 983 10.29 -15.09 -3.19
CA LYS B 983 8.90 -14.69 -3.05
C LYS B 983 8.55 -14.19 -1.65
N VAL B 984 9.36 -14.49 -0.64
CA VAL B 984 8.96 -14.19 0.73
C VAL B 984 8.89 -12.68 0.95
N GLU B 985 9.79 -11.93 0.34
CA GLU B 985 9.84 -10.49 0.53
C GLU B 985 9.64 -9.69 -0.75
N ALA B 986 9.58 -10.34 -1.91
CA ALA B 986 9.38 -9.63 -3.18
C ALA B 986 8.01 -8.98 -3.27
N GLU B 987 7.07 -9.32 -2.39
CA GLU B 987 5.73 -8.72 -2.45
C GLU B 987 5.79 -7.23 -2.14
N VAL B 988 6.43 -6.84 -1.04
CA VAL B 988 6.58 -5.42 -0.76
C VAL B 988 7.50 -4.76 -1.77
N GLN B 989 8.52 -5.49 -2.22
CA GLN B 989 9.42 -4.95 -3.24
C GLN B 989 8.67 -4.68 -4.53
N ILE B 990 7.77 -5.58 -4.93
CA ILE B 990 6.99 -5.36 -6.13
C ILE B 990 5.82 -4.42 -5.86
N ASP B 991 5.40 -4.30 -4.60
CA ASP B 991 4.33 -3.36 -4.28
C ASP B 991 4.80 -1.91 -4.45
N ARG B 992 6.08 -1.65 -4.23
CA ARG B 992 6.62 -0.32 -4.47
C ARG B 992 6.59 0.04 -5.95
N LEU B 993 6.52 -0.95 -6.84
CA LEU B 993 6.51 -0.69 -8.27
C LEU B 993 5.10 -0.65 -8.84
N ILE B 994 4.16 -1.41 -8.28
CA ILE B 994 2.79 -1.35 -8.76
C ILE B 994 2.16 0.00 -8.42
N THR B 995 2.46 0.53 -7.24
CA THR B 995 1.94 1.84 -6.88
C THR B 995 2.54 2.95 -7.72
N GLY B 996 3.74 2.73 -8.28
CA GLY B 996 4.33 3.74 -9.14
C GLY B 996 3.54 3.94 -10.42
N ARG B 997 3.10 2.84 -11.04
CA ARG B 997 2.32 2.94 -12.27
C ARG B 997 0.88 3.38 -11.99
N LEU B 998 0.28 2.86 -10.91
CA LEU B 998 -1.11 3.17 -10.62
C LEU B 998 -1.29 4.66 -10.38
N GLN B 999 -0.32 5.31 -9.75
CA GLN B 999 -0.40 6.74 -9.54
C GLN B 999 -0.30 7.51 -10.86
N SER B 1000 0.38 6.94 -11.86
CA SER B 1000 0.52 7.62 -13.15
C SER B 1000 -0.75 7.54 -13.99
N LEU B 1001 -1.46 6.42 -13.96
CA LEU B 1001 -2.74 6.34 -14.66
C LEU B 1001 -3.73 7.35 -14.09
N GLN B 1002 -3.83 7.43 -12.77
CA GLN B 1002 -4.77 8.35 -12.15
C GLN B 1002 -4.46 9.79 -12.50
N THR B 1003 -3.19 10.10 -12.81
CA THR B 1003 -2.86 11.42 -13.29
C THR B 1003 -3.29 11.63 -14.73
N TYR B 1004 -3.09 10.62 -15.58
CA TYR B 1004 -3.41 10.78 -16.99
C TYR B 1004 -4.91 10.93 -17.21
N VAL B 1005 -5.72 10.13 -16.52
CA VAL B 1005 -7.16 10.21 -16.69
C VAL B 1005 -7.68 11.53 -16.13
N THR B 1006 -7.11 12.00 -15.03
CA THR B 1006 -7.56 13.26 -14.45
C THR B 1006 -7.34 14.42 -15.42
N GLN B 1007 -6.18 14.46 -16.07
CA GLN B 1007 -5.92 15.53 -17.03
C GLN B 1007 -6.87 15.47 -18.21
N GLN B 1008 -7.39 14.28 -18.52
CA GLN B 1008 -8.40 14.18 -19.58
C GLN B 1008 -9.71 14.80 -19.14
N LEU B 1009 -10.13 14.55 -17.90
CA LEU B 1009 -11.40 15.11 -17.42
C LEU B 1009 -11.35 16.63 -17.40
N ILE B 1010 -10.21 17.21 -17.02
CA ILE B 1010 -10.05 18.66 -17.11
C ILE B 1010 -10.08 19.11 -18.56
N ARG B 1011 -9.33 18.42 -19.43
CA ARG B 1011 -9.27 18.80 -20.83
C ARG B 1011 -10.62 18.65 -21.50
N ALA B 1012 -11.28 17.51 -21.28
CA ALA B 1012 -12.55 17.22 -21.96
C ALA B 1012 -13.61 18.27 -21.65
N ALA B 1013 -13.49 18.98 -20.54
CA ALA B 1013 -14.41 20.09 -20.30
C ALA B 1013 -14.11 21.28 -21.19
N GLU B 1014 -12.82 21.52 -21.48
CA GLU B 1014 -12.47 22.65 -22.32
C GLU B 1014 -13.00 22.49 -23.74
N ILE B 1015 -12.89 21.28 -24.30
CA ILE B 1015 -13.49 21.02 -25.61
C ILE B 1015 -15.00 21.15 -25.54
N ARG B 1016 -15.60 20.61 -24.48
CA ARG B 1016 -17.04 20.77 -24.27
C ARG B 1016 -17.43 22.23 -24.17
N ALA B 1017 -16.57 23.06 -23.59
CA ALA B 1017 -16.81 24.50 -23.61
C ALA B 1017 -16.75 25.05 -25.02
N SER B 1018 -15.80 24.57 -25.82
CA SER B 1018 -15.66 25.01 -27.21
C SER B 1018 -16.53 24.23 -28.18
N ALA B 1019 -17.18 23.16 -27.73
CA ALA B 1019 -18.18 22.49 -28.55
C ALA B 1019 -19.54 23.16 -28.46
N ASN B 1020 -19.68 24.17 -27.59
CA ASN B 1020 -20.90 24.94 -27.48
C ASN B 1020 -20.74 26.38 -27.95
N LEU B 1021 -19.50 26.86 -28.10
CA LEU B 1021 -19.24 28.12 -28.78
C LEU B 1021 -19.14 27.94 -30.29
N ALA B 1022 -19.30 26.70 -30.76
CA ALA B 1022 -19.45 26.39 -32.18
C ALA B 1022 -20.86 25.97 -32.53
N ALA B 1023 -21.54 25.27 -31.62
CA ALA B 1023 -22.94 24.95 -31.82
C ALA B 1023 -23.83 26.18 -31.75
N THR B 1024 -23.30 27.31 -31.30
CA THR B 1024 -24.05 28.56 -31.27
C THR B 1024 -23.80 29.38 -32.53
N LYS B 1025 -22.55 29.45 -33.00
CA LYS B 1025 -22.26 30.15 -34.24
C LYS B 1025 -22.81 29.40 -35.43
N MET B 1026 -23.00 28.08 -35.30
CA MET B 1026 -23.80 27.30 -36.24
C MET B 1026 -25.28 27.61 -36.13
N SER B 1027 -25.69 28.38 -35.13
CA SER B 1027 -27.09 28.69 -34.93
C SER B 1027 -27.41 30.17 -35.04
N GLU B 1028 -26.44 31.06 -34.92
CA GLU B 1028 -26.67 32.49 -35.10
C GLU B 1028 -25.88 33.07 -36.27
N CYS B 1029 -24.58 32.80 -36.34
CA CYS B 1029 -23.75 33.32 -37.41
C CYS B 1029 -24.10 32.71 -38.75
N VAL B 1030 -24.68 31.52 -38.77
CA VAL B 1030 -24.97 30.82 -40.01
C VAL B 1030 -26.47 30.84 -40.36
N LEU B 1031 -27.34 30.82 -39.36
CA LEU B 1031 -28.78 30.81 -39.58
C LEU B 1031 -29.41 32.15 -39.23
N GLY B 1032 -28.71 33.24 -39.52
CA GLY B 1032 -29.17 34.57 -39.23
C GLY B 1032 -28.01 35.55 -39.26
N GLN B 1033 -28.18 36.66 -38.53
CA GLN B 1033 -27.10 37.62 -38.31
C GLN B 1033 -27.13 37.96 -36.83
N SER B 1034 -26.24 37.36 -36.05
CA SER B 1034 -26.27 37.55 -34.61
C SER B 1034 -25.97 38.99 -34.24
N LYS B 1035 -26.74 39.51 -33.30
CA LYS B 1035 -26.57 40.88 -32.84
C LYS B 1035 -25.62 41.00 -31.65
N ARG B 1036 -25.02 39.89 -31.21
CA ARG B 1036 -24.00 39.97 -30.19
C ARG B 1036 -22.74 40.55 -30.79
N VAL B 1037 -22.56 41.86 -30.71
CA VAL B 1037 -21.42 42.49 -31.37
C VAL B 1037 -20.12 41.94 -30.81
N ASP B 1038 -19.18 41.65 -31.72
CA ASP B 1038 -17.95 40.91 -31.42
C ASP B 1038 -18.25 39.45 -31.08
N PHE B 1039 -19.22 38.86 -31.78
CA PHE B 1039 -19.40 37.41 -31.75
C PHE B 1039 -19.19 36.78 -33.11
N CYS B 1040 -19.96 37.18 -34.13
CA CYS B 1040 -19.79 36.66 -35.48
C CYS B 1040 -18.79 37.45 -36.27
N GLY B 1041 -17.85 38.11 -35.60
CA GLY B 1041 -16.76 38.76 -36.30
C GLY B 1041 -16.57 40.22 -35.92
N LYS B 1042 -15.36 40.71 -36.15
CA LYS B 1042 -15.02 42.09 -35.81
C LYS B 1042 -15.77 43.05 -36.71
N GLY B 1043 -16.94 43.52 -36.25
CA GLY B 1043 -17.71 44.48 -37.00
C GLY B 1043 -19.16 44.08 -37.06
N TYR B 1044 -19.87 44.67 -38.01
CA TYR B 1044 -21.31 44.41 -38.17
C TYR B 1044 -21.46 43.18 -39.06
N HIS B 1045 -21.90 42.08 -38.47
CA HIS B 1045 -21.80 40.79 -39.13
C HIS B 1045 -22.62 40.75 -40.42
N LEU B 1046 -22.18 39.89 -41.34
CA LEU B 1046 -22.97 39.57 -42.53
C LEU B 1046 -23.41 38.12 -42.57
N MET B 1047 -22.49 37.16 -42.55
CA MET B 1047 -22.85 35.76 -42.78
C MET B 1047 -21.69 34.89 -42.29
N SER B 1048 -21.79 33.59 -42.54
CA SER B 1048 -20.72 32.70 -42.10
C SER B 1048 -20.78 31.40 -42.88
N PHE B 1049 -19.60 30.84 -43.15
CA PHE B 1049 -19.46 29.61 -43.93
C PHE B 1049 -18.61 28.62 -43.16
N PRO B 1050 -19.17 27.52 -42.65
CA PRO B 1050 -18.36 26.56 -41.92
C PRO B 1050 -17.47 25.76 -42.86
N GLN B 1051 -16.40 25.21 -42.29
CA GLN B 1051 -15.57 24.22 -42.96
C GLN B 1051 -15.16 23.18 -41.94
N SER B 1052 -14.89 21.97 -42.41
CA SER B 1052 -14.47 20.91 -41.52
C SER B 1052 -12.98 21.03 -41.23
N ALA B 1053 -12.48 20.13 -40.39
CA ALA B 1053 -11.08 20.11 -40.01
C ALA B 1053 -10.79 18.85 -39.20
N PRO B 1054 -9.54 18.47 -39.01
CA PRO B 1054 -9.25 17.32 -38.14
C PRO B 1054 -9.44 17.66 -36.67
N HIS B 1055 -10.49 17.11 -36.05
CA HIS B 1055 -10.77 17.35 -34.64
C HIS B 1055 -10.94 18.84 -34.36
N GLY B 1056 -11.95 19.42 -35.00
CA GLY B 1056 -12.21 20.83 -34.82
C GLY B 1056 -13.17 21.34 -35.87
N VAL B 1057 -13.15 22.65 -36.06
CA VAL B 1057 -13.97 23.29 -37.10
C VAL B 1057 -13.33 24.63 -37.39
N VAL B 1058 -13.53 25.12 -38.60
CA VAL B 1058 -13.00 26.41 -39.02
C VAL B 1058 -14.14 27.20 -39.65
N PHE B 1059 -14.30 28.44 -39.23
CA PHE B 1059 -15.34 29.32 -39.75
C PHE B 1059 -14.70 30.40 -40.60
N LEU B 1060 -15.52 30.99 -41.48
CA LEU B 1060 -15.10 32.11 -42.31
C LEU B 1060 -16.04 33.27 -41.99
N HIS B 1061 -15.73 33.99 -40.92
CA HIS B 1061 -16.65 34.98 -40.42
C HIS B 1061 -16.57 36.25 -41.26
N VAL B 1062 -17.40 36.33 -42.29
CA VAL B 1062 -17.38 37.47 -43.21
C VAL B 1062 -18.00 38.69 -42.54
N THR B 1063 -17.16 39.60 -42.08
CA THR B 1063 -17.59 40.74 -41.28
C THR B 1063 -17.84 41.95 -42.18
N TYR B 1064 -17.92 43.13 -41.57
CA TYR B 1064 -18.14 44.40 -42.27
C TYR B 1064 -17.45 45.50 -41.48
N VAL B 1065 -16.55 46.24 -42.13
CA VAL B 1065 -15.78 47.29 -41.47
C VAL B 1065 -15.77 48.56 -42.31
N PRO B 1066 -16.11 49.73 -41.75
CA PRO B 1066 -16.13 50.95 -42.55
C PRO B 1066 -14.75 51.45 -42.92
N ALA B 1067 -14.68 52.13 -44.05
CA ALA B 1067 -13.48 52.73 -44.62
C ALA B 1067 -13.37 54.19 -44.18
N GLN B 1068 -12.54 54.97 -44.89
CA GLN B 1068 -12.31 56.37 -44.57
C GLN B 1068 -13.63 57.12 -44.38
N GLU B 1069 -13.56 58.19 -43.58
CA GLU B 1069 -14.74 58.89 -43.10
C GLU B 1069 -14.68 60.38 -43.39
N LYS B 1070 -15.84 61.02 -43.33
CA LYS B 1070 -15.96 62.45 -43.45
C LYS B 1070 -17.02 62.96 -42.48
N ASN B 1071 -16.70 64.04 -41.78
CA ASN B 1071 -17.59 64.64 -40.79
C ASN B 1071 -18.21 65.92 -41.35
N PHE B 1072 -19.31 66.33 -40.74
CA PHE B 1072 -20.02 67.52 -41.21
C PHE B 1072 -20.80 68.14 -40.05
N THR B 1073 -21.67 69.08 -40.39
CA THR B 1073 -22.44 69.85 -39.42
C THR B 1073 -23.71 69.11 -39.02
N THR B 1074 -24.37 69.64 -38.00
CA THR B 1074 -25.49 68.95 -37.38
C THR B 1074 -26.39 69.94 -36.67
N ALA B 1075 -27.54 69.44 -36.24
CA ALA B 1075 -28.50 70.14 -35.39
C ALA B 1075 -29.39 69.12 -34.71
N PRO B 1076 -29.39 69.03 -33.37
CA PRO B 1076 -30.12 67.95 -32.70
C PRO B 1076 -31.63 68.01 -32.90
N ALA B 1077 -32.09 69.01 -33.63
CA ALA B 1077 -33.49 69.12 -34.04
C ALA B 1077 -33.55 70.10 -35.20
N ILE B 1078 -34.77 70.54 -35.54
CA ILE B 1078 -34.97 71.57 -36.54
C ILE B 1078 -36.35 72.16 -36.33
N CYS B 1079 -36.51 73.44 -36.67
CA CYS B 1079 -37.77 74.13 -36.49
C CYS B 1079 -37.92 75.21 -37.54
N HIS B 1080 -39.03 75.16 -38.29
CA HIS B 1080 -39.30 76.11 -39.36
C HIS B 1080 -40.55 76.93 -39.10
N ASP B 1081 -41.66 76.29 -38.73
CA ASP B 1081 -42.93 76.99 -38.50
C ASP B 1081 -43.18 77.20 -37.01
N GLY B 1082 -42.13 77.40 -36.23
CA GLY B 1082 -42.28 77.57 -34.79
C GLY B 1082 -42.40 76.28 -34.01
N LYS B 1083 -42.37 75.12 -34.68
CA LYS B 1083 -42.65 73.83 -34.06
C LYS B 1083 -41.39 72.96 -34.17
N ALA B 1084 -41.10 72.18 -33.12
CA ALA B 1084 -39.89 71.37 -33.10
C ALA B 1084 -40.04 70.14 -33.99
N HIS B 1085 -38.89 69.52 -34.31
CA HIS B 1085 -38.86 68.31 -35.12
C HIS B 1085 -37.60 67.51 -34.79
N PHE B 1086 -37.77 66.20 -34.66
CA PHE B 1086 -36.67 65.27 -34.42
C PHE B 1086 -36.62 64.23 -35.54
N PRO B 1087 -35.44 63.79 -35.94
CA PRO B 1087 -35.35 62.80 -37.03
C PRO B 1087 -35.59 61.37 -36.56
N ARG B 1088 -36.33 60.60 -37.37
CA ARG B 1088 -36.62 59.22 -37.02
C ARG B 1088 -35.36 58.38 -36.97
N GLU B 1089 -34.48 58.51 -37.97
CA GLU B 1089 -33.23 57.76 -37.99
C GLU B 1089 -32.23 58.54 -38.83
N GLY B 1090 -31.18 59.02 -38.20
CA GLY B 1090 -30.21 59.90 -38.82
C GLY B 1090 -30.17 61.26 -38.14
N VAL B 1091 -29.40 62.17 -38.75
CA VAL B 1091 -29.32 63.55 -38.29
C VAL B 1091 -29.10 64.43 -39.50
N PHE B 1092 -29.41 65.71 -39.36
CA PHE B 1092 -29.27 66.66 -40.44
C PHE B 1092 -27.80 67.02 -40.65
N VAL B 1093 -27.36 67.00 -41.91
CA VAL B 1093 -26.02 67.43 -42.29
C VAL B 1093 -26.15 68.38 -43.46
N SER B 1094 -25.13 69.21 -43.65
CA SER B 1094 -25.17 70.20 -44.73
C SER B 1094 -23.75 70.61 -45.09
N ASN B 1095 -23.54 70.88 -46.37
CA ASN B 1095 -22.28 71.46 -46.82
C ASN B 1095 -22.20 72.95 -46.56
N GLY B 1096 -23.29 73.56 -46.07
CA GLY B 1096 -23.33 74.99 -45.84
C GLY B 1096 -24.46 75.64 -46.60
N THR B 1097 -24.83 75.05 -47.74
CA THR B 1097 -25.93 75.58 -48.54
C THR B 1097 -27.27 75.29 -47.89
N HIS B 1098 -27.60 74.02 -47.71
CA HIS B 1098 -28.87 73.61 -47.13
C HIS B 1098 -28.74 72.21 -46.59
N TRP B 1099 -29.67 71.84 -45.71
CA TRP B 1099 -29.52 70.67 -44.87
C TRP B 1099 -29.84 69.38 -45.62
N PHE B 1100 -29.30 68.27 -45.09
CA PHE B 1100 -29.65 66.93 -45.53
C PHE B 1100 -29.55 65.98 -44.34
N VAL B 1101 -30.41 64.95 -44.32
CA VAL B 1101 -30.37 63.91 -43.31
C VAL B 1101 -29.63 62.70 -43.87
N THR B 1102 -28.92 61.99 -43.01
CA THR B 1102 -28.01 60.94 -43.45
C THR B 1102 -28.02 59.80 -42.45
N GLN B 1103 -27.78 58.58 -42.93
CA GLN B 1103 -27.78 57.39 -42.10
C GLN B 1103 -26.54 57.36 -41.21
N ARG B 1104 -26.33 56.24 -40.52
CA ARG B 1104 -25.36 56.20 -39.43
C ARG B 1104 -24.12 55.37 -39.70
N ASN B 1105 -24.04 54.66 -40.82
CA ASN B 1105 -22.83 53.93 -41.15
C ASN B 1105 -22.49 53.97 -42.63
N PHE B 1106 -23.03 54.95 -43.37
CA PHE B 1106 -22.69 55.18 -44.77
C PHE B 1106 -23.14 56.57 -45.18
N TYR B 1107 -22.21 57.42 -45.58
CA TYR B 1107 -22.57 58.79 -45.91
C TYR B 1107 -23.54 58.79 -47.08
N GLU B 1108 -24.78 59.16 -46.82
CA GLU B 1108 -25.82 59.24 -47.84
C GLU B 1108 -26.78 60.35 -47.45
N PRO B 1109 -26.64 61.54 -48.03
CA PRO B 1109 -27.57 62.63 -47.72
C PRO B 1109 -28.95 62.39 -48.29
N GLN B 1110 -29.95 62.97 -47.64
CA GLN B 1110 -31.32 62.99 -48.12
C GLN B 1110 -31.93 64.36 -47.89
N ILE B 1111 -32.72 64.82 -48.87
CA ILE B 1111 -33.41 66.10 -48.74
C ILE B 1111 -34.33 66.05 -47.53
N ILE B 1112 -34.34 67.15 -46.75
CA ILE B 1112 -35.05 67.15 -45.48
C ILE B 1112 -36.54 66.91 -45.72
N THR B 1113 -37.06 65.86 -45.10
CA THR B 1113 -38.44 65.46 -45.28
C THR B 1113 -38.96 64.87 -43.98
N THR B 1114 -40.24 65.12 -43.70
CA THR B 1114 -40.85 64.70 -42.44
C THR B 1114 -40.93 63.19 -42.31
N ASP B 1115 -40.88 62.45 -43.43
CA ASP B 1115 -41.10 61.02 -43.39
C ASP B 1115 -40.07 60.31 -42.51
N ASN B 1116 -38.82 60.78 -42.52
CA ASN B 1116 -37.78 60.23 -41.67
C ASN B 1116 -37.56 61.03 -40.40
N THR B 1117 -38.54 61.82 -39.99
CA THR B 1117 -38.50 62.58 -38.74
C THR B 1117 -39.83 62.38 -38.03
N PHE B 1118 -39.94 62.93 -36.81
CA PHE B 1118 -41.24 62.97 -36.17
C PHE B 1118 -41.33 64.21 -35.30
N VAL B 1119 -42.38 65.00 -35.52
CA VAL B 1119 -42.59 66.23 -34.77
C VAL B 1119 -42.81 65.91 -33.30
N SER B 1120 -42.18 66.68 -32.42
CA SER B 1120 -42.28 66.46 -30.98
C SER B 1120 -42.08 67.78 -30.24
N GLY B 1121 -43.18 68.38 -29.79
CA GLY B 1121 -43.15 69.59 -29.00
C GLY B 1121 -42.78 70.81 -29.84
N ASN B 1122 -42.61 71.93 -29.14
CA ASN B 1122 -42.23 73.18 -29.79
C ASN B 1122 -40.74 73.43 -29.65
N CYS B 1123 -40.25 74.41 -30.41
CA CYS B 1123 -38.81 74.62 -30.61
C CYS B 1123 -38.28 75.81 -29.81
N ASP B 1124 -38.77 75.97 -28.58
CA ASP B 1124 -38.26 76.99 -27.68
C ASP B 1124 -37.47 76.41 -26.52
N VAL B 1125 -37.34 75.09 -26.43
CA VAL B 1125 -36.62 74.43 -25.35
C VAL B 1125 -35.58 73.49 -25.94
N VAL B 1126 -35.10 73.81 -27.15
CA VAL B 1126 -34.21 72.95 -27.89
C VAL B 1126 -32.98 73.75 -28.32
N ILE B 1127 -31.82 73.08 -28.30
CA ILE B 1127 -30.58 73.68 -28.73
C ILE B 1127 -30.34 73.34 -30.19
N GLY B 1128 -29.46 74.11 -30.82
CA GLY B 1128 -29.02 73.80 -32.16
C GLY B 1128 -30.04 74.02 -33.26
N ILE B 1129 -31.19 74.62 -32.96
CA ILE B 1129 -32.21 74.83 -33.97
C ILE B 1129 -31.69 75.77 -35.06
N VAL B 1130 -31.97 75.40 -36.31
CA VAL B 1130 -31.55 76.18 -37.47
C VAL B 1130 -32.79 76.72 -38.15
N ASN B 1131 -32.82 78.03 -38.39
CA ASN B 1131 -33.96 78.69 -39.03
C ASN B 1131 -33.83 78.56 -40.54
N ASN B 1132 -34.57 77.61 -41.11
CA ASN B 1132 -34.68 77.47 -42.55
C ASN B 1132 -35.91 76.65 -42.86
N THR B 1133 -36.31 76.68 -44.13
CA THR B 1133 -37.52 75.96 -44.55
C THR B 1133 -37.31 74.46 -44.42
N VAL B 1134 -38.23 73.79 -43.73
CA VAL B 1134 -38.20 72.34 -43.58
C VAL B 1134 -39.23 71.76 -44.54
N TYR B 1135 -38.79 70.87 -45.42
CA TYR B 1135 -39.64 70.31 -46.45
C TYR B 1135 -40.33 69.04 -45.95
N ASP B 1136 -41.49 68.76 -46.53
CA ASP B 1136 -42.38 67.71 -46.10
C ASP B 1136 -42.75 66.83 -47.30
N PRO B 1137 -43.19 65.59 -47.06
CA PRO B 1137 -43.58 64.74 -48.20
C PRO B 1137 -44.71 65.31 -49.04
N LEU B 1138 -45.66 66.02 -48.42
CA LEU B 1138 -46.76 66.62 -49.16
C LEU B 1138 -46.39 67.97 -49.79
N GLN B 1139 -45.27 68.55 -49.37
CA GLN B 1139 -44.89 69.87 -49.87
C GLN B 1139 -44.78 69.94 -51.39
N PRO B 1140 -44.12 69.00 -52.09
CA PRO B 1140 -44.05 69.10 -53.55
C PRO B 1140 -45.39 68.99 -54.25
N GLU B 1141 -46.40 68.42 -53.60
CA GLU B 1141 -47.69 68.16 -54.23
C GLU B 1141 -48.67 69.31 -54.12
N LEU B 1142 -48.31 70.40 -53.45
CA LEU B 1142 -49.20 71.55 -53.32
C LEU B 1142 -48.81 72.73 -54.19
N ASP B 1143 -47.52 72.89 -54.50
CA ASP B 1143 -47.10 73.99 -55.36
C ASP B 1143 -47.53 73.78 -56.81
N SER B 1144 -47.61 72.54 -57.25
CA SER B 1144 -47.97 72.22 -58.63
C SER B 1144 -49.48 72.25 -58.87
N PHE B 1145 -50.29 72.46 -57.83
CA PHE B 1145 -51.74 72.48 -57.96
C PHE B 1145 -52.34 73.84 -57.68
N LYS B 1146 -52.01 74.45 -56.53
CA LYS B 1146 -52.64 75.72 -56.17
C LYS B 1146 -52.21 76.85 -57.09
N GLU B 1147 -50.98 76.82 -57.61
CA GLU B 1147 -50.50 77.89 -58.47
C GLU B 1147 -51.31 77.99 -59.75
N GLU B 1148 -51.63 76.85 -60.36
CA GLU B 1148 -52.39 76.87 -61.61
C GLU B 1148 -53.83 77.30 -61.38
N LEU B 1149 -54.45 76.83 -60.30
CA LEU B 1149 -55.87 77.08 -60.08
C LEU B 1149 -56.16 78.57 -59.90
N ASP B 1150 -55.31 79.28 -59.16
CA ASP B 1150 -55.54 80.70 -58.91
C ASP B 1150 -55.44 81.51 -60.20
N LYS B 1151 -54.51 81.14 -61.08
CA LYS B 1151 -54.29 81.91 -62.31
C LYS B 1151 -55.52 81.85 -63.22
N TYR B 1152 -56.16 80.69 -63.31
CA TYR B 1152 -57.31 80.54 -64.21
C TYR B 1152 -58.50 81.38 -63.78
N PHE B 1153 -58.57 81.79 -62.51
CA PHE B 1153 -59.71 82.55 -62.02
C PHE B 1153 -59.67 84.03 -62.40
N LYS B 1154 -58.52 84.54 -62.86
CA LYS B 1154 -58.39 85.95 -63.19
C LYS B 1154 -59.00 86.32 -64.54
N ASN B 1155 -59.38 85.34 -65.36
CA ASN B 1155 -59.98 85.60 -66.65
C ASN B 1155 -61.50 85.75 -66.57
N HIS B 1156 -62.09 85.53 -65.41
CA HIS B 1156 -63.53 85.66 -65.23
C HIS B 1156 -63.93 86.92 -64.48
N THR B 1157 -63.11 87.39 -63.54
CA THR B 1157 -63.43 88.57 -62.77
C THR B 1157 -63.26 89.85 -63.58
N SER B 1158 -62.20 89.92 -64.40
CA SER B 1158 -61.96 91.13 -65.18
C SER B 1158 -63.07 91.46 -66.17
N PRO B 1159 -63.62 90.51 -66.96
CA PRO B 1159 -64.69 90.95 -67.86
C PRO B 1159 -66.06 91.00 -67.17
N GLN C 14 -17.23 -58.38 -2.69
CA GLN C 14 -16.33 -57.73 -1.76
C GLN C 14 -14.88 -58.02 -2.12
N CYS C 15 -14.69 -59.00 -2.99
CA CYS C 15 -13.36 -59.50 -3.32
C CYS C 15 -13.37 -59.95 -4.78
N VAL C 16 -12.40 -60.80 -5.14
CA VAL C 16 -12.15 -61.24 -6.51
C VAL C 16 -13.45 -61.51 -7.25
N ASN C 17 -13.54 -61.01 -8.48
CA ASN C 17 -14.81 -60.84 -9.17
C ASN C 17 -15.39 -62.17 -9.61
N LEU C 18 -16.68 -62.13 -9.96
CA LEU C 18 -17.38 -63.27 -10.55
C LEU C 18 -17.52 -63.14 -12.06
N THR C 19 -16.78 -62.22 -12.68
CA THR C 19 -16.86 -61.91 -14.12
C THR C 19 -18.31 -61.49 -14.41
N THR C 20 -18.88 -61.96 -15.53
CA THR C 20 -20.25 -61.67 -15.97
C THR C 20 -20.66 -60.21 -15.73
N ARG C 21 -19.72 -59.29 -15.90
CA ARG C 21 -19.96 -57.86 -15.73
C ARG C 21 -19.90 -57.23 -17.12
N THR C 22 -21.04 -57.19 -17.79
CA THR C 22 -21.12 -56.51 -19.08
C THR C 22 -20.96 -55.00 -18.89
N GLN C 23 -20.25 -54.37 -19.82
CA GLN C 23 -19.91 -52.95 -19.71
C GLN C 23 -21.10 -52.13 -20.18
N LEU C 24 -21.90 -51.66 -19.23
CA LEU C 24 -23.02 -50.79 -19.56
C LEU C 24 -22.49 -49.43 -19.98
N PRO C 25 -22.87 -48.93 -21.16
CA PRO C 25 -22.39 -47.62 -21.60
C PRO C 25 -23.00 -46.51 -20.76
N PRO C 26 -22.18 -45.72 -20.06
CA PRO C 26 -22.71 -44.61 -19.27
C PRO C 26 -23.39 -43.58 -20.16
N ALA C 27 -24.45 -42.97 -19.63
CA ALA C 27 -25.17 -41.97 -20.39
C ALA C 27 -24.70 -40.57 -20.00
N TYR C 28 -25.10 -39.58 -20.80
CA TYR C 28 -24.78 -38.19 -20.55
C TYR C 28 -26.06 -37.37 -20.48
N THR C 29 -26.21 -36.58 -19.43
CA THR C 29 -27.39 -35.75 -19.24
C THR C 29 -26.98 -34.31 -19.01
N ASN C 30 -27.61 -33.39 -19.72
CA ASN C 30 -27.30 -31.96 -19.58
C ASN C 30 -27.94 -31.41 -18.30
N SER C 31 -27.16 -31.40 -17.23
CA SER C 31 -27.63 -30.86 -15.96
C SER C 31 -27.94 -29.38 -16.11
N PHE C 32 -29.23 -29.04 -16.01
CA PHE C 32 -29.66 -27.67 -16.32
C PHE C 32 -29.02 -26.66 -15.37
N THR C 33 -29.40 -26.72 -14.09
CA THR C 33 -28.89 -25.77 -13.10
C THR C 33 -28.58 -26.45 -11.78
N ARG C 34 -28.17 -27.71 -11.81
CA ARG C 34 -27.89 -28.44 -10.58
C ARG C 34 -26.46 -28.17 -10.11
N GLY C 35 -26.30 -28.08 -8.79
CA GLY C 35 -24.98 -27.90 -8.21
C GLY C 35 -24.73 -26.52 -7.64
N VAL C 36 -25.74 -25.95 -6.98
CA VAL C 36 -25.63 -24.65 -6.34
C VAL C 36 -25.83 -24.85 -4.84
N TYR C 37 -24.98 -24.22 -4.04
CA TYR C 37 -25.05 -24.32 -2.59
C TYR C 37 -24.64 -22.98 -1.99
N TYR C 38 -24.56 -22.93 -0.66
CA TYR C 38 -24.21 -21.71 0.03
C TYR C 38 -22.70 -21.61 0.10
N PRO C 39 -22.06 -20.66 -0.58
CA PRO C 39 -20.60 -20.58 -0.53
C PRO C 39 -20.05 -20.32 0.85
N ASP C 40 -20.78 -19.59 1.70
CA ASP C 40 -20.29 -19.29 3.03
C ASP C 40 -21.46 -19.10 3.98
N LYS C 41 -21.22 -19.48 5.24
CA LYS C 41 -22.21 -19.31 6.30
C LYS C 41 -22.29 -17.83 6.67
N VAL C 42 -23.34 -17.17 6.19
CA VAL C 42 -23.55 -15.74 6.40
C VAL C 42 -24.96 -15.41 5.96
N PHE C 43 -25.53 -14.36 6.53
CA PHE C 43 -26.88 -13.93 6.19
C PHE C 43 -26.83 -12.64 5.39
N ARG C 44 -27.56 -12.60 4.29
CA ARG C 44 -27.71 -11.40 3.48
C ARG C 44 -29.18 -11.21 3.14
N SER C 45 -29.58 -9.96 2.99
CA SER C 45 -30.99 -9.59 2.82
C SER C 45 -31.20 -9.02 1.42
N SER C 46 -31.60 -9.88 0.48
CA SER C 46 -32.04 -9.49 -0.86
C SER C 46 -30.97 -8.65 -1.56
N VAL C 47 -29.82 -9.28 -1.79
CA VAL C 47 -28.72 -8.64 -2.52
C VAL C 47 -28.19 -9.63 -3.55
N LEU C 48 -27.47 -9.07 -4.53
CA LEU C 48 -26.85 -9.86 -5.59
C LEU C 48 -25.37 -10.02 -5.25
N HIS C 49 -24.95 -11.25 -4.99
CA HIS C 49 -23.60 -11.53 -4.51
C HIS C 49 -22.84 -12.35 -5.55
N SER C 50 -21.67 -11.89 -5.94
CA SER C 50 -20.84 -12.57 -6.91
C SER C 50 -19.60 -13.13 -6.24
N THR C 51 -19.37 -14.44 -6.38
CA THR C 51 -18.24 -15.06 -5.72
C THR C 51 -17.67 -16.16 -6.58
N GLN C 52 -16.38 -16.43 -6.40
CA GLN C 52 -15.66 -17.43 -7.18
C GLN C 52 -15.33 -18.61 -6.27
N ASP C 53 -15.77 -19.80 -6.67
CA ASP C 53 -15.60 -21.00 -5.86
C ASP C 53 -15.53 -22.20 -6.81
N LEU C 54 -15.75 -23.40 -6.26
CA LEU C 54 -15.85 -24.61 -7.05
C LEU C 54 -17.33 -24.94 -7.26
N PHE C 55 -17.75 -25.03 -8.51
CA PHE C 55 -19.15 -25.24 -8.83
C PHE C 55 -19.27 -26.17 -10.02
N LEU C 56 -20.45 -26.75 -10.19
CA LEU C 56 -20.74 -27.51 -11.40
C LEU C 56 -20.97 -26.55 -12.56
N PRO C 57 -20.26 -26.72 -13.67
CA PRO C 57 -20.54 -25.88 -14.84
C PRO C 57 -21.98 -26.06 -15.30
N PHE C 58 -22.61 -24.96 -15.69
CA PHE C 58 -23.99 -25.01 -16.13
C PHE C 58 -24.10 -25.74 -17.45
N PHE C 59 -25.19 -26.50 -17.61
CA PHE C 59 -25.46 -27.25 -18.84
C PHE C 59 -24.30 -28.16 -19.20
N SER C 60 -23.74 -28.83 -18.19
CA SER C 60 -22.67 -29.80 -18.39
C SER C 60 -23.24 -31.21 -18.39
N ASN C 61 -22.49 -32.12 -19.03
CA ASN C 61 -22.95 -33.49 -19.22
C ASN C 61 -22.57 -34.33 -18.01
N VAL C 62 -23.50 -34.43 -17.06
CA VAL C 62 -23.33 -35.31 -15.92
C VAL C 62 -23.44 -36.76 -16.38
N THR C 63 -22.67 -37.65 -15.76
CA THR C 63 -22.64 -39.05 -16.15
C THR C 63 -23.77 -39.81 -15.44
N TRP C 64 -24.57 -40.52 -16.22
CA TRP C 64 -25.75 -41.22 -15.73
C TRP C 64 -25.50 -42.72 -15.73
N PHE C 65 -25.70 -43.33 -14.57
CA PHE C 65 -25.69 -44.78 -14.41
C PHE C 65 -27.09 -45.26 -14.10
N HIS C 66 -27.58 -46.22 -14.88
CA HIS C 66 -28.91 -46.80 -14.71
C HIS C 66 -28.76 -48.29 -14.46
N VAL C 67 -29.50 -48.79 -13.46
CA VAL C 67 -29.47 -50.20 -13.10
C VAL C 67 -30.89 -50.74 -13.19
N ILE C 68 -31.05 -51.87 -13.87
CA ILE C 68 -32.36 -52.52 -13.97
C ILE C 68 -32.26 -53.97 -13.54
N LYS C 75 -28.30 -60.76 -13.32
CA LYS C 75 -26.95 -60.64 -13.88
C LYS C 75 -26.64 -59.20 -14.27
N ARG C 76 -27.02 -58.27 -13.41
CA ARG C 76 -26.79 -56.84 -13.61
C ARG C 76 -25.86 -56.33 -12.53
N PHE C 77 -24.86 -55.54 -12.93
CA PHE C 77 -23.89 -55.00 -12.00
C PHE C 77 -23.23 -53.77 -12.62
N ASP C 78 -23.29 -52.65 -11.90
CA ASP C 78 -22.67 -51.40 -12.36
C ASP C 78 -22.10 -50.69 -11.14
N ASN C 79 -20.80 -50.87 -10.90
CA ASN C 79 -20.15 -50.23 -9.77
C ASN C 79 -18.64 -50.16 -9.98
N PRO C 80 -18.15 -49.22 -10.78
CA PRO C 80 -16.72 -49.11 -11.03
C PRO C 80 -16.04 -48.16 -10.05
N VAL C 81 -14.71 -48.14 -10.12
CA VAL C 81 -13.89 -47.24 -9.31
C VAL C 81 -13.45 -46.08 -10.19
N LEU C 82 -13.63 -44.86 -9.69
CA LEU C 82 -13.34 -43.66 -10.45
C LEU C 82 -12.59 -42.67 -9.57
N PRO C 83 -11.72 -41.85 -10.18
CA PRO C 83 -10.88 -40.96 -9.37
C PRO C 83 -11.65 -39.81 -8.77
N PHE C 84 -11.06 -39.21 -7.75
CA PHE C 84 -11.58 -38.03 -7.07
C PHE C 84 -10.68 -36.85 -7.37
N ASN C 85 -11.26 -35.75 -7.82
CA ASN C 85 -10.47 -34.57 -8.20
C ASN C 85 -11.28 -33.31 -7.92
N ASP C 86 -10.97 -32.66 -6.80
CA ASP C 86 -11.53 -31.36 -6.43
C ASP C 86 -13.06 -31.42 -6.35
N GLY C 87 -13.53 -32.19 -5.38
CA GLY C 87 -14.94 -32.27 -5.08
C GLY C 87 -15.69 -33.13 -6.09
N VAL C 88 -16.93 -33.44 -5.74
CA VAL C 88 -17.76 -34.30 -6.58
C VAL C 88 -19.22 -34.01 -6.29
N TYR C 89 -20.07 -34.19 -7.30
CA TYR C 89 -21.51 -34.05 -7.15
C TYR C 89 -22.16 -35.39 -7.45
N PHE C 90 -22.97 -35.87 -6.50
CA PHE C 90 -23.71 -37.12 -6.63
C PHE C 90 -25.21 -36.83 -6.58
N ALA C 91 -25.96 -37.51 -7.43
CA ALA C 91 -27.41 -37.39 -7.42
C ALA C 91 -28.00 -38.78 -7.63
N SER C 92 -29.22 -38.97 -7.13
CA SER C 92 -29.87 -40.27 -7.26
C SER C 92 -31.37 -40.10 -7.19
N ILE C 93 -32.08 -40.83 -8.04
CA ILE C 93 -33.53 -40.91 -7.99
C ILE C 93 -33.89 -42.27 -7.40
N GLU C 94 -34.68 -42.26 -6.33
CA GLU C 94 -34.94 -43.51 -5.64
C GLU C 94 -36.14 -43.35 -4.71
N LYS C 95 -36.80 -44.47 -4.44
CA LYS C 95 -37.81 -44.57 -3.41
C LYS C 95 -37.65 -45.80 -2.52
N SER C 96 -36.90 -46.82 -2.95
CA SER C 96 -36.75 -48.05 -2.18
C SER C 96 -35.64 -47.99 -1.15
N ASN C 97 -34.78 -46.97 -1.18
CA ASN C 97 -33.74 -46.76 -0.16
C ASN C 97 -32.79 -47.96 -0.09
N ILE C 98 -32.05 -48.14 -1.19
CA ILE C 98 -31.12 -49.26 -1.30
C ILE C 98 -29.71 -48.88 -0.85
N ILE C 99 -29.23 -47.70 -1.25
CA ILE C 99 -27.85 -47.32 -0.97
C ILE C 99 -27.65 -47.15 0.53
N ARG C 100 -26.60 -47.76 1.05
CA ARG C 100 -26.30 -47.76 2.48
C ARG C 100 -25.19 -46.78 2.86
N GLY C 101 -24.37 -46.35 1.92
CA GLY C 101 -23.33 -45.39 2.22
C GLY C 101 -22.20 -45.48 1.21
N TRP C 102 -21.00 -45.12 1.67
CA TRP C 102 -19.80 -45.16 0.85
C TRP C 102 -18.60 -45.52 1.72
N ILE C 103 -17.84 -46.52 1.28
CA ILE C 103 -16.66 -46.98 1.99
C ILE C 103 -15.50 -47.01 1.00
N PHE C 104 -14.44 -46.25 1.29
CA PHE C 104 -13.31 -46.18 0.38
C PHE C 104 -12.11 -45.58 1.09
N GLY C 105 -10.94 -45.82 0.52
CA GLY C 105 -9.71 -45.23 1.00
C GLY C 105 -8.75 -44.91 -0.13
N THR C 106 -7.45 -44.97 0.14
CA THR C 106 -6.45 -44.75 -0.89
C THR C 106 -5.50 -45.92 -1.08
N THR C 107 -5.23 -46.71 -0.05
CA THR C 107 -4.32 -47.84 -0.17
C THR C 107 -4.98 -49.13 0.33
N LEU C 108 -5.80 -49.02 1.38
CA LEU C 108 -6.44 -50.17 2.00
C LEU C 108 -5.42 -51.24 2.40
N ASP C 109 -4.27 -50.79 2.90
CA ASP C 109 -3.18 -51.67 3.27
C ASP C 109 -2.89 -51.62 4.77
N SER C 110 -3.94 -51.43 5.56
CA SER C 110 -3.85 -51.37 7.03
C SER C 110 -2.95 -50.23 7.51
N LYS C 111 -2.72 -49.23 6.67
CA LYS C 111 -1.92 -48.07 7.05
C LYS C 111 -2.66 -46.76 6.91
N THR C 112 -3.43 -46.58 5.84
CA THR C 112 -4.20 -45.36 5.62
C THR C 112 -5.62 -45.58 6.11
N GLN C 113 -6.07 -44.74 7.04
CA GLN C 113 -7.40 -44.88 7.62
C GLN C 113 -8.45 -44.53 6.57
N SER C 114 -9.05 -45.55 5.98
CA SER C 114 -10.11 -45.35 5.00
C SER C 114 -11.38 -44.85 5.69
N LEU C 115 -12.22 -44.19 4.90
CA LEU C 115 -13.46 -43.59 5.35
C LEU C 115 -14.64 -44.50 5.06
N LEU C 116 -15.60 -44.50 5.98
CA LEU C 116 -16.79 -45.34 5.90
C LEU C 116 -17.97 -44.53 6.41
N ILE C 117 -18.89 -44.15 5.53
CA ILE C 117 -20.05 -43.36 5.89
C ILE C 117 -21.28 -44.22 5.60
N VAL C 118 -22.01 -44.60 6.65
CA VAL C 118 -23.06 -45.60 6.51
C VAL C 118 -24.31 -45.16 7.27
N ASN C 119 -25.48 -45.42 6.66
CA ASN C 119 -26.78 -45.20 7.32
C ASN C 119 -27.70 -46.33 6.89
N ASN C 120 -27.96 -47.28 7.79
CA ASN C 120 -28.73 -48.48 7.45
C ASN C 120 -30.05 -48.59 8.21
N ALA C 121 -30.03 -48.55 9.54
CA ALA C 121 -31.24 -48.81 10.32
C ALA C 121 -31.73 -47.56 11.05
N THR C 122 -30.93 -47.03 11.97
CA THR C 122 -31.20 -45.78 12.67
C THR C 122 -29.90 -45.03 12.87
N ASN C 123 -28.98 -45.20 11.93
CA ASN C 123 -27.59 -44.89 12.16
C ASN C 123 -27.15 -43.80 11.19
N VAL C 124 -26.21 -42.98 11.65
CA VAL C 124 -25.29 -42.28 10.75
C VAL C 124 -23.91 -42.51 11.36
N VAL C 125 -23.22 -43.55 10.87
CA VAL C 125 -21.94 -43.97 11.42
C VAL C 125 -20.85 -43.49 10.49
N ILE C 126 -19.88 -42.78 11.07
CA ILE C 126 -18.79 -42.16 10.34
C ILE C 126 -17.52 -42.76 10.92
N LYS C 127 -16.84 -43.60 10.14
CA LYS C 127 -15.67 -44.33 10.58
C LYS C 127 -14.48 -43.89 9.76
N VAL C 128 -13.33 -43.78 10.41
CA VAL C 128 -12.05 -43.52 9.74
C VAL C 128 -11.04 -44.49 10.35
N CYS C 129 -10.82 -45.62 9.69
CA CYS C 129 -9.96 -46.67 10.25
C CYS C 129 -9.56 -47.61 9.12
N GLU C 130 -8.78 -48.63 9.48
CA GLU C 130 -8.36 -49.67 8.54
C GLU C 130 -9.10 -50.95 8.87
N PHE C 131 -10.02 -51.34 8.00
CA PHE C 131 -10.72 -52.61 8.11
C PHE C 131 -10.35 -53.48 6.90
N GLN C 132 -10.12 -54.76 7.14
CA GLN C 132 -9.51 -55.63 6.14
C GLN C 132 -10.57 -56.05 5.12
N PHE C 133 -10.57 -55.35 3.99
CA PHE C 133 -11.31 -55.77 2.81
C PHE C 133 -10.34 -56.10 1.68
N CYS C 134 -10.90 -56.64 0.59
CA CYS C 134 -10.15 -56.85 -0.63
C CYS C 134 -10.09 -55.53 -1.40
N ASN C 135 -9.68 -55.59 -2.67
CA ASN C 135 -9.50 -54.38 -3.48
C ASN C 135 -10.80 -53.59 -3.61
N ASP C 136 -11.81 -54.16 -4.26
CA ASP C 136 -13.06 -53.45 -4.55
C ASP C 136 -14.22 -54.13 -3.82
N PRO C 137 -14.74 -53.62 -2.68
CA PRO C 137 -15.93 -54.24 -2.03
C PRO C 137 -17.30 -53.99 -2.68
N PHE C 138 -18.07 -55.06 -2.95
CA PHE C 138 -19.45 -54.90 -3.49
C PHE C 138 -20.36 -55.96 -2.84
N LEU C 139 -21.62 -55.59 -2.54
CA LEU C 139 -22.56 -56.53 -1.86
C LEU C 139 -23.96 -56.47 -2.47
N ASP C 140 -24.59 -57.63 -2.77
CA ASP C 140 -26.00 -57.65 -3.24
C ASP C 140 -26.78 -58.71 -2.46
N HIS C 141 -27.85 -58.32 -1.74
CA HIS C 141 -29.26 -58.79 -1.90
C HIS C 141 -29.48 -60.17 -1.29
N LYS C 142 -30.71 -60.71 -1.40
CA LYS C 142 -31.04 -62.05 -0.82
C LYS C 142 -32.52 -62.39 -1.06
N ASN C 143 -32.88 -63.69 -1.06
CA ASN C 143 -34.26 -64.16 -1.20
C ASN C 143 -35.13 -63.12 -1.92
N ASN C 144 -34.77 -62.88 -3.19
CA ASN C 144 -35.47 -61.99 -4.12
C ASN C 144 -36.03 -60.73 -3.48
N LYS C 145 -37.37 -60.63 -3.40
CA LYS C 145 -37.99 -59.41 -2.89
C LYS C 145 -37.62 -59.16 -1.43
N SER C 146 -37.55 -60.22 -0.62
CA SER C 146 -37.20 -60.06 0.78
C SER C 146 -35.75 -59.59 0.93
N TRP C 147 -35.44 -59.07 2.11
CA TRP C 147 -34.11 -58.60 2.43
C TRP C 147 -33.74 -59.05 3.84
N MET C 148 -32.53 -59.58 3.99
CA MET C 148 -32.03 -60.04 5.28
C MET C 148 -30.58 -59.62 5.43
N GLU C 149 -30.06 -59.76 6.64
CA GLU C 149 -28.66 -59.45 6.90
C GLU C 149 -27.75 -60.33 6.05
N SER C 150 -26.78 -59.71 5.39
CA SER C 150 -25.88 -60.44 4.50
C SER C 150 -24.55 -59.72 4.47
N GLU C 151 -23.55 -60.30 5.13
CA GLU C 151 -22.18 -59.77 5.13
C GLU C 151 -22.13 -58.34 5.63
N PHE C 152 -23.03 -57.99 6.55
CA PHE C 152 -22.99 -56.68 7.16
C PHE C 152 -21.81 -56.53 8.12
N ARG C 153 -21.21 -57.64 8.53
CA ARG C 153 -20.00 -57.60 9.36
C ARG C 153 -18.79 -57.37 8.45
N VAL C 154 -18.75 -56.16 7.89
CA VAL C 154 -17.64 -55.80 7.00
C VAL C 154 -16.35 -55.63 7.79
N TYR C 155 -16.42 -55.04 8.98
CA TYR C 155 -15.23 -54.85 9.80
C TYR C 155 -14.74 -56.20 10.32
N SER C 156 -13.49 -56.54 10.03
CA SER C 156 -12.90 -57.79 10.48
C SER C 156 -11.85 -57.57 11.56
N SER C 157 -10.92 -56.65 11.33
CA SER C 157 -9.87 -56.34 12.31
C SER C 157 -9.78 -54.83 12.45
N ALA C 158 -9.89 -54.35 13.69
CA ALA C 158 -9.70 -52.93 13.99
C ALA C 158 -8.27 -52.71 14.45
N ASN C 159 -7.44 -52.18 13.55
CA ASN C 159 -6.01 -52.01 13.82
C ASN C 159 -5.70 -50.62 14.38
N ASN C 160 -6.03 -49.57 13.64
CA ASN C 160 -5.79 -48.20 14.10
C ASN C 160 -7.03 -47.38 13.76
N CYS C 161 -7.98 -47.35 14.69
CA CYS C 161 -9.21 -46.59 14.55
C CYS C 161 -9.17 -45.40 15.50
N THR C 162 -9.36 -44.20 14.96
CA THR C 162 -9.27 -42.97 15.73
C THR C 162 -10.49 -42.09 15.64
N PHE C 163 -11.27 -42.17 14.56
CA PHE C 163 -12.42 -41.29 14.35
C PHE C 163 -13.69 -42.12 14.40
N GLU C 164 -14.61 -41.74 15.29
CA GLU C 164 -15.89 -42.44 15.45
C GLU C 164 -16.96 -41.37 15.64
N TYR C 165 -17.89 -41.28 14.69
CA TYR C 165 -18.98 -40.32 14.79
C TYR C 165 -20.31 -41.03 14.63
N VAL C 166 -21.26 -40.73 15.52
CA VAL C 166 -22.60 -41.31 15.47
C VAL C 166 -23.59 -40.15 15.42
N SER C 167 -24.47 -40.18 14.41
CA SER C 167 -25.40 -39.09 14.18
C SER C 167 -26.79 -39.63 13.86
N GLN C 168 -27.78 -38.75 14.03
CA GLN C 168 -29.18 -39.13 13.84
C GLN C 168 -29.42 -39.57 12.40
N PRO C 169 -30.16 -40.67 12.19
CA PRO C 169 -30.34 -41.19 10.83
C PRO C 169 -31.05 -40.20 9.93
N PHE C 170 -30.71 -40.27 8.64
CA PHE C 170 -31.32 -39.40 7.65
C PHE C 170 -32.79 -39.75 7.46
N LEU C 171 -33.52 -38.83 6.83
CA LEU C 171 -34.98 -38.91 6.74
C LEU C 171 -35.41 -39.74 5.53
N MET C 172 -34.85 -40.93 5.42
CA MET C 172 -35.30 -41.90 4.44
C MET C 172 -36.59 -42.55 4.93
N ASP C 173 -37.28 -43.23 4.01
CA ASP C 173 -38.58 -43.84 4.29
C ASP C 173 -38.41 -45.31 4.66
N LEU C 174 -39.54 -45.93 4.99
CA LEU C 174 -39.57 -47.34 5.38
C LEU C 174 -39.87 -48.19 4.15
N GLU C 175 -39.04 -49.21 3.91
CA GLU C 175 -39.12 -50.03 2.71
C GLU C 175 -39.15 -49.16 1.45
N GLY C 176 -39.99 -49.53 0.49
CA GLY C 176 -40.10 -48.79 -0.74
C GLY C 176 -40.56 -49.70 -1.86
N LYS C 177 -40.44 -49.18 -3.08
CA LYS C 177 -40.81 -49.93 -4.28
C LYS C 177 -39.79 -49.64 -5.37
N GLN C 178 -39.70 -50.56 -6.33
CA GLN C 178 -38.80 -50.38 -7.46
C GLN C 178 -39.46 -49.50 -8.52
N GLY C 179 -39.96 -48.35 -8.11
CA GLY C 179 -40.63 -47.44 -9.02
C GLY C 179 -41.10 -46.22 -8.26
N ASN C 180 -41.52 -45.21 -9.02
CA ASN C 180 -41.97 -43.93 -8.48
C ASN C 180 -40.91 -43.34 -7.57
N PHE C 181 -39.76 -43.01 -8.18
CA PHE C 181 -38.61 -42.51 -7.45
C PHE C 181 -38.89 -41.07 -7.01
N LYS C 182 -39.67 -40.94 -5.94
CA LYS C 182 -40.02 -39.65 -5.39
C LYS C 182 -38.85 -38.94 -4.72
N ASN C 183 -37.75 -39.64 -4.46
CA ASN C 183 -36.62 -39.09 -3.73
C ASN C 183 -35.53 -38.67 -4.70
N LEU C 184 -35.33 -37.37 -4.85
CA LEU C 184 -34.16 -36.81 -5.51
C LEU C 184 -33.16 -36.45 -4.43
N ARG C 185 -32.12 -37.26 -4.28
CA ARG C 185 -31.11 -37.03 -3.25
C ARG C 185 -29.80 -36.61 -3.91
N GLU C 186 -29.25 -35.48 -3.47
CA GLU C 186 -28.00 -34.98 -4.04
C GLU C 186 -27.04 -34.59 -2.93
N PHE C 187 -25.79 -34.98 -3.13
CA PHE C 187 -24.67 -34.65 -2.26
C PHE C 187 -23.63 -33.87 -3.06
N VAL C 188 -22.95 -32.95 -2.38
CA VAL C 188 -21.74 -32.33 -2.92
C VAL C 188 -20.63 -32.47 -1.88
N PHE C 189 -19.49 -32.97 -2.33
CA PHE C 189 -18.32 -33.25 -1.49
C PHE C 189 -17.19 -32.31 -1.90
N LYS C 190 -16.50 -31.76 -0.92
CA LYS C 190 -15.28 -31.00 -1.22
C LYS C 190 -14.27 -31.22 -0.11
N ASN C 191 -13.00 -30.99 -0.44
CA ASN C 191 -11.91 -31.17 0.51
C ASN C 191 -10.87 -30.09 0.24
N ILE C 192 -10.60 -29.27 1.25
CA ILE C 192 -9.63 -28.19 1.11
C ILE C 192 -9.14 -27.77 2.49
N ASP C 193 -7.85 -27.44 2.56
CA ASP C 193 -7.22 -26.96 3.79
C ASP C 193 -7.43 -27.95 4.93
N GLY C 194 -7.27 -29.23 4.63
CA GLY C 194 -7.45 -30.27 5.63
C GLY C 194 -8.85 -30.44 6.15
N TYR C 195 -9.84 -29.81 5.51
CA TYR C 195 -11.22 -29.86 5.94
C TYR C 195 -12.06 -30.52 4.85
N PHE C 196 -12.87 -31.49 5.25
CA PHE C 196 -13.77 -32.19 4.33
C PHE C 196 -15.19 -31.73 4.59
N LYS C 197 -15.82 -31.14 3.58
CA LYS C 197 -17.13 -30.53 3.71
C LYS C 197 -18.15 -31.29 2.88
N ILE C 198 -19.29 -31.60 3.49
CA ILE C 198 -20.39 -32.27 2.82
C ILE C 198 -21.63 -31.38 2.94
N TYR C 199 -22.25 -31.11 1.79
CA TYR C 199 -23.56 -30.46 1.71
C TYR C 199 -24.52 -31.41 1.02
N SER C 200 -25.80 -31.36 1.37
CA SER C 200 -26.75 -32.27 0.74
C SER C 200 -28.14 -31.66 0.71
N LYS C 201 -28.95 -32.20 -0.20
CA LYS C 201 -30.35 -31.83 -0.33
C LYS C 201 -31.15 -33.06 -0.70
N HIS C 202 -32.38 -33.14 -0.17
CA HIS C 202 -33.29 -34.25 -0.44
C HIS C 202 -34.65 -33.66 -0.81
N THR C 203 -35.04 -33.86 -2.07
CA THR C 203 -36.34 -33.41 -2.54
C THR C 203 -37.28 -34.60 -2.61
N PRO C 204 -38.30 -34.68 -1.76
CA PRO C 204 -39.32 -35.72 -1.93
C PRO C 204 -40.33 -35.35 -2.99
N ILE C 205 -41.37 -36.18 -3.11
CA ILE C 205 -42.54 -35.98 -3.97
C ILE C 205 -42.19 -35.41 -5.34
N LEU C 206 -41.50 -36.20 -6.16
CA LEU C 206 -41.41 -35.97 -7.59
C LEU C 206 -42.25 -37.05 -8.28
N VAL C 207 -43.26 -36.62 -9.02
CA VAL C 207 -44.20 -37.55 -9.65
C VAL C 207 -43.90 -37.73 -11.13
N ARG C 208 -42.68 -37.37 -11.57
CA ARG C 208 -42.29 -37.53 -12.97
C ARG C 208 -41.47 -38.81 -13.05
N GLU C 209 -42.17 -39.94 -13.09
CA GLU C 209 -41.49 -41.24 -13.04
C GLU C 209 -40.57 -41.48 -14.24
N PRO C 210 -41.00 -41.28 -15.50
CA PRO C 210 -40.10 -41.63 -16.62
C PRO C 210 -39.01 -40.60 -16.91
N GLU C 211 -37.92 -40.69 -16.15
CA GLU C 211 -36.71 -39.88 -16.32
C GLU C 211 -37.12 -38.41 -16.28
N ASP C 212 -36.65 -37.57 -17.21
CA ASP C 212 -37.03 -36.16 -17.28
C ASP C 212 -36.66 -35.43 -15.98
N LEU C 213 -35.36 -35.31 -15.75
CA LEU C 213 -34.85 -34.71 -14.54
C LEU C 213 -35.45 -33.32 -14.35
N PRO C 214 -36.01 -33.02 -13.18
CA PRO C 214 -36.71 -31.75 -13.01
C PRO C 214 -35.78 -30.55 -13.07
N GLN C 215 -36.35 -29.43 -13.50
CA GLN C 215 -35.66 -28.15 -13.48
C GLN C 215 -35.95 -27.45 -12.14
N GLY C 216 -35.62 -26.17 -12.05
CA GLY C 216 -35.76 -25.42 -10.82
C GLY C 216 -34.47 -25.42 -10.02
N PHE C 217 -34.44 -24.51 -9.04
CA PHE C 217 -33.24 -24.28 -8.24
C PHE C 217 -33.43 -24.92 -6.88
N SER C 218 -32.51 -25.80 -6.50
CA SER C 218 -32.53 -26.50 -5.22
C SER C 218 -31.22 -26.20 -4.51
N ALA C 219 -31.19 -25.11 -3.76
CA ALA C 219 -29.99 -24.75 -3.01
C ALA C 219 -29.70 -25.81 -1.96
N LEU C 220 -28.42 -26.14 -1.81
CA LEU C 220 -27.98 -27.14 -0.87
C LEU C 220 -27.51 -26.47 0.42
N GLU C 221 -28.14 -26.80 1.53
CA GLU C 221 -27.73 -26.30 2.83
C GLU C 221 -26.53 -27.09 3.35
N PRO C 222 -25.68 -26.46 4.15
CA PRO C 222 -24.51 -27.19 4.67
C PRO C 222 -24.91 -28.25 5.67
N LEU C 223 -24.31 -29.42 5.54
CA LEU C 223 -24.53 -30.50 6.49
C LEU C 223 -23.42 -30.62 7.52
N VAL C 224 -22.16 -30.84 7.13
CA VAL C 224 -21.10 -30.86 8.13
C VAL C 224 -19.73 -30.75 7.48
N ASP C 225 -18.80 -30.15 8.20
CA ASP C 225 -17.39 -30.08 7.83
C ASP C 225 -16.57 -30.75 8.92
N LEU C 226 -15.60 -31.57 8.51
CA LEU C 226 -14.78 -32.32 9.45
C LEU C 226 -13.31 -31.99 9.26
N PRO C 227 -12.56 -31.84 10.36
CA PRO C 227 -11.09 -31.62 10.27
C PRO C 227 -10.30 -32.92 10.27
N ILE C 228 -10.39 -33.65 9.16
CA ILE C 228 -9.68 -34.92 9.03
C ILE C 228 -8.28 -34.72 8.47
N GLY C 229 -8.16 -33.93 7.40
CA GLY C 229 -6.86 -33.69 6.80
C GLY C 229 -6.22 -34.89 6.15
N ILE C 230 -6.99 -35.67 5.40
CA ILE C 230 -6.46 -36.84 4.69
C ILE C 230 -6.46 -36.53 3.20
N ASN C 231 -5.54 -37.18 2.48
CA ASN C 231 -5.33 -36.94 1.05
C ASN C 231 -6.16 -37.92 0.24
N ILE C 232 -7.35 -37.48 -0.17
CA ILE C 232 -8.22 -38.30 -1.02
C ILE C 232 -7.70 -38.23 -2.45
N THR C 233 -7.62 -39.39 -3.10
CA THR C 233 -7.25 -39.46 -4.51
C THR C 233 -8.29 -40.15 -5.37
N ARG C 234 -9.13 -41.01 -4.81
CA ARG C 234 -10.15 -41.72 -5.57
C ARG C 234 -11.16 -42.30 -4.58
N PHE C 235 -12.27 -42.81 -5.13
CA PHE C 235 -13.30 -43.44 -4.33
C PHE C 235 -14.14 -44.32 -5.25
N GLN C 236 -15.01 -45.11 -4.63
CA GLN C 236 -15.98 -45.90 -5.37
C GLN C 236 -17.30 -45.88 -4.62
N THR C 237 -18.40 -45.70 -5.34
CA THR C 237 -19.71 -45.69 -4.73
C THR C 237 -20.08 -47.07 -4.21
N LEU C 238 -20.89 -47.10 -3.16
CA LEU C 238 -21.40 -48.33 -2.60
C LEU C 238 -22.91 -48.36 -2.79
N LEU C 239 -23.41 -49.44 -3.38
CA LEU C 239 -24.83 -49.56 -3.72
C LEU C 239 -25.19 -51.03 -3.83
N ALA C 240 -26.47 -51.27 -4.06
CA ALA C 240 -26.96 -52.63 -4.26
C ALA C 240 -28.17 -52.63 -5.20
N SER C 251 -28.94 -70.31 -5.44
CA SER C 251 -28.12 -69.94 -4.29
C SER C 251 -27.33 -68.67 -4.57
N SER C 252 -26.14 -68.83 -5.16
CA SER C 252 -25.30 -67.69 -5.49
C SER C 252 -25.79 -66.93 -6.72
N SER C 253 -26.62 -67.54 -7.54
CA SER C 253 -27.14 -66.92 -8.76
C SER C 253 -28.66 -66.96 -8.74
N GLY C 254 -29.26 -65.94 -9.36
CA GLY C 254 -30.70 -65.85 -9.40
C GLY C 254 -31.26 -64.86 -8.41
N TRP C 255 -31.61 -63.67 -8.88
CA TRP C 255 -32.13 -62.61 -8.03
C TRP C 255 -32.72 -61.52 -8.92
N THR C 256 -33.83 -60.93 -8.47
CA THR C 256 -34.51 -59.88 -9.22
C THR C 256 -33.74 -58.58 -9.07
N ALA C 257 -33.10 -58.13 -10.16
CA ALA C 257 -32.32 -56.91 -10.11
C ALA C 257 -33.20 -55.70 -9.88
N GLY C 258 -32.74 -54.81 -9.01
CA GLY C 258 -33.48 -53.59 -8.70
C GLY C 258 -33.26 -52.52 -9.74
N ALA C 259 -34.22 -51.60 -9.84
CA ALA C 259 -34.16 -50.50 -10.78
C ALA C 259 -33.86 -49.21 -10.04
N ALA C 260 -32.83 -48.50 -10.50
CA ALA C 260 -32.41 -47.25 -9.87
C ALA C 260 -31.60 -46.46 -10.89
N ALA C 261 -31.40 -45.18 -10.59
CA ALA C 261 -30.64 -44.31 -11.47
C ALA C 261 -29.92 -43.25 -10.64
N TYR C 262 -28.69 -42.95 -11.04
CA TYR C 262 -27.91 -41.93 -10.35
C TYR C 262 -26.97 -41.24 -11.33
N TYR C 263 -26.36 -40.16 -10.84
CA TYR C 263 -25.63 -39.20 -11.65
C TYR C 263 -24.38 -38.77 -10.89
N VAL C 264 -23.28 -38.62 -11.62
CA VAL C 264 -22.01 -38.19 -11.04
C VAL C 264 -21.41 -37.07 -11.90
N GLY C 265 -20.90 -36.04 -11.24
CA GLY C 265 -20.33 -34.91 -11.95
C GLY C 265 -19.14 -34.33 -11.21
N TYR C 266 -18.29 -33.65 -11.98
CA TYR C 266 -17.07 -33.04 -11.46
C TYR C 266 -17.23 -31.52 -11.34
N LEU C 267 -16.51 -30.95 -10.37
CA LEU C 267 -16.58 -29.53 -10.07
C LEU C 267 -15.41 -28.78 -10.69
N GLN C 268 -15.66 -27.54 -11.08
CA GLN C 268 -14.67 -26.69 -11.71
C GLN C 268 -14.62 -25.33 -11.04
N PRO C 269 -13.47 -24.65 -11.07
CA PRO C 269 -13.39 -23.31 -10.48
C PRO C 269 -14.07 -22.26 -11.35
N ARG C 270 -15.19 -21.73 -10.87
CA ARG C 270 -15.97 -20.76 -11.63
C ARG C 270 -16.47 -19.66 -10.70
N THR C 271 -16.80 -18.53 -11.31
CA THR C 271 -17.39 -17.41 -10.59
C THR C 271 -18.88 -17.34 -10.93
N PHE C 272 -19.70 -17.29 -9.89
CA PHE C 272 -21.15 -17.33 -10.01
C PHE C 272 -21.77 -16.10 -9.36
N LEU C 273 -22.92 -15.69 -9.88
CA LEU C 273 -23.69 -14.59 -9.30
C LEU C 273 -24.99 -15.15 -8.74
N LEU C 274 -25.22 -14.92 -7.45
CA LEU C 274 -26.35 -15.49 -6.72
C LEU C 274 -27.29 -14.38 -6.28
N LYS C 275 -28.58 -14.71 -6.25
CA LYS C 275 -29.63 -13.77 -5.84
C LYS C 275 -30.30 -14.30 -4.59
N TYR C 276 -30.38 -13.45 -3.57
CA TYR C 276 -31.05 -13.79 -2.32
C TYR C 276 -32.39 -13.08 -2.26
N ASN C 277 -33.37 -13.76 -1.66
CA ASN C 277 -34.69 -13.17 -1.48
C ASN C 277 -34.71 -12.36 -0.18
N GLU C 278 -35.89 -11.93 0.24
CA GLU C 278 -35.98 -11.14 1.47
C GLU C 278 -35.78 -12.01 2.71
N ASN C 279 -36.07 -13.30 2.61
CA ASN C 279 -35.85 -14.20 3.75
C ASN C 279 -34.40 -14.58 3.92
N GLY C 280 -33.57 -14.40 2.89
CA GLY C 280 -32.21 -14.88 2.94
C GLY C 280 -32.00 -16.24 2.32
N THR C 281 -32.76 -16.58 1.28
CA THR C 281 -32.67 -17.88 0.63
C THR C 281 -32.28 -17.69 -0.83
N ILE C 282 -31.51 -18.63 -1.34
CA ILE C 282 -31.05 -18.59 -2.73
C ILE C 282 -32.19 -19.00 -3.64
N THR C 283 -32.50 -18.15 -4.62
CA THR C 283 -33.53 -18.46 -5.61
C THR C 283 -33.01 -18.50 -7.03
N ASP C 284 -32.06 -17.64 -7.39
CA ASP C 284 -31.55 -17.58 -8.76
C ASP C 284 -30.04 -17.50 -8.73
N ALA C 285 -29.43 -17.98 -9.81
CA ALA C 285 -27.97 -17.99 -9.93
C ALA C 285 -27.61 -18.04 -11.41
N VAL C 286 -26.57 -17.31 -11.78
CA VAL C 286 -26.13 -17.21 -13.16
C VAL C 286 -24.63 -17.43 -13.23
N ASP C 287 -24.20 -18.18 -14.24
CA ASP C 287 -22.79 -18.36 -14.53
C ASP C 287 -22.25 -17.13 -15.25
N CYS C 288 -20.92 -17.00 -15.22
CA CYS C 288 -20.26 -15.85 -15.82
C CYS C 288 -19.30 -16.21 -16.94
N ALA C 289 -19.19 -17.49 -17.31
CA ALA C 289 -18.25 -17.88 -18.35
C ALA C 289 -18.84 -18.92 -19.28
N LEU C 290 -20.16 -18.93 -19.46
CA LEU C 290 -20.81 -19.92 -20.31
C LEU C 290 -20.98 -19.39 -21.73
N ASP C 291 -21.68 -18.27 -21.89
CA ASP C 291 -21.94 -17.64 -23.17
C ASP C 291 -21.80 -16.14 -22.99
N PRO C 292 -21.62 -15.39 -24.09
CA PRO C 292 -21.36 -13.95 -23.95
C PRO C 292 -22.43 -13.21 -23.16
N LEU C 293 -23.69 -13.61 -23.28
CA LEU C 293 -24.73 -12.95 -22.50
C LEU C 293 -24.49 -13.11 -21.01
N SER C 294 -24.07 -14.31 -20.59
CA SER C 294 -23.74 -14.50 -19.19
C SER C 294 -22.58 -13.61 -18.76
N GLU C 295 -21.59 -13.46 -19.65
CA GLU C 295 -20.47 -12.56 -19.35
C GLU C 295 -20.95 -11.13 -19.10
N THR C 296 -21.73 -10.59 -20.04
CA THR C 296 -22.17 -9.21 -19.89
C THR C 296 -23.17 -9.05 -18.74
N LYS C 297 -23.83 -10.14 -18.34
CA LYS C 297 -24.68 -10.06 -17.15
C LYS C 297 -23.85 -10.05 -15.88
N CYS C 298 -22.77 -10.83 -15.85
CA CYS C 298 -21.92 -10.87 -14.66
C CYS C 298 -21.13 -9.59 -14.50
N THR C 299 -20.74 -8.94 -15.60
CA THR C 299 -19.94 -7.73 -15.47
C THR C 299 -20.74 -6.54 -14.94
N LEU C 300 -22.06 -6.66 -14.81
CA LEU C 300 -22.90 -5.57 -14.32
C LEU C 300 -23.57 -5.88 -12.99
N LYS C 301 -23.43 -7.09 -12.47
CA LYS C 301 -24.13 -7.54 -11.27
C LYS C 301 -25.64 -7.32 -11.42
N SER C 302 -26.17 -7.70 -12.57
CA SER C 302 -27.59 -7.54 -12.85
C SER C 302 -28.05 -8.63 -13.80
N PHE C 303 -29.20 -9.21 -13.51
CA PHE C 303 -29.74 -10.29 -14.33
C PHE C 303 -30.32 -9.79 -15.65
N THR C 304 -30.67 -8.51 -15.75
CA THR C 304 -31.24 -7.94 -16.96
C THR C 304 -30.35 -6.84 -17.48
N VAL C 305 -30.07 -6.86 -18.78
CA VAL C 305 -29.22 -5.87 -19.42
C VAL C 305 -29.99 -5.24 -20.57
N GLU C 306 -29.87 -3.93 -20.70
CA GLU C 306 -30.62 -3.19 -21.71
C GLU C 306 -29.90 -3.20 -23.04
N LYS C 307 -30.58 -2.66 -24.06
CA LYS C 307 -30.02 -2.59 -25.40
C LYS C 307 -28.82 -1.65 -25.42
N GLY C 308 -27.79 -2.03 -26.13
CA GLY C 308 -26.61 -1.20 -26.26
C GLY C 308 -25.35 -2.05 -26.29
N ILE C 309 -24.30 -1.49 -26.87
CA ILE C 309 -23.01 -2.17 -26.94
C ILE C 309 -22.34 -2.10 -25.58
N TYR C 310 -21.91 -3.25 -25.08
CA TYR C 310 -21.28 -3.35 -23.77
C TYR C 310 -19.85 -3.87 -23.95
N GLN C 311 -18.98 -3.52 -23.01
CA GLN C 311 -17.60 -3.97 -23.01
C GLN C 311 -17.38 -4.94 -21.86
N THR C 312 -16.57 -5.97 -22.13
CA THR C 312 -16.32 -7.03 -21.17
C THR C 312 -14.83 -7.37 -21.27
N SER C 313 -14.46 -8.58 -20.82
CA SER C 313 -13.04 -9.02 -20.82
C SER C 313 -12.37 -8.88 -22.19
N ASN C 314 -11.08 -8.55 -22.21
CA ASN C 314 -10.33 -8.34 -23.48
C ASN C 314 -9.90 -9.69 -24.09
N PHE C 315 -9.48 -9.68 -25.37
CA PHE C 315 -9.00 -10.91 -26.04
C PHE C 315 -7.51 -10.78 -26.36
N ARG C 316 -6.72 -11.81 -26.03
CA ARG C 316 -5.26 -11.80 -26.32
C ARG C 316 -4.83 -13.16 -26.87
N VAL C 317 -3.74 -13.20 -27.65
CA VAL C 317 -3.23 -14.45 -28.27
C VAL C 317 -2.12 -15.03 -27.38
N GLN C 318 -1.95 -16.36 -27.39
CA GLN C 318 -0.96 -17.02 -26.49
C GLN C 318 0.13 -17.70 -27.32
N PRO C 319 1.41 -17.70 -26.89
CA PRO C 319 2.52 -18.27 -27.68
C PRO C 319 2.56 -19.80 -27.75
N THR C 320 3.56 -20.36 -28.45
CA THR C 320 3.67 -21.81 -28.61
C THR C 320 4.81 -22.39 -27.79
N GLU C 321 6.01 -21.85 -27.95
CA GLU C 321 7.16 -22.18 -27.13
C GLU C 321 7.83 -20.91 -26.64
N SER C 322 8.09 -20.84 -25.34
CA SER C 322 8.67 -19.66 -24.71
C SER C 322 10.18 -19.87 -24.60
N ILE C 323 10.95 -19.07 -25.34
CA ILE C 323 12.40 -19.21 -25.40
C ILE C 323 13.03 -17.83 -25.24
N VAL C 324 14.29 -17.83 -24.79
CA VAL C 324 15.03 -16.61 -24.51
C VAL C 324 16.28 -16.58 -25.39
N ARG C 325 17.01 -15.46 -25.35
CA ARG C 325 18.00 -15.14 -26.38
C ARG C 325 19.38 -14.82 -25.80
N PHE C 326 20.41 -15.52 -26.29
CA PHE C 326 21.82 -15.14 -26.21
C PHE C 326 22.45 -15.19 -27.59
N PRO C 327 23.48 -14.38 -27.84
CA PRO C 327 24.29 -14.60 -29.05
C PRO C 327 25.06 -15.90 -28.96
N ASN C 328 25.31 -16.51 -30.12
CA ASN C 328 25.92 -17.83 -30.16
C ASN C 328 26.77 -17.96 -31.42
N ILE C 329 28.01 -18.43 -31.25
CA ILE C 329 28.84 -18.79 -32.40
C ILE C 329 29.52 -20.13 -32.14
N THR C 330 29.54 -20.56 -30.88
CA THR C 330 30.09 -21.87 -30.47
C THR C 330 31.55 -21.98 -30.90
N ASN C 331 32.39 -21.16 -30.28
CA ASN C 331 33.83 -21.23 -30.48
C ASN C 331 34.43 -22.33 -29.62
N LEU C 332 35.77 -22.36 -29.50
CA LEU C 332 36.44 -23.43 -28.78
C LEU C 332 37.54 -22.85 -27.88
N CYS C 333 37.77 -23.55 -26.71
CA CYS C 333 38.81 -23.37 -25.72
C CYS C 333 39.97 -24.33 -25.96
N PRO C 334 41.20 -23.97 -25.55
CA PRO C 334 42.36 -24.85 -25.74
C PRO C 334 42.43 -26.01 -24.75
N PHE C 335 41.31 -26.71 -24.57
CA PHE C 335 41.29 -27.90 -23.76
C PHE C 335 41.96 -29.08 -24.44
N ASP C 336 42.07 -29.04 -25.77
CA ASP C 336 42.73 -30.12 -26.49
C ASP C 336 44.22 -30.20 -26.16
N GLU C 337 44.82 -29.06 -25.81
CA GLU C 337 46.23 -29.06 -25.44
C GLU C 337 46.47 -29.95 -24.22
N VAL C 338 45.62 -29.83 -23.20
CA VAL C 338 45.67 -30.76 -22.08
C VAL C 338 45.20 -32.15 -22.51
N PHE C 339 44.20 -32.20 -23.39
CA PHE C 339 43.70 -33.48 -23.89
C PHE C 339 44.79 -34.25 -24.60
N ASN C 340 45.58 -33.56 -25.43
CA ASN C 340 46.64 -34.19 -26.21
C ASN C 340 47.99 -34.10 -25.49
N ALA C 341 48.02 -33.58 -24.26
CA ALA C 341 49.27 -33.46 -23.51
C ALA C 341 49.80 -34.86 -23.20
N THR C 342 50.90 -35.22 -23.85
CA THR C 342 51.48 -36.55 -23.63
C THR C 342 52.21 -36.63 -22.29
N ARG C 343 52.92 -35.57 -21.91
CA ARG C 343 53.70 -35.55 -20.68
C ARG C 343 53.13 -34.49 -19.75
N PHE C 344 52.87 -34.88 -18.50
CA PHE C 344 52.40 -33.96 -17.48
C PHE C 344 53.52 -33.61 -16.50
N ALA C 345 53.31 -32.54 -15.75
CA ALA C 345 54.32 -32.04 -14.83
C ALA C 345 54.40 -32.94 -13.60
N SER C 346 55.28 -32.57 -12.67
CA SER C 346 55.42 -33.30 -11.42
C SER C 346 54.47 -32.70 -10.38
N VAL C 347 54.62 -33.10 -9.12
CA VAL C 347 53.70 -32.67 -8.08
C VAL C 347 53.94 -31.21 -7.71
N TYR C 348 55.13 -30.90 -7.19
CA TYR C 348 55.43 -29.55 -6.74
C TYR C 348 55.66 -28.59 -7.90
N ALA C 349 55.99 -29.10 -9.09
CA ALA C 349 56.16 -28.29 -10.28
C ALA C 349 54.92 -28.31 -11.15
N TRP C 350 53.75 -28.34 -10.53
CA TRP C 350 52.49 -28.41 -11.26
C TRP C 350 52.34 -27.21 -12.18
N ASN C 351 52.27 -27.47 -13.47
CA ASN C 351 52.08 -26.39 -14.44
C ASN C 351 50.68 -25.80 -14.31
N ARG C 352 50.57 -24.51 -14.58
CA ARG C 352 49.31 -23.79 -14.51
C ARG C 352 48.87 -23.40 -15.91
N LYS C 353 47.60 -23.63 -16.22
CA LYS C 353 47.02 -23.27 -17.50
C LYS C 353 46.03 -22.13 -17.31
N ARG C 354 46.02 -21.21 -18.28
CA ARG C 354 45.14 -20.05 -18.24
C ARG C 354 44.09 -20.21 -19.35
N ILE C 355 42.83 -20.09 -18.98
CA ILE C 355 41.71 -20.17 -19.92
C ILE C 355 40.93 -18.87 -19.82
N SER C 356 40.74 -18.21 -20.96
CA SER C 356 40.04 -16.93 -20.97
C SER C 356 39.51 -16.65 -22.36
N ASN C 357 38.34 -16.00 -22.41
CA ASN C 357 37.74 -15.51 -23.65
C ASN C 357 37.53 -16.63 -24.67
N CYS C 358 36.95 -17.73 -24.22
CA CYS C 358 36.62 -18.84 -25.11
C CYS C 358 35.42 -19.59 -24.56
N VAL C 359 34.79 -20.38 -25.44
CA VAL C 359 33.61 -21.13 -25.09
C VAL C 359 34.05 -22.55 -24.72
N ALA C 360 33.99 -22.88 -23.43
CA ALA C 360 34.35 -24.21 -22.98
C ALA C 360 33.25 -25.21 -23.36
N ASP C 361 33.64 -26.48 -23.41
CA ASP C 361 32.71 -27.56 -23.77
C ASP C 361 32.96 -28.74 -22.85
N TYR C 362 32.03 -28.99 -21.93
CA TYR C 362 32.11 -30.14 -21.04
C TYR C 362 31.41 -31.38 -21.61
N SER C 363 30.88 -31.28 -22.83
CA SER C 363 30.20 -32.43 -23.42
C SER C 363 31.16 -33.60 -23.64
N VAL C 364 32.40 -33.31 -24.04
CA VAL C 364 33.39 -34.37 -24.22
C VAL C 364 33.63 -35.08 -22.90
N LEU C 365 33.63 -34.33 -21.80
CA LEU C 365 33.75 -34.94 -20.47
C LEU C 365 32.55 -35.81 -20.14
N TYR C 366 31.38 -35.51 -20.70
CA TYR C 366 30.14 -36.20 -20.39
C TYR C 366 29.74 -37.23 -21.45
N ASN C 367 29.89 -36.90 -22.73
CA ASN C 367 29.42 -37.80 -23.78
C ASN C 367 30.35 -38.99 -24.00
N LEU C 368 31.65 -38.80 -23.84
CA LEU C 368 32.60 -39.85 -24.17
C LEU C 368 32.52 -41.02 -23.19
N ALA C 369 32.46 -42.23 -23.73
CA ALA C 369 32.48 -43.43 -22.89
C ALA C 369 33.76 -43.60 -22.09
N PRO C 370 34.97 -43.40 -22.63
CA PRO C 370 36.19 -43.69 -21.86
C PRO C 370 36.33 -42.90 -20.57
N PHE C 371 35.49 -41.89 -20.32
CA PHE C 371 35.52 -41.15 -19.06
C PHE C 371 34.87 -42.00 -17.98
N PHE C 372 35.58 -43.05 -17.56
CA PHE C 372 35.09 -43.94 -16.53
C PHE C 372 35.30 -43.40 -15.12
N THR C 373 36.10 -42.34 -14.98
CA THR C 373 36.42 -41.77 -13.67
C THR C 373 36.09 -40.28 -13.71
N PHE C 374 34.96 -39.91 -13.09
CA PHE C 374 34.56 -38.52 -12.94
C PHE C 374 33.93 -38.37 -11.57
N LYS C 375 34.64 -37.72 -10.66
CA LYS C 375 34.25 -37.63 -9.26
C LYS C 375 34.25 -36.18 -8.82
N CYS C 376 33.07 -35.67 -8.46
CA CYS C 376 32.86 -34.27 -8.12
C CYS C 376 32.02 -34.14 -6.86
N TYR C 377 32.40 -33.20 -5.98
CA TYR C 377 31.51 -32.83 -4.88
C TYR C 377 31.21 -31.34 -4.84
N GLY C 378 32.20 -30.48 -5.09
CA GLY C 378 32.04 -29.06 -4.84
C GLY C 378 30.94 -28.42 -5.66
N VAL C 379 30.84 -28.79 -6.93
CA VAL C 379 29.85 -28.22 -7.84
C VAL C 379 29.05 -29.35 -8.46
N SER C 380 27.93 -28.98 -9.06
CA SER C 380 27.04 -29.96 -9.67
C SER C 380 27.67 -30.53 -10.93
N PRO C 381 27.88 -31.85 -11.02
CA PRO C 381 28.53 -32.41 -12.22
C PRO C 381 27.84 -32.04 -13.52
N THR C 382 26.57 -32.43 -13.68
CA THR C 382 25.86 -32.22 -14.93
C THR C 382 25.39 -30.78 -15.13
N LYS C 383 25.21 -30.03 -14.05
CA LYS C 383 24.71 -28.66 -14.13
C LYS C 383 25.85 -27.65 -14.24
N LEU C 384 27.10 -28.11 -14.32
CA LEU C 384 28.22 -27.21 -14.50
C LEU C 384 28.24 -26.55 -15.87
N ASN C 385 27.48 -27.08 -16.83
CA ASN C 385 27.45 -26.48 -18.16
C ASN C 385 26.88 -25.06 -18.12
N ASP C 386 25.82 -24.85 -17.36
CA ASP C 386 25.18 -23.54 -17.29
C ASP C 386 25.89 -22.59 -16.34
N LEU C 387 26.87 -23.06 -15.57
CA LEU C 387 27.59 -22.21 -14.62
C LEU C 387 28.81 -21.63 -15.32
N CYS C 388 28.94 -20.31 -15.26
CA CYS C 388 30.06 -19.62 -15.91
C CYS C 388 31.08 -19.19 -14.87
N PHE C 389 32.34 -19.48 -15.14
CA PHE C 389 33.46 -19.09 -14.30
C PHE C 389 34.11 -17.84 -14.89
N THR C 390 34.80 -17.09 -14.03
CA THR C 390 35.56 -15.94 -14.55
C THR C 390 36.85 -16.36 -15.22
N ASN C 391 37.48 -17.44 -14.77
CA ASN C 391 38.64 -18.03 -15.41
C ASN C 391 38.90 -19.40 -14.80
N VAL C 392 39.39 -20.32 -15.62
CA VAL C 392 39.64 -21.69 -15.20
C VAL C 392 41.14 -21.86 -15.04
N TYR C 393 41.58 -22.17 -13.84
CA TYR C 393 42.98 -22.47 -13.56
C TYR C 393 43.15 -23.98 -13.56
N ALA C 394 43.68 -24.52 -14.65
CA ALA C 394 43.87 -25.95 -14.81
C ALA C 394 45.28 -26.31 -14.34
N ASP C 395 45.36 -27.14 -13.30
CA ASP C 395 46.63 -27.60 -12.76
C ASP C 395 46.77 -29.08 -13.07
N SER C 396 47.83 -29.43 -13.81
CA SER C 396 48.06 -30.79 -14.24
C SER C 396 49.24 -31.36 -13.48
N PHE C 397 49.03 -32.49 -12.81
CA PHE C 397 50.10 -33.17 -12.10
C PHE C 397 49.70 -34.62 -11.92
N VAL C 398 50.69 -35.46 -11.63
CA VAL C 398 50.51 -36.90 -11.53
C VAL C 398 50.82 -37.33 -10.10
N ILE C 399 49.90 -38.06 -9.48
CA ILE C 399 50.03 -38.53 -8.12
C ILE C 399 49.72 -40.02 -8.08
N ARG C 400 50.12 -40.67 -6.99
CA ARG C 400 49.89 -42.10 -6.86
C ARG C 400 48.41 -42.38 -6.64
N GLY C 401 48.04 -43.64 -6.86
CA GLY C 401 46.65 -44.06 -6.73
C GLY C 401 46.16 -44.28 -5.33
N ASP C 402 47.02 -44.17 -4.33
CA ASP C 402 46.63 -44.32 -2.94
C ASP C 402 46.12 -43.03 -2.30
N GLU C 403 46.38 -41.88 -2.93
CA GLU C 403 46.07 -40.58 -2.36
C GLU C 403 44.98 -39.87 -3.16
N VAL C 404 44.05 -40.63 -3.72
CA VAL C 404 42.94 -40.03 -4.45
C VAL C 404 41.98 -39.34 -3.49
N ARG C 405 41.90 -39.85 -2.25
CA ARG C 405 40.91 -39.33 -1.31
C ARG C 405 41.23 -37.92 -0.84
N GLN C 406 42.51 -37.58 -0.72
CA GLN C 406 42.91 -36.29 -0.14
C GLN C 406 42.73 -35.13 -1.09
N ILE C 407 42.50 -35.37 -2.39
CA ILE C 407 42.39 -34.27 -3.33
C ILE C 407 41.15 -33.42 -3.08
N ALA C 408 40.14 -33.98 -2.41
CA ALA C 408 38.94 -33.22 -2.13
C ALA C 408 39.24 -32.09 -1.14
N PRO C 409 38.53 -30.97 -1.23
CA PRO C 409 38.81 -29.85 -0.33
C PRO C 409 38.52 -30.19 1.12
N GLY C 410 39.40 -29.71 2.00
CA GLY C 410 39.21 -29.89 3.43
C GLY C 410 40.19 -30.83 4.09
N GLN C 411 40.48 -31.95 3.44
CA GLN C 411 41.36 -32.94 4.04
C GLN C 411 42.81 -32.47 4.02
N THR C 412 43.61 -33.06 4.90
CA THR C 412 45.04 -32.75 5.00
C THR C 412 45.87 -34.02 4.99
N GLY C 413 47.18 -33.88 5.08
CA GLY C 413 48.07 -35.03 5.09
C GLY C 413 49.48 -34.64 4.66
N ASN C 414 50.30 -35.66 4.40
CA ASN C 414 51.67 -35.46 3.97
C ASN C 414 51.75 -34.83 2.58
N ILE C 415 50.78 -35.12 1.73
CA ILE C 415 50.77 -34.56 0.38
C ILE C 415 49.93 -33.30 0.30
N ALA C 416 48.91 -33.17 1.14
CA ALA C 416 47.97 -32.05 1.07
C ALA C 416 48.45 -30.82 1.83
N ASP C 417 49.62 -30.87 2.47
CA ASP C 417 50.16 -29.70 3.16
C ASP C 417 51.64 -29.45 2.90
N TYR C 418 52.37 -30.39 2.33
CA TYR C 418 53.78 -30.19 2.02
C TYR C 418 54.02 -29.82 0.56
N ASN C 419 53.15 -30.23 -0.36
CA ASN C 419 53.38 -30.00 -1.78
C ASN C 419 52.34 -29.08 -2.40
N TYR C 420 51.05 -29.43 -2.31
CA TYR C 420 49.98 -28.65 -2.92
C TYR C 420 48.79 -28.66 -1.98
N LYS C 421 48.68 -27.62 -1.15
CA LYS C 421 47.57 -27.49 -0.23
C LYS C 421 46.37 -26.86 -0.94
N LEU C 422 45.21 -27.46 -0.76
CA LEU C 422 43.97 -26.98 -1.36
C LEU C 422 43.20 -26.18 -0.32
N PRO C 423 42.91 -24.90 -0.57
CA PRO C 423 42.20 -24.10 0.43
C PRO C 423 40.82 -24.67 0.75
N ASP C 424 40.38 -24.45 1.98
CA ASP C 424 39.06 -24.93 2.40
C ASP C 424 37.95 -24.29 1.59
N ASP C 425 38.06 -22.98 1.32
CA ASP C 425 37.04 -22.25 0.59
C ASP C 425 37.07 -22.55 -0.91
N PHE C 426 37.87 -23.51 -1.34
CA PHE C 426 37.90 -23.89 -2.76
C PHE C 426 36.54 -24.47 -3.14
N THR C 427 35.78 -23.73 -3.92
CA THR C 427 34.52 -24.20 -4.45
C THR C 427 34.77 -24.96 -5.74
N GLY C 428 34.13 -26.12 -5.87
CA GLY C 428 34.32 -26.94 -7.05
C GLY C 428 34.96 -28.28 -6.72
N CYS C 429 35.42 -28.98 -7.75
CA CYS C 429 35.97 -30.32 -7.58
C CYS C 429 37.15 -30.48 -8.51
N VAL C 430 37.61 -31.73 -8.65
CA VAL C 430 38.78 -32.07 -9.43
C VAL C 430 38.39 -33.14 -10.45
N ILE C 431 39.33 -33.44 -11.34
CA ILE C 431 39.16 -34.49 -12.34
C ILE C 431 40.34 -35.45 -12.21
N ALA C 432 40.04 -36.73 -12.09
CA ALA C 432 41.08 -37.74 -11.93
C ALA C 432 40.76 -38.95 -12.80
N TRP C 433 41.80 -39.65 -13.23
CA TRP C 433 41.64 -40.88 -14.01
C TRP C 433 42.92 -41.68 -13.94
N ASN C 434 42.82 -42.95 -14.32
CA ASN C 434 43.97 -43.83 -14.32
C ASN C 434 44.92 -43.49 -15.46
N SER C 435 46.21 -43.69 -15.23
CA SER C 435 47.24 -43.44 -16.21
C SER C 435 48.23 -44.60 -16.30
N ASN C 436 47.77 -45.81 -16.00
CA ASN C 436 48.65 -46.97 -16.08
C ASN C 436 49.08 -47.23 -17.52
N LYS C 437 48.17 -47.05 -18.47
CA LYS C 437 48.47 -47.32 -19.87
C LYS C 437 49.22 -46.17 -20.55
N LEU C 438 49.38 -45.03 -19.89
CA LEU C 438 50.03 -43.88 -20.49
C LEU C 438 51.32 -43.50 -19.78
N ASP C 439 51.29 -43.33 -18.46
CA ASP C 439 52.48 -42.92 -17.72
C ASP C 439 53.24 -44.11 -17.14
N SER C 440 52.53 -45.08 -16.57
CA SER C 440 53.18 -46.24 -15.97
C SER C 440 53.88 -47.07 -17.03
N LYS C 441 55.06 -47.58 -16.70
CA LYS C 441 55.86 -48.37 -17.62
C LYS C 441 56.40 -49.60 -16.90
N VAL C 442 56.57 -50.68 -17.65
CA VAL C 442 57.13 -51.91 -17.09
C VAL C 442 58.55 -51.67 -16.59
N SER C 443 59.33 -50.92 -17.36
CA SER C 443 60.70 -50.63 -16.98
C SER C 443 60.85 -49.61 -15.86
N GLY C 444 59.77 -48.92 -15.49
CA GLY C 444 59.83 -47.96 -14.42
C GLY C 444 59.85 -46.52 -14.89
N ASN C 445 59.04 -45.68 -14.24
CA ASN C 445 58.97 -44.26 -14.55
C ASN C 445 59.42 -43.46 -13.34
N TYR C 446 60.33 -42.52 -13.57
CA TYR C 446 60.92 -41.71 -12.51
C TYR C 446 60.97 -40.24 -12.92
N ASN C 447 59.86 -39.74 -13.44
CA ASN C 447 59.79 -38.37 -13.95
C ASN C 447 59.02 -37.41 -13.06
N TYR C 448 58.58 -37.85 -11.88
CA TYR C 448 57.78 -37.01 -11.00
C TYR C 448 58.36 -37.07 -9.59
N LEU C 449 58.21 -35.97 -8.86
CA LEU C 449 58.73 -35.88 -7.50
C LEU C 449 57.84 -34.95 -6.68
N TYR C 450 57.96 -35.08 -5.36
CA TYR C 450 57.24 -34.21 -4.43
C TYR C 450 58.05 -34.06 -3.15
N ARG C 451 57.75 -33.00 -2.41
CA ARG C 451 58.50 -32.68 -1.20
C ARG C 451 58.11 -33.60 -0.04
N LEU C 452 59.11 -34.05 0.71
CA LEU C 452 58.89 -34.90 1.87
C LEU C 452 59.15 -34.21 3.20
N PHE C 453 60.05 -33.23 3.23
CA PHE C 453 60.41 -32.52 4.44
C PHE C 453 60.34 -31.02 4.21
N ARG C 454 59.84 -30.29 5.21
CA ARG C 454 59.81 -28.85 5.15
C ARG C 454 60.06 -28.28 6.54
N LYS C 455 60.62 -27.08 6.58
CA LYS C 455 60.81 -26.38 7.85
C LYS C 455 59.45 -26.04 8.49
N SER C 456 58.50 -25.61 7.67
CA SER C 456 57.16 -25.25 8.16
C SER C 456 56.20 -25.35 6.99
N ASN C 457 54.90 -25.30 7.31
CA ASN C 457 53.87 -25.37 6.29
C ASN C 457 53.91 -24.12 5.41
N LEU C 458 53.88 -24.34 4.10
CA LEU C 458 54.01 -23.26 3.13
C LEU C 458 52.68 -22.54 2.93
N LYS C 459 52.76 -21.34 2.38
CA LYS C 459 51.56 -20.54 2.12
C LYS C 459 50.81 -21.11 0.93
N PRO C 460 49.49 -21.26 1.02
CA PRO C 460 48.73 -21.88 -0.08
C PRO C 460 48.85 -21.11 -1.38
N PHE C 461 48.87 -21.85 -2.49
CA PHE C 461 49.00 -21.34 -3.85
C PHE C 461 50.29 -20.56 -4.08
N GLU C 462 51.28 -20.69 -3.20
CA GLU C 462 52.58 -20.08 -3.42
C GLU C 462 53.53 -21.15 -3.94
N ARG C 463 54.13 -20.89 -5.10
CA ARG C 463 54.96 -21.88 -5.76
C ARG C 463 56.21 -22.17 -4.94
N ASP C 464 56.61 -23.44 -4.91
CA ASP C 464 57.83 -23.88 -4.26
C ASP C 464 58.79 -24.42 -5.30
N ILE C 465 59.99 -23.83 -5.37
CA ILE C 465 60.99 -24.17 -6.36
C ILE C 465 62.31 -24.57 -5.71
N SER C 466 62.76 -23.79 -4.72
CA SER C 466 64.05 -24.06 -4.09
C SER C 466 64.03 -25.40 -3.37
N THR C 467 65.16 -26.10 -3.43
CA THR C 467 65.30 -27.47 -2.92
C THR C 467 66.47 -27.56 -1.95
N GLU C 468 66.51 -26.63 -0.99
CA GLU C 468 67.58 -26.65 0.00
C GLU C 468 67.58 -27.94 0.80
N ILE C 469 68.77 -28.43 1.12
CA ILE C 469 68.89 -29.66 1.89
C ILE C 469 68.35 -29.46 3.31
N TYR C 470 68.05 -30.57 3.97
CA TYR C 470 67.49 -30.55 5.30
C TYR C 470 68.38 -31.33 6.26
N GLN C 471 68.38 -30.90 7.52
CA GLN C 471 69.21 -31.51 8.56
C GLN C 471 68.39 -31.72 9.82
N ALA C 472 68.84 -32.65 10.66
CA ALA C 472 68.22 -32.91 11.95
C ALA C 472 68.97 -32.24 13.10
N GLY C 473 70.26 -32.50 13.22
CA GLY C 473 71.06 -31.87 14.26
C GLY C 473 71.54 -30.49 13.87
N ASN C 474 72.06 -29.77 14.87
CA ASN C 474 72.56 -28.42 14.64
C ASN C 474 73.95 -28.41 14.00
N LYS C 475 74.69 -29.50 14.09
CA LYS C 475 76.04 -29.53 13.53
C LYS C 475 75.96 -29.57 11.99
N PRO C 476 76.71 -28.74 11.29
CA PRO C 476 76.68 -28.77 9.82
C PRO C 476 77.24 -30.09 9.30
N CYS C 477 76.69 -30.56 8.18
CA CYS C 477 77.13 -31.77 7.52
C CYS C 477 77.39 -31.47 6.05
N ASN C 478 78.54 -31.93 5.55
CA ASN C 478 78.89 -31.71 4.16
C ASN C 478 79.81 -32.83 3.69
N GLY C 479 79.90 -32.99 2.37
CA GLY C 479 80.72 -34.03 1.79
C GLY C 479 79.95 -35.30 1.52
N VAL C 480 80.08 -36.29 2.40
CA VAL C 480 79.40 -37.56 2.26
C VAL C 480 78.40 -37.71 3.42
N ALA C 481 77.68 -38.83 3.40
CA ALA C 481 76.71 -39.11 4.44
C ALA C 481 77.41 -39.42 5.76
N GLY C 482 76.62 -39.54 6.82
CA GLY C 482 77.17 -39.81 8.13
C GLY C 482 76.10 -39.96 9.20
N PHE C 483 76.32 -39.36 10.36
CA PHE C 483 75.36 -39.41 11.46
C PHE C 483 74.41 -38.23 11.37
N ASN C 484 73.11 -38.53 11.37
CA ASN C 484 72.06 -37.51 11.26
C ASN C 484 72.23 -36.66 10.00
N CYS C 485 72.67 -37.31 8.92
CA CYS C 485 72.89 -36.65 7.62
C CYS C 485 72.25 -37.53 6.55
N TYR C 486 71.07 -37.13 6.09
CA TYR C 486 70.29 -37.90 5.14
C TYR C 486 69.83 -37.04 3.98
N PHE C 487 69.55 -37.70 2.86
CA PHE C 487 69.06 -37.01 1.67
C PHE C 487 67.60 -36.60 1.87
N PRO C 488 67.27 -35.32 1.71
CA PRO C 488 65.90 -34.89 2.04
C PRO C 488 64.81 -35.55 1.21
N LEU C 489 65.07 -35.81 -0.07
CA LEU C 489 64.02 -36.27 -0.96
C LEU C 489 64.00 -37.80 -1.04
N ARG C 490 62.90 -38.32 -1.59
CA ARG C 490 62.73 -39.76 -1.81
C ARG C 490 62.18 -39.98 -3.20
N SER C 491 62.42 -41.18 -3.73
CA SER C 491 62.07 -41.52 -5.10
C SER C 491 60.83 -42.42 -5.13
N TYR C 492 60.46 -42.83 -6.34
CA TYR C 492 59.28 -43.65 -6.57
C TYR C 492 59.67 -45.11 -6.74
N SER C 493 58.65 -45.96 -6.91
CA SER C 493 58.85 -47.38 -7.19
C SER C 493 57.66 -47.85 -8.03
N PHE C 494 57.85 -47.86 -9.34
CA PHE C 494 56.79 -48.20 -10.29
C PHE C 494 57.20 -49.46 -11.05
N ARG C 495 56.64 -50.60 -10.66
CA ARG C 495 56.91 -51.89 -11.25
C ARG C 495 55.59 -52.59 -11.53
N PRO C 496 55.57 -53.52 -12.50
CA PRO C 496 54.33 -54.28 -12.76
C PRO C 496 53.88 -55.15 -11.59
N THR C 497 54.74 -55.41 -10.62
CA THR C 497 54.36 -56.21 -9.46
C THR C 497 53.23 -55.54 -8.68
N TYR C 498 53.32 -54.22 -8.50
CA TYR C 498 52.30 -53.51 -7.76
C TYR C 498 50.97 -53.54 -8.50
N GLY C 499 49.89 -53.76 -7.77
CA GLY C 499 48.57 -53.86 -8.34
C GLY C 499 47.82 -52.55 -8.34
N VAL C 500 46.48 -52.65 -8.28
CA VAL C 500 45.64 -51.46 -8.32
C VAL C 500 45.92 -50.60 -7.09
N GLY C 501 45.93 -49.28 -7.31
CA GLY C 501 46.19 -48.32 -6.26
C GLY C 501 47.60 -47.81 -6.20
N HIS C 502 48.53 -48.45 -6.92
CA HIS C 502 49.92 -47.99 -6.98
C HIS C 502 50.30 -47.45 -8.34
N GLN C 503 49.54 -47.74 -9.39
CA GLN C 503 49.80 -47.13 -10.68
C GLN C 503 49.52 -45.64 -10.62
N PRO C 504 50.34 -44.80 -11.26
CA PRO C 504 50.10 -43.36 -11.23
C PRO C 504 48.76 -43.00 -11.84
N TYR C 505 48.13 -41.98 -11.26
CA TYR C 505 46.86 -41.46 -11.73
C TYR C 505 47.05 -40.03 -12.19
N ARG C 506 46.50 -39.70 -13.36
CA ARG C 506 46.61 -38.35 -13.88
C ARG C 506 45.46 -37.50 -13.36
N VAL C 507 45.80 -36.35 -12.77
CA VAL C 507 44.84 -35.51 -12.08
C VAL C 507 44.93 -34.10 -12.64
N VAL C 508 43.77 -33.52 -12.97
CA VAL C 508 43.68 -32.12 -13.38
C VAL C 508 42.59 -31.45 -12.55
N VAL C 509 42.88 -30.26 -12.04
CA VAL C 509 41.97 -29.52 -11.18
C VAL C 509 41.43 -28.34 -11.97
N LEU C 510 40.12 -28.32 -12.17
CA LEU C 510 39.47 -27.22 -12.88
C LEU C 510 38.92 -26.19 -11.90
N SER C 511 39.82 -25.68 -11.05
CA SER C 511 39.44 -24.67 -10.09
C SER C 511 39.20 -23.33 -10.79
N PHE C 512 38.67 -22.37 -10.03
CA PHE C 512 38.33 -21.07 -10.59
C PHE C 512 38.39 -20.02 -9.50
N GLU C 513 38.53 -18.77 -9.93
CA GLU C 513 38.48 -17.64 -9.01
C GLU C 513 37.07 -17.52 -8.43
N LEU C 514 36.99 -16.97 -7.22
CA LEU C 514 35.73 -16.93 -6.48
C LEU C 514 34.82 -15.81 -7.03
N LEU C 515 34.60 -15.87 -8.34
CA LEU C 515 33.61 -15.05 -9.05
C LEU C 515 33.78 -13.57 -8.72
N HIS C 516 35.01 -13.09 -8.76
CA HIS C 516 35.31 -11.69 -8.52
C HIS C 516 35.59 -10.89 -9.78
N ALA C 517 36.33 -11.45 -10.72
CA ALA C 517 36.61 -10.83 -12.00
C ALA C 517 35.49 -11.14 -12.98
N PRO C 518 35.38 -10.39 -14.08
CA PRO C 518 34.32 -10.67 -15.06
C PRO C 518 34.47 -12.07 -15.65
N ALA C 519 33.32 -12.67 -15.97
CA ALA C 519 33.31 -14.02 -16.53
C ALA C 519 33.94 -14.05 -17.91
N THR C 520 34.95 -14.89 -18.09
CA THR C 520 35.64 -15.04 -19.36
C THR C 520 35.55 -16.43 -19.97
N VAL C 521 35.09 -17.43 -19.21
CA VAL C 521 34.95 -18.79 -19.70
C VAL C 521 33.53 -19.27 -19.42
N CYS C 522 32.91 -19.88 -20.42
CA CYS C 522 31.53 -20.36 -20.30
C CYS C 522 31.39 -21.65 -21.08
N GLY C 523 30.36 -22.43 -20.72
CA GLY C 523 30.11 -23.70 -21.34
C GLY C 523 29.43 -23.57 -22.68
N PRO C 524 29.12 -24.71 -23.29
CA PRO C 524 28.48 -24.70 -24.60
C PRO C 524 27.07 -24.12 -24.53
N LYS C 525 26.61 -23.58 -25.66
CA LYS C 525 25.29 -22.99 -25.77
C LYS C 525 24.48 -23.74 -26.81
N LYS C 526 23.17 -23.85 -26.58
CA LYS C 526 22.30 -24.62 -27.44
C LYS C 526 21.88 -23.79 -28.66
N SER C 527 21.02 -24.36 -29.49
CA SER C 527 20.55 -23.71 -30.71
C SER C 527 19.15 -24.21 -31.02
N THR C 528 18.44 -23.45 -31.85
CA THR C 528 17.08 -23.76 -32.23
C THR C 528 16.82 -23.33 -33.67
N ASN C 529 16.02 -24.12 -34.37
CA ASN C 529 15.67 -23.81 -35.76
C ASN C 529 14.91 -22.50 -35.83
N LEU C 530 14.77 -21.99 -37.05
CA LEU C 530 14.18 -20.68 -37.29
C LEU C 530 12.74 -20.84 -37.78
N VAL C 531 11.84 -20.06 -37.17
CA VAL C 531 10.42 -20.03 -37.53
C VAL C 531 10.08 -18.61 -37.93
N LYS C 532 9.43 -18.47 -39.08
CA LYS C 532 9.14 -17.15 -39.65
C LYS C 532 7.66 -16.82 -39.52
N ASN C 533 7.38 -15.64 -38.99
CA ASN C 533 6.02 -15.09 -38.91
C ASN C 533 5.08 -16.02 -38.15
N LYS C 534 5.40 -16.22 -36.86
CA LYS C 534 4.55 -16.98 -35.97
C LYS C 534 4.81 -16.51 -34.55
N CYS C 535 3.80 -16.61 -33.70
CA CYS C 535 3.91 -16.17 -32.30
C CYS C 535 4.73 -17.22 -31.52
N VAL C 536 6.01 -17.26 -31.85
CA VAL C 536 6.97 -18.16 -31.24
C VAL C 536 8.07 -17.33 -30.60
N ASN C 537 8.59 -17.80 -29.47
CA ASN C 537 9.56 -17.04 -28.70
C ASN C 537 10.99 -17.52 -28.92
N PHE C 538 11.22 -18.41 -29.89
CA PHE C 538 12.57 -18.89 -30.13
C PHE C 538 13.47 -17.72 -30.51
N ASN C 539 14.50 -17.48 -29.70
CA ASN C 539 15.51 -16.50 -30.07
C ASN C 539 16.91 -16.86 -29.56
N PHE C 540 17.22 -18.16 -29.44
CA PHE C 540 18.56 -18.67 -29.11
C PHE C 540 19.01 -18.31 -27.70
N ASN C 541 18.29 -18.89 -26.72
CA ASN C 541 18.83 -19.30 -25.41
C ASN C 541 19.51 -18.23 -24.54
N GLY C 542 18.73 -17.33 -23.92
CA GLY C 542 19.22 -16.66 -22.72
C GLY C 542 18.78 -15.28 -22.26
N LEU C 543 18.09 -14.49 -23.10
CA LEU C 543 17.49 -13.24 -22.64
C LEU C 543 16.07 -13.17 -23.19
N LYS C 544 15.16 -12.68 -22.36
CA LYS C 544 13.73 -12.80 -22.65
C LYS C 544 13.33 -11.92 -23.84
N GLY C 545 12.04 -12.00 -24.18
CA GLY C 545 11.47 -11.30 -25.30
C GLY C 545 10.58 -12.19 -26.13
N THR C 546 9.32 -11.79 -26.29
CA THR C 546 8.32 -12.61 -26.97
C THR C 546 7.71 -11.83 -28.13
N GLY C 547 7.20 -12.58 -29.10
CA GLY C 547 6.62 -11.97 -30.28
C GLY C 547 6.77 -12.84 -31.52
N VAL C 548 6.92 -12.22 -32.68
CA VAL C 548 7.10 -12.92 -33.94
C VAL C 548 8.39 -12.45 -34.57
N LEU C 549 8.96 -13.30 -35.43
CA LEU C 549 10.21 -13.01 -36.12
C LEU C 549 9.90 -12.84 -37.60
N THR C 550 10.17 -11.64 -38.13
CA THR C 550 9.83 -11.32 -39.51
C THR C 550 11.03 -10.79 -40.28
N GLU C 551 10.79 -10.26 -41.48
CA GLU C 551 11.85 -9.76 -42.34
C GLU C 551 11.92 -8.24 -42.28
N SER C 552 13.13 -7.71 -42.14
CA SER C 552 13.36 -6.27 -42.03
C SER C 552 14.27 -5.82 -43.17
N ASN C 553 14.51 -4.50 -43.21
CA ASN C 553 15.36 -3.92 -44.25
C ASN C 553 16.28 -2.83 -43.72
N LYS C 554 16.39 -2.66 -42.41
CA LYS C 554 17.26 -1.65 -41.84
C LYS C 554 18.73 -2.01 -42.05
N LYS C 555 19.60 -1.01 -41.98
CA LYS C 555 21.01 -1.17 -42.22
C LYS C 555 21.78 -0.97 -40.92
N PHE C 556 22.48 -2.01 -40.49
CA PHE C 556 23.36 -1.93 -39.33
C PHE C 556 24.78 -1.56 -39.75
N LEU C 557 25.70 -1.66 -38.80
CA LEU C 557 27.13 -1.50 -38.95
C LEU C 557 27.80 -2.69 -38.27
N PRO C 558 29.05 -3.00 -38.60
CA PRO C 558 29.66 -4.26 -38.14
C PRO C 558 29.59 -4.52 -36.65
N PHE C 559 29.35 -3.49 -35.85
CA PHE C 559 29.21 -3.64 -34.40
C PHE C 559 27.80 -3.42 -33.89
N GLN C 560 26.89 -2.93 -34.74
CA GLN C 560 25.51 -2.75 -34.35
C GLN C 560 24.88 -4.11 -34.03
N GLN C 561 24.17 -4.19 -32.90
CA GLN C 561 23.47 -5.43 -32.55
C GLN C 561 21.96 -5.25 -32.47
N PHE C 562 21.47 -4.35 -31.62
CA PHE C 562 20.04 -4.27 -31.33
C PHE C 562 19.39 -3.14 -32.11
N GLY C 563 18.13 -2.88 -31.79
CA GLY C 563 17.42 -1.73 -32.31
C GLY C 563 16.50 -1.19 -31.24
N ARG C 564 16.12 0.06 -31.39
CA ARG C 564 15.24 0.72 -30.43
C ARG C 564 14.31 1.66 -31.16
N ASP C 565 13.32 2.17 -30.42
CA ASP C 565 12.33 3.09 -30.97
C ASP C 565 12.20 4.32 -30.10
N ILE C 566 11.23 5.18 -30.40
CA ILE C 566 11.04 6.39 -29.61
C ILE C 566 10.65 6.04 -28.18
N ALA C 567 9.76 5.06 -28.03
CA ALA C 567 9.35 4.61 -26.70
C ALA C 567 10.42 3.80 -25.99
N ASP C 568 11.58 3.60 -26.63
CA ASP C 568 12.70 2.87 -26.05
C ASP C 568 12.31 1.42 -25.73
N THR C 569 11.94 0.69 -26.79
CA THR C 569 11.66 -0.73 -26.70
C THR C 569 12.36 -1.43 -27.86
N THR C 570 12.79 -2.67 -27.60
CA THR C 570 13.49 -3.44 -28.63
C THR C 570 12.58 -3.68 -29.82
N ASP C 571 13.09 -3.46 -31.03
CA ASP C 571 12.32 -3.60 -32.24
C ASP C 571 13.07 -4.31 -33.36
N ALA C 572 14.32 -4.71 -33.13
CA ALA C 572 15.08 -5.41 -34.15
C ALA C 572 16.21 -6.17 -33.48
N VAL C 573 16.48 -7.37 -33.98
CA VAL C 573 17.55 -8.20 -33.46
C VAL C 573 18.31 -8.80 -34.63
N ARG C 574 19.64 -8.75 -34.55
CA ARG C 574 20.51 -9.38 -35.53
C ARG C 574 20.79 -10.80 -35.05
N ASP C 575 20.51 -11.78 -35.91
CA ASP C 575 20.71 -13.17 -35.57
C ASP C 575 22.20 -13.44 -35.35
N PRO C 576 22.61 -13.96 -34.20
CA PRO C 576 24.04 -14.18 -33.98
C PRO C 576 24.69 -15.11 -34.99
N GLN C 577 23.99 -16.15 -35.43
CA GLN C 577 24.61 -17.12 -36.32
C GLN C 577 24.68 -16.61 -37.76
N THR C 578 23.54 -16.31 -38.36
CA THR C 578 23.49 -15.69 -39.67
C THR C 578 23.23 -14.19 -39.53
N LEU C 579 23.96 -13.40 -40.29
CA LEU C 579 23.95 -11.95 -40.12
C LEU C 579 22.69 -11.29 -40.66
N GLU C 580 21.65 -12.06 -40.95
CA GLU C 580 20.38 -11.48 -41.37
C GLU C 580 19.81 -10.60 -40.26
N ILE C 581 19.17 -9.51 -40.65
CA ILE C 581 18.58 -8.55 -39.72
C ILE C 581 17.09 -8.85 -39.63
N LEU C 582 16.64 -9.26 -38.44
CA LEU C 582 15.26 -9.69 -38.22
C LEU C 582 14.42 -8.51 -37.76
N ASP C 583 13.21 -8.79 -37.28
CA ASP C 583 12.30 -7.78 -36.78
C ASP C 583 11.42 -8.42 -35.71
N ILE C 584 10.88 -7.58 -34.83
CA ILE C 584 9.99 -8.03 -33.77
C ILE C 584 8.82 -7.07 -33.65
N THR C 585 7.61 -7.60 -33.65
CA THR C 585 6.41 -6.85 -33.37
C THR C 585 5.54 -7.62 -32.39
N PRO C 586 4.85 -6.94 -31.48
CA PRO C 586 4.08 -7.65 -30.46
C PRO C 586 2.89 -8.39 -31.05
N CYS C 587 2.44 -9.41 -30.32
CA CYS C 587 1.30 -10.21 -30.75
C CYS C 587 0.02 -9.38 -30.71
N SER C 588 -0.98 -9.83 -31.46
CA SER C 588 -2.20 -9.07 -31.63
C SER C 588 -3.06 -9.15 -30.37
N PHE C 589 -3.50 -8.01 -29.88
CA PHE C 589 -4.41 -7.90 -28.74
C PHE C 589 -5.52 -6.92 -29.08
N GLY C 590 -6.54 -6.89 -28.24
CA GLY C 590 -7.66 -6.01 -28.47
C GLY C 590 -8.74 -6.20 -27.42
N GLY C 591 -9.88 -5.57 -27.67
CA GLY C 591 -10.99 -5.65 -26.75
C GLY C 591 -12.14 -6.49 -27.27
N VAL C 592 -13.02 -6.91 -26.38
CA VAL C 592 -14.20 -7.70 -26.73
C VAL C 592 -15.43 -6.94 -26.26
N SER C 593 -16.39 -6.75 -27.16
CA SER C 593 -17.60 -6.01 -26.84
C SER C 593 -18.79 -6.67 -27.50
N VAL C 594 -19.72 -7.16 -26.68
CA VAL C 594 -20.89 -7.87 -27.20
C VAL C 594 -21.93 -6.86 -27.65
N ILE C 595 -22.63 -7.18 -28.74
CA ILE C 595 -23.68 -6.33 -29.30
C ILE C 595 -25.00 -7.02 -29.01
N THR C 596 -25.84 -6.41 -28.18
CA THR C 596 -27.07 -7.08 -27.79
C THR C 596 -28.26 -6.13 -27.72
N PRO C 597 -29.44 -6.59 -28.12
CA PRO C 597 -30.68 -5.89 -27.78
C PRO C 597 -31.05 -6.17 -26.34
N GLY C 598 -32.23 -5.71 -25.95
CA GLY C 598 -32.67 -5.92 -24.58
C GLY C 598 -32.78 -7.40 -24.25
N THR C 599 -32.64 -7.71 -22.95
CA THR C 599 -32.71 -9.10 -22.51
C THR C 599 -34.08 -9.70 -22.80
N ASN C 600 -35.14 -8.92 -22.57
CA ASN C 600 -36.48 -9.42 -22.81
C ASN C 600 -36.80 -9.53 -24.30
N THR C 601 -36.28 -8.62 -25.12
CA THR C 601 -36.58 -8.64 -26.55
C THR C 601 -36.08 -9.92 -27.20
N SER C 602 -34.88 -10.35 -26.86
CA SER C 602 -34.30 -11.56 -27.42
C SER C 602 -33.13 -11.98 -26.54
N ASN C 603 -32.51 -13.11 -26.90
CA ASN C 603 -31.31 -13.57 -26.24
C ASN C 603 -30.17 -13.82 -27.22
N GLN C 604 -30.32 -13.43 -28.48
CA GLN C 604 -29.24 -13.53 -29.44
C GLN C 604 -28.35 -12.30 -29.37
N VAL C 605 -27.05 -12.51 -29.59
CA VAL C 605 -26.07 -11.44 -29.45
C VAL C 605 -25.08 -11.49 -30.60
N ALA C 606 -24.05 -10.66 -30.53
CA ALA C 606 -22.92 -10.71 -31.44
C ALA C 606 -21.69 -10.20 -30.70
N VAL C 607 -20.51 -10.59 -31.19
CA VAL C 607 -19.25 -10.24 -30.54
C VAL C 607 -18.41 -9.42 -31.51
N LEU C 608 -17.79 -8.36 -31.00
CA LEU C 608 -16.95 -7.46 -31.80
C LEU C 608 -15.55 -7.48 -31.21
N TYR C 609 -14.63 -8.17 -31.88
CA TYR C 609 -13.22 -8.12 -31.51
C TYR C 609 -12.63 -6.80 -31.95
N GLN C 610 -12.11 -6.02 -31.00
CA GLN C 610 -11.71 -4.64 -31.28
C GLN C 610 -10.36 -4.62 -31.99
N GLY C 611 -10.34 -4.02 -33.19
CA GLY C 611 -9.11 -3.66 -33.86
C GLY C 611 -8.13 -4.78 -34.12
N VAL C 612 -8.61 -5.91 -34.64
CA VAL C 612 -7.76 -7.04 -34.98
C VAL C 612 -8.14 -7.53 -36.37
N ASN C 613 -7.13 -7.91 -37.16
CA ASN C 613 -7.41 -8.49 -38.47
C ASN C 613 -8.27 -9.74 -38.31
N CYS C 614 -9.25 -9.89 -39.18
CA CYS C 614 -10.31 -10.84 -38.92
C CYS C 614 -9.86 -12.29 -39.09
N THR C 615 -8.85 -12.54 -39.93
CA THR C 615 -8.39 -13.89 -40.18
C THR C 615 -7.49 -14.42 -39.09
N GLU C 616 -7.12 -13.60 -38.10
CA GLU C 616 -6.23 -14.06 -37.04
C GLU C 616 -6.95 -14.96 -36.05
N VAL C 617 -8.14 -14.57 -35.61
CA VAL C 617 -8.84 -15.35 -34.58
C VAL C 617 -9.22 -16.75 -35.04
N PRO C 618 -9.73 -17.00 -36.26
CA PRO C 618 -10.10 -18.38 -36.60
C PRO C 618 -8.93 -19.34 -36.63
N VAL C 619 -7.71 -18.84 -36.83
CA VAL C 619 -6.54 -19.70 -36.75
C VAL C 619 -6.27 -20.11 -35.30
N ALA C 620 -6.38 -19.17 -34.37
CA ALA C 620 -5.93 -19.36 -33.00
C ALA C 620 -7.02 -19.90 -32.08
N ILE C 621 -8.22 -20.17 -32.58
CA ILE C 621 -9.30 -20.66 -31.72
C ILE C 621 -9.12 -22.14 -31.48
N HIS C 622 -9.01 -22.53 -30.21
CA HIS C 622 -8.95 -23.93 -29.81
C HIS C 622 -9.35 -24.02 -28.35
N ALA C 623 -10.04 -25.09 -28.00
CA ALA C 623 -10.57 -25.22 -26.65
C ALA C 623 -9.44 -25.29 -25.62
N ASP C 624 -9.65 -24.66 -24.47
CA ASP C 624 -8.70 -24.67 -23.36
C ASP C 624 -7.34 -24.12 -23.77
N GLN C 625 -7.35 -23.10 -24.63
CA GLN C 625 -6.09 -22.48 -25.04
C GLN C 625 -6.13 -20.95 -25.07
N LEU C 626 -7.30 -20.32 -25.02
CA LEU C 626 -7.41 -18.87 -25.07
C LEU C 626 -8.10 -18.35 -23.82
N THR C 627 -7.97 -17.04 -23.60
CA THR C 627 -8.70 -16.40 -22.52
C THR C 627 -10.21 -16.49 -22.69
N PRO C 628 -10.79 -16.23 -23.87
CA PRO C 628 -12.24 -16.46 -24.01
C PRO C 628 -12.59 -17.93 -23.89
N THR C 629 -13.78 -18.20 -23.37
CA THR C 629 -14.21 -19.57 -23.13
C THR C 629 -15.08 -20.14 -24.24
N TRP C 630 -15.83 -19.29 -24.93
CA TRP C 630 -16.72 -19.74 -26.00
C TRP C 630 -16.12 -19.44 -27.36
N ARG C 631 -16.19 -20.42 -28.26
CA ARG C 631 -15.66 -20.29 -29.61
C ARG C 631 -16.67 -20.71 -30.67
N VAL C 632 -17.88 -21.12 -30.27
CA VAL C 632 -18.88 -21.57 -31.23
C VAL C 632 -19.22 -20.45 -32.20
N TYR C 633 -19.28 -19.21 -31.71
CA TYR C 633 -19.52 -18.08 -32.59
C TYR C 633 -18.39 -17.92 -33.60
N SER C 634 -17.15 -18.10 -33.17
CA SER C 634 -16.01 -17.96 -34.07
C SER C 634 -16.13 -18.90 -35.26
N THR C 635 -16.42 -20.17 -35.00
CA THR C 635 -16.80 -21.11 -36.05
C THR C 635 -18.32 -21.13 -36.24
N GLY C 636 -18.90 -19.95 -36.39
CA GLY C 636 -20.33 -19.80 -36.43
C GLY C 636 -20.85 -19.02 -37.62
N SER C 637 -21.56 -17.93 -37.36
CA SER C 637 -22.22 -17.17 -38.42
C SER C 637 -21.19 -16.32 -39.17
N ASN C 638 -21.69 -15.41 -39.99
CA ASN C 638 -20.84 -14.65 -40.89
C ASN C 638 -19.89 -13.73 -40.10
N VAL C 639 -18.64 -13.68 -40.56
CA VAL C 639 -17.66 -12.73 -40.04
C VAL C 639 -17.55 -11.57 -41.02
N PHE C 640 -17.78 -10.36 -40.53
CA PHE C 640 -17.85 -9.17 -41.36
C PHE C 640 -16.79 -8.18 -40.91
N GLN C 641 -15.96 -7.74 -41.84
CA GLN C 641 -14.83 -6.87 -41.54
C GLN C 641 -15.27 -5.41 -41.49
N THR C 642 -14.80 -4.71 -40.46
CA THR C 642 -14.99 -3.26 -40.37
C THR C 642 -13.63 -2.60 -40.17
N ARG C 643 -13.62 -1.32 -39.81
CA ARG C 643 -12.38 -0.61 -39.55
C ARG C 643 -11.93 -0.71 -38.10
N ALA C 644 -12.64 -1.47 -37.26
CA ALA C 644 -12.28 -1.60 -35.86
C ALA C 644 -12.22 -3.06 -35.43
N GLY C 645 -11.96 -3.96 -36.36
CA GLY C 645 -12.00 -5.38 -36.08
C GLY C 645 -13.35 -5.97 -36.44
N CYS C 646 -13.34 -7.25 -36.84
CA CYS C 646 -14.53 -7.84 -37.41
C CYS C 646 -15.46 -8.37 -36.32
N LEU C 647 -16.75 -8.10 -36.48
CA LEU C 647 -17.77 -8.60 -35.57
C LEU C 647 -18.33 -9.92 -36.07
N ILE C 648 -18.73 -10.78 -35.13
CA ILE C 648 -19.14 -12.14 -35.41
C ILE C 648 -20.60 -12.30 -35.04
N GLY C 649 -21.42 -12.73 -35.99
CA GLY C 649 -22.83 -12.94 -35.73
C GLY C 649 -23.71 -11.87 -36.34
N ALA C 650 -23.35 -11.41 -37.54
CA ALA C 650 -24.16 -10.42 -38.24
C ALA C 650 -23.83 -10.46 -39.72
N GLU C 651 -24.83 -10.16 -40.54
CA GLU C 651 -24.69 -10.16 -42.00
C GLU C 651 -24.82 -8.74 -42.53
N TYR C 652 -23.92 -8.37 -43.43
CA TYR C 652 -23.82 -7.00 -43.91
C TYR C 652 -24.95 -6.70 -44.89
N VAL C 653 -26.07 -6.22 -44.36
CA VAL C 653 -27.17 -5.76 -45.20
C VAL C 653 -26.73 -4.45 -45.87
N ASN C 654 -27.48 -4.02 -46.89
CA ASN C 654 -27.05 -2.86 -47.67
C ASN C 654 -28.17 -1.85 -47.91
N ASN C 655 -29.14 -1.75 -47.00
CA ASN C 655 -30.14 -0.69 -47.06
C ASN C 655 -29.84 0.31 -45.93
N SER C 656 -29.53 1.54 -46.31
CA SER C 656 -29.06 2.54 -45.36
C SER C 656 -30.26 3.17 -44.65
N TYR C 657 -30.38 2.89 -43.36
CA TYR C 657 -31.39 3.49 -42.50
C TYR C 657 -30.70 4.23 -41.35
N GLU C 658 -31.51 4.76 -40.44
CA GLU C 658 -30.97 5.28 -39.19
C GLU C 658 -30.55 4.11 -38.30
N CYS C 659 -29.55 4.34 -37.45
CA CYS C 659 -28.98 3.30 -36.63
C CYS C 659 -29.09 3.65 -35.16
N ASP C 660 -29.41 2.63 -34.35
CA ASP C 660 -29.65 2.81 -32.93
C ASP C 660 -28.41 2.52 -32.10
N ILE C 661 -27.86 1.32 -32.22
CA ILE C 661 -26.67 0.92 -31.48
C ILE C 661 -25.45 1.23 -32.36
N PRO C 662 -24.59 2.16 -31.95
CA PRO C 662 -23.42 2.49 -32.77
C PRO C 662 -22.38 1.39 -32.77
N ILE C 663 -21.58 1.37 -33.84
CA ILE C 663 -20.53 0.39 -34.03
C ILE C 663 -19.17 1.06 -34.19
N GLY C 664 -19.06 2.01 -35.12
CA GLY C 664 -17.81 2.70 -35.36
C GLY C 664 -17.47 2.74 -36.82
N ALA C 665 -16.84 3.84 -37.24
CA ALA C 665 -16.43 4.06 -38.62
C ALA C 665 -17.62 3.94 -39.58
N GLY C 666 -18.77 4.41 -39.14
CA GLY C 666 -19.98 4.47 -39.96
C GLY C 666 -20.96 3.33 -39.77
N ILE C 667 -20.45 2.11 -39.60
CA ILE C 667 -21.31 0.95 -39.47
C ILE C 667 -22.15 1.05 -38.20
N CYS C 668 -23.32 0.42 -38.21
CA CYS C 668 -24.18 0.35 -37.04
C CYS C 668 -24.93 -0.97 -37.05
N ALA C 669 -25.00 -1.62 -35.89
CA ALA C 669 -25.80 -2.81 -35.76
C ALA C 669 -27.27 -2.44 -35.55
N SER C 670 -28.15 -3.42 -35.68
CA SER C 670 -29.57 -3.21 -35.43
C SER C 670 -30.27 -4.56 -35.43
N TYR C 671 -31.38 -4.63 -34.69
CA TYR C 671 -32.18 -5.84 -34.58
C TYR C 671 -33.36 -5.72 -35.55
N GLN C 672 -33.32 -6.52 -36.62
CA GLN C 672 -34.27 -6.39 -37.71
C GLN C 672 -34.85 -7.75 -38.06
N THR C 673 -36.08 -7.74 -38.54
CA THR C 673 -36.77 -8.96 -38.95
C THR C 673 -36.12 -9.57 -40.19
N SER C 686 -35.58 -15.36 -39.80
CA SER C 686 -36.51 -14.79 -38.84
C SER C 686 -35.98 -13.49 -38.25
N GLN C 687 -35.45 -13.57 -37.03
CA GLN C 687 -34.91 -12.41 -36.34
C GLN C 687 -33.42 -12.62 -36.13
N SER C 688 -32.63 -11.62 -36.48
CA SER C 688 -31.18 -11.71 -36.40
C SER C 688 -30.63 -10.31 -36.13
N ILE C 689 -29.32 -10.15 -36.33
CA ILE C 689 -28.64 -8.88 -36.12
C ILE C 689 -28.02 -8.44 -37.44
N ILE C 690 -28.29 -7.20 -37.83
CA ILE C 690 -27.86 -6.67 -39.12
C ILE C 690 -26.97 -5.46 -38.90
N ALA C 691 -25.89 -5.37 -39.67
CA ALA C 691 -25.00 -4.22 -39.67
C ALA C 691 -25.03 -3.60 -41.05
N TYR C 692 -25.16 -2.28 -41.10
CA TYR C 692 -25.30 -1.56 -42.37
C TYR C 692 -24.48 -0.28 -42.28
N THR C 693 -24.71 0.63 -43.22
CA THR C 693 -24.14 1.96 -43.18
C THR C 693 -25.23 2.94 -42.75
N MET C 694 -25.01 3.63 -41.64
CA MET C 694 -26.05 4.51 -41.11
C MET C 694 -26.34 5.64 -42.10
N SER C 695 -27.61 5.98 -42.22
CA SER C 695 -28.07 6.96 -43.19
C SER C 695 -28.30 8.29 -42.49
N LEU C 696 -27.63 9.34 -42.97
CA LEU C 696 -27.86 10.67 -42.41
C LEU C 696 -29.29 11.12 -42.65
N GLY C 697 -29.94 10.55 -43.65
CA GLY C 697 -31.29 10.92 -44.01
C GLY C 697 -31.49 10.75 -45.51
N ALA C 698 -32.57 11.35 -46.00
CA ALA C 698 -32.91 11.29 -47.41
C ALA C 698 -32.39 12.53 -48.11
N GLU C 699 -31.65 12.34 -49.19
CA GLU C 699 -31.17 13.46 -49.98
C GLU C 699 -32.35 14.25 -50.54
N ASN C 700 -32.24 15.57 -50.49
CA ASN C 700 -33.30 16.47 -50.95
C ASN C 700 -32.64 17.64 -51.66
N SER C 701 -32.49 17.54 -52.98
CA SER C 701 -31.92 18.62 -53.77
C SER C 701 -32.92 19.75 -53.91
N VAL C 702 -32.48 20.97 -53.68
CA VAL C 702 -33.29 22.16 -53.87
C VAL C 702 -32.65 23.00 -54.96
N ALA C 703 -33.43 23.30 -56.00
CA ALA C 703 -32.90 23.97 -57.17
C ALA C 703 -32.82 25.47 -56.95
N TYR C 704 -31.63 26.03 -57.16
CA TYR C 704 -31.46 27.47 -57.16
C TYR C 704 -32.29 28.10 -58.28
N SER C 705 -32.64 29.37 -58.09
CA SER C 705 -33.26 30.15 -59.16
C SER C 705 -33.03 31.62 -58.87
N ASN C 706 -32.62 32.35 -59.90
CA ASN C 706 -32.25 33.76 -59.73
C ASN C 706 -33.41 34.72 -59.96
N ASN C 707 -34.59 34.22 -60.32
CA ASN C 707 -35.72 35.10 -60.57
C ASN C 707 -37.02 34.55 -60.04
N SER C 708 -36.97 33.79 -58.95
CA SER C 708 -38.19 33.23 -58.37
C SER C 708 -38.03 33.13 -56.87
N ILE C 709 -38.97 33.71 -56.12
CA ILE C 709 -39.00 33.60 -54.68
C ILE C 709 -40.28 32.90 -54.24
N ALA C 710 -40.12 31.89 -53.39
CA ALA C 710 -41.24 31.19 -52.77
C ALA C 710 -41.75 31.98 -51.58
N ILE C 711 -43.06 31.90 -51.32
CA ILE C 711 -43.69 32.62 -50.24
C ILE C 711 -44.56 31.66 -49.43
N PRO C 712 -44.27 31.44 -48.16
CA PRO C 712 -45.15 30.59 -47.34
C PRO C 712 -46.48 31.28 -47.05
N THR C 713 -47.52 30.45 -46.88
CA THR C 713 -48.87 30.93 -46.66
C THR C 713 -49.54 30.40 -45.40
N ASN C 714 -48.98 29.37 -44.76
CA ASN C 714 -49.54 28.82 -43.54
C ASN C 714 -48.45 28.64 -42.49
N PHE C 715 -48.87 28.65 -41.23
CA PHE C 715 -47.95 28.61 -40.11
C PHE C 715 -48.66 27.99 -38.92
N THR C 716 -47.91 27.78 -37.84
CA THR C 716 -48.45 27.01 -36.72
C THR C 716 -48.17 27.67 -35.38
N ILE C 717 -48.52 26.96 -34.30
CA ILE C 717 -48.00 27.18 -32.95
C ILE C 717 -47.71 25.80 -32.37
N SER C 718 -46.55 25.64 -31.76
CA SER C 718 -46.14 24.32 -31.32
C SER C 718 -45.48 24.43 -29.95
N VAL C 719 -45.20 23.28 -29.36
CA VAL C 719 -44.55 23.19 -28.05
C VAL C 719 -43.48 22.11 -28.11
N THR C 720 -42.29 22.44 -27.61
CA THR C 720 -41.20 21.49 -27.52
C THR C 720 -40.58 21.57 -26.12
N THR C 721 -40.34 20.41 -25.52
CA THR C 721 -39.82 20.34 -24.17
C THR C 721 -38.29 20.30 -24.18
N GLU C 722 -37.72 20.55 -23.01
CA GLU C 722 -36.27 20.61 -22.83
C GLU C 722 -35.96 20.53 -21.35
N ILE C 723 -34.99 19.69 -21.00
CA ILE C 723 -34.73 19.36 -19.60
C ILE C 723 -33.27 19.65 -19.28
N LEU C 724 -33.03 20.37 -18.20
CA LEU C 724 -31.68 20.71 -17.74
C LEU C 724 -31.55 20.43 -16.25
N PRO C 725 -30.44 19.86 -15.82
CA PRO C 725 -30.16 19.78 -14.39
C PRO C 725 -29.85 21.15 -13.83
N VAL C 726 -30.08 21.30 -12.52
CA VAL C 726 -29.73 22.54 -11.83
C VAL C 726 -28.95 22.31 -10.54
N SER C 727 -29.04 21.15 -9.91
CA SER C 727 -28.30 20.92 -8.69
C SER C 727 -28.11 19.42 -8.50
N MET C 728 -27.17 19.06 -7.64
CA MET C 728 -26.93 17.67 -7.30
C MET C 728 -27.06 17.50 -5.80
N THR C 729 -27.27 16.25 -5.37
CA THR C 729 -27.54 15.98 -3.97
C THR C 729 -26.34 16.36 -3.10
N LYS C 730 -26.63 17.05 -2.01
CA LYS C 730 -25.59 17.40 -1.05
C LYS C 730 -25.01 16.13 -0.41
N THR C 731 -23.79 16.25 0.10
CA THR C 731 -23.15 15.13 0.76
C THR C 731 -22.08 15.66 1.71
N SER C 732 -21.97 15.05 2.88
CA SER C 732 -20.95 15.41 3.84
C SER C 732 -20.40 14.16 4.50
N VAL C 733 -19.08 14.09 4.62
CA VAL C 733 -18.41 12.95 5.23
C VAL C 733 -17.50 13.47 6.33
N ASP C 734 -17.43 12.74 7.43
CA ASP C 734 -16.56 13.12 8.53
C ASP C 734 -15.15 12.58 8.33
N CYS C 735 -14.19 13.23 8.99
CA CYS C 735 -12.81 12.79 8.93
C CYS C 735 -12.66 11.37 9.47
N THR C 736 -13.30 11.08 10.59
CA THR C 736 -13.06 9.85 11.33
C THR C 736 -14.17 8.82 11.21
N MET C 737 -15.41 9.24 10.94
CA MET C 737 -16.50 8.28 10.86
C MET C 737 -16.35 7.36 9.65
N TYR C 738 -15.51 7.72 8.68
CA TYR C 738 -15.29 6.87 7.52
C TYR C 738 -14.01 6.05 7.61
N ILE C 739 -13.08 6.43 8.47
CA ILE C 739 -11.83 5.68 8.60
C ILE C 739 -11.73 5.06 9.99
N CYS C 740 -11.72 5.91 11.02
CA CYS C 740 -11.48 5.47 12.38
C CYS C 740 -12.78 5.40 13.18
N GLY C 741 -13.86 4.96 12.53
CA GLY C 741 -15.11 4.81 13.24
C GLY C 741 -15.05 3.75 14.32
N ASP C 742 -15.83 3.97 15.38
CA ASP C 742 -15.95 3.09 16.54
C ASP C 742 -14.61 2.54 17.03
N SER C 743 -13.57 3.38 17.00
CA SER C 743 -12.27 2.96 17.50
C SER C 743 -11.53 4.19 18.01
N THR C 744 -10.54 3.94 18.87
CA THR C 744 -9.75 5.01 19.46
C THR C 744 -8.28 4.98 19.07
N GLU C 745 -7.71 3.80 18.82
CA GLU C 745 -6.32 3.72 18.40
C GLU C 745 -6.10 4.30 17.02
N CYS C 746 -7.17 4.48 16.24
CA CYS C 746 -7.08 5.08 14.92
C CYS C 746 -7.26 6.58 14.96
N SER C 747 -8.13 7.09 15.85
CA SER C 747 -8.37 8.53 15.90
C SER C 747 -7.11 9.28 16.30
N ASN C 748 -6.31 8.71 17.20
CA ASN C 748 -5.02 9.33 17.55
C ASN C 748 -4.11 9.38 16.34
N LEU C 749 -4.07 8.30 15.56
CA LEU C 749 -3.17 8.23 14.42
C LEU C 749 -3.55 9.24 13.34
N LEU C 750 -4.84 9.42 13.10
CA LEU C 750 -5.28 10.39 12.10
C LEU C 750 -4.94 11.83 12.49
N LEU C 751 -4.77 12.13 13.78
CA LEU C 751 -4.55 13.51 14.17
C LEU C 751 -3.22 14.05 13.66
N GLN C 752 -2.17 13.20 13.61
CA GLN C 752 -0.88 13.68 13.13
C GLN C 752 -0.96 14.08 11.66
N TYR C 753 -1.75 13.34 10.88
CA TYR C 753 -1.96 13.73 9.49
C TYR C 753 -2.58 15.11 9.40
N GLY C 754 -3.80 15.26 9.91
CA GLY C 754 -4.31 16.58 10.20
C GLY C 754 -4.92 17.30 9.02
N SER C 755 -4.11 18.15 8.37
CA SER C 755 -4.60 19.10 7.39
C SER C 755 -5.13 18.46 6.11
N PHE C 756 -5.00 17.15 5.95
CA PHE C 756 -5.58 16.53 4.76
C PHE C 756 -7.10 16.55 4.79
N CYS C 757 -7.71 15.86 5.75
CA CYS C 757 -9.17 15.76 5.68
C CYS C 757 -9.85 17.05 6.09
N THR C 758 -9.12 17.96 6.74
CA THR C 758 -9.67 19.29 6.97
C THR C 758 -9.93 19.99 5.65
N GLN C 759 -9.06 19.77 4.66
CA GLN C 759 -9.31 20.26 3.31
C GLN C 759 -10.48 19.52 2.67
N LEU C 760 -10.68 18.25 3.02
CA LEU C 760 -11.82 17.51 2.49
C LEU C 760 -13.14 18.14 2.92
N LYS C 761 -13.25 18.49 4.20
CA LYS C 761 -14.49 19.09 4.69
C LYS C 761 -14.75 20.43 4.05
N ARG C 762 -13.71 21.17 3.69
CA ARG C 762 -13.90 22.47 3.06
C ARG C 762 -14.34 22.34 1.61
N ALA C 763 -13.91 21.27 0.92
CA ALA C 763 -14.31 21.08 -0.46
C ALA C 763 -15.80 20.74 -0.56
N LEU C 764 -16.26 19.79 0.24
CA LEU C 764 -17.67 19.40 0.19
C LEU C 764 -18.58 20.40 0.87
N THR C 765 -18.02 21.37 1.58
CA THR C 765 -18.83 22.47 2.08
C THR C 765 -18.91 23.60 1.06
N GLY C 766 -17.88 23.75 0.22
CA GLY C 766 -17.95 24.71 -0.86
C GLY C 766 -18.97 24.32 -1.91
N ILE C 767 -19.06 23.02 -2.20
CA ILE C 767 -20.06 22.54 -3.15
C ILE C 767 -21.47 22.78 -2.61
N ALA C 768 -21.68 22.50 -1.33
CA ALA C 768 -23.02 22.55 -0.76
C ALA C 768 -23.62 23.95 -0.86
N VAL C 769 -22.80 24.97 -0.60
CA VAL C 769 -23.32 26.34 -0.63
C VAL C 769 -23.76 26.73 -2.03
N GLU C 770 -22.99 26.35 -3.05
CA GLU C 770 -23.38 26.68 -4.41
C GLU C 770 -24.65 25.95 -4.83
N GLN C 771 -24.92 24.80 -4.22
CA GLN C 771 -26.17 24.09 -4.52
C GLN C 771 -27.39 24.88 -4.08
N ASP C 772 -27.21 25.91 -3.26
CA ASP C 772 -28.27 26.84 -2.96
C ASP C 772 -28.16 28.14 -3.74
N LYS C 773 -26.96 28.53 -4.17
CA LYS C 773 -26.83 29.69 -5.05
C LYS C 773 -27.38 29.41 -6.43
N ASN C 774 -27.61 28.15 -6.78
CA ASN C 774 -28.24 27.83 -8.06
C ASN C 774 -29.75 28.01 -7.99
N THR C 775 -30.40 27.27 -7.08
CA THR C 775 -31.85 27.34 -6.99
C THR C 775 -32.34 28.72 -6.57
N GLN C 776 -31.54 29.46 -5.81
CA GLN C 776 -31.89 30.83 -5.47
C GLN C 776 -31.84 31.74 -6.69
N GLU C 777 -31.09 31.37 -7.72
CA GLU C 777 -30.97 32.18 -8.94
C GLU C 777 -31.88 31.71 -10.06
N VAL C 778 -32.14 30.40 -10.15
CA VAL C 778 -32.96 29.89 -11.25
C VAL C 778 -34.40 30.38 -11.15
N PHE C 779 -34.96 30.36 -9.94
CA PHE C 779 -36.37 30.71 -9.75
C PHE C 779 -36.60 32.05 -9.08
N ALA C 780 -35.70 32.48 -8.20
CA ALA C 780 -35.99 33.59 -7.29
C ALA C 780 -35.45 34.92 -7.81
N GLN C 781 -35.54 35.14 -9.11
CA GLN C 781 -35.15 36.42 -9.70
C GLN C 781 -36.23 37.49 -9.56
N VAL C 782 -37.16 37.32 -8.62
CA VAL C 782 -38.23 38.28 -8.38
C VAL C 782 -38.25 38.66 -6.91
N LYS C 783 -38.88 39.79 -6.62
CA LYS C 783 -38.97 40.30 -5.27
C LYS C 783 -40.41 40.33 -4.75
N GLN C 784 -41.36 39.76 -5.48
CA GLN C 784 -42.75 39.70 -5.06
C GLN C 784 -43.36 38.39 -5.52
N ILE C 785 -43.76 37.55 -4.57
CA ILE C 785 -44.41 36.27 -4.87
C ILE C 785 -45.85 36.61 -5.29
N TYR C 786 -46.09 36.55 -6.59
CA TYR C 786 -47.43 36.84 -7.09
C TYR C 786 -48.35 35.63 -6.92
N LYS C 787 -49.64 35.86 -7.17
CA LYS C 787 -50.59 34.78 -7.26
C LYS C 787 -51.77 35.23 -8.12
N THR C 788 -52.23 34.33 -8.98
CA THR C 788 -53.34 34.65 -9.86
C THR C 788 -54.64 34.74 -9.05
N PRO C 789 -55.54 35.63 -9.44
CA PRO C 789 -56.82 35.74 -8.74
C PRO C 789 -57.69 34.52 -8.98
N PRO C 790 -58.77 34.37 -8.23
CA PRO C 790 -59.69 33.24 -8.47
C PRO C 790 -60.19 33.16 -9.90
N ILE C 791 -60.34 34.30 -10.60
CA ILE C 791 -60.75 34.24 -12.00
C ILE C 791 -59.64 33.57 -12.81
N LYS C 792 -60.03 32.62 -13.66
CA LYS C 792 -59.07 31.83 -14.42
C LYS C 792 -59.43 31.83 -15.90
N TYR C 793 -59.84 32.98 -16.42
CA TYR C 793 -60.06 33.14 -17.86
C TYR C 793 -58.81 33.80 -18.43
N PHE C 794 -57.88 32.98 -18.92
CA PHE C 794 -56.63 33.47 -19.50
C PHE C 794 -56.81 33.67 -21.00
N GLY C 795 -57.15 34.91 -21.38
CA GLY C 795 -57.15 35.34 -22.77
C GLY C 795 -57.85 34.45 -23.75
N GLY C 796 -58.64 33.50 -23.25
CA GLY C 796 -59.28 32.51 -24.09
C GLY C 796 -58.46 31.27 -24.35
N PHE C 797 -57.22 31.22 -23.90
CA PHE C 797 -56.36 30.05 -24.09
C PHE C 797 -56.42 29.18 -22.85
N ASN C 798 -56.64 27.89 -23.05
CA ASN C 798 -56.72 26.96 -21.94
C ASN C 798 -55.37 26.84 -21.25
N PHE C 799 -55.36 27.01 -19.93
CA PHE C 799 -54.14 27.03 -19.17
C PHE C 799 -54.18 26.17 -17.93
N SER C 800 -55.27 25.43 -17.71
CA SER C 800 -55.44 24.72 -16.45
C SER C 800 -54.30 23.75 -16.19
N GLN C 801 -53.69 23.21 -17.24
CA GLN C 801 -52.67 22.18 -17.05
C GLN C 801 -51.47 22.74 -16.29
N ILE C 802 -51.01 23.93 -16.65
CA ILE C 802 -49.80 24.48 -16.05
C ILE C 802 -50.10 25.20 -14.74
N LEU C 803 -51.22 25.92 -14.65
CA LEU C 803 -51.52 26.64 -13.43
C LEU C 803 -51.95 25.66 -12.34
N PRO C 804 -51.41 25.77 -11.13
CA PRO C 804 -51.77 24.81 -10.08
C PRO C 804 -53.26 24.86 -9.75
N ASP C 805 -53.81 23.71 -9.42
CA ASP C 805 -55.22 23.59 -9.09
C ASP C 805 -55.39 23.67 -7.58
N PRO C 806 -56.20 24.60 -7.07
CA PRO C 806 -56.41 24.66 -5.60
C PRO C 806 -56.99 23.39 -5.01
N SER C 807 -57.77 22.64 -5.79
CA SER C 807 -58.41 21.43 -5.25
C SER C 807 -57.39 20.38 -4.84
N LYS C 808 -56.20 20.43 -5.42
CA LYS C 808 -55.14 19.52 -5.03
C LYS C 808 -54.65 19.84 -3.61
N PRO C 809 -54.12 18.86 -2.89
CA PRO C 809 -53.59 19.15 -1.55
C PRO C 809 -52.52 20.23 -1.53
N SER C 810 -51.65 20.27 -2.54
CA SER C 810 -50.65 21.30 -2.69
C SER C 810 -50.99 22.19 -3.88
N LYS C 811 -50.42 23.40 -3.89
CA LYS C 811 -50.58 24.27 -5.05
C LYS C 811 -49.58 23.87 -6.12
N ARG C 812 -49.58 22.59 -6.48
CA ARG C 812 -48.67 22.02 -7.45
C ARG C 812 -49.42 21.70 -8.72
N SER C 813 -48.85 22.09 -9.86
CA SER C 813 -49.48 21.82 -11.14
C SER C 813 -49.50 20.31 -11.42
N PHE C 814 -50.44 19.91 -12.28
CA PHE C 814 -50.61 18.50 -12.59
C PHE C 814 -49.36 17.92 -13.24
N ILE C 815 -48.76 18.66 -14.16
CA ILE C 815 -47.57 18.17 -14.86
C ILE C 815 -46.47 17.84 -13.86
N GLU C 816 -46.33 18.66 -12.82
CA GLU C 816 -45.35 18.36 -11.79
C GLU C 816 -45.65 17.04 -11.08
N ASP C 817 -46.93 16.66 -10.99
CA ASP C 817 -47.26 15.36 -10.40
C ASP C 817 -46.63 14.24 -11.20
N LEU C 818 -46.87 14.22 -12.52
CA LEU C 818 -46.24 13.22 -13.38
C LEU C 818 -44.73 13.38 -13.39
N LEU C 819 -44.26 14.62 -13.43
CA LEU C 819 -42.82 14.88 -13.42
C LEU C 819 -42.16 14.33 -12.17
N PHE C 820 -42.77 14.56 -11.01
CA PHE C 820 -42.22 13.98 -9.78
C PHE C 820 -42.45 12.48 -9.74
N ASN C 821 -43.49 11.99 -10.43
CA ASN C 821 -43.74 10.55 -10.44
C ASN C 821 -42.72 9.80 -11.27
N LYS C 822 -42.39 10.32 -12.45
CA LYS C 822 -41.47 9.61 -13.34
C LYS C 822 -40.08 9.48 -12.72
N VAL C 823 -39.60 10.54 -12.07
CA VAL C 823 -38.27 10.54 -11.51
C VAL C 823 -38.24 9.65 -10.27
N THR C 824 -37.23 8.78 -10.18
CA THR C 824 -37.08 7.84 -9.09
C THR C 824 -35.84 8.17 -8.27
N LEU C 825 -35.94 7.94 -6.96
CA LEU C 825 -34.83 8.21 -6.04
C LEU C 825 -34.32 6.92 -5.41
N LEU C 846 -34.14 1.00 1.10
CA LEU C 846 -32.96 1.11 1.94
C LEU C 846 -31.81 1.74 1.18
N ILE C 847 -31.65 3.05 1.35
CA ILE C 847 -30.62 3.81 0.64
C ILE C 847 -29.79 4.70 1.55
N CYS C 848 -30.19 4.88 2.81
CA CYS C 848 -29.46 5.76 3.72
C CYS C 848 -29.13 5.06 5.03
N ALA C 849 -29.95 4.08 5.41
CA ALA C 849 -29.73 3.38 6.68
C ALA C 849 -28.45 2.56 6.66
N GLN C 850 -27.94 2.22 5.49
CA GLN C 850 -26.69 1.48 5.36
C GLN C 850 -25.49 2.42 5.24
N LYS C 851 -25.69 3.71 5.39
CA LYS C 851 -24.63 4.72 5.28
C LYS C 851 -24.12 5.13 6.65
N PHE C 852 -24.00 4.18 7.57
CA PHE C 852 -23.49 4.46 8.92
C PHE C 852 -22.07 4.98 8.89
N LYS C 853 -21.48 5.09 7.69
CA LYS C 853 -20.10 5.50 7.52
C LYS C 853 -19.95 7.01 7.35
N GLY C 854 -20.87 7.79 7.90
CA GLY C 854 -20.75 9.22 7.91
C GLY C 854 -21.28 9.93 6.69
N LEU C 855 -21.65 9.19 5.65
CA LEU C 855 -22.14 9.80 4.41
C LEU C 855 -23.59 10.24 4.61
N THR C 856 -23.76 11.31 5.36
CA THR C 856 -25.07 11.81 5.73
C THR C 856 -25.52 12.86 4.72
N VAL C 857 -26.47 12.48 3.87
CA VAL C 857 -26.96 13.39 2.82
C VAL C 857 -27.74 14.51 3.50
N LEU C 858 -27.15 15.70 3.52
CA LEU C 858 -27.81 16.84 4.16
C LEU C 858 -28.99 17.30 3.31
N PRO C 859 -30.13 17.59 3.94
CA PRO C 859 -31.28 18.05 3.17
C PRO C 859 -31.05 19.45 2.64
N PRO C 860 -31.67 19.80 1.51
CA PRO C 860 -31.53 21.17 1.00
C PRO C 860 -32.19 22.17 1.93
N LEU C 861 -31.67 23.40 1.92
CA LEU C 861 -32.26 24.46 2.72
C LEU C 861 -33.69 24.74 2.29
N LEU C 862 -33.90 24.97 1.00
CA LEU C 862 -35.25 25.08 0.49
C LEU C 862 -35.95 23.73 0.56
N THR C 863 -37.26 23.76 0.74
CA THR C 863 -38.05 22.54 0.70
C THR C 863 -38.85 22.49 -0.60
N ASP C 864 -39.42 21.31 -0.86
CA ASP C 864 -40.07 21.09 -2.14
C ASP C 864 -41.28 21.98 -2.35
N GLU C 865 -41.95 22.40 -1.26
CA GLU C 865 -43.10 23.29 -1.41
C GLU C 865 -42.67 24.69 -1.78
N MET C 866 -41.64 25.23 -1.10
CA MET C 866 -41.16 26.57 -1.44
C MET C 866 -40.62 26.60 -2.87
N ILE C 867 -39.87 25.58 -3.27
CA ILE C 867 -39.43 25.49 -4.65
C ILE C 867 -40.63 25.49 -5.58
N ALA C 868 -41.68 24.76 -5.21
CA ALA C 868 -42.95 24.89 -5.91
C ALA C 868 -43.55 26.28 -5.71
N GLN C 869 -43.38 26.85 -4.51
CA GLN C 869 -43.87 28.21 -4.28
C GLN C 869 -43.11 29.22 -5.13
N TYR C 870 -41.78 29.08 -5.21
CA TYR C 870 -41.02 29.91 -6.16
C TYR C 870 -41.47 29.65 -7.59
N THR C 871 -41.61 28.37 -7.96
CA THR C 871 -41.96 28.05 -9.34
C THR C 871 -43.32 28.60 -9.71
N SER C 872 -44.33 28.42 -8.86
CA SER C 872 -45.64 28.96 -9.13
C SER C 872 -45.64 30.48 -9.20
N ALA C 873 -44.68 31.13 -8.55
CA ALA C 873 -44.57 32.57 -8.66
C ALA C 873 -44.26 32.98 -10.09
N LEU C 874 -43.41 32.21 -10.78
CA LEU C 874 -43.01 32.57 -12.13
C LEU C 874 -44.19 32.51 -13.09
N LEU C 875 -44.92 31.39 -13.09
CA LEU C 875 -46.12 31.32 -13.91
C LEU C 875 -47.15 32.35 -13.44
N ALA C 876 -47.18 32.62 -12.13
CA ALA C 876 -47.95 33.76 -11.66
C ALA C 876 -47.41 35.05 -12.26
N GLY C 877 -46.09 35.13 -12.40
CA GLY C 877 -45.47 36.30 -13.00
C GLY C 877 -45.63 36.39 -14.51
N THR C 878 -45.14 35.38 -15.24
CA THR C 878 -45.03 35.49 -16.69
C THR C 878 -46.38 35.61 -17.37
N ILE C 879 -47.46 35.19 -16.73
CA ILE C 879 -48.78 35.25 -17.34
C ILE C 879 -49.50 36.52 -16.95
N THR C 880 -49.52 36.84 -15.65
CA THR C 880 -50.15 38.08 -15.19
C THR C 880 -49.33 39.28 -15.61
N SER C 881 -48.00 39.21 -15.41
CA SER C 881 -47.16 40.39 -15.60
C SER C 881 -46.40 40.40 -16.92
N GLY C 882 -46.21 39.25 -17.55
CA GLY C 882 -45.66 39.25 -18.91
C GLY C 882 -44.14 39.36 -18.91
N TRP C 883 -43.61 40.17 -19.82
CA TRP C 883 -42.18 40.20 -20.08
C TRP C 883 -41.47 41.31 -19.33
N THR C 884 -42.16 42.02 -18.44
CA THR C 884 -41.57 43.16 -17.74
C THR C 884 -41.54 42.97 -16.23
N PHE C 885 -41.64 41.74 -15.73
CA PHE C 885 -41.61 41.52 -14.30
C PHE C 885 -40.25 41.05 -13.80
N GLY C 886 -39.27 40.92 -14.66
CA GLY C 886 -37.91 40.67 -14.24
C GLY C 886 -37.06 41.92 -14.11
N ALA C 887 -37.67 43.10 -14.23
CA ALA C 887 -36.96 44.37 -14.25
C ALA C 887 -37.47 45.32 -13.18
N GLY C 888 -37.91 44.78 -12.05
CA GLY C 888 -38.38 45.62 -10.96
C GLY C 888 -39.87 45.53 -10.69
N ALA C 889 -40.60 46.58 -11.01
CA ALA C 889 -42.03 46.66 -10.74
C ALA C 889 -42.80 46.01 -11.89
N ALA C 890 -43.51 44.93 -11.60
CA ALA C 890 -44.24 44.22 -12.62
C ALA C 890 -45.50 44.98 -13.03
N LEU C 891 -45.95 44.74 -14.25
CA LEU C 891 -47.11 45.41 -14.81
C LEU C 891 -48.07 44.35 -15.32
N GLN C 892 -49.31 44.40 -14.85
CA GLN C 892 -50.31 43.39 -15.21
C GLN C 892 -50.51 43.38 -16.73
N ILE C 893 -50.60 42.18 -17.30
CA ILE C 893 -50.78 42.03 -18.74
C ILE C 893 -51.80 40.93 -19.04
N PRO C 894 -52.90 41.25 -19.72
CA PRO C 894 -53.82 40.20 -20.16
C PRO C 894 -53.18 39.38 -21.26
N PHE C 895 -53.61 38.13 -21.37
CA PHE C 895 -52.87 37.17 -22.16
C PHE C 895 -53.29 37.15 -23.62
N ALA C 896 -54.44 37.73 -23.95
CA ALA C 896 -54.93 37.68 -25.33
C ALA C 896 -54.21 38.66 -26.23
N MET C 897 -54.30 39.96 -25.92
CA MET C 897 -53.68 40.95 -26.79
C MET C 897 -52.17 40.98 -26.67
N GLN C 898 -51.59 40.27 -25.70
CA GLN C 898 -50.14 40.24 -25.56
C GLN C 898 -49.48 39.64 -26.80
N MET C 899 -50.15 38.69 -27.45
CA MET C 899 -49.59 38.06 -28.65
C MET C 899 -49.32 39.08 -29.75
N ALA C 900 -50.08 40.17 -29.80
CA ALA C 900 -49.86 41.17 -30.85
C ALA C 900 -48.50 41.84 -30.73
N TYR C 901 -47.83 41.70 -29.59
CA TYR C 901 -46.50 42.24 -29.38
C TYR C 901 -45.40 41.19 -29.54
N ARG C 902 -45.59 39.98 -29.02
CA ARG C 902 -44.61 38.93 -29.23
C ARG C 902 -44.52 38.54 -30.71
N PHE C 903 -45.66 38.42 -31.40
CA PHE C 903 -45.62 38.25 -32.84
C PHE C 903 -44.97 39.44 -33.52
N ASN C 904 -45.16 40.63 -32.97
CA ASN C 904 -44.59 41.84 -33.56
C ASN C 904 -43.07 41.83 -33.54
N GLY C 905 -42.47 40.96 -32.74
CA GLY C 905 -41.02 40.88 -32.67
C GLY C 905 -40.44 39.87 -33.63
N ILE C 906 -41.22 39.49 -34.65
CA ILE C 906 -40.78 38.60 -35.72
C ILE C 906 -40.74 39.30 -37.06
N GLY C 907 -41.74 40.13 -37.35
CA GLY C 907 -41.83 40.80 -38.63
C GLY C 907 -43.25 40.81 -39.14
N VAL C 908 -44.15 40.16 -38.40
CA VAL C 908 -45.56 40.09 -38.75
C VAL C 908 -46.30 41.22 -38.05
N THR C 909 -47.16 41.91 -38.80
CA THR C 909 -47.93 42.99 -38.24
C THR C 909 -48.94 42.43 -37.24
N GLN C 910 -49.54 43.32 -36.44
CA GLN C 910 -50.56 42.91 -35.49
C GLN C 910 -51.79 42.31 -36.17
N ASN C 911 -51.95 42.51 -37.48
CA ASN C 911 -53.14 42.02 -38.17
C ASN C 911 -53.21 40.50 -38.24
N VAL C 912 -52.13 39.79 -37.91
CA VAL C 912 -52.23 38.34 -37.83
C VAL C 912 -53.22 37.93 -36.75
N LEU C 913 -53.16 38.58 -35.59
CA LEU C 913 -54.08 38.29 -34.49
C LEU C 913 -55.43 38.99 -34.66
N TYR C 914 -55.59 39.81 -35.70
CA TYR C 914 -56.89 40.40 -36.02
C TYR C 914 -57.57 39.65 -37.16
N GLU C 915 -56.94 39.60 -38.33
CA GLU C 915 -57.55 38.98 -39.49
C GLU C 915 -57.62 37.47 -39.37
N ASN C 916 -56.90 36.87 -38.42
CA ASN C 916 -56.92 35.42 -38.26
C ASN C 916 -56.98 35.04 -36.79
N GLN C 917 -57.71 35.81 -35.98
CA GLN C 917 -57.70 35.61 -34.54
C GLN C 917 -58.25 34.23 -34.17
N LYS C 918 -59.43 33.89 -34.68
CA LYS C 918 -60.14 32.70 -34.19
C LYS C 918 -59.37 31.42 -34.49
N LEU C 919 -58.84 31.27 -35.70
CA LEU C 919 -58.12 30.06 -36.05
C LEU C 919 -56.78 29.98 -35.33
N ILE C 920 -56.09 31.11 -35.18
CA ILE C 920 -54.84 31.14 -34.43
C ILE C 920 -55.07 30.87 -32.96
N ALA C 921 -56.13 31.45 -32.39
CA ALA C 921 -56.36 31.31 -30.95
C ALA C 921 -56.61 29.86 -30.56
N ASN C 922 -57.44 29.15 -31.33
CA ASN C 922 -57.77 27.78 -30.97
C ASN C 922 -56.62 26.82 -31.25
N GLN C 923 -55.75 27.16 -32.20
CA GLN C 923 -54.63 26.28 -32.51
C GLN C 923 -53.65 26.19 -31.35
N PHE C 924 -53.39 27.31 -30.67
CA PHE C 924 -52.51 27.29 -29.51
C PHE C 924 -53.10 26.42 -28.40
N ASN C 925 -54.41 26.25 -28.37
CA ASN C 925 -55.05 25.44 -27.33
C ASN C 925 -54.72 23.95 -27.48
N SER C 926 -54.81 23.42 -28.69
CA SER C 926 -54.66 21.98 -28.89
C SER C 926 -53.25 21.52 -28.55
N ALA C 927 -52.22 22.28 -28.95
CA ALA C 927 -50.84 21.85 -28.75
C ALA C 927 -50.52 21.73 -27.27
N ILE C 928 -50.99 22.67 -26.46
CA ILE C 928 -50.69 22.65 -25.02
C ILE C 928 -51.20 21.37 -24.39
N GLY C 929 -52.44 21.00 -24.68
CA GLY C 929 -53.03 19.83 -24.07
C GLY C 929 -52.39 18.53 -24.51
N LYS C 930 -52.06 18.42 -25.80
CA LYS C 930 -51.49 17.19 -26.33
C LYS C 930 -50.16 16.84 -25.68
N ILE C 931 -49.46 17.84 -25.13
CA ILE C 931 -48.13 17.61 -24.57
C ILE C 931 -48.19 16.67 -23.39
N GLN C 932 -49.24 16.77 -22.57
CA GLN C 932 -49.40 15.87 -21.43
C GLN C 932 -49.34 14.41 -21.87
N ASP C 933 -49.98 14.09 -23.01
CA ASP C 933 -49.91 12.74 -23.53
C ASP C 933 -48.48 12.37 -23.92
N SER C 934 -47.75 13.31 -24.53
CA SER C 934 -46.36 13.05 -24.90
C SER C 934 -45.48 12.92 -23.67
N LEU C 935 -45.81 13.61 -22.58
CA LEU C 935 -45.08 13.41 -21.34
C LEU C 935 -45.28 11.99 -20.80
N SER C 936 -46.48 11.45 -20.99
CA SER C 936 -46.78 10.09 -20.57
C SER C 936 -46.34 9.05 -21.58
N SER C 937 -45.63 9.45 -22.64
CA SER C 937 -45.24 8.50 -23.68
C SER C 937 -44.23 7.50 -23.16
N THR C 938 -43.07 7.98 -22.73
CA THR C 938 -41.99 7.11 -22.30
C THR C 938 -41.10 7.87 -21.32
N ALA C 939 -40.01 7.21 -20.91
CA ALA C 939 -39.07 7.82 -19.98
C ALA C 939 -37.89 8.48 -20.66
N SER C 940 -37.85 8.47 -22.00
CA SER C 940 -36.71 9.03 -22.71
C SER C 940 -36.63 10.55 -22.60
N ALA C 941 -37.77 11.22 -22.45
CA ALA C 941 -37.76 12.68 -22.37
C ALA C 941 -37.03 13.17 -21.12
N LEU C 942 -37.29 12.53 -19.97
CA LEU C 942 -36.71 12.93 -18.70
C LEU C 942 -35.32 12.34 -18.46
N GLY C 943 -34.65 11.85 -19.50
CA GLY C 943 -33.37 11.20 -19.31
C GLY C 943 -32.30 12.10 -18.75
N LYS C 944 -32.51 13.41 -18.78
CA LYS C 944 -31.51 14.37 -18.33
C LYS C 944 -31.69 14.81 -16.89
N LEU C 945 -32.53 14.12 -16.11
CA LEU C 945 -32.67 14.39 -14.69
C LEU C 945 -32.22 13.20 -13.84
N GLN C 946 -32.80 12.02 -14.07
CA GLN C 946 -32.38 10.86 -13.29
C GLN C 946 -30.95 10.44 -13.58
N ASP C 947 -30.41 10.82 -14.75
CA ASP C 947 -28.99 10.58 -14.97
C ASP C 947 -28.15 11.29 -13.92
N VAL C 948 -28.60 12.47 -13.49
CA VAL C 948 -27.92 13.19 -12.42
C VAL C 948 -28.05 12.43 -11.10
N VAL C 949 -29.26 12.01 -10.75
CA VAL C 949 -29.44 11.32 -9.48
C VAL C 949 -28.88 9.90 -9.54
N ASN C 950 -28.80 9.31 -10.74
CA ASN C 950 -28.12 8.02 -10.87
C ASN C 950 -26.62 8.18 -10.78
N HIS C 951 -26.07 9.23 -11.39
CA HIS C 951 -24.64 9.46 -11.32
C HIS C 951 -24.20 9.78 -9.90
N ASN C 952 -25.00 10.56 -9.17
CA ASN C 952 -24.63 11.04 -7.85
C ASN C 952 -25.12 10.13 -6.74
N ALA C 953 -25.70 8.98 -7.06
CA ALA C 953 -26.02 7.96 -6.07
C ALA C 953 -25.19 6.70 -6.23
N GLN C 954 -24.86 6.31 -7.45
CA GLN C 954 -23.96 5.18 -7.62
C GLN C 954 -22.56 5.53 -7.16
N ALA C 955 -22.18 6.80 -7.24
CA ALA C 955 -20.87 7.21 -6.72
C ALA C 955 -20.78 6.97 -5.22
N LEU C 956 -21.85 7.27 -4.50
CA LEU C 956 -21.88 6.98 -3.06
C LEU C 956 -21.74 5.49 -2.81
N ASN C 957 -22.45 4.67 -3.59
CA ASN C 957 -22.38 3.23 -3.40
C ASN C 957 -20.98 2.71 -3.68
N THR C 958 -20.33 3.24 -4.71
CA THR C 958 -18.94 2.85 -4.97
C THR C 958 -18.04 3.24 -3.81
N LEU C 959 -18.28 4.40 -3.21
CA LEU C 959 -17.48 4.83 -2.08
C LEU C 959 -17.66 3.91 -0.88
N VAL C 960 -18.90 3.52 -0.59
CA VAL C 960 -19.16 2.69 0.58
C VAL C 960 -18.53 1.31 0.41
N LYS C 961 -18.75 0.67 -0.73
CA LYS C 961 -18.16 -0.64 -0.97
C LYS C 961 -16.65 -0.57 -1.09
N GLN C 962 -16.09 0.61 -1.38
CA GLN C 962 -14.65 0.77 -1.46
C GLN C 962 -13.98 0.53 -0.11
N LEU C 963 -14.75 0.60 0.99
CA LEU C 963 -14.20 0.36 2.31
C LEU C 963 -13.72 -1.08 2.47
N SER C 964 -14.31 -2.01 1.73
CA SER C 964 -13.98 -3.42 1.85
C SER C 964 -12.59 -3.75 1.34
N SER C 965 -11.94 -2.85 0.61
CA SER C 965 -10.63 -3.14 0.05
C SER C 965 -9.59 -3.29 1.16
N LYS C 966 -8.71 -4.29 0.99
CA LYS C 966 -7.65 -4.50 1.97
C LYS C 966 -6.55 -3.45 1.84
N PHE C 967 -6.36 -2.89 0.64
CA PHE C 967 -5.33 -1.89 0.38
C PHE C 967 -3.93 -2.40 0.76
N GLY C 968 -3.70 -3.70 0.57
CA GLY C 968 -2.42 -4.30 0.86
C GLY C 968 -2.22 -4.70 2.30
N ALA C 969 -3.18 -4.42 3.18
CA ALA C 969 -3.06 -4.80 4.57
C ALA C 969 -3.45 -6.27 4.77
N ILE C 970 -3.02 -6.82 5.90
CA ILE C 970 -3.34 -8.22 6.21
C ILE C 970 -4.84 -8.40 6.39
N SER C 971 -5.47 -7.49 7.10
CA SER C 971 -6.89 -7.58 7.41
C SER C 971 -7.59 -6.29 7.00
N SER C 972 -8.86 -6.41 6.61
CA SER C 972 -9.65 -5.27 6.17
C SER C 972 -10.38 -4.57 7.33
N VAL C 973 -10.27 -5.09 8.55
CA VAL C 973 -10.90 -4.50 9.71
C VAL C 973 -9.82 -4.12 10.72
N LEU C 974 -9.94 -2.91 11.27
CA LEU C 974 -8.89 -2.36 12.12
C LEU C 974 -8.73 -3.14 13.42
N ASN C 975 -9.83 -3.67 13.97
CA ASN C 975 -9.75 -4.31 15.28
C ASN C 975 -9.00 -5.63 15.21
N ASP C 976 -9.10 -6.35 14.09
CA ASP C 976 -8.43 -7.65 13.98
C ASP C 976 -6.93 -7.52 13.79
N ILE C 977 -6.47 -6.48 13.07
CA ILE C 977 -5.05 -6.37 12.77
C ILE C 977 -4.26 -6.10 14.05
N PHE C 978 -4.88 -5.49 15.05
CA PHE C 978 -4.16 -5.16 16.28
C PHE C 978 -3.87 -6.39 17.12
N SER C 979 -4.69 -7.43 17.02
CA SER C 979 -4.69 -8.52 17.97
C SER C 979 -3.82 -9.71 17.54
N ARG C 980 -3.09 -9.60 16.43
CA ARG C 980 -2.29 -10.74 16.01
C ARG C 980 -0.90 -10.36 15.53
N LEU C 981 -0.34 -9.24 15.99
CA LEU C 981 1.00 -8.83 15.59
C LEU C 981 1.52 -7.79 16.57
N ASP C 982 2.83 -7.55 16.48
CA ASP C 982 3.53 -6.74 17.48
C ASP C 982 3.10 -5.28 17.39
N LYS C 983 3.17 -4.59 18.54
CA LYS C 983 2.70 -3.21 18.61
C LYS C 983 3.68 -2.25 17.94
N VAL C 984 4.98 -2.53 18.02
CA VAL C 984 5.96 -1.62 17.43
C VAL C 984 5.86 -1.64 15.90
N GLU C 985 5.58 -2.80 15.32
CA GLU C 985 5.45 -2.95 13.88
C GLU C 985 4.01 -2.70 13.41
N ALA C 986 3.07 -2.58 14.35
CA ALA C 986 1.68 -2.33 13.98
C ALA C 986 1.49 -0.95 13.35
N GLU C 987 2.40 -0.02 13.65
CA GLU C 987 2.23 1.35 13.16
C GLU C 987 2.23 1.41 11.64
N VAL C 988 3.17 0.72 11.00
CA VAL C 988 3.26 0.78 9.54
C VAL C 988 2.11 0.02 8.89
N GLN C 989 1.62 -1.04 9.52
CA GLN C 989 0.56 -1.84 8.91
C GLN C 989 -0.75 -1.06 8.84
N ILE C 990 -1.18 -0.47 9.96
CA ILE C 990 -2.42 0.28 9.96
C ILE C 990 -2.28 1.56 9.15
N ASP C 991 -1.09 2.17 9.17
CA ASP C 991 -0.88 3.39 8.39
C ASP C 991 -0.98 3.11 6.90
N ARG C 992 -0.68 1.88 6.48
CA ARG C 992 -0.86 1.54 5.07
C ARG C 992 -2.32 1.64 4.66
N LEU C 993 -3.23 1.16 5.51
CA LEU C 993 -4.63 1.12 5.14
C LEU C 993 -5.25 2.52 5.19
N ILE C 994 -4.92 3.31 6.21
CA ILE C 994 -5.57 4.60 6.37
C ILE C 994 -5.22 5.54 5.22
N THR C 995 -3.99 5.45 4.70
CA THR C 995 -3.65 6.24 3.53
C THR C 995 -4.44 5.80 2.31
N GLY C 996 -4.69 4.49 2.20
CA GLY C 996 -5.47 4.00 1.07
C GLY C 996 -6.88 4.56 1.05
N ARG C 997 -7.55 4.55 2.20
CA ARG C 997 -8.89 5.11 2.28
C ARG C 997 -8.87 6.61 2.01
N LEU C 998 -7.92 7.33 2.60
CA LEU C 998 -7.85 8.77 2.41
C LEU C 998 -7.55 9.11 0.94
N GLN C 999 -6.69 8.32 0.31
CA GLN C 999 -6.49 8.47 -1.13
C GLN C 999 -7.78 8.19 -1.90
N SER C 1000 -8.52 7.15 -1.48
CA SER C 1000 -9.77 6.83 -2.14
C SER C 1000 -10.83 7.87 -1.87
N LEU C 1001 -10.72 8.61 -0.76
CA LEU C 1001 -11.66 9.69 -0.50
C LEU C 1001 -11.38 10.90 -1.38
N GLN C 1002 -10.12 11.15 -1.70
CA GLN C 1002 -9.79 12.27 -2.59
C GLN C 1002 -10.27 12.03 -4.01
N THR C 1003 -10.35 10.76 -4.42
CA THR C 1003 -10.87 10.47 -5.74
C THR C 1003 -12.34 10.83 -5.84
N TYR C 1004 -13.11 10.56 -4.77
CA TYR C 1004 -14.54 10.86 -4.81
C TYR C 1004 -14.79 12.35 -4.90
N VAL C 1005 -14.07 13.16 -4.12
CA VAL C 1005 -14.33 14.59 -4.12
C VAL C 1005 -13.88 15.22 -5.43
N THR C 1006 -12.75 14.78 -5.98
CA THR C 1006 -12.27 15.36 -7.22
C THR C 1006 -13.15 15.00 -8.41
N GLN C 1007 -14.10 14.08 -8.26
CA GLN C 1007 -15.08 13.86 -9.30
C GLN C 1007 -16.25 14.81 -9.16
N GLN C 1008 -16.61 15.17 -7.93
CA GLN C 1008 -17.71 16.10 -7.71
C GLN C 1008 -17.32 17.52 -8.11
N LEU C 1009 -16.05 17.89 -7.96
CA LEU C 1009 -15.61 19.19 -8.44
C LEU C 1009 -15.83 19.33 -9.94
N ILE C 1010 -15.54 18.27 -10.70
CA ILE C 1010 -15.84 18.28 -12.13
C ILE C 1010 -17.35 18.34 -12.35
N ARG C 1011 -18.10 17.52 -11.59
CA ARG C 1011 -19.54 17.48 -11.77
C ARG C 1011 -20.20 18.80 -11.38
N ALA C 1012 -19.70 19.44 -10.32
CA ALA C 1012 -20.26 20.72 -9.92
C ALA C 1012 -19.92 21.84 -10.89
N ALA C 1013 -18.88 21.65 -11.72
CA ALA C 1013 -18.47 22.68 -12.65
C ALA C 1013 -19.22 22.62 -13.97
N GLU C 1014 -20.03 21.59 -14.21
CA GLU C 1014 -20.86 21.52 -15.40
C GLU C 1014 -22.32 21.83 -15.11
N ILE C 1015 -22.83 21.43 -13.94
CA ILE C 1015 -24.15 21.89 -13.52
C ILE C 1015 -24.16 23.39 -13.34
N ARG C 1016 -22.99 23.98 -13.04
CA ARG C 1016 -22.89 25.43 -12.96
C ARG C 1016 -23.14 26.08 -14.32
N ALA C 1017 -22.78 25.41 -15.41
CA ALA C 1017 -23.13 25.90 -16.72
C ALA C 1017 -24.64 25.87 -16.94
N SER C 1018 -25.27 24.72 -16.67
CA SER C 1018 -26.72 24.63 -16.77
C SER C 1018 -27.43 25.47 -15.74
N ALA C 1019 -26.74 25.91 -14.70
CA ALA C 1019 -27.28 26.88 -13.76
C ALA C 1019 -27.08 28.31 -14.23
N ASN C 1020 -26.26 28.52 -15.26
CA ASN C 1020 -26.04 29.86 -15.81
C ASN C 1020 -26.68 30.05 -17.18
N LEU C 1021 -27.12 28.99 -17.83
CA LEU C 1021 -27.91 29.12 -19.04
C LEU C 1021 -29.41 29.07 -18.75
N ALA C 1022 -29.82 28.31 -17.74
CA ALA C 1022 -31.21 28.33 -17.33
C ALA C 1022 -31.56 29.62 -16.60
N ALA C 1023 -30.56 30.33 -16.11
CA ALA C 1023 -30.79 31.66 -15.55
C ALA C 1023 -30.94 32.72 -16.63
N THR C 1024 -30.74 32.36 -17.90
CA THR C 1024 -30.95 33.27 -19.02
C THR C 1024 -32.33 33.09 -19.65
N LYS C 1025 -32.76 31.85 -19.88
CA LYS C 1025 -34.09 31.62 -20.43
C LYS C 1025 -35.19 32.06 -19.49
N MET C 1026 -34.88 32.26 -18.21
CA MET C 1026 -35.76 32.96 -17.29
C MET C 1026 -35.41 34.42 -17.16
N SER C 1027 -34.44 34.91 -17.92
CA SER C 1027 -34.08 36.32 -17.91
C SER C 1027 -34.07 36.95 -19.29
N GLU C 1028 -33.91 36.17 -20.35
CA GLU C 1028 -33.94 36.67 -21.72
C GLU C 1028 -35.09 36.10 -22.54
N CYS C 1029 -35.67 34.98 -22.12
CA CYS C 1029 -36.57 34.21 -22.96
C CYS C 1029 -38.02 34.27 -22.49
N VAL C 1030 -38.28 33.92 -21.23
CA VAL C 1030 -39.63 34.08 -20.71
C VAL C 1030 -39.88 35.53 -20.35
N LEU C 1031 -38.82 36.34 -20.24
CA LEU C 1031 -38.93 37.76 -19.93
C LEU C 1031 -38.80 38.62 -21.18
N GLY C 1032 -38.85 38.03 -22.35
CA GLY C 1032 -38.75 38.75 -23.60
C GLY C 1032 -38.53 37.79 -24.75
N GLN C 1033 -39.08 38.10 -25.92
CA GLN C 1033 -38.90 37.21 -27.05
C GLN C 1033 -37.43 37.14 -27.42
N SER C 1034 -36.80 36.01 -27.13
CA SER C 1034 -35.35 35.86 -27.34
C SER C 1034 -35.03 35.79 -28.83
N LYS C 1035 -33.77 36.09 -29.15
CA LYS C 1035 -33.33 36.13 -30.52
C LYS C 1035 -32.11 35.25 -30.82
N ARG C 1036 -31.60 34.52 -29.83
CA ARG C 1036 -30.56 33.53 -30.09
C ARG C 1036 -31.21 32.33 -30.79
N VAL C 1037 -30.97 32.19 -32.09
CA VAL C 1037 -31.67 31.19 -32.88
C VAL C 1037 -31.25 29.80 -32.45
N ASP C 1038 -32.24 28.89 -32.35
CA ASP C 1038 -32.04 27.52 -31.89
C ASP C 1038 -31.47 27.47 -30.48
N PHE C 1039 -31.86 28.44 -29.65
CA PHE C 1039 -31.49 28.48 -28.24
C PHE C 1039 -32.71 28.37 -27.33
N CYS C 1040 -33.72 29.20 -27.57
CA CYS C 1040 -35.04 29.02 -26.96
C CYS C 1040 -35.97 28.21 -27.84
N GLY C 1041 -36.26 28.71 -29.04
CA GLY C 1041 -37.20 28.09 -29.93
C GLY C 1041 -36.49 27.54 -31.16
N LYS C 1042 -36.74 26.27 -31.44
CA LYS C 1042 -36.28 25.66 -32.67
C LYS C 1042 -37.13 26.26 -33.78
N GLY C 1043 -36.84 27.51 -34.13
CA GLY C 1043 -37.68 28.34 -34.96
C GLY C 1043 -37.94 29.66 -34.28
N TYR C 1044 -38.72 30.50 -34.96
CA TYR C 1044 -39.09 31.79 -34.41
C TYR C 1044 -39.82 31.59 -33.09
N HIS C 1045 -39.51 32.44 -32.11
CA HIS C 1045 -39.85 32.16 -30.73
C HIS C 1045 -41.02 33.02 -30.24
N LEU C 1046 -41.76 32.48 -29.26
CA LEU C 1046 -42.86 33.21 -28.62
C LEU C 1046 -42.63 33.46 -27.15
N MET C 1047 -42.46 32.42 -26.34
CA MET C 1047 -42.27 32.56 -24.89
C MET C 1047 -41.92 31.19 -24.34
N SER C 1048 -41.84 31.08 -23.01
CA SER C 1048 -41.56 29.82 -22.34
C SER C 1048 -42.45 29.71 -21.13
N PHE C 1049 -42.40 28.55 -20.46
CA PHE C 1049 -43.23 28.28 -19.29
C PHE C 1049 -42.50 27.30 -18.39
N PRO C 1050 -41.82 27.78 -17.36
CA PRO C 1050 -40.98 26.91 -16.56
C PRO C 1050 -41.79 25.94 -15.72
N GLN C 1051 -41.13 24.87 -15.30
CA GLN C 1051 -41.67 23.95 -14.31
C GLN C 1051 -40.53 23.54 -13.38
N SER C 1052 -40.78 22.56 -12.53
CA SER C 1052 -39.80 22.10 -11.56
C SER C 1052 -39.70 20.59 -11.59
N ALA C 1053 -38.69 20.06 -10.92
CA ALA C 1053 -38.40 18.64 -10.96
C ALA C 1053 -37.40 18.34 -9.85
N PRO C 1054 -37.16 17.06 -9.53
CA PRO C 1054 -36.17 16.73 -8.51
C PRO C 1054 -34.73 16.98 -8.97
N HIS C 1055 -34.12 18.05 -8.46
CA HIS C 1055 -32.75 18.43 -8.79
C HIS C 1055 -32.62 18.72 -10.29
N GLY C 1056 -33.38 19.71 -10.73
CA GLY C 1056 -33.37 20.10 -12.12
C GLY C 1056 -34.53 21.01 -12.41
N VAL C 1057 -34.67 21.37 -13.68
CA VAL C 1057 -35.79 22.19 -14.14
C VAL C 1057 -36.23 21.67 -15.50
N VAL C 1058 -37.54 21.75 -15.75
CA VAL C 1058 -38.11 21.37 -17.04
C VAL C 1058 -38.77 22.61 -17.64
N PHE C 1059 -38.44 22.91 -18.88
CA PHE C 1059 -39.02 24.05 -19.57
C PHE C 1059 -39.93 23.57 -20.69
N LEU C 1060 -40.90 24.40 -21.04
CA LEU C 1060 -41.84 24.13 -22.13
C LEU C 1060 -41.79 25.31 -23.10
N HIS C 1061 -40.82 25.28 -24.01
CA HIS C 1061 -40.58 26.42 -24.89
C HIS C 1061 -41.62 26.41 -26.00
N VAL C 1062 -42.54 27.37 -25.97
CA VAL C 1062 -43.60 27.46 -26.97
C VAL C 1062 -43.01 28.12 -28.21
N THR C 1063 -42.55 27.31 -29.16
CA THR C 1063 -41.85 27.79 -30.35
C THR C 1063 -42.88 28.14 -31.43
N TYR C 1064 -42.41 28.32 -32.67
CA TYR C 1064 -43.27 28.67 -33.79
C TYR C 1064 -42.60 28.20 -35.06
N VAL C 1065 -43.19 27.22 -35.74
CA VAL C 1065 -42.61 26.57 -36.91
C VAL C 1065 -43.53 26.80 -38.09
N PRO C 1066 -43.05 27.32 -39.22
CA PRO C 1066 -43.93 27.62 -40.35
C PRO C 1066 -44.45 26.36 -41.02
N ALA C 1067 -45.63 26.48 -41.63
CA ALA C 1067 -46.32 25.41 -42.32
C ALA C 1067 -46.05 25.48 -43.82
N GLN C 1068 -46.82 24.70 -44.60
CA GLN C 1068 -46.59 24.48 -46.02
C GLN C 1068 -46.46 25.76 -46.84
N GLU C 1069 -45.83 25.65 -48.01
CA GLU C 1069 -45.29 26.79 -48.75
C GLU C 1069 -45.78 26.78 -50.19
N LYS C 1070 -45.44 27.86 -50.90
CA LYS C 1070 -45.76 28.00 -52.32
C LYS C 1070 -44.68 28.86 -52.97
N ASN C 1071 -44.54 28.69 -54.29
CA ASN C 1071 -43.49 29.34 -55.07
C ASN C 1071 -44.09 30.43 -55.95
N PHE C 1072 -43.24 31.38 -56.34
CA PHE C 1072 -43.68 32.48 -57.20
C PHE C 1072 -42.49 33.03 -57.98
N THR C 1073 -42.71 34.14 -58.69
CA THR C 1073 -41.73 34.79 -59.52
C THR C 1073 -41.50 36.21 -59.02
N THR C 1074 -40.23 36.62 -58.95
CA THR C 1074 -39.81 37.79 -58.21
C THR C 1074 -39.03 38.76 -59.10
N ALA C 1075 -38.70 39.92 -58.51
CA ALA C 1075 -37.83 40.93 -59.09
C ALA C 1075 -37.30 41.85 -58.01
N PRO C 1076 -35.98 41.97 -57.86
CA PRO C 1076 -35.42 42.75 -56.74
C PRO C 1076 -35.76 44.23 -56.78
N ALA C 1077 -36.19 44.77 -57.91
CA ALA C 1077 -36.38 46.20 -58.01
C ALA C 1077 -37.48 46.51 -59.01
N ILE C 1078 -38.04 47.71 -58.89
CA ILE C 1078 -39.13 48.17 -59.75
C ILE C 1078 -38.87 49.63 -60.12
N CYS C 1079 -39.06 49.97 -61.40
CA CYS C 1079 -38.90 51.34 -61.87
C CYS C 1079 -40.10 51.72 -62.73
N HIS C 1080 -40.68 52.88 -62.45
CA HIS C 1080 -41.84 53.34 -63.22
C HIS C 1080 -41.55 54.63 -63.98
N ASP C 1081 -41.24 55.72 -63.28
CA ASP C 1081 -41.02 57.02 -63.94
C ASP C 1081 -39.53 57.25 -64.17
N GLY C 1082 -38.90 56.34 -64.91
CA GLY C 1082 -37.48 56.41 -65.16
C GLY C 1082 -36.60 56.29 -63.94
N LYS C 1083 -37.17 56.12 -62.76
CA LYS C 1083 -36.41 56.02 -61.51
C LYS C 1083 -36.81 54.74 -60.79
N ALA C 1084 -35.82 54.02 -60.28
CA ALA C 1084 -36.08 52.77 -59.59
C ALA C 1084 -36.80 53.03 -58.28
N HIS C 1085 -37.80 52.20 -57.98
CA HIS C 1085 -38.55 52.26 -56.73
C HIS C 1085 -38.43 50.93 -56.01
N PHE C 1086 -37.87 50.96 -54.82
CA PHE C 1086 -37.65 49.74 -54.07
C PHE C 1086 -38.68 49.65 -52.94
N PRO C 1087 -39.08 48.45 -52.55
CA PRO C 1087 -40.13 48.33 -51.52
C PRO C 1087 -39.65 48.86 -50.18
N ARG C 1088 -40.60 49.37 -49.40
CA ARG C 1088 -40.27 49.94 -48.09
C ARG C 1088 -39.66 48.88 -47.18
N GLU C 1089 -40.35 47.75 -47.02
CA GLU C 1089 -39.82 46.65 -46.24
C GLU C 1089 -40.41 45.36 -46.81
N GLY C 1090 -39.65 44.69 -47.67
CA GLY C 1090 -40.06 43.48 -48.33
C GLY C 1090 -39.68 43.51 -49.80
N VAL C 1091 -40.26 42.57 -50.55
CA VAL C 1091 -40.02 42.43 -51.98
C VAL C 1091 -41.35 42.20 -52.68
N PHE C 1092 -41.58 42.93 -53.77
CA PHE C 1092 -42.77 42.66 -54.58
C PHE C 1092 -42.69 41.29 -55.23
N VAL C 1093 -43.76 40.52 -55.09
CA VAL C 1093 -43.90 39.19 -55.65
C VAL C 1093 -45.25 39.13 -56.34
N SER C 1094 -45.29 38.66 -57.59
CA SER C 1094 -46.52 38.70 -58.36
C SER C 1094 -46.85 37.32 -58.91
N ASN C 1095 -48.06 37.24 -59.48
CA ASN C 1095 -48.53 36.07 -60.20
C ASN C 1095 -48.65 36.31 -61.71
N GLY C 1096 -48.67 37.57 -62.15
CA GLY C 1096 -48.80 37.88 -63.55
C GLY C 1096 -49.63 39.11 -63.85
N THR C 1097 -50.47 39.53 -62.90
CA THR C 1097 -51.32 40.70 -63.11
C THR C 1097 -50.69 41.97 -62.52
N HIS C 1098 -50.42 41.97 -61.22
CA HIS C 1098 -49.77 43.11 -60.58
C HIS C 1098 -49.05 42.63 -59.33
N TRP C 1099 -47.95 43.31 -59.02
CA TRP C 1099 -47.00 42.80 -58.04
C TRP C 1099 -47.47 43.03 -56.61
N PHE C 1100 -46.85 42.31 -55.67
CA PHE C 1100 -47.28 42.32 -54.29
C PHE C 1100 -46.09 42.03 -53.37
N VAL C 1101 -45.91 42.85 -52.35
CA VAL C 1101 -44.89 42.61 -51.33
C VAL C 1101 -45.45 41.66 -50.28
N THR C 1102 -44.61 40.75 -49.83
CA THR C 1102 -44.99 39.81 -48.78
C THR C 1102 -44.06 39.99 -47.59
N GLN C 1103 -44.16 39.06 -46.64
CA GLN C 1103 -43.36 39.08 -45.43
C GLN C 1103 -42.53 37.81 -45.38
N ARG C 1104 -41.64 37.73 -44.41
CA ARG C 1104 -40.72 36.61 -44.35
C ARG C 1104 -41.36 35.32 -43.88
N ASN C 1105 -42.56 35.37 -43.27
CA ASN C 1105 -43.16 34.14 -42.76
C ASN C 1105 -44.67 34.05 -42.92
N PHE C 1106 -45.27 34.79 -43.85
CA PHE C 1106 -46.71 34.73 -44.08
C PHE C 1106 -47.04 35.41 -45.39
N TYR C 1107 -47.85 34.78 -46.23
CA TYR C 1107 -48.23 35.40 -47.50
C TYR C 1107 -49.11 36.60 -47.20
N GLU C 1108 -48.53 37.80 -47.27
CA GLU C 1108 -49.19 39.03 -46.87
C GLU C 1108 -49.05 40.06 -47.99
N PRO C 1109 -49.83 39.93 -49.05
CA PRO C 1109 -49.69 40.84 -50.19
C PRO C 1109 -50.17 42.23 -49.84
N GLN C 1110 -49.80 43.20 -50.68
CA GLN C 1110 -50.25 44.57 -50.49
C GLN C 1110 -50.20 45.31 -51.81
N ILE C 1111 -51.24 46.11 -52.06
CA ILE C 1111 -51.32 46.88 -53.29
C ILE C 1111 -50.16 47.88 -53.36
N ILE C 1112 -49.68 48.13 -54.58
CA ILE C 1112 -48.56 49.05 -54.78
C ILE C 1112 -49.00 50.47 -54.45
N THR C 1113 -48.25 51.13 -53.56
CA THR C 1113 -48.55 52.49 -53.16
C THR C 1113 -47.25 53.13 -52.67
N THR C 1114 -47.18 54.45 -52.81
CA THR C 1114 -45.95 55.17 -52.47
C THR C 1114 -45.55 54.95 -51.01
N ASP C 1115 -46.54 54.83 -50.13
CA ASP C 1115 -46.24 54.66 -48.71
C ASP C 1115 -45.54 53.34 -48.41
N ASN C 1116 -45.52 52.40 -49.35
CA ASN C 1116 -44.79 51.15 -49.20
C ASN C 1116 -43.58 51.06 -50.11
N THR C 1117 -43.08 52.20 -50.58
CA THR C 1117 -41.91 52.19 -51.45
C THR C 1117 -41.13 53.49 -51.25
N PHE C 1118 -39.85 53.45 -51.63
CA PHE C 1118 -39.02 54.64 -51.61
C PHE C 1118 -38.12 54.62 -52.85
N VAL C 1119 -38.01 55.77 -53.49
CA VAL C 1119 -37.25 55.91 -54.73
C VAL C 1119 -35.85 56.40 -54.40
N SER C 1120 -34.87 55.86 -55.12
CA SER C 1120 -33.47 56.25 -54.92
C SER C 1120 -32.75 56.14 -56.27
N GLY C 1121 -32.68 57.25 -56.99
CA GLY C 1121 -31.94 57.29 -58.24
C GLY C 1121 -32.69 56.67 -59.40
N ASN C 1122 -32.01 56.63 -60.55
CA ASN C 1122 -32.57 56.08 -61.77
C ASN C 1122 -32.57 54.56 -61.72
N CYS C 1123 -32.96 53.94 -62.83
CA CYS C 1123 -33.16 52.50 -62.91
C CYS C 1123 -32.40 51.90 -64.10
N ASP C 1124 -31.11 52.21 -64.20
CA ASP C 1124 -30.27 51.68 -65.26
C ASP C 1124 -29.05 50.91 -64.76
N VAL C 1125 -28.86 50.79 -63.45
CA VAL C 1125 -27.66 50.15 -62.92
C VAL C 1125 -28.07 48.88 -62.17
N VAL C 1126 -29.27 48.88 -61.61
CA VAL C 1126 -29.75 47.74 -60.83
C VAL C 1126 -29.95 46.54 -61.75
N ILE C 1127 -29.69 45.34 -61.21
CA ILE C 1127 -29.84 44.09 -61.92
C ILE C 1127 -31.06 43.36 -61.38
N GLY C 1128 -31.84 42.77 -62.29
CA GLY C 1128 -33.04 42.06 -61.91
C GLY C 1128 -34.30 42.89 -61.87
N ILE C 1129 -34.18 44.21 -62.06
CA ILE C 1129 -35.37 45.05 -62.09
C ILE C 1129 -36.24 44.67 -63.28
N VAL C 1130 -37.55 44.77 -63.09
CA VAL C 1130 -38.51 44.56 -64.15
C VAL C 1130 -39.40 45.79 -64.27
N ASN C 1131 -39.89 46.04 -65.48
CA ASN C 1131 -40.75 47.20 -65.69
C ASN C 1131 -42.10 46.94 -65.03
N ASN C 1132 -42.51 47.87 -64.18
CA ASN C 1132 -43.80 47.80 -63.51
C ASN C 1132 -44.28 49.21 -63.22
N THR C 1133 -45.59 49.41 -63.33
CA THR C 1133 -46.19 50.72 -63.12
C THR C 1133 -46.43 50.96 -61.63
N VAL C 1134 -46.36 52.21 -61.21
CA VAL C 1134 -46.58 52.60 -59.82
C VAL C 1134 -47.87 53.41 -59.76
N TYR C 1135 -48.79 52.98 -58.91
CA TYR C 1135 -50.05 53.68 -58.72
C TYR C 1135 -49.88 54.84 -57.76
N ASP C 1136 -50.69 55.87 -57.96
CA ASP C 1136 -50.65 57.07 -57.14
C ASP C 1136 -51.77 57.03 -56.12
N PRO C 1137 -51.48 57.07 -54.82
CA PRO C 1137 -52.56 57.20 -53.82
C PRO C 1137 -53.35 58.48 -53.96
N LEU C 1138 -52.80 59.51 -54.62
CA LEU C 1138 -53.54 60.73 -54.89
C LEU C 1138 -54.48 60.59 -56.07
N GLN C 1139 -54.31 59.55 -56.90
CA GLN C 1139 -55.17 59.36 -58.06
C GLN C 1139 -56.64 59.16 -57.68
N PRO C 1140 -57.01 58.32 -56.70
CA PRO C 1140 -58.43 58.21 -56.34
C PRO C 1140 -59.03 59.50 -55.80
N GLU C 1141 -58.20 60.46 -55.37
CA GLU C 1141 -58.69 61.73 -54.84
C GLU C 1141 -59.07 62.71 -55.94
N LEU C 1142 -58.85 62.38 -57.21
CA LEU C 1142 -59.15 63.28 -58.31
C LEU C 1142 -60.08 62.70 -59.37
N ASP C 1143 -60.23 61.37 -59.43
CA ASP C 1143 -61.08 60.77 -60.46
C ASP C 1143 -62.56 61.08 -60.22
N SER C 1144 -62.96 61.26 -58.96
CA SER C 1144 -64.36 61.48 -58.62
C SER C 1144 -64.78 62.93 -58.74
N PHE C 1145 -63.86 63.82 -59.14
CA PHE C 1145 -64.16 65.25 -59.24
C PHE C 1145 -64.39 65.72 -60.67
N LYS C 1146 -63.88 65.01 -61.67
CA LYS C 1146 -64.01 65.47 -63.06
C LYS C 1146 -65.42 65.27 -63.59
N GLU C 1147 -66.10 64.20 -63.15
CA GLU C 1147 -67.41 63.89 -63.69
C GLU C 1147 -68.44 64.95 -63.33
N GLU C 1148 -68.37 65.49 -62.11
CA GLU C 1148 -69.37 66.44 -61.66
C GLU C 1148 -69.35 67.72 -62.49
N LEU C 1149 -68.16 68.23 -62.80
CA LEU C 1149 -68.02 69.51 -63.48
C LEU C 1149 -68.22 69.42 -64.99
N ASP C 1150 -68.25 68.22 -65.56
CA ASP C 1150 -68.40 68.08 -67.00
C ASP C 1150 -69.82 68.44 -67.45
N LYS C 1151 -70.82 68.16 -66.61
CA LYS C 1151 -72.21 68.44 -66.99
C LYS C 1151 -72.46 69.94 -67.14
N TYR C 1152 -71.90 70.76 -66.24
CA TYR C 1152 -72.15 72.20 -66.27
C TYR C 1152 -71.62 72.86 -67.54
N PHE C 1153 -70.63 72.24 -68.20
CA PHE C 1153 -70.01 72.87 -69.36
C PHE C 1153 -71.00 73.02 -70.51
N LYS C 1154 -71.83 72.00 -70.74
CA LYS C 1154 -72.78 72.05 -71.84
C LYS C 1154 -73.97 72.96 -71.56
N ASN C 1155 -74.23 73.29 -70.30
CA ASN C 1155 -75.37 74.12 -69.93
C ASN C 1155 -75.10 75.62 -70.12
N HIS C 1156 -73.85 76.02 -70.32
CA HIS C 1156 -73.50 77.43 -70.41
C HIS C 1156 -72.67 77.80 -71.62
N THR C 1157 -71.89 76.88 -72.19
CA THR C 1157 -71.02 77.22 -73.31
C THR C 1157 -71.82 77.44 -74.59
N SER C 1158 -72.77 76.54 -74.88
CA SER C 1158 -73.54 76.66 -76.12
C SER C 1158 -74.36 77.93 -76.24
N PRO C 1159 -75.10 78.38 -75.21
CA PRO C 1159 -75.87 79.61 -75.46
C PRO C 1159 -74.99 80.87 -75.44
N GLN D 1 53.53 -38.95 46.66
CA GLN D 1 53.27 -37.85 47.57
C GLN D 1 51.82 -37.38 47.41
N VAL D 2 51.40 -37.19 46.17
CA VAL D 2 50.02 -36.86 45.84
C VAL D 2 49.52 -37.87 44.81
N GLN D 3 48.39 -38.50 45.12
CA GLN D 3 47.82 -39.53 44.26
C GLN D 3 46.44 -39.89 44.80
N LEU D 4 45.55 -40.31 43.91
CA LEU D 4 44.18 -40.67 44.26
C LEU D 4 44.03 -42.18 44.22
N VAL D 5 43.33 -42.76 45.20
CA VAL D 5 43.11 -44.19 45.26
C VAL D 5 41.62 -44.46 45.11
N GLN D 6 41.29 -45.48 44.31
CA GLN D 6 39.92 -45.89 44.05
C GLN D 6 39.71 -47.31 44.57
N SER D 7 38.53 -47.86 44.28
CA SER D 7 38.16 -49.20 44.71
C SER D 7 38.17 -50.14 43.51
N GLY D 8 38.84 -51.28 43.65
CA GLY D 8 38.80 -52.29 42.60
C GLY D 8 37.40 -52.87 42.46
N ALA D 9 36.94 -52.96 41.22
CA ALA D 9 35.58 -53.41 40.92
C ALA D 9 35.63 -54.66 40.06
N GLU D 10 34.59 -55.49 40.19
CA GLU D 10 34.50 -56.72 39.43
C GLU D 10 33.18 -56.78 38.67
N VAL D 11 32.86 -57.95 38.10
CA VAL D 11 31.69 -58.09 37.25
C VAL D 11 30.43 -57.73 38.02
N LYS D 12 29.52 -57.03 37.35
CA LYS D 12 28.24 -56.65 37.92
C LYS D 12 27.11 -57.03 36.96
N LYS D 13 26.01 -57.51 37.53
CA LYS D 13 24.85 -57.85 36.73
C LYS D 13 24.20 -56.58 36.17
N PRO D 14 23.49 -56.67 35.05
CA PRO D 14 22.81 -55.48 34.52
C PRO D 14 21.65 -55.07 35.41
N GLY D 15 21.51 -53.76 35.60
CA GLY D 15 20.51 -53.22 36.50
C GLY D 15 20.88 -53.26 37.96
N ALA D 16 22.16 -53.43 38.29
CA ALA D 16 22.60 -53.48 39.68
C ALA D 16 23.03 -52.09 40.15
N SER D 17 23.66 -52.03 41.32
CA SER D 17 24.12 -50.78 41.90
C SER D 17 25.62 -50.86 42.18
N LEU D 18 26.30 -49.74 41.97
CA LEU D 18 27.74 -49.65 42.15
C LEU D 18 28.07 -48.47 43.05
N LYS D 19 28.90 -48.71 44.06
CA LYS D 19 29.36 -47.68 44.99
C LYS D 19 30.88 -47.62 44.87
N VAL D 20 31.38 -46.58 44.21
CA VAL D 20 32.80 -46.43 43.94
C VAL D 20 33.33 -45.27 44.76
N SER D 21 34.42 -45.51 45.48
CA SER D 21 35.01 -44.52 46.37
C SER D 21 36.26 -43.91 45.76
N CYS D 22 36.58 -42.69 46.22
CA CYS D 22 37.75 -41.94 45.78
C CYS D 22 38.37 -41.28 47.00
N ARG D 23 39.58 -41.70 47.36
CA ARG D 23 40.30 -41.16 48.51
C ARG D 23 41.52 -40.39 48.03
N ALA D 24 41.64 -39.15 48.46
CA ALA D 24 42.72 -38.26 48.03
C ALA D 24 43.53 -37.81 49.23
N SER D 25 44.84 -37.61 49.02
CA SER D 25 45.74 -37.20 50.08
C SER D 25 46.89 -36.41 49.47
N GLY D 26 47.58 -35.68 50.35
CA GLY D 26 48.72 -34.88 49.93
C GLY D 26 48.41 -33.44 49.56
N TYR D 27 47.16 -33.02 49.68
CA TYR D 27 46.78 -31.65 49.35
C TYR D 27 45.49 -31.32 50.09
N THR D 28 45.19 -30.02 50.16
CA THR D 28 43.97 -29.55 50.80
C THR D 28 42.76 -30.06 50.03
N PHE D 29 41.99 -30.97 50.65
CA PHE D 29 40.88 -31.61 49.95
C PHE D 29 39.79 -30.60 49.57
N THR D 30 39.46 -29.70 50.47
CA THR D 30 38.37 -28.75 50.22
C THR D 30 38.86 -27.48 49.51
N SER D 31 39.63 -27.68 48.45
CA SER D 31 40.13 -26.55 47.67
C SER D 31 40.05 -26.74 46.17
N HIS D 32 39.82 -27.95 45.66
CA HIS D 32 39.83 -28.21 44.23
C HIS D 32 38.55 -28.95 43.83
N PHE D 33 37.99 -28.56 42.70
CA PHE D 33 36.85 -29.27 42.14
C PHE D 33 37.28 -30.68 41.73
N ILE D 34 36.30 -31.58 41.63
CA ILE D 34 36.57 -32.98 41.31
C ILE D 34 35.86 -33.32 40.00
N HIS D 35 36.59 -33.87 39.04
CA HIS D 35 36.02 -34.38 37.80
C HIS D 35 36.07 -35.90 37.80
N TRP D 36 34.94 -36.51 37.50
CA TRP D 36 34.89 -37.95 37.28
C TRP D 36 34.67 -38.15 35.79
N VAL D 37 35.43 -39.08 35.20
CA VAL D 37 35.40 -39.33 33.76
C VAL D 37 35.24 -40.83 33.53
N ARG D 38 34.65 -41.18 32.40
CA ARG D 38 34.41 -42.56 32.01
C ARG D 38 34.91 -42.80 30.59
N GLN D 39 35.62 -43.90 30.38
CA GLN D 39 36.13 -44.28 29.08
C GLN D 39 35.61 -45.65 28.71
N ALA D 40 35.04 -45.76 27.51
CA ALA D 40 34.57 -47.04 27.01
C ALA D 40 35.57 -47.62 26.03
N PRO D 41 35.75 -48.94 26.00
CA PRO D 41 36.65 -49.54 25.02
C PRO D 41 36.17 -49.29 23.61
N GLY D 42 37.12 -49.09 22.69
CA GLY D 42 36.79 -48.81 21.31
C GLY D 42 36.01 -47.53 21.12
N GLN D 43 36.39 -46.47 21.84
CA GLN D 43 35.70 -45.19 21.76
C GLN D 43 36.60 -44.15 22.41
N GLY D 44 36.14 -42.91 22.41
CA GLY D 44 36.87 -41.82 23.04
C GLY D 44 36.68 -41.78 24.53
N LEU D 45 36.55 -40.58 25.09
CA LEU D 45 36.38 -40.39 26.52
C LEU D 45 35.15 -39.54 26.77
N GLU D 46 34.51 -39.76 27.93
CA GLU D 46 33.36 -38.97 28.35
C GLU D 46 33.45 -38.71 29.84
N TRP D 47 33.47 -37.43 30.20
CA TRP D 47 33.55 -37.01 31.60
C TRP D 47 32.22 -37.25 32.29
N MET D 48 32.26 -37.91 33.44
CA MET D 48 31.03 -38.22 34.15
C MET D 48 30.40 -36.96 34.72
N GLY D 49 31.19 -36.14 35.40
CA GLY D 49 30.63 -34.94 35.99
C GLY D 49 31.60 -34.22 36.89
N ILE D 50 31.07 -33.20 37.57
CA ILE D 50 31.86 -32.28 38.38
C ILE D 50 31.26 -32.22 39.78
N ILE D 51 32.13 -32.13 40.78
CA ILE D 51 31.75 -32.21 42.19
C ILE D 51 32.47 -31.11 42.95
N ASN D 52 31.74 -30.41 43.80
CA ASN D 52 32.39 -29.56 44.80
C ASN D 52 32.79 -30.41 46.00
N PRO D 53 33.99 -30.20 46.55
CA PRO D 53 34.44 -31.05 47.67
C PRO D 53 33.51 -31.00 48.88
N SER D 54 32.84 -29.86 49.12
CA SER D 54 31.89 -29.73 50.22
C SER D 54 30.62 -29.06 49.68
N GLY D 55 29.68 -29.87 49.21
CA GLY D 55 28.43 -29.35 48.69
C GLY D 55 27.74 -30.28 47.73
N GLY D 56 27.08 -29.73 46.72
CA GLY D 56 26.37 -30.51 45.72
C GLY D 56 27.28 -30.90 44.57
N ALA D 57 26.66 -31.20 43.43
CA ALA D 57 27.41 -31.63 42.26
C ALA D 57 26.58 -31.38 41.00
N SER D 58 27.25 -31.47 39.85
CA SER D 58 26.61 -31.29 38.56
C SER D 58 27.03 -32.41 37.61
N TYR D 59 26.13 -32.76 36.70
CA TYR D 59 26.28 -33.93 35.86
C TYR D 59 26.07 -33.57 34.40
N ALA D 60 26.68 -34.34 33.51
CA ALA D 60 26.36 -34.22 32.09
C ALA D 60 24.92 -34.66 31.87
N GLN D 61 24.21 -33.91 31.00
CA GLN D 61 22.77 -34.14 30.87
C GLN D 61 22.45 -35.51 30.31
N ASN D 62 23.30 -36.03 29.43
CA ASN D 62 23.04 -37.35 28.85
C ASN D 62 23.11 -38.44 29.90
N PHE D 63 24.03 -38.32 30.85
CA PHE D 63 24.28 -39.33 31.86
C PHE D 63 23.59 -39.02 33.18
N ARG D 64 22.70 -38.03 33.20
CA ARG D 64 21.93 -37.73 34.40
C ARG D 64 20.90 -38.82 34.66
N ASP D 65 20.10 -38.64 35.71
CA ASP D 65 18.98 -39.48 36.10
C ASP D 65 19.40 -40.86 36.58
N ARG D 66 20.69 -41.19 36.55
CA ARG D 66 21.15 -42.51 36.99
C ARG D 66 22.40 -42.47 37.85
N VAL D 67 22.96 -41.28 38.11
CA VAL D 67 24.19 -41.13 38.88
C VAL D 67 23.90 -40.28 40.11
N THR D 68 24.45 -40.68 41.26
CA THR D 68 24.20 -40.02 42.52
C THR D 68 25.51 -39.74 43.23
N MET D 69 25.63 -38.55 43.81
CA MET D 69 26.83 -38.10 44.50
C MET D 69 26.57 -37.97 45.99
N THR D 70 27.55 -38.34 46.80
CA THR D 70 27.56 -37.99 48.21
C THR D 70 28.97 -37.57 48.60
N THR D 71 29.08 -36.54 49.43
CA THR D 71 30.36 -36.01 49.85
C THR D 71 30.54 -36.21 51.36
N ASP D 72 31.80 -36.24 51.78
CA ASP D 72 32.14 -36.40 53.19
C ASP D 72 33.47 -35.71 53.40
N PRO D 73 33.44 -34.41 53.75
CA PRO D 73 34.70 -33.66 53.92
C PRO D 73 35.30 -33.85 55.30
N SER D 74 35.34 -35.09 55.78
CA SER D 74 35.97 -35.42 57.05
C SER D 74 37.15 -36.35 56.86
N THR D 75 36.96 -37.48 56.17
CA THR D 75 38.02 -38.40 55.84
C THR D 75 38.48 -38.26 54.40
N SER D 76 38.03 -37.22 53.70
CA SER D 76 38.46 -36.90 52.33
C SER D 76 38.12 -38.03 51.36
N THR D 77 36.82 -38.29 51.23
CA THR D 77 36.33 -39.32 50.33
C THR D 77 35.19 -38.77 49.47
N VAL D 78 35.12 -39.26 48.24
CA VAL D 78 34.06 -38.87 47.30
C VAL D 78 33.49 -40.14 46.67
N TYR D 79 32.17 -40.24 46.62
CA TYR D 79 31.49 -41.46 46.22
C TYR D 79 30.65 -41.27 44.96
N MET D 80 30.63 -42.29 44.11
CA MET D 80 29.63 -42.47 43.07
C MET D 80 28.70 -43.62 43.41
N GLU D 81 27.39 -43.38 43.29
CA GLU D 81 26.39 -44.43 43.23
C GLU D 81 25.82 -44.48 41.82
N LEU D 82 25.88 -45.65 41.20
CA LEU D 82 25.39 -45.85 39.85
C LEU D 82 24.33 -46.95 39.86
N GLY D 83 23.26 -46.74 39.10
CA GLY D 83 22.18 -47.69 39.05
C GLY D 83 21.62 -47.82 37.64
N SER D 84 20.77 -48.83 37.47
CA SER D 84 20.14 -49.13 36.18
C SER D 84 21.19 -49.33 35.10
N LEU D 85 22.17 -50.18 35.40
CA LEU D 85 23.23 -50.47 34.46
C LEU D 85 22.72 -51.32 33.31
N ARG D 86 23.52 -51.38 32.24
CA ARG D 86 23.25 -52.24 31.10
C ARG D 86 24.56 -52.88 30.66
N SER D 87 24.46 -53.79 29.69
CA SER D 87 25.65 -54.47 29.19
C SER D 87 26.52 -53.56 28.34
N GLU D 88 25.99 -52.43 27.86
CA GLU D 88 26.73 -51.51 27.01
C GLU D 88 27.40 -50.40 27.78
N ASP D 89 27.31 -50.39 29.11
CA ASP D 89 27.94 -49.36 29.93
C ASP D 89 29.21 -49.85 30.61
N THR D 90 29.69 -51.05 30.25
CA THR D 90 30.96 -51.54 30.77
C THR D 90 32.08 -50.62 30.32
N ALA D 91 32.90 -50.16 31.26
CA ALA D 91 33.84 -49.09 30.96
C ALA D 91 34.87 -49.01 32.08
N VAL D 92 35.67 -47.95 32.06
CA VAL D 92 36.67 -47.67 33.09
C VAL D 92 36.44 -46.25 33.60
N TYR D 93 36.48 -46.08 34.92
CA TYR D 93 36.18 -44.82 35.57
C TYR D 93 37.43 -44.24 36.22
N TYR D 94 37.61 -42.93 36.08
CA TYR D 94 38.72 -42.21 36.69
C TYR D 94 38.18 -41.06 37.54
N CYS D 95 38.78 -40.87 38.72
CA CYS D 95 38.49 -39.78 39.63
C CYS D 95 39.71 -38.87 39.67
N ALA D 96 39.52 -37.58 39.33
CA ALA D 96 40.64 -36.66 39.24
C ALA D 96 40.26 -35.31 39.82
N ARG D 97 41.27 -34.50 40.09
CA ARG D 97 41.10 -33.14 40.56
C ARG D 97 41.41 -32.16 39.44
N ALA D 98 41.10 -30.89 39.68
CA ALA D 98 41.32 -29.84 38.71
C ALA D 98 41.77 -28.59 39.46
N GLU D 99 41.87 -27.48 38.73
CA GLU D 99 42.18 -26.20 39.35
C GLU D 99 41.03 -25.77 40.26
N GLY D 100 41.35 -24.94 41.25
CA GLY D 100 40.37 -24.53 42.24
C GLY D 100 39.22 -23.73 41.69
N SER D 101 39.33 -23.22 40.46
CA SER D 101 38.29 -22.39 39.86
C SER D 101 37.42 -23.14 38.85
N SER D 102 37.67 -24.44 38.66
CA SER D 102 36.93 -25.25 37.70
C SER D 102 37.11 -24.77 36.27
N TRP D 103 36.42 -25.42 35.32
CA TRP D 103 36.45 -25.06 33.92
C TRP D 103 37.86 -25.00 33.35
N LEU D 104 38.23 -23.86 32.79
CA LEU D 104 39.55 -23.70 32.20
C LEU D 104 40.63 -23.88 33.26
N GLY D 105 41.47 -24.90 33.11
CA GLY D 105 42.52 -25.10 34.09
C GLY D 105 43.42 -26.25 33.74
N TRP D 106 44.31 -26.56 34.67
CA TRP D 106 45.29 -27.63 34.57
C TRP D 106 44.84 -28.83 35.40
N PHE D 107 44.97 -30.02 34.82
CA PHE D 107 44.52 -31.27 35.44
C PHE D 107 45.76 -32.14 35.65
N ASP D 108 46.47 -31.93 36.76
CA ASP D 108 47.63 -32.77 37.02
C ASP D 108 47.23 -34.11 37.62
N PRO D 109 46.40 -34.17 38.67
CA PRO D 109 45.99 -35.47 39.18
C PRO D 109 45.06 -36.18 38.21
N TRP D 110 45.04 -37.51 38.32
CA TRP D 110 44.23 -38.33 37.45
C TRP D 110 43.83 -39.60 38.18
N GLY D 111 42.80 -40.27 37.67
CA GLY D 111 42.30 -41.47 38.31
C GLY D 111 43.10 -42.70 37.94
N GLN D 112 43.27 -43.58 38.93
CA GLN D 112 43.94 -44.85 38.68
C GLN D 112 43.13 -45.74 37.74
N GLY D 113 41.83 -45.54 37.64
CA GLY D 113 40.98 -46.32 36.76
C GLY D 113 40.43 -47.57 37.39
N THR D 114 39.10 -47.72 37.36
CA THR D 114 38.43 -48.92 37.82
C THR D 114 37.53 -49.45 36.72
N LEU D 115 37.56 -50.76 36.51
CA LEU D 115 36.85 -51.40 35.42
C LEU D 115 35.51 -51.95 35.90
N VAL D 116 34.48 -51.77 35.07
CA VAL D 116 33.16 -52.36 35.31
C VAL D 116 32.76 -53.10 34.05
N THR D 117 32.25 -54.32 34.22
CA THR D 117 31.95 -55.19 33.09
C THR D 117 30.85 -56.16 33.48
N VAL D 118 30.23 -56.77 32.45
CA VAL D 118 29.18 -57.76 32.63
C VAL D 118 29.58 -59.02 31.88
N SER D 119 29.56 -60.15 32.58
CA SER D 119 29.89 -61.44 31.97
C SER D 119 29.41 -62.54 32.90
N SER D 120 29.34 -63.75 32.34
CA SER D 120 28.95 -64.93 33.13
C SER D 120 29.72 -66.16 32.68
N GLN E 1 -35.35 -56.16 75.05
CA GLN E 1 -34.87 -57.10 74.05
C GLN E 1 -33.43 -56.80 73.67
N VAL E 2 -33.19 -55.61 73.12
CA VAL E 2 -31.84 -55.19 72.72
C VAL E 2 -31.22 -54.55 73.93
N GLN E 3 -30.64 -55.38 74.80
CA GLN E 3 -29.98 -54.93 76.02
C GLN E 3 -28.72 -55.75 76.23
N LEU E 4 -27.63 -55.06 76.56
CA LEU E 4 -26.35 -55.70 76.76
C LEU E 4 -26.18 -56.09 78.24
N VAL E 5 -25.66 -57.28 78.47
CA VAL E 5 -25.50 -57.84 79.81
C VAL E 5 -24.01 -57.84 80.15
N GLN E 6 -23.68 -57.37 81.36
CA GLN E 6 -22.32 -57.29 81.83
C GLN E 6 -22.09 -58.29 82.96
N SER E 7 -20.86 -58.81 83.02
CA SER E 7 -20.50 -59.75 84.06
C SER E 7 -20.33 -59.04 85.40
N GLY E 8 -20.64 -59.76 86.47
CA GLY E 8 -20.47 -59.20 87.80
C GLY E 8 -19.01 -59.12 88.21
N ALA E 9 -18.73 -58.18 89.11
CA ALA E 9 -17.38 -57.95 89.59
C ALA E 9 -17.41 -57.73 91.10
N GLU E 10 -16.29 -58.02 91.75
CA GLU E 10 -16.19 -57.84 93.20
C GLU E 10 -14.87 -57.16 93.56
N VAL E 11 -14.53 -57.13 94.85
CA VAL E 11 -13.29 -56.53 95.29
C VAL E 11 -12.11 -57.30 94.70
N LYS E 12 -11.06 -56.57 94.33
CA LYS E 12 -9.90 -57.18 93.68
C LYS E 12 -8.61 -56.82 94.41
N LYS E 13 -7.48 -57.14 93.80
CA LYS E 13 -6.17 -56.87 94.35
C LYS E 13 -5.33 -56.13 93.32
N PRO E 14 -4.36 -55.32 93.76
CA PRO E 14 -3.53 -54.60 92.79
C PRO E 14 -2.77 -55.54 91.87
N GLY E 15 -2.65 -55.14 90.61
CA GLY E 15 -1.96 -55.93 89.61
C GLY E 15 -2.76 -57.06 89.01
N ALA E 16 -4.03 -57.22 89.40
CA ALA E 16 -4.85 -58.32 88.89
C ALA E 16 -5.38 -57.97 87.51
N SER E 17 -6.10 -58.93 86.91
CA SER E 17 -6.66 -58.76 85.57
C SER E 17 -8.12 -59.22 85.60
N LEU E 18 -9.04 -58.27 85.71
CA LEU E 18 -10.46 -58.58 85.69
C LEU E 18 -10.89 -59.03 84.30
N LYS E 19 -11.71 -60.07 84.25
CA LYS E 19 -12.23 -60.63 83.01
C LYS E 19 -13.71 -60.28 82.91
N VAL E 20 -14.03 -59.27 82.11
CA VAL E 20 -15.39 -58.79 81.95
C VAL E 20 -15.98 -59.38 80.68
N SER E 21 -17.16 -59.96 80.79
CA SER E 21 -17.87 -60.54 79.66
C SER E 21 -19.08 -59.69 79.31
N CYS E 22 -19.19 -59.32 78.04
CA CYS E 22 -20.33 -58.58 77.53
C CYS E 22 -21.13 -59.49 76.61
N ARG E 23 -22.43 -59.55 76.86
CA ARG E 23 -23.34 -60.41 76.09
C ARG E 23 -24.37 -59.54 75.39
N ALA E 24 -24.53 -59.75 74.09
CA ALA E 24 -25.48 -59.00 73.27
C ALA E 24 -26.45 -59.97 72.60
N SER E 25 -27.73 -59.63 72.64
CA SER E 25 -28.77 -60.46 72.06
C SER E 25 -29.90 -59.57 71.57
N GLY E 26 -30.95 -60.19 71.04
CA GLY E 26 -32.09 -59.48 70.50
C GLY E 26 -31.92 -58.99 69.09
N TYR E 27 -30.77 -59.21 68.46
CA TYR E 27 -30.52 -58.78 67.10
C TYR E 27 -29.31 -59.55 66.58
N THR E 28 -28.87 -59.19 65.37
CA THR E 28 -27.74 -59.87 64.75
C THR E 28 -26.47 -59.56 65.52
N PHE E 29 -25.78 -60.60 65.99
CA PHE E 29 -24.57 -60.40 66.78
C PHE E 29 -23.48 -59.72 65.96
N THR E 30 -23.30 -60.13 64.72
CA THR E 30 -22.29 -59.55 63.84
C THR E 30 -22.93 -58.49 62.94
N SER E 31 -23.42 -57.43 63.57
CA SER E 31 -24.03 -56.32 62.86
C SER E 31 -23.58 -54.95 63.32
N HIS E 32 -23.07 -54.81 64.54
CA HIS E 32 -22.62 -53.52 65.06
C HIS E 32 -21.42 -53.74 65.97
N PHE E 33 -20.64 -52.67 66.12
CA PHE E 33 -19.44 -52.72 66.96
C PHE E 33 -19.80 -52.34 68.39
N ILE E 34 -19.37 -53.17 69.33
CA ILE E 34 -19.59 -52.91 70.74
C ILE E 34 -18.62 -51.81 71.19
N HIS E 35 -19.00 -51.11 72.25
CA HIS E 35 -18.27 -49.95 72.72
C HIS E 35 -18.09 -50.05 74.23
N TRP E 36 -16.85 -50.09 74.69
CA TRP E 36 -16.52 -49.94 76.09
C TRP E 36 -16.33 -48.45 76.36
N VAL E 37 -17.23 -47.88 77.17
CA VAL E 37 -17.19 -46.47 77.56
C VAL E 37 -17.28 -46.41 79.08
N ARG E 38 -16.83 -45.29 79.65
CA ARG E 38 -16.86 -45.13 81.09
C ARG E 38 -17.19 -43.69 81.45
N GLN E 39 -17.79 -43.52 82.63
CA GLN E 39 -18.02 -42.20 83.21
C GLN E 39 -17.48 -42.20 84.63
N ALA E 40 -16.67 -41.19 84.95
CA ALA E 40 -16.04 -41.18 86.26
C ALA E 40 -16.69 -40.14 87.17
N PRO E 41 -16.73 -40.38 88.48
CA PRO E 41 -17.28 -39.38 89.40
C PRO E 41 -16.42 -38.13 89.42
N GLY E 42 -17.06 -36.98 89.27
CA GLY E 42 -16.33 -35.73 89.17
C GLY E 42 -15.43 -35.64 87.95
N GLN E 43 -15.83 -36.26 86.85
CA GLN E 43 -15.03 -36.26 85.64
C GLN E 43 -15.94 -36.52 84.45
N GLY E 44 -15.49 -36.12 83.27
CA GLY E 44 -16.27 -36.29 82.07
C GLY E 44 -16.27 -37.72 81.59
N LEU E 45 -16.94 -37.93 80.45
CA LEU E 45 -17.02 -39.27 79.87
C LEU E 45 -15.64 -39.74 79.42
N GLU E 46 -15.38 -41.02 79.61
CA GLU E 46 -14.10 -41.63 79.23
C GLU E 46 -14.41 -42.91 78.46
N TRP E 47 -14.27 -42.86 77.14
CA TRP E 47 -14.56 -43.99 76.28
C TRP E 47 -13.29 -44.82 76.10
N MET E 48 -13.37 -46.10 76.44
CA MET E 48 -12.22 -46.99 76.31
C MET E 48 -11.96 -47.35 74.85
N GLY E 49 -12.92 -48.03 74.21
CA GLY E 49 -12.63 -48.52 72.87
C GLY E 49 -13.82 -49.10 72.13
N ILE E 50 -13.55 -49.44 70.88
CA ILE E 50 -14.54 -50.02 69.96
C ILE E 50 -14.05 -51.39 69.54
N ILE E 51 -14.90 -52.40 69.67
CA ILE E 51 -14.58 -53.77 69.33
C ILE E 51 -15.59 -54.27 68.31
N ASN E 52 -15.08 -54.79 67.19
CA ASN E 52 -15.98 -55.41 66.22
C ASN E 52 -16.28 -56.86 66.61
N PRO E 53 -17.42 -57.39 66.15
CA PRO E 53 -17.70 -58.82 66.43
C PRO E 53 -16.66 -59.75 65.85
N SER E 54 -16.06 -59.42 64.71
CA SER E 54 -15.06 -60.26 64.08
C SER E 54 -13.91 -59.38 63.63
N GLY E 55 -12.76 -59.53 64.28
CA GLY E 55 -11.57 -58.78 63.94
C GLY E 55 -10.92 -58.23 65.19
N GLY E 56 -10.14 -57.17 65.02
CA GLY E 56 -9.44 -56.54 66.12
C GLY E 56 -10.28 -55.52 66.84
N ALA E 57 -9.63 -54.84 67.79
CA ALA E 57 -10.27 -53.82 68.60
C ALA E 57 -9.38 -52.58 68.65
N SER E 58 -10.02 -51.41 68.72
CA SER E 58 -9.33 -50.13 68.80
C SER E 58 -9.55 -49.57 70.20
N TYR E 59 -8.46 -49.46 70.95
CA TYR E 59 -8.47 -48.94 72.31
C TYR E 59 -7.63 -47.67 72.37
N ALA E 60 -7.42 -47.15 73.58
CA ALA E 60 -6.64 -45.94 73.75
C ALA E 60 -5.15 -46.24 73.66
N GLN E 61 -4.34 -45.19 73.74
CA GLN E 61 -2.89 -45.36 73.65
C GLN E 61 -2.29 -45.95 74.91
N ASN E 62 -2.91 -45.72 76.07
CA ASN E 62 -2.43 -46.28 77.33
C ASN E 62 -2.94 -47.69 77.58
N PHE E 63 -3.77 -48.21 76.69
CA PHE E 63 -4.36 -49.54 76.84
C PHE E 63 -3.54 -50.62 76.15
N ARG E 64 -2.39 -50.27 75.59
CA ARG E 64 -1.60 -51.21 74.82
C ARG E 64 -0.87 -52.20 75.73
N ASP E 65 -0.71 -53.43 75.24
CA ASP E 65 0.18 -54.47 75.77
C ASP E 65 -0.33 -55.15 77.04
N ARG E 66 -1.45 -54.70 77.62
CA ARG E 66 -1.93 -55.39 78.82
C ARG E 66 -3.46 -55.56 78.81
N VAL E 67 -4.06 -55.65 77.63
CA VAL E 67 -5.46 -55.99 77.48
C VAL E 67 -5.56 -57.23 76.59
N THR E 68 -6.31 -58.22 77.05
CA THR E 68 -6.49 -59.48 76.34
C THR E 68 -7.90 -59.57 75.79
N MET E 69 -8.03 -59.99 74.52
CA MET E 69 -9.31 -60.13 73.87
C MET E 69 -9.50 -61.57 73.40
N THR E 70 -10.76 -62.03 73.47
CA THR E 70 -11.15 -63.34 72.96
C THR E 70 -12.28 -63.14 71.97
N THR E 71 -12.06 -63.59 70.72
CA THR E 71 -13.04 -63.43 69.65
C THR E 71 -13.80 -64.75 69.49
N ASP E 72 -14.97 -64.82 70.09
CA ASP E 72 -15.84 -65.99 70.03
C ASP E 72 -17.24 -65.56 69.62
N PRO E 73 -17.48 -65.33 68.33
CA PRO E 73 -18.81 -64.92 67.85
C PRO E 73 -19.77 -66.09 67.66
N SER E 74 -19.86 -66.94 68.68
CA SER E 74 -20.73 -68.10 68.66
C SER E 74 -21.71 -68.15 69.83
N THR E 75 -21.27 -67.74 71.02
CA THR E 75 -22.10 -67.76 72.21
C THR E 75 -22.69 -66.39 72.55
N SER E 76 -22.58 -65.43 71.64
CA SER E 76 -23.05 -64.06 71.87
C SER E 76 -22.41 -63.47 73.12
N THR E 77 -21.11 -63.74 73.30
CA THR E 77 -20.37 -63.28 74.46
C THR E 77 -18.95 -62.91 74.05
N VAL E 78 -18.47 -61.79 74.56
CA VAL E 78 -17.11 -61.32 74.31
C VAL E 78 -16.42 -61.10 75.65
N TYR E 79 -15.18 -61.55 75.76
CA TYR E 79 -14.42 -61.50 77.00
C TYR E 79 -13.25 -60.54 76.84
N MET E 80 -13.11 -59.62 77.81
CA MET E 80 -12.02 -58.65 77.82
C MET E 80 -11.32 -58.76 79.16
N GLU E 81 -10.01 -59.02 79.13
CA GLU E 81 -9.20 -59.12 80.34
C GLU E 81 -8.35 -57.87 80.47
N LEU E 82 -8.49 -57.18 81.60
CA LEU E 82 -7.80 -55.92 81.85
C LEU E 82 -6.88 -56.08 83.06
N GLY E 83 -5.65 -55.59 82.93
CA GLY E 83 -4.67 -55.68 83.98
C GLY E 83 -4.03 -54.33 84.27
N SER E 84 -3.23 -54.31 85.33
CA SER E 84 -2.51 -53.11 85.78
C SER E 84 -3.48 -51.96 86.05
N LEU E 85 -4.36 -52.18 87.03
CA LEU E 85 -5.33 -51.17 87.41
C LEU E 85 -4.66 -50.05 88.20
N ARG E 86 -5.37 -48.94 88.33
CA ARG E 86 -4.87 -47.76 89.03
C ARG E 86 -6.00 -47.09 89.78
N SER E 87 -5.64 -46.09 90.59
CA SER E 87 -6.64 -45.39 91.40
C SER E 87 -7.63 -44.63 90.52
N GLU E 88 -7.15 -44.04 89.43
CA GLU E 88 -8.00 -43.26 88.54
C GLU E 88 -9.03 -44.11 87.79
N ASP E 89 -8.89 -45.44 87.83
CA ASP E 89 -9.80 -46.32 87.10
C ASP E 89 -11.20 -46.36 87.70
N THR E 90 -11.40 -45.81 88.90
CA THR E 90 -12.71 -45.82 89.54
C THR E 90 -13.71 -45.03 88.71
N ALA E 91 -14.70 -45.73 88.17
CA ALA E 91 -15.70 -45.14 87.28
C ALA E 91 -16.85 -46.12 87.16
N VAL E 92 -17.75 -45.86 86.20
CA VAL E 92 -18.83 -46.76 85.85
C VAL E 92 -18.69 -47.09 84.37
N TYR E 93 -18.69 -48.38 84.05
CA TYR E 93 -18.46 -48.87 82.69
C TYR E 93 -19.79 -49.19 82.01
N TYR E 94 -19.85 -48.93 80.71
CA TYR E 94 -21.01 -49.23 79.89
C TYR E 94 -20.54 -49.96 78.64
N CYS E 95 -21.23 -51.05 78.32
CA CYS E 95 -21.03 -51.82 77.10
C CYS E 95 -22.18 -51.46 76.16
N ALA E 96 -21.95 -50.49 75.29
CA ALA E 96 -22.99 -49.95 74.43
C ALA E 96 -22.78 -50.40 72.99
N ARG E 97 -23.67 -49.96 72.10
CA ARG E 97 -23.56 -50.26 70.69
C ARG E 97 -23.88 -49.01 69.88
N ALA E 98 -23.27 -48.92 68.70
CA ALA E 98 -23.46 -47.77 67.83
C ALA E 98 -23.92 -48.20 66.45
N GLU E 99 -23.91 -47.28 65.49
CA GLU E 99 -24.32 -47.59 64.13
C GLU E 99 -23.33 -48.56 63.48
N GLY E 100 -23.70 -49.05 62.30
CA GLY E 100 -22.86 -50.00 61.58
C GLY E 100 -21.62 -49.39 60.96
N SER E 101 -21.52 -48.07 60.93
CA SER E 101 -20.33 -47.38 60.44
C SER E 101 -19.53 -46.73 61.55
N SER E 102 -19.98 -46.83 62.80
CA SER E 102 -19.32 -46.23 63.95
C SER E 102 -19.08 -44.74 63.75
N TRP E 103 -18.11 -44.19 64.49
CA TRP E 103 -17.74 -42.76 64.41
C TRP E 103 -18.99 -41.95 64.71
N LEU E 104 -19.44 -41.05 63.83
CA LEU E 104 -20.60 -40.23 64.11
C LEU E 104 -21.87 -41.05 64.08
N GLY E 105 -22.35 -41.47 65.25
CA GLY E 105 -23.56 -42.26 65.34
C GLY E 105 -24.31 -42.07 66.64
N TRP E 106 -25.47 -42.69 66.75
CA TRP E 106 -26.32 -42.58 67.94
C TRP E 106 -26.34 -43.91 68.67
N PHE E 107 -26.10 -43.85 69.98
CA PHE E 107 -26.01 -45.06 70.82
C PHE E 107 -27.43 -45.46 71.24
N ASP E 108 -28.13 -46.11 70.31
CA ASP E 108 -29.48 -46.59 70.61
C ASP E 108 -29.50 -47.63 71.73
N PRO E 109 -28.65 -48.66 71.71
CA PRO E 109 -28.60 -49.57 72.87
C PRO E 109 -27.67 -49.03 73.95
N TRP E 110 -28.14 -49.12 75.19
CA TRP E 110 -27.38 -48.62 76.33
C TRP E 110 -27.22 -49.74 77.35
N GLY E 111 -25.99 -49.97 77.78
CA GLY E 111 -25.72 -51.03 78.72
C GLY E 111 -26.09 -50.66 80.14
N GLN E 112 -26.20 -51.68 80.99
CA GLN E 112 -26.53 -51.45 82.40
C GLN E 112 -25.42 -50.69 83.10
N GLY E 113 -24.16 -51.05 82.84
CA GLY E 113 -23.04 -50.39 83.47
C GLY E 113 -22.67 -51.01 84.81
N THR E 114 -21.38 -51.16 85.05
CA THR E 114 -20.87 -51.71 86.30
C THR E 114 -20.01 -50.66 86.99
N LEU E 115 -20.27 -50.43 88.27
CA LEU E 115 -19.55 -49.42 89.05
C LEU E 115 -18.29 -50.05 89.64
N VAL E 116 -17.15 -49.76 89.05
CA VAL E 116 -15.86 -50.26 89.51
C VAL E 116 -15.18 -49.10 90.22
N THR E 117 -15.31 -49.05 91.55
CA THR E 117 -14.75 -47.97 92.35
C THR E 117 -14.10 -48.57 93.59
N VAL E 118 -12.78 -48.51 93.64
CA VAL E 118 -12.00 -48.99 94.79
C VAL E 118 -11.23 -47.80 95.35
N SER E 119 -11.50 -47.47 96.61
CA SER E 119 -10.83 -46.35 97.26
C SER E 119 -10.94 -46.53 98.77
N SER E 120 -10.09 -45.81 99.49
CA SER E 120 -10.08 -45.87 100.94
C SER E 120 -9.89 -44.48 101.56
N GLN F 1 68.05 -71.01 -36.00
CA GLN F 1 66.60 -71.00 -36.10
C GLN F 1 65.98 -70.20 -34.97
N VAL F 2 64.81 -69.63 -35.23
CA VAL F 2 64.11 -68.81 -34.23
C VAL F 2 63.51 -69.75 -33.19
N GLN F 3 64.19 -69.89 -32.06
CA GLN F 3 63.76 -70.83 -31.03
C GLN F 3 64.33 -70.40 -29.69
N LEU F 4 63.56 -70.59 -28.62
CA LEU F 4 64.03 -70.36 -27.27
C LEU F 4 64.27 -71.71 -26.60
N VAL F 5 65.52 -71.97 -26.23
CA VAL F 5 65.95 -73.27 -25.71
C VAL F 5 66.18 -73.13 -24.21
N GLN F 6 65.55 -73.99 -23.44
CA GLN F 6 65.71 -74.03 -21.99
C GLN F 6 65.89 -75.48 -21.55
N SER F 7 66.84 -75.70 -20.65
CA SER F 7 67.15 -77.04 -20.18
C SER F 7 66.15 -77.49 -19.12
N GLY F 8 65.72 -78.74 -19.23
CA GLY F 8 64.76 -79.28 -18.29
C GLY F 8 65.35 -79.48 -16.91
N ALA F 9 64.46 -79.57 -15.93
CA ALA F 9 64.88 -79.75 -14.55
C ALA F 9 65.27 -81.21 -14.30
N GLU F 10 66.47 -81.42 -13.81
CA GLU F 10 66.97 -82.75 -13.51
C GLU F 10 66.77 -83.10 -12.05
N VAL F 11 67.09 -84.35 -11.70
CA VAL F 11 67.00 -84.78 -10.32
C VAL F 11 68.07 -84.08 -9.48
N LYS F 12 67.77 -83.85 -8.21
CA LYS F 12 68.69 -83.14 -7.33
C LYS F 12 68.51 -83.68 -5.91
N LYS F 13 69.10 -82.98 -4.96
CA LYS F 13 69.12 -83.36 -3.55
C LYS F 13 68.63 -82.18 -2.71
N PRO F 14 68.09 -82.44 -1.53
CA PRO F 14 67.68 -81.34 -0.65
C PRO F 14 68.86 -80.46 -0.27
N GLY F 15 68.60 -79.16 -0.18
CA GLY F 15 69.63 -78.19 0.13
C GLY F 15 70.44 -77.70 -1.06
N ALA F 16 70.17 -78.19 -2.26
CA ALA F 16 70.88 -77.79 -3.46
C ALA F 16 70.10 -76.72 -4.19
N SER F 17 70.60 -76.32 -5.36
CA SER F 17 69.95 -75.31 -6.20
C SER F 17 69.87 -75.82 -7.62
N LEU F 18 68.81 -75.42 -8.32
CA LEU F 18 68.57 -75.80 -9.71
C LEU F 18 68.86 -74.61 -10.61
N LYS F 19 69.69 -74.83 -11.64
CA LYS F 19 70.05 -73.80 -12.59
C LYS F 19 69.42 -74.12 -13.94
N VAL F 20 68.67 -73.16 -14.48
CA VAL F 20 68.02 -73.30 -15.78
C VAL F 20 68.50 -72.16 -16.67
N SER F 21 68.97 -72.50 -17.87
CA SER F 21 69.49 -71.52 -18.82
C SER F 21 68.52 -71.40 -19.99
N CYS F 22 68.04 -70.19 -20.25
CA CYS F 22 67.15 -69.90 -21.36
C CYS F 22 67.89 -69.05 -22.38
N ARG F 23 67.97 -69.54 -23.61
CA ARG F 23 68.72 -68.90 -24.68
C ARG F 23 67.82 -68.66 -25.87
N ALA F 24 67.90 -67.48 -26.47
CA ALA F 24 67.12 -67.12 -27.65
C ALA F 24 68.00 -67.20 -28.88
N SER F 25 67.49 -67.82 -29.94
CA SER F 25 68.23 -67.95 -31.19
C SER F 25 67.31 -67.60 -32.36
N GLY F 26 67.92 -67.17 -33.45
CA GLY F 26 67.19 -66.79 -34.65
C GLY F 26 66.73 -65.36 -34.69
N TYR F 27 66.89 -64.61 -33.60
CA TYR F 27 66.50 -63.21 -33.57
C TYR F 27 67.33 -62.50 -32.50
N THR F 28 67.42 -61.18 -32.63
CA THR F 28 68.20 -60.39 -31.69
C THR F 28 67.56 -60.42 -30.31
N PHE F 29 68.41 -60.53 -29.29
CA PHE F 29 67.91 -60.62 -27.92
C PHE F 29 67.20 -59.33 -27.51
N THR F 30 67.73 -58.19 -27.90
CA THR F 30 67.14 -56.91 -27.52
C THR F 30 66.03 -56.54 -28.50
N SER F 31 65.08 -57.47 -28.69
CA SER F 31 63.92 -57.22 -29.53
C SER F 31 62.60 -57.72 -28.96
N HIS F 32 62.61 -58.59 -27.95
CA HIS F 32 61.38 -59.14 -27.39
C HIS F 32 61.57 -59.34 -25.89
N PHE F 33 60.51 -59.12 -25.14
CA PHE F 33 60.53 -59.35 -23.70
C PHE F 33 60.50 -60.84 -23.39
N ILE F 34 61.00 -61.21 -22.22
CA ILE F 34 61.11 -62.60 -21.79
C ILE F 34 60.12 -62.84 -20.67
N HIS F 35 59.31 -63.87 -20.80
CA HIS F 35 58.17 -64.11 -19.93
C HIS F 35 58.18 -65.56 -19.46
N TRP F 36 57.72 -65.77 -18.22
CA TRP F 36 57.62 -67.11 -17.65
C TRP F 36 56.17 -67.57 -17.60
N VAL F 37 55.95 -68.83 -17.97
CA VAL F 37 54.63 -69.45 -17.96
C VAL F 37 54.73 -70.77 -17.20
N ARG F 38 53.73 -71.05 -16.36
CA ARG F 38 53.65 -72.31 -15.64
C ARG F 38 52.32 -73.00 -15.95
N GLN F 39 52.37 -74.31 -16.15
CA GLN F 39 51.17 -75.10 -16.39
C GLN F 39 51.26 -76.38 -15.58
N ALA F 40 50.36 -76.54 -14.61
CA ALA F 40 50.29 -77.77 -13.83
C ALA F 40 49.49 -78.82 -14.58
N PRO F 41 49.73 -80.11 -14.29
CA PRO F 41 48.95 -81.16 -14.94
C PRO F 41 47.46 -81.01 -14.62
N GLY F 42 46.64 -81.06 -15.66
CA GLY F 42 45.21 -80.84 -15.49
C GLY F 42 44.88 -79.45 -15.00
N GLN F 43 45.57 -78.44 -15.50
CA GLN F 43 45.39 -77.06 -15.04
C GLN F 43 45.79 -76.13 -16.18
N GLY F 44 45.34 -74.89 -16.08
CA GLY F 44 45.62 -73.88 -17.09
C GLY F 44 47.03 -73.35 -17.00
N LEU F 45 47.20 -72.11 -17.45
CA LEU F 45 48.51 -71.48 -17.53
C LEU F 45 48.65 -70.39 -16.47
N GLU F 46 49.78 -70.41 -15.77
CA GLU F 46 50.12 -69.41 -14.78
C GLU F 46 51.45 -68.78 -15.15
N TRP F 47 51.63 -67.50 -14.82
CA TRP F 47 52.84 -66.77 -15.15
C TRP F 47 53.55 -66.29 -13.89
N MET F 48 54.87 -66.31 -13.92
CA MET F 48 55.68 -66.00 -12.75
C MET F 48 56.47 -64.70 -12.90
N GLY F 49 57.33 -64.59 -13.91
CA GLY F 49 58.29 -63.52 -13.95
C GLY F 49 58.43 -62.90 -15.33
N ILE F 50 59.00 -61.70 -15.34
CA ILE F 50 59.24 -60.91 -16.54
C ILE F 50 60.68 -60.42 -16.50
N ILE F 51 61.40 -60.57 -17.61
CA ILE F 51 62.72 -59.97 -17.78
C ILE F 51 62.71 -59.19 -19.09
N ASN F 52 62.95 -57.89 -19.01
CA ASN F 52 63.02 -57.07 -20.20
C ASN F 52 64.32 -57.37 -20.95
N PRO F 53 64.33 -57.20 -22.28
CA PRO F 53 65.59 -57.40 -23.02
C PRO F 53 66.71 -56.48 -22.56
N SER F 54 66.38 -55.28 -22.11
CA SER F 54 67.38 -54.36 -21.57
C SER F 54 66.67 -53.45 -20.58
N GLY F 55 66.83 -53.73 -19.28
CA GLY F 55 66.18 -52.94 -18.25
C GLY F 55 66.04 -53.75 -16.98
N GLY F 56 65.00 -53.40 -16.20
CA GLY F 56 64.75 -54.07 -14.95
C GLY F 56 64.09 -55.43 -15.11
N ALA F 57 63.45 -55.91 -14.05
CA ALA F 57 62.75 -57.19 -14.11
C ALA F 57 61.65 -57.20 -13.06
N SER F 58 60.68 -58.08 -13.28
CA SER F 58 59.57 -58.29 -12.36
C SER F 58 59.63 -59.73 -11.87
N TYR F 59 59.77 -59.89 -10.55
CA TYR F 59 59.91 -61.20 -9.94
C TYR F 59 58.55 -61.87 -9.79
N ALA F 60 58.54 -62.99 -9.08
CA ALA F 60 57.32 -63.72 -8.81
C ALA F 60 56.80 -63.35 -7.43
N GLN F 61 55.51 -63.01 -7.35
CA GLN F 61 54.93 -62.63 -6.07
C GLN F 61 54.97 -63.78 -5.07
N ASN F 62 54.64 -64.99 -5.53
CA ASN F 62 54.66 -66.15 -4.66
C ASN F 62 56.07 -66.67 -4.42
N PHE F 63 56.94 -66.57 -5.43
CA PHE F 63 58.28 -67.15 -5.39
C PHE F 63 59.35 -66.08 -5.18
N ARG F 64 59.06 -65.06 -4.38
CA ARG F 64 59.98 -63.97 -4.16
C ARG F 64 60.99 -64.31 -3.08
N ASP F 65 62.13 -63.61 -3.10
CA ASP F 65 63.20 -63.67 -2.11
C ASP F 65 63.93 -65.01 -2.09
N ARG F 66 63.61 -65.93 -3.01
CA ARG F 66 64.32 -67.20 -3.07
C ARG F 66 64.63 -67.67 -4.48
N VAL F 67 64.35 -66.87 -5.51
CA VAL F 67 64.63 -67.21 -6.89
C VAL F 67 65.60 -66.19 -7.45
N THR F 68 66.74 -66.67 -7.96
CA THR F 68 67.75 -65.80 -8.56
C THR F 68 67.45 -65.69 -10.05
N MET F 69 67.24 -64.46 -10.52
CA MET F 69 66.86 -64.23 -11.91
C MET F 69 67.36 -62.86 -12.34
N THR F 70 68.12 -62.84 -13.44
CA THR F 70 68.76 -61.64 -13.96
C THR F 70 68.84 -61.73 -15.47
N THR F 71 69.54 -60.78 -16.08
CA THR F 71 69.71 -60.72 -17.52
C THR F 71 71.17 -60.43 -17.85
N ASP F 72 71.58 -60.83 -19.05
CA ASP F 72 72.96 -60.64 -19.52
C ASP F 72 72.94 -60.49 -21.04
N PRO F 73 73.14 -59.26 -21.56
CA PRO F 73 73.10 -59.02 -23.01
C PRO F 73 74.45 -59.26 -23.68
N SER F 74 75.08 -60.40 -23.37
CA SER F 74 76.34 -60.78 -24.00
C SER F 74 76.20 -62.02 -24.85
N THR F 75 75.70 -63.12 -24.26
CA THR F 75 75.46 -64.37 -24.98
C THR F 75 73.99 -64.57 -25.31
N SER F 76 73.15 -63.57 -25.06
CA SER F 76 71.71 -63.67 -25.25
C SER F 76 71.12 -64.84 -24.46
N THR F 77 71.63 -65.02 -23.24
CA THR F 77 71.19 -66.10 -22.36
C THR F 77 70.86 -65.54 -20.98
N VAL F 78 69.90 -66.17 -20.32
CA VAL F 78 69.53 -65.81 -18.96
C VAL F 78 69.57 -67.07 -18.11
N TYR F 79 69.82 -66.88 -16.81
CA TYR F 79 69.97 -67.98 -15.86
C TYR F 79 69.00 -67.78 -14.71
N MET F 80 68.28 -68.84 -14.36
CA MET F 80 67.36 -68.85 -13.23
C MET F 80 67.81 -69.91 -12.23
N GLU F 81 67.96 -69.50 -10.98
CA GLU F 81 68.38 -70.38 -9.90
C GLU F 81 67.25 -70.54 -8.90
N LEU F 82 66.92 -71.79 -8.58
CA LEU F 82 65.84 -72.12 -7.67
C LEU F 82 66.42 -72.80 -6.44
N GLY F 83 65.97 -72.36 -5.26
CA GLY F 83 66.38 -72.97 -4.02
C GLY F 83 65.17 -73.27 -3.15
N SER F 84 65.40 -74.10 -2.12
CA SER F 84 64.36 -74.52 -1.20
C SER F 84 63.20 -75.20 -1.95
N LEU F 85 63.54 -76.35 -2.54
CA LEU F 85 62.62 -77.07 -3.39
C LEU F 85 61.38 -77.50 -2.60
N ARG F 86 60.31 -77.75 -3.35
CA ARG F 86 59.03 -78.14 -2.76
C ARG F 86 58.23 -78.93 -3.78
N SER F 87 57.22 -79.65 -3.29
CA SER F 87 56.39 -80.49 -4.16
C SER F 87 55.56 -79.67 -5.15
N GLU F 88 55.44 -78.36 -4.96
CA GLU F 88 54.66 -77.52 -5.86
C GLU F 88 55.35 -77.32 -7.20
N ASP F 89 56.61 -77.75 -7.35
CA ASP F 89 57.36 -77.54 -8.58
C ASP F 89 56.90 -78.45 -9.72
N THR F 90 56.05 -79.44 -9.45
CA THR F 90 55.66 -80.40 -10.48
C THR F 90 54.74 -79.75 -11.51
N ALA F 91 55.30 -79.26 -12.60
CA ALA F 91 54.55 -78.63 -13.67
C ALA F 91 55.41 -78.60 -14.92
N VAL F 92 54.95 -77.85 -15.93
CA VAL F 92 55.73 -77.59 -17.14
C VAL F 92 55.89 -76.09 -17.27
N TYR F 93 57.12 -75.66 -17.57
CA TYR F 93 57.48 -74.25 -17.59
C TYR F 93 57.85 -73.82 -19.01
N TYR F 94 57.31 -72.67 -19.41
CA TYR F 94 57.56 -72.09 -20.73
C TYR F 94 58.36 -70.82 -20.53
N CYS F 95 59.56 -70.77 -21.13
CA CYS F 95 60.36 -69.55 -21.15
C CYS F 95 60.07 -68.87 -22.49
N ALA F 96 58.94 -68.17 -22.53
CA ALA F 96 58.40 -67.65 -23.78
C ALA F 96 58.79 -66.19 -23.96
N ARG F 97 58.36 -65.63 -25.09
CA ARG F 97 58.60 -64.22 -25.41
C ARG F 97 57.30 -63.60 -25.91
N ALA F 98 57.31 -62.28 -26.00
CA ALA F 98 56.14 -61.52 -26.42
C ALA F 98 56.59 -60.42 -27.37
N GLU F 99 55.69 -59.47 -27.63
CA GLU F 99 56.01 -58.35 -28.50
C GLU F 99 56.99 -57.41 -27.82
N GLY F 100 57.49 -56.45 -28.61
CA GLY F 100 58.43 -55.46 -28.11
C GLY F 100 57.80 -54.27 -27.41
N SER F 101 56.48 -54.23 -27.28
CA SER F 101 55.80 -53.12 -26.63
C SER F 101 54.94 -53.55 -25.44
N SER F 102 54.91 -54.83 -25.10
CA SER F 102 54.13 -55.35 -23.98
C SER F 102 52.64 -55.06 -24.15
N TRP F 103 51.86 -55.32 -23.11
CA TRP F 103 50.42 -55.06 -23.11
C TRP F 103 49.74 -55.76 -24.27
N LEU F 104 49.32 -54.99 -25.27
CA LEU F 104 48.70 -55.54 -26.48
C LEU F 104 49.81 -56.01 -27.41
N GLY F 105 50.17 -57.29 -27.29
CA GLY F 105 51.25 -57.84 -28.10
C GLY F 105 50.98 -59.28 -28.47
N TRP F 106 51.71 -59.74 -29.48
CA TRP F 106 51.59 -61.09 -29.99
C TRP F 106 52.70 -61.96 -29.41
N PHE F 107 52.33 -63.16 -28.95
CA PHE F 107 53.29 -64.10 -28.37
C PHE F 107 53.88 -64.99 -29.47
N ASP F 108 54.61 -64.37 -30.38
CA ASP F 108 55.13 -65.10 -31.54
C ASP F 108 56.05 -66.26 -31.17
N PRO F 109 57.03 -66.12 -30.28
CA PRO F 109 57.86 -67.28 -29.93
C PRO F 109 57.29 -68.08 -28.77
N TRP F 110 57.48 -69.39 -28.85
CA TRP F 110 57.12 -70.31 -27.78
C TRP F 110 58.31 -71.22 -27.49
N GLY F 111 58.35 -71.71 -26.25
CA GLY F 111 59.38 -72.64 -25.83
C GLY F 111 58.85 -74.07 -25.75
N GLN F 112 59.78 -75.02 -25.80
CA GLN F 112 59.37 -76.42 -25.71
C GLN F 112 58.77 -76.74 -24.35
N GLY F 113 59.33 -76.19 -23.29
CA GLY F 113 58.82 -76.41 -21.94
C GLY F 113 59.70 -77.38 -21.18
N THR F 114 59.89 -77.09 -19.89
CA THR F 114 60.67 -77.94 -19.00
C THR F 114 59.72 -78.60 -18.00
N LEU F 115 59.84 -79.92 -17.87
CA LEU F 115 59.01 -80.68 -16.92
C LEU F 115 59.76 -80.77 -15.60
N VAL F 116 59.22 -80.11 -14.57
CA VAL F 116 59.82 -80.08 -13.25
C VAL F 116 58.97 -80.94 -12.32
N THR F 117 59.61 -81.92 -11.68
CA THR F 117 58.92 -82.81 -10.76
C THR F 117 59.77 -82.96 -9.49
N VAL F 118 59.17 -82.66 -8.35
CA VAL F 118 59.83 -82.79 -7.05
C VAL F 118 58.99 -83.72 -6.19
N SER F 119 59.61 -84.78 -5.68
CA SER F 119 58.92 -85.76 -4.87
C SER F 119 59.90 -86.38 -3.89
N SER F 120 59.35 -86.96 -2.82
CA SER F 120 60.16 -87.61 -1.80
C SER F 120 59.91 -89.10 -1.77
N SER G 1 -9.88 -30.42 78.15
CA SER G 1 -8.58 -30.30 78.78
C SER G 1 -7.75 -29.22 78.12
N VAL G 2 -7.36 -29.46 76.86
CA VAL G 2 -6.58 -28.48 76.12
C VAL G 2 -7.40 -27.23 75.87
N LEU G 3 -8.66 -27.38 75.46
CA LEU G 3 -9.54 -26.25 75.21
C LEU G 3 -9.90 -25.58 76.53
N THR G 4 -9.74 -24.27 76.60
CA THR G 4 -10.01 -23.52 77.82
C THR G 4 -11.51 -23.25 77.94
N GLN G 5 -12.15 -23.84 78.94
CA GLN G 5 -13.56 -23.65 79.21
C GLN G 5 -13.77 -23.38 80.69
N PRO G 6 -14.62 -22.41 81.03
CA PRO G 6 -14.89 -22.12 82.45
C PRO G 6 -15.47 -23.32 83.16
N PRO G 7 -15.10 -23.55 84.43
CA PRO G 7 -15.63 -24.72 85.14
C PRO G 7 -17.15 -24.70 85.29
N SER G 8 -17.74 -23.53 85.47
CA SER G 8 -19.19 -23.44 85.64
C SER G 8 -19.64 -22.04 85.26
N ALA G 9 -20.94 -21.91 85.01
CA ALA G 9 -21.56 -20.63 84.71
C ALA G 9 -22.80 -20.45 85.59
N SER G 10 -23.05 -19.21 85.99
CA SER G 10 -24.16 -18.91 86.88
C SER G 10 -24.92 -17.69 86.37
N GLY G 11 -26.20 -17.62 86.72
CA GLY G 11 -27.04 -16.52 86.32
C GLY G 11 -28.19 -16.35 87.29
N THR G 12 -28.75 -15.15 87.29
CA THR G 12 -29.85 -14.85 88.20
C THR G 12 -31.08 -15.66 87.83
N PRO G 13 -31.89 -16.04 88.83
CA PRO G 13 -33.12 -16.78 88.53
C PRO G 13 -34.07 -15.98 87.67
N GLY G 14 -34.81 -16.68 86.82
CA GLY G 14 -35.69 -16.04 85.87
C GLY G 14 -35.04 -15.60 84.58
N GLN G 15 -33.77 -15.96 84.37
CA GLN G 15 -33.04 -15.60 83.16
C GLN G 15 -32.69 -16.85 82.37
N ARG G 16 -32.74 -16.74 81.05
CA ARG G 16 -32.41 -17.86 80.18
C ARG G 16 -30.93 -18.21 80.30
N VAL G 17 -30.64 -19.51 80.33
CA VAL G 17 -29.28 -20.01 80.49
C VAL G 17 -28.77 -20.47 79.13
N THR G 18 -27.64 -19.91 78.71
CA THR G 18 -27.01 -20.24 77.44
C THR G 18 -25.71 -21.00 77.71
N ILE G 19 -25.62 -22.21 77.19
CA ILE G 19 -24.42 -23.04 77.31
C ILE G 19 -23.68 -22.98 75.98
N PRO G 20 -22.50 -22.38 75.92
CA PRO G 20 -21.76 -22.34 74.66
C PRO G 20 -20.75 -23.47 74.51
N CYS G 21 -20.30 -23.71 73.28
CA CYS G 21 -19.25 -24.65 72.98
C CYS G 21 -18.39 -24.06 71.86
N SER G 22 -17.11 -23.88 72.13
CA SER G 22 -16.19 -23.23 71.20
C SER G 22 -14.98 -24.13 70.97
N GLY G 23 -14.48 -24.12 69.74
CA GLY G 23 -13.31 -24.89 69.37
C GLY G 23 -12.57 -24.22 68.24
N SER G 24 -11.67 -24.98 67.61
CA SER G 24 -10.88 -24.50 66.49
C SER G 24 -11.37 -25.18 65.21
N SER G 25 -10.77 -24.79 64.08
CA SER G 25 -11.17 -25.34 62.79
C SER G 25 -10.87 -26.82 62.66
N SER G 26 -10.07 -27.39 63.57
CA SER G 26 -9.71 -28.80 63.46
C SER G 26 -10.93 -29.71 63.62
N ASN G 27 -11.84 -29.36 64.53
CA ASN G 27 -12.96 -30.24 64.86
C ASN G 27 -14.32 -29.66 64.49
N ILE G 28 -14.55 -28.36 64.69
CA ILE G 28 -15.87 -27.80 64.44
C ILE G 28 -16.20 -27.83 62.95
N GLY G 29 -15.21 -27.63 62.08
CA GLY G 29 -15.42 -27.63 60.65
C GLY G 29 -15.15 -28.95 59.96
N ASN G 30 -14.77 -29.99 60.70
CA ASN G 30 -14.48 -31.29 60.11
C ASN G 30 -15.64 -32.26 60.21
N ASN G 31 -16.46 -32.16 61.25
CA ASN G 31 -17.58 -33.08 61.43
C ASN G 31 -18.60 -32.41 62.36
N TYR G 32 -19.75 -33.08 62.51
CA TYR G 32 -20.78 -32.60 63.41
C TYR G 32 -20.34 -32.76 64.86
N VAL G 33 -20.98 -31.99 65.74
CA VAL G 33 -20.71 -32.03 67.17
C VAL G 33 -21.95 -32.56 67.88
N TYR G 34 -21.78 -33.65 68.61
CA TYR G 34 -22.88 -34.26 69.37
C TYR G 34 -23.04 -33.56 70.71
N TRP G 35 -24.28 -33.47 71.16
CA TRP G 35 -24.59 -32.88 72.46
C TRP G 35 -25.13 -33.98 73.37
N TYR G 36 -24.49 -34.15 74.52
CA TYR G 36 -24.86 -35.17 75.49
C TYR G 36 -25.42 -34.52 76.75
N GLN G 37 -26.60 -34.97 77.16
CA GLN G 37 -27.23 -34.52 78.39
C GLN G 37 -27.33 -35.69 79.36
N GLN G 38 -27.04 -35.43 80.63
CA GLN G 38 -27.02 -36.45 81.67
C GLN G 38 -27.81 -35.91 82.86
N LEU G 39 -29.08 -36.27 82.94
CA LEU G 39 -29.88 -35.90 84.10
C LEU G 39 -29.38 -36.65 85.33
N PRO G 40 -29.58 -36.10 86.53
CA PRO G 40 -29.15 -36.80 87.75
C PRO G 40 -29.73 -38.20 87.86
N GLY G 41 -28.87 -39.21 87.79
CA GLY G 41 -29.33 -40.58 87.81
C GLY G 41 -29.87 -41.09 86.49
N THR G 42 -29.56 -40.43 85.38
CA THR G 42 -30.06 -40.83 84.07
C THR G 42 -28.88 -40.92 83.10
N ALA G 43 -28.91 -41.96 82.26
CA ALA G 43 -27.86 -42.16 81.27
C ALA G 43 -27.98 -41.12 80.15
N PRO G 44 -26.87 -40.85 79.46
CA PRO G 44 -26.94 -39.91 78.32
C PRO G 44 -27.94 -40.37 77.28
N LYS G 45 -28.64 -39.42 76.67
CA LYS G 45 -29.69 -39.68 75.71
C LYS G 45 -29.30 -39.10 74.35
N LEU G 46 -30.23 -39.18 73.40
CA LEU G 46 -30.03 -38.69 72.04
C LEU G 46 -30.72 -37.34 71.92
N LEU G 47 -29.92 -36.27 71.95
CA LEU G 47 -30.47 -34.91 71.90
C LEU G 47 -30.26 -34.25 70.54
N VAL G 48 -29.02 -34.11 70.10
CA VAL G 48 -28.74 -33.46 68.82
C VAL G 48 -27.30 -33.73 68.39
N TYR G 49 -27.07 -33.74 67.08
CA TYR G 49 -25.74 -33.87 66.50
C TYR G 49 -25.64 -32.96 65.29
N GLY G 50 -24.76 -31.97 65.36
CA GLY G 50 -24.64 -30.98 64.31
C GLY G 50 -25.61 -29.83 64.40
N ASN G 51 -26.52 -29.84 65.38
CA ASN G 51 -27.50 -28.76 65.59
C ASN G 51 -28.39 -28.56 64.36
N ASN G 52 -28.66 -29.63 63.61
CA ASN G 52 -29.51 -29.55 62.43
C ASN G 52 -30.61 -30.60 62.49
N GLN G 53 -30.30 -31.77 63.02
CA GLN G 53 -31.25 -32.87 63.14
C GLN G 53 -31.50 -33.18 64.61
N ARG G 54 -32.77 -33.22 64.99
CA ARG G 54 -33.17 -33.52 66.36
C ARG G 54 -34.32 -34.51 66.32
N PRO G 55 -34.42 -35.40 67.32
CA PRO G 55 -35.50 -36.38 67.33
C PRO G 55 -36.85 -35.71 67.57
N SER G 56 -37.90 -36.38 67.09
CA SER G 56 -39.25 -35.88 67.29
C SER G 56 -39.65 -35.98 68.75
N GLY G 57 -40.56 -35.10 69.16
CA GLY G 57 -41.00 -35.04 70.53
C GLY G 57 -40.16 -34.21 71.45
N VAL G 58 -39.05 -33.66 70.97
CA VAL G 58 -38.21 -32.78 71.78
C VAL G 58 -38.89 -31.42 71.90
N PRO G 59 -39.09 -30.89 73.11
CA PRO G 59 -39.73 -29.58 73.24
C PRO G 59 -38.91 -28.48 72.57
N ASP G 60 -39.61 -27.49 72.04
CA ASP G 60 -39.00 -26.42 71.25
C ASP G 60 -38.53 -25.25 72.11
N ARG G 61 -38.59 -25.38 73.44
CA ARG G 61 -38.12 -24.29 74.29
C ARG G 61 -36.63 -24.05 74.11
N PHE G 62 -35.85 -25.11 73.96
CA PHE G 62 -34.43 -24.96 73.69
C PHE G 62 -34.22 -24.35 72.30
N SER G 63 -33.24 -23.45 72.20
CA SER G 63 -32.89 -22.83 70.93
C SER G 63 -31.39 -23.01 70.70
N VAL G 64 -30.99 -22.93 69.44
CA VAL G 64 -29.60 -23.10 69.05
C VAL G 64 -29.15 -21.90 68.24
N SER G 65 -27.95 -21.42 68.53
CA SER G 65 -27.35 -20.31 67.81
C SER G 65 -25.94 -20.67 67.38
N LYS G 66 -25.52 -20.15 66.24
CA LYS G 66 -24.19 -20.40 65.68
C LYS G 66 -23.49 -19.07 65.49
N SER G 67 -22.33 -18.92 66.13
CA SER G 67 -21.54 -17.70 66.03
C SER G 67 -20.14 -18.10 65.59
N GLY G 68 -19.78 -17.74 64.36
CA GLY G 68 -18.47 -18.11 63.84
C GLY G 68 -18.31 -19.62 63.82
N THR G 69 -17.24 -20.09 64.46
CA THR G 69 -16.96 -21.51 64.61
C THR G 69 -17.37 -22.03 65.98
N SER G 70 -18.41 -21.44 66.58
CA SER G 70 -18.86 -21.83 67.91
C SER G 70 -20.38 -21.95 67.91
N ALA G 71 -20.89 -22.73 68.86
CA ALA G 71 -22.32 -22.97 68.99
C ALA G 71 -22.77 -22.60 70.39
N SER G 72 -24.09 -22.42 70.54
CA SER G 72 -24.66 -22.11 71.84
C SER G 72 -26.08 -22.68 71.90
N LEU G 73 -26.43 -23.25 73.06
CA LEU G 73 -27.76 -23.78 73.30
C LEU G 73 -28.40 -23.02 74.44
N ALA G 74 -29.56 -22.42 74.18
CA ALA G 74 -30.27 -21.63 75.17
C ALA G 74 -31.47 -22.42 75.69
N ILE G 75 -31.59 -22.51 77.00
CA ILE G 75 -32.69 -23.24 77.63
C ILE G 75 -33.67 -22.18 78.14
N SER G 76 -34.68 -21.89 77.31
CA SER G 76 -35.68 -20.89 77.67
C SER G 76 -36.60 -21.43 78.76
N GLY G 77 -36.97 -20.56 79.70
CA GLY G 77 -37.85 -20.94 80.78
C GLY G 77 -37.28 -22.02 81.68
N LEU G 78 -36.02 -21.85 82.09
CA LEU G 78 -35.38 -22.84 82.94
C LEU G 78 -36.08 -22.95 84.28
N ARG G 79 -36.16 -24.17 84.80
CA ARG G 79 -36.75 -24.44 86.10
C ARG G 79 -35.68 -25.01 87.03
N SER G 80 -36.02 -25.08 88.32
CA SER G 80 -35.06 -25.53 89.32
C SER G 80 -34.72 -27.00 89.19
N GLU G 81 -35.59 -27.80 88.58
CA GLU G 81 -35.39 -29.24 88.45
C GLU G 81 -34.83 -29.65 87.10
N ASP G 82 -34.47 -28.68 86.25
CA ASP G 82 -33.99 -28.97 84.90
C ASP G 82 -32.48 -29.04 84.79
N GLU G 83 -31.76 -28.94 85.90
CA GLU G 83 -30.31 -29.02 85.86
C GLU G 83 -29.85 -30.43 85.50
N ALA G 84 -28.69 -30.51 84.86
CA ALA G 84 -28.11 -31.77 84.42
C ALA G 84 -26.64 -31.52 84.08
N ASP G 85 -25.98 -32.55 83.55
CA ASP G 85 -24.60 -32.45 83.09
C ASP G 85 -24.61 -32.40 81.57
N TYR G 86 -24.07 -31.33 81.01
CA TYR G 86 -24.14 -31.08 79.57
C TYR G 86 -22.74 -31.09 78.98
N TYR G 87 -22.55 -31.84 77.91
CA TYR G 87 -21.27 -31.93 77.23
C TYR G 87 -21.46 -31.77 75.74
N CYS G 88 -20.47 -31.17 75.09
CA CYS G 88 -20.38 -31.13 73.63
C CYS G 88 -19.17 -31.95 73.23
N ALA G 89 -19.39 -33.00 72.43
CA ALA G 89 -18.35 -33.96 72.08
C ALA G 89 -18.21 -34.04 70.58
N ALA G 90 -16.95 -34.07 70.11
CA ALA G 90 -16.65 -34.22 68.70
C ALA G 90 -15.30 -34.88 68.57
N TRP G 91 -15.07 -35.49 67.40
CA TRP G 91 -13.80 -36.14 67.12
C TRP G 91 -12.75 -35.08 66.84
N ASP G 92 -11.60 -35.19 67.52
CA ASP G 92 -10.52 -34.23 67.41
C ASP G 92 -9.22 -34.95 67.09
N ASP G 93 -8.33 -34.24 66.40
CA ASP G 93 -7.02 -34.76 66.02
C ASP G 93 -5.94 -33.93 66.69
N GLY G 94 -4.98 -34.61 67.30
CA GLY G 94 -3.88 -33.94 67.96
C GLY G 94 -2.55 -34.60 67.63
N LEU G 95 -1.48 -33.91 67.98
CA LEU G 95 -0.14 -34.44 67.73
C LEU G 95 0.08 -35.72 68.51
N SER G 96 -0.31 -35.74 69.79
CA SER G 96 -0.17 -36.95 70.60
C SER G 96 -1.07 -38.06 70.08
N GLY G 97 -2.29 -37.71 69.68
CA GLY G 97 -3.21 -38.71 69.17
C GLY G 97 -4.53 -38.06 68.82
N SER G 98 -5.46 -38.90 68.35
CA SER G 98 -6.78 -38.45 67.95
C SER G 98 -7.83 -39.29 68.66
N GLY G 99 -8.97 -38.66 68.94
CA GLY G 99 -10.03 -39.38 69.63
C GLY G 99 -11.27 -38.52 69.79
N TRP G 100 -12.28 -39.13 70.41
CA TRP G 100 -13.57 -38.46 70.62
C TRP G 100 -13.54 -37.75 71.97
N VAL G 101 -13.02 -36.52 71.96
CA VAL G 101 -12.96 -35.73 73.17
C VAL G 101 -14.38 -35.27 73.55
N PHE G 102 -14.59 -35.08 74.84
CA PHE G 102 -15.87 -34.62 75.38
C PHE G 102 -15.73 -33.19 75.90
N GLY G 103 -16.86 -32.60 76.26
CA GLY G 103 -16.86 -31.26 76.79
C GLY G 103 -16.35 -31.20 78.21
N GLY G 104 -16.10 -29.97 78.67
CA GLY G 104 -15.62 -29.79 80.02
C GLY G 104 -16.67 -30.08 81.07
N GLY G 105 -17.83 -29.42 80.97
CA GLY G 105 -18.90 -29.63 81.91
C GLY G 105 -19.18 -28.41 82.77
N THR G 106 -20.45 -28.03 82.89
CA THR G 106 -20.87 -26.89 83.69
C THR G 106 -21.74 -27.38 84.84
N LYS G 107 -21.39 -26.98 86.06
CA LYS G 107 -22.14 -27.34 87.26
C LYS G 107 -23.01 -26.16 87.66
N LEU G 108 -24.31 -26.28 87.44
CA LEU G 108 -25.25 -25.20 87.72
C LEU G 108 -25.44 -25.04 89.22
N THR G 109 -25.56 -23.80 89.67
CA THR G 109 -25.71 -23.47 91.08
C THR G 109 -26.91 -22.54 91.26
N VAL G 110 -27.71 -22.81 92.29
CA VAL G 110 -28.85 -21.97 92.64
C VAL G 110 -28.59 -21.38 94.01
N LEU G 111 -28.59 -20.04 94.08
CA LEU G 111 -28.31 -19.35 95.33
C LEU G 111 -29.54 -19.31 96.23
N SER H 1 40.43 -68.54 -9.28
CA SER H 1 39.31 -69.26 -9.86
C SER H 1 38.06 -68.38 -9.96
N VAL H 2 38.29 -67.07 -10.10
CA VAL H 2 37.16 -66.14 -10.21
C VAL H 2 36.36 -66.41 -11.47
N LEU H 3 37.05 -66.64 -12.59
CA LEU H 3 36.37 -66.93 -13.85
C LEU H 3 35.65 -68.27 -13.78
N THR H 4 34.48 -68.34 -14.42
CA THR H 4 33.66 -69.54 -14.44
C THR H 4 33.57 -70.07 -15.87
N GLN H 5 33.91 -71.34 -16.06
CA GLN H 5 33.83 -71.99 -17.36
C GLN H 5 33.11 -73.32 -17.21
N PRO H 6 32.26 -73.69 -18.17
CA PRO H 6 31.53 -74.96 -18.09
C PRO H 6 32.50 -76.13 -18.12
N PRO H 7 32.24 -77.17 -17.32
CA PRO H 7 33.10 -78.36 -17.38
C PRO H 7 33.08 -79.06 -18.74
N SER H 8 31.93 -79.05 -19.40
CA SER H 8 31.77 -79.69 -20.71
C SER H 8 30.48 -79.18 -21.33
N ALA H 9 30.29 -79.53 -22.60
CA ALA H 9 29.08 -79.17 -23.33
C ALA H 9 28.52 -80.39 -24.03
N SER H 10 27.20 -80.49 -24.08
CA SER H 10 26.52 -81.60 -24.72
C SER H 10 25.36 -81.07 -25.55
N GLY H 11 25.02 -81.82 -26.59
CA GLY H 11 23.92 -81.43 -27.46
C GLY H 11 23.68 -82.48 -28.52
N THR H 12 22.49 -82.42 -29.10
CA THR H 12 22.14 -83.36 -30.15
C THR H 12 22.93 -83.05 -31.43
N PRO H 13 23.21 -84.07 -32.24
CA PRO H 13 23.92 -83.84 -33.50
C PRO H 13 23.11 -82.96 -34.44
N GLY H 14 23.83 -82.17 -35.25
CA GLY H 14 23.21 -81.28 -36.19
C GLY H 14 22.77 -79.95 -35.63
N GLN H 15 23.19 -79.60 -34.42
CA GLN H 15 22.83 -78.35 -33.78
C GLN H 15 24.05 -77.43 -33.70
N ARG H 16 23.81 -76.13 -33.85
CA ARG H 16 24.89 -75.16 -33.75
C ARG H 16 25.48 -75.16 -32.35
N VAL H 17 26.79 -74.99 -32.26
CA VAL H 17 27.51 -75.04 -30.99
C VAL H 17 27.80 -73.61 -30.54
N THR H 18 27.26 -73.25 -29.37
CA THR H 18 27.43 -71.90 -28.83
C THR H 18 28.15 -71.99 -27.50
N ILE H 19 29.26 -71.24 -27.38
CA ILE H 19 30.08 -71.21 -26.18
C ILE H 19 30.07 -69.78 -25.65
N PRO H 20 29.57 -69.54 -24.44
CA PRO H 20 29.62 -68.19 -23.88
C PRO H 20 30.85 -67.94 -23.02
N CYS H 21 31.53 -66.82 -23.27
CA CYS H 21 32.65 -66.37 -22.45
C CYS H 21 32.23 -65.07 -21.78
N SER H 22 31.97 -65.13 -20.47
CA SER H 22 31.49 -63.98 -19.71
C SER H 22 32.42 -63.74 -18.52
N GLY H 23 32.79 -62.48 -18.33
CA GLY H 23 33.63 -62.09 -17.22
C GLY H 23 33.18 -60.80 -16.57
N SER H 24 34.09 -59.84 -16.45
CA SER H 24 33.80 -58.53 -15.88
C SER H 24 33.92 -57.46 -16.97
N SER H 25 33.74 -56.21 -16.57
CA SER H 25 33.88 -55.09 -17.49
C SER H 25 35.31 -54.59 -17.62
N SER H 26 36.20 -54.99 -16.71
CA SER H 26 37.58 -54.54 -16.78
C SER H 26 38.37 -55.28 -17.86
N ASN H 27 38.07 -56.56 -18.07
CA ASN H 27 38.82 -57.38 -19.02
C ASN H 27 38.14 -57.53 -20.37
N ILE H 28 36.82 -57.41 -20.43
CA ILE H 28 36.07 -57.54 -21.68
C ILE H 28 35.43 -56.23 -22.08
N GLY H 29 34.74 -55.57 -21.15
CA GLY H 29 34.11 -54.30 -21.47
C GLY H 29 35.11 -53.20 -21.76
N ASN H 30 36.21 -53.16 -21.00
CA ASN H 30 37.21 -52.12 -21.14
C ASN H 30 38.46 -52.57 -21.89
N ASN H 31 38.58 -53.84 -22.21
CA ASN H 31 39.77 -54.38 -22.87
C ASN H 31 39.37 -55.35 -23.96
N TYR H 32 40.28 -55.52 -24.93
CA TYR H 32 40.05 -56.45 -26.03
C TYR H 32 40.12 -57.89 -25.55
N VAL H 33 39.47 -58.78 -26.31
CA VAL H 33 39.35 -60.19 -25.96
C VAL H 33 40.15 -60.99 -26.97
N TYR H 34 40.98 -61.90 -26.46
CA TYR H 34 41.78 -62.79 -27.29
C TYR H 34 41.21 -64.20 -27.23
N TRP H 35 41.05 -64.83 -28.39
CA TRP H 35 40.44 -66.15 -28.50
C TRP H 35 41.50 -67.12 -29.01
N TYR H 36 41.85 -68.11 -28.20
CA TYR H 36 42.90 -69.07 -28.50
C TYR H 36 42.29 -70.45 -28.73
N GLN H 37 42.85 -71.19 -29.69
CA GLN H 37 42.54 -72.60 -29.87
C GLN H 37 43.77 -73.42 -29.49
N GLN H 38 43.60 -74.33 -28.53
CA GLN H 38 44.68 -75.13 -27.99
C GLN H 38 44.41 -76.59 -28.32
N LEU H 39 45.38 -77.24 -28.97
CA LEU H 39 45.31 -78.65 -29.29
C LEU H 39 45.71 -79.49 -28.08
N PRO H 40 45.22 -80.73 -27.98
CA PRO H 40 45.61 -81.59 -26.85
C PRO H 40 47.10 -81.91 -26.91
N GLY H 41 47.82 -81.49 -25.86
CA GLY H 41 49.25 -81.68 -25.81
C GLY H 41 50.07 -80.67 -26.58
N THR H 42 49.47 -79.55 -26.99
CA THR H 42 50.16 -78.53 -27.78
C THR H 42 49.95 -77.17 -27.12
N ALA H 43 50.95 -76.31 -27.30
CA ALA H 43 50.88 -74.97 -26.73
C ALA H 43 49.73 -74.18 -27.37
N PRO H 44 49.09 -73.29 -26.60
CA PRO H 44 47.99 -72.50 -27.17
C PRO H 44 48.47 -71.58 -28.28
N LYS H 45 47.58 -71.33 -29.24
CA LYS H 45 47.85 -70.45 -30.37
C LYS H 45 46.76 -69.40 -30.48
N LEU H 46 47.16 -68.16 -30.75
CA LEU H 46 46.19 -67.09 -30.94
C LEU H 46 45.51 -67.22 -32.29
N LEU H 47 44.18 -67.22 -32.28
CA LEU H 47 43.39 -67.25 -33.51
C LEU H 47 42.60 -65.97 -33.74
N VAL H 48 41.91 -65.46 -32.71
CA VAL H 48 41.09 -64.27 -32.87
C VAL H 48 41.65 -63.17 -31.97
N TYR H 49 41.92 -62.00 -32.55
CA TYR H 49 42.44 -60.87 -31.82
C TYR H 49 41.67 -59.61 -32.21
N GLY H 50 41.21 -58.86 -31.22
CA GLY H 50 40.64 -57.55 -31.43
C GLY H 50 39.20 -57.51 -31.91
N ASN H 51 38.61 -58.66 -32.24
CA ASN H 51 37.24 -58.78 -32.72
C ASN H 51 36.97 -57.99 -34.00
N ASN H 52 38.01 -57.44 -34.63
CA ASN H 52 37.85 -56.65 -35.84
C ASN H 52 38.73 -57.14 -36.98
N GLN H 53 39.94 -57.62 -36.69
CA GLN H 53 40.85 -58.11 -37.70
C GLN H 53 41.16 -59.58 -37.44
N ARG H 54 41.33 -60.34 -38.52
CA ARG H 54 41.59 -61.77 -38.42
C ARG H 54 42.78 -62.13 -39.29
N PRO H 55 43.56 -63.13 -38.87
CA PRO H 55 44.69 -63.59 -39.69
C PRO H 55 44.20 -64.24 -40.98
N SER H 56 45.00 -64.10 -42.02
CA SER H 56 44.65 -64.67 -43.32
C SER H 56 44.71 -66.19 -43.27
N GLY H 57 43.93 -66.82 -44.14
CA GLY H 57 43.88 -68.27 -44.19
C GLY H 57 42.95 -68.93 -43.19
N VAL H 58 42.16 -68.15 -42.45
CA VAL H 58 41.23 -68.67 -41.47
C VAL H 58 39.84 -68.68 -42.08
N PRO H 59 39.20 -69.84 -42.25
CA PRO H 59 37.86 -69.87 -42.82
C PRO H 59 36.85 -69.19 -41.90
N ASP H 60 35.80 -68.63 -42.51
CA ASP H 60 34.77 -67.91 -41.79
C ASP H 60 33.65 -68.81 -41.29
N ARG H 61 33.89 -70.11 -41.16
CA ARG H 61 32.88 -71.01 -40.62
C ARG H 61 32.60 -70.69 -39.15
N PHE H 62 33.64 -70.36 -38.39
CA PHE H 62 33.44 -69.92 -37.02
C PHE H 62 32.95 -68.48 -36.99
N SER H 63 32.11 -68.16 -36.00
CA SER H 63 31.60 -66.81 -35.81
C SER H 63 31.77 -66.43 -34.35
N VAL H 64 32.05 -65.15 -34.11
CA VAL H 64 32.21 -64.63 -32.75
C VAL H 64 31.45 -63.30 -32.65
N SER H 65 30.75 -63.11 -31.53
CA SER H 65 30.01 -61.88 -31.29
C SER H 65 30.24 -61.42 -29.86
N LYS H 66 30.10 -60.12 -29.64
CA LYS H 66 30.25 -59.52 -28.32
C LYS H 66 29.00 -58.72 -27.99
N SER H 67 28.38 -59.03 -26.87
CA SER H 67 27.18 -58.34 -26.41
C SER H 67 27.32 -57.99 -24.94
N GLY H 68 27.05 -56.73 -24.62
CA GLY H 68 27.17 -56.28 -23.24
C GLY H 68 28.59 -56.47 -22.74
N THR H 69 28.72 -57.21 -21.63
CA THR H 69 30.02 -57.55 -21.07
C THR H 69 30.37 -59.02 -21.29
N SER H 70 29.77 -59.66 -22.30
CA SER H 70 29.99 -61.07 -22.57
C SER H 70 30.24 -61.26 -24.07
N ALA H 71 30.69 -62.46 -24.42
CA ALA H 71 30.92 -62.82 -25.81
C ALA H 71 30.39 -64.22 -26.05
N SER H 72 30.07 -64.52 -27.30
CA SER H 72 29.56 -65.82 -27.70
C SER H 72 30.27 -66.29 -28.96
N LEU H 73 30.73 -67.54 -28.94
CA LEU H 73 31.30 -68.18 -30.12
C LEU H 73 30.28 -69.17 -30.67
N ALA H 74 29.95 -69.02 -31.95
CA ALA H 74 28.98 -69.88 -32.63
C ALA H 74 29.66 -70.62 -33.77
N ILE H 75 29.52 -71.94 -33.77
CA ILE H 75 30.07 -72.81 -34.81
C ILE H 75 28.91 -73.57 -35.43
N SER H 76 28.74 -73.42 -36.74
CA SER H 76 27.67 -74.08 -37.47
C SER H 76 28.22 -75.29 -38.21
N GLY H 77 27.45 -76.38 -38.20
CA GLY H 77 27.88 -77.61 -38.83
C GLY H 77 29.02 -78.28 -38.10
N LEU H 78 28.74 -78.77 -36.89
CA LEU H 78 29.78 -79.42 -36.09
C LEU H 78 30.26 -80.70 -36.75
N ARG H 79 31.56 -80.93 -36.68
CA ARG H 79 32.19 -82.12 -37.24
C ARG H 79 32.90 -82.86 -36.11
N SER H 80 33.39 -84.07 -36.44
CA SER H 80 34.06 -84.89 -35.45
C SER H 80 35.45 -84.37 -35.08
N GLU H 81 36.06 -83.55 -35.95
CA GLU H 81 37.39 -83.03 -35.71
C GLU H 81 37.38 -81.72 -34.94
N ASP H 82 36.22 -81.24 -34.52
CA ASP H 82 36.10 -79.98 -33.80
C ASP H 82 36.39 -80.12 -32.31
N GLU H 83 36.64 -81.33 -31.82
CA GLU H 83 36.92 -81.57 -30.40
C GLU H 83 38.34 -81.11 -30.10
N ALA H 84 38.46 -79.94 -29.47
CA ALA H 84 39.75 -79.39 -29.08
C ALA H 84 39.55 -78.56 -27.80
N ASP H 85 40.55 -77.78 -27.45
CA ASP H 85 40.49 -76.91 -26.28
C ASP H 85 40.40 -75.46 -26.72
N TYR H 86 39.71 -74.65 -25.93
CA TYR H 86 39.45 -73.26 -26.27
C TYR H 86 39.74 -72.38 -25.06
N TYR H 87 40.44 -71.26 -25.30
CA TYR H 87 40.89 -70.37 -24.24
C TYR H 87 40.44 -68.94 -24.49
N CYS H 88 39.98 -68.29 -23.43
CA CYS H 88 39.73 -66.85 -23.42
C CYS H 88 40.90 -66.17 -22.72
N ALA H 89 41.43 -65.12 -23.33
CA ALA H 89 42.54 -64.37 -22.76
C ALA H 89 42.19 -62.89 -22.70
N ALA H 90 42.42 -62.29 -21.53
CA ALA H 90 42.13 -60.87 -21.34
C ALA H 90 42.95 -60.37 -20.16
N TRP H 91 43.13 -59.05 -20.10
CA TRP H 91 43.87 -58.43 -19.02
C TRP H 91 42.95 -58.14 -17.85
N ASP H 92 43.25 -58.70 -16.69
CA ASP H 92 42.43 -58.56 -15.50
C ASP H 92 43.25 -57.94 -14.38
N ASP H 93 42.56 -57.30 -13.44
CA ASP H 93 43.20 -56.66 -12.28
C ASP H 93 42.77 -57.42 -11.03
N GLY H 94 43.73 -58.08 -10.38
CA GLY H 94 43.44 -58.85 -9.19
C GLY H 94 43.95 -58.17 -7.93
N LEU H 95 43.31 -58.50 -6.79
CA LEU H 95 43.74 -57.91 -5.52
C LEU H 95 45.17 -58.33 -5.18
N SER H 96 45.51 -59.60 -5.38
CA SER H 96 46.88 -60.04 -5.17
C SER H 96 47.80 -59.51 -6.26
N GLY H 97 47.38 -59.59 -7.51
CA GLY H 97 48.18 -59.08 -8.61
C GLY H 97 47.35 -58.95 -9.86
N SER H 98 47.73 -57.99 -10.69
CA SER H 98 47.03 -57.69 -11.94
C SER H 98 47.86 -58.18 -13.11
N GLY H 99 47.23 -58.90 -14.03
CA GLY H 99 47.96 -59.45 -15.15
C GLY H 99 47.05 -60.15 -16.13
N TRP H 100 47.65 -61.06 -16.90
CA TRP H 100 46.96 -61.79 -17.96
C TRP H 100 46.63 -63.19 -17.43
N VAL H 101 45.47 -63.32 -16.81
CA VAL H 101 45.02 -64.60 -16.27
C VAL H 101 44.15 -65.30 -17.32
N PHE H 102 44.52 -66.54 -17.66
CA PHE H 102 43.83 -67.30 -18.68
C PHE H 102 42.82 -68.25 -18.02
N GLY H 103 42.10 -68.99 -18.87
CA GLY H 103 41.11 -69.92 -18.38
C GLY H 103 41.71 -71.23 -17.90
N GLY H 104 40.83 -72.11 -17.43
CA GLY H 104 41.25 -73.41 -16.93
C GLY H 104 41.33 -74.47 -18.00
N GLY H 105 40.26 -74.61 -18.78
CA GLY H 105 40.23 -75.59 -19.85
C GLY H 105 38.87 -76.26 -20.03
N THR H 106 38.43 -76.38 -21.27
CA THR H 106 37.15 -77.01 -21.61
C THR H 106 37.40 -78.27 -22.42
N LYS H 107 36.75 -79.36 -22.01
CA LYS H 107 36.91 -80.65 -22.66
C LYS H 107 35.57 -81.10 -23.22
N LEU H 108 35.56 -81.53 -24.48
CA LEU H 108 34.36 -81.97 -25.17
C LEU H 108 34.41 -83.47 -25.42
N THR H 109 33.24 -84.10 -25.34
CA THR H 109 33.11 -85.54 -25.54
C THR H 109 32.09 -85.80 -26.63
N VAL H 110 32.44 -86.65 -27.58
CA VAL H 110 31.55 -87.07 -28.66
C VAL H 110 31.36 -88.57 -28.57
N LEU H 111 30.10 -89.01 -28.51
CA LEU H 111 29.78 -90.43 -28.40
C LEU H 111 29.57 -91.07 -29.76
N SER I 1 31.39 -36.35 19.76
CA SER I 1 30.95 -36.62 18.40
C SER I 1 30.98 -35.35 17.55
N VAL I 2 30.82 -34.20 18.21
CA VAL I 2 30.87 -32.93 17.50
C VAL I 2 32.30 -32.63 17.05
N LEU I 3 33.29 -32.95 17.89
CA LEU I 3 34.67 -32.69 17.54
C LEU I 3 35.14 -33.66 16.48
N THR I 4 35.79 -33.14 15.44
CA THR I 4 36.24 -33.93 14.30
C THR I 4 37.76 -34.08 14.36
N GLN I 5 38.23 -35.31 14.20
CA GLN I 5 39.65 -35.62 14.23
C GLN I 5 39.96 -36.64 13.15
N PRO I 6 41.20 -36.65 12.65
CA PRO I 6 41.59 -37.69 11.69
C PRO I 6 41.49 -39.06 12.31
N PRO I 7 41.02 -40.06 11.57
CA PRO I 7 40.92 -41.42 12.12
C PRO I 7 42.23 -41.94 12.70
N SER I 8 43.35 -41.69 12.02
CA SER I 8 44.64 -42.18 12.49
C SER I 8 45.74 -41.34 11.88
N ALA I 9 46.94 -41.45 12.45
CA ALA I 9 48.10 -40.74 11.96
C ALA I 9 49.30 -41.67 12.03
N SER I 10 50.32 -41.35 11.24
CA SER I 10 51.54 -42.14 11.20
C SER I 10 52.66 -41.26 10.65
N GLY I 11 53.90 -41.74 10.77
CA GLY I 11 55.04 -41.01 10.26
C GLY I 11 56.37 -41.67 10.56
N THR I 12 57.37 -41.43 9.72
CA THR I 12 58.69 -42.01 9.93
C THR I 12 59.41 -41.27 11.04
N PRO I 13 60.29 -41.96 11.78
CA PRO I 13 61.08 -41.27 12.82
C PRO I 13 61.95 -40.18 12.21
N GLY I 14 62.08 -39.08 12.95
CA GLY I 14 62.81 -37.92 12.49
C GLY I 14 62.01 -36.96 11.63
N GLN I 15 60.76 -37.29 11.31
CA GLN I 15 59.90 -36.44 10.51
C GLN I 15 59.17 -35.45 11.41
N ARG I 16 58.24 -34.70 10.82
CA ARG I 16 57.33 -33.83 11.56
C ARG I 16 55.91 -34.19 11.18
N VAL I 17 55.08 -34.51 12.18
CA VAL I 17 53.71 -34.94 11.97
C VAL I 17 52.78 -33.92 12.59
N THR I 18 51.79 -33.48 11.82
CA THR I 18 50.83 -32.48 12.27
C THR I 18 49.47 -33.12 12.44
N ILE I 19 48.81 -32.86 13.56
CA ILE I 19 47.50 -33.40 13.88
C ILE I 19 46.52 -32.25 14.02
N PRO I 20 45.40 -32.26 13.29
CA PRO I 20 44.40 -31.19 13.43
C PRO I 20 43.26 -31.55 14.37
N CYS I 21 42.50 -30.53 14.79
CA CYS I 21 41.25 -30.72 15.50
C CYS I 21 40.34 -29.55 15.14
N SER I 22 39.26 -29.82 14.44
CA SER I 22 38.35 -28.80 13.95
C SER I 22 37.01 -28.91 14.66
N GLY I 23 36.54 -27.79 15.21
CA GLY I 23 35.27 -27.77 15.90
C GLY I 23 34.32 -26.74 15.33
N SER I 24 33.84 -25.83 16.17
CA SER I 24 32.93 -24.78 15.75
C SER I 24 33.04 -23.62 16.73
N SER I 25 32.10 -22.68 16.63
CA SER I 25 32.11 -21.53 17.53
C SER I 25 31.85 -21.97 18.97
N SER I 26 30.96 -22.94 19.17
CA SER I 26 30.62 -23.40 20.51
C SER I 26 31.80 -24.09 21.18
N ASN I 27 32.58 -24.87 20.43
CA ASN I 27 33.66 -25.66 21.02
C ASN I 27 34.96 -24.85 21.11
N ILE I 28 35.41 -24.30 19.98
CA ILE I 28 36.70 -23.63 19.90
C ILE I 28 36.58 -22.14 19.62
N GLY I 29 35.45 -21.68 19.06
CA GLY I 29 35.36 -20.31 18.61
C GLY I 29 35.29 -19.28 19.72
N ASN I 30 35.23 -19.69 20.97
CA ASN I 30 35.15 -18.71 22.05
C ASN I 30 36.19 -18.89 23.13
N ASN I 31 36.55 -20.13 23.47
CA ASN I 31 37.35 -20.41 24.65
C ASN I 31 38.60 -21.21 24.28
N TYR I 32 39.36 -21.59 25.31
CA TYR I 32 40.60 -22.31 25.11
C TYR I 32 40.33 -23.76 24.74
N VAL I 33 41.37 -24.42 24.24
CA VAL I 33 41.34 -25.83 23.89
C VAL I 33 42.52 -26.53 24.54
N TYR I 34 42.34 -27.79 24.91
CA TYR I 34 43.36 -28.60 25.54
C TYR I 34 43.69 -29.79 24.65
N TRP I 35 44.91 -30.29 24.77
CA TRP I 35 45.32 -31.49 24.05
C TRP I 35 45.79 -32.55 25.03
N TYR I 36 45.39 -33.79 24.77
CA TYR I 36 45.64 -34.90 25.68
C TYR I 36 46.25 -36.05 24.90
N GLN I 37 47.23 -36.72 25.51
CA GLN I 37 47.93 -37.84 24.89
C GLN I 37 47.83 -39.05 25.80
N GLN I 38 47.42 -40.19 25.25
CA GLN I 38 47.24 -41.42 26.01
C GLN I 38 48.14 -42.50 25.45
N LEU I 39 48.90 -43.14 26.36
CA LEU I 39 49.82 -44.24 26.10
C LEU I 39 49.21 -45.56 26.55
N PRO I 40 49.52 -46.65 25.84
CA PRO I 40 49.03 -47.98 26.26
C PRO I 40 49.40 -48.29 27.70
N GLY I 41 48.41 -48.67 28.50
CA GLY I 41 48.65 -49.02 29.90
C GLY I 41 49.19 -47.88 30.72
N THR I 42 48.66 -46.67 30.56
CA THR I 42 49.16 -45.50 31.25
C THR I 42 47.99 -44.53 31.44
N ALA I 43 48.12 -43.66 32.45
CA ALA I 43 47.14 -42.61 32.66
C ALA I 43 47.38 -41.47 31.65
N PRO I 44 46.35 -40.68 31.35
CA PRO I 44 46.54 -39.55 30.43
C PRO I 44 47.52 -38.52 30.98
N LYS I 45 48.24 -37.88 30.06
CA LYS I 45 49.20 -36.83 30.37
C LYS I 45 48.72 -35.51 29.76
N LEU I 46 49.54 -34.48 29.86
CA LEU I 46 49.21 -33.15 29.34
C LEU I 46 50.23 -32.74 28.29
N LEU I 47 49.73 -32.23 27.16
CA LEU I 47 50.58 -31.74 26.09
C LEU I 47 50.52 -30.22 25.95
N VAL I 48 49.34 -29.66 25.72
CA VAL I 48 49.16 -28.21 25.71
C VAL I 48 47.84 -27.87 26.39
N TYR I 49 47.90 -26.83 27.21
CA TYR I 49 46.74 -26.34 27.96
C TYR I 49 46.90 -24.84 28.08
N GLY I 50 45.78 -24.12 28.03
CA GLY I 50 45.81 -22.68 28.00
C GLY I 50 46.25 -22.07 26.69
N ASN I 51 46.86 -22.88 25.81
CA ASN I 51 47.19 -22.51 24.43
C ASN I 51 48.32 -21.49 24.34
N ASN I 52 48.78 -20.96 25.47
CA ASN I 52 49.92 -20.07 25.49
C ASN I 52 50.97 -20.44 26.52
N GLN I 53 50.79 -21.54 27.26
CA GLN I 53 51.76 -21.95 28.26
C GLN I 53 51.94 -23.47 28.17
N ARG I 54 53.12 -23.93 28.58
CA ARG I 54 53.45 -25.33 28.55
C ARG I 54 53.76 -25.82 29.96
N PRO I 55 53.23 -26.98 30.35
CA PRO I 55 53.44 -27.47 31.72
C PRO I 55 54.88 -27.87 31.95
N SER I 56 55.19 -28.18 33.20
CA SER I 56 56.52 -28.59 33.60
C SER I 56 56.71 -30.09 33.39
N GLY I 57 57.96 -30.47 33.13
CA GLY I 57 58.30 -31.87 32.94
C GLY I 57 58.03 -32.40 31.55
N VAL I 58 57.56 -31.57 30.62
CA VAL I 58 57.29 -32.01 29.25
C VAL I 58 58.24 -31.28 28.31
N PRO I 59 58.80 -31.94 27.31
CA PRO I 59 59.62 -31.23 26.32
C PRO I 59 58.78 -30.22 25.55
N ASP I 60 59.40 -29.10 25.22
CA ASP I 60 58.74 -28.02 24.49
C ASP I 60 58.74 -28.26 22.98
N ARG I 61 59.21 -29.43 22.53
CA ARG I 61 59.22 -29.73 21.11
C ARG I 61 57.81 -29.88 20.54
N PHE I 62 56.83 -30.16 21.41
CA PHE I 62 55.44 -30.31 20.97
C PHE I 62 54.89 -28.93 20.61
N SER I 63 54.99 -28.56 19.34
CA SER I 63 54.56 -27.25 18.89
C SER I 63 53.05 -27.22 18.74
N VAL I 64 52.44 -26.10 19.12
CA VAL I 64 50.99 -25.95 19.08
C VAL I 64 50.65 -24.62 18.40
N SER I 65 49.48 -24.58 17.78
CA SER I 65 49.01 -23.36 17.15
C SER I 65 47.51 -23.42 16.98
N LYS I 66 46.90 -22.23 16.87
CA LYS I 66 45.48 -22.09 16.55
C LYS I 66 45.36 -21.47 15.17
N SER I 67 44.71 -22.18 14.26
CA SER I 67 44.40 -21.68 12.93
C SER I 67 42.91 -21.36 12.90
N GLY I 68 42.58 -20.10 13.17
CA GLY I 68 41.20 -19.67 13.18
C GLY I 68 40.34 -20.46 14.15
N THR I 69 39.44 -21.28 13.62
CA THR I 69 38.56 -22.13 14.40
C THR I 69 39.03 -23.58 14.37
N SER I 70 40.34 -23.80 14.42
CA SER I 70 40.89 -25.14 14.52
C SER I 70 42.18 -25.09 15.31
N ALA I 71 42.54 -26.24 15.89
CA ALA I 71 43.78 -26.38 16.62
C ALA I 71 44.71 -27.33 15.86
N SER I 72 46.00 -27.04 15.92
CA SER I 72 46.99 -27.85 15.23
C SER I 72 48.14 -28.15 16.18
N LEU I 73 48.58 -29.41 16.21
CA LEU I 73 49.69 -29.83 17.06
C LEU I 73 50.71 -30.55 16.20
N ALA I 74 51.93 -30.02 16.15
CA ALA I 74 53.00 -30.56 15.31
C ALA I 74 54.10 -31.14 16.20
N ILE I 75 54.58 -32.32 15.81
CA ILE I 75 55.57 -33.08 16.57
C ILE I 75 56.77 -33.32 15.67
N SER I 76 57.96 -33.03 16.18
CA SER I 76 59.21 -33.35 15.52
C SER I 76 60.02 -34.30 16.39
N GLY I 77 61.07 -34.88 15.81
CA GLY I 77 61.92 -35.80 16.55
C GLY I 77 61.17 -37.02 17.06
N LEU I 78 60.39 -37.64 16.19
CA LEU I 78 59.55 -38.77 16.58
C LEU I 78 60.40 -39.93 17.06
N ARG I 79 59.95 -40.59 18.14
CA ARG I 79 60.64 -41.75 18.69
C ARG I 79 59.59 -42.82 18.99
N SER I 80 60.04 -43.89 19.65
CA SER I 80 59.15 -45.01 19.94
C SER I 80 58.04 -44.63 20.91
N GLU I 81 58.37 -43.85 21.94
CA GLU I 81 57.39 -43.49 22.96
C GLU I 81 56.27 -42.60 22.41
N ASP I 82 56.46 -42.00 21.25
CA ASP I 82 55.47 -41.09 20.67
C ASP I 82 54.18 -41.83 20.34
N GLU I 83 54.22 -43.15 20.17
CA GLU I 83 53.04 -43.91 19.77
C GLU I 83 51.94 -43.78 20.82
N ALA I 84 50.89 -43.03 20.49
CA ALA I 84 49.87 -42.68 21.46
C ALA I 84 48.61 -42.22 20.74
N ASP I 85 47.53 -42.06 21.50
CA ASP I 85 46.26 -41.57 21.00
C ASP I 85 46.07 -40.13 21.46
N TYR I 86 45.73 -39.25 20.53
CA TYR I 86 45.64 -37.82 20.81
C TYR I 86 44.18 -37.36 20.78
N TYR I 87 43.79 -36.57 21.77
CA TYR I 87 42.45 -36.03 21.86
C TYR I 87 42.53 -34.51 22.06
N CYS I 88 41.47 -33.82 21.63
CA CYS I 88 41.33 -32.39 21.84
C CYS I 88 40.06 -32.13 22.64
N ALA I 89 40.18 -31.30 23.67
CA ALA I 89 39.09 -31.00 24.59
C ALA I 89 38.78 -29.52 24.56
N ALA I 90 37.50 -29.21 24.76
CA ALA I 90 37.06 -27.81 24.78
C ALA I 90 35.68 -27.69 25.41
N TRP I 91 35.53 -26.84 26.42
CA TRP I 91 34.21 -26.63 27.02
C TRP I 91 33.25 -26.12 25.96
N ASP I 92 32.20 -26.91 25.69
CA ASP I 92 31.26 -26.58 24.63
C ASP I 92 29.89 -26.32 25.23
N ASP I 93 29.16 -25.40 24.59
CA ASP I 93 27.81 -25.04 24.99
C ASP I 93 26.88 -25.25 23.81
N GLY I 94 25.75 -25.91 24.06
CA GLY I 94 24.81 -26.23 23.00
C GLY I 94 23.40 -25.85 23.38
N LEU I 95 22.51 -25.87 22.37
CA LEU I 95 21.14 -25.46 22.57
C LEU I 95 20.38 -26.42 23.48
N SER I 96 20.86 -27.66 23.60
CA SER I 96 20.23 -28.63 24.50
C SER I 96 20.99 -28.79 25.81
N GLY I 97 22.30 -28.62 25.80
CA GLY I 97 23.09 -28.73 27.00
C GLY I 97 24.47 -28.15 26.81
N SER I 98 25.34 -28.43 27.78
CA SER I 98 26.73 -28.00 27.70
C SER I 98 27.59 -29.00 28.45
N GLY I 99 28.86 -29.07 28.06
CA GLY I 99 29.71 -30.07 28.68
C GLY I 99 31.17 -29.89 28.37
N TRP I 100 31.96 -30.82 28.90
CA TRP I 100 33.40 -30.88 28.72
C TRP I 100 33.73 -31.95 27.67
N VAL I 101 33.45 -31.62 26.42
CA VAL I 101 33.54 -32.61 25.35
C VAL I 101 34.99 -32.88 25.00
N PHE I 102 35.32 -34.17 24.85
CA PHE I 102 36.63 -34.60 24.38
C PHE I 102 36.58 -34.94 22.90
N GLY I 103 37.74 -34.94 22.27
CA GLY I 103 37.81 -35.22 20.86
C GLY I 103 37.62 -36.69 20.54
N GLY I 104 37.38 -36.97 19.26
CA GLY I 104 37.20 -38.34 18.83
C GLY I 104 38.42 -39.19 19.07
N GLY I 105 39.60 -38.63 18.81
CA GLY I 105 40.84 -39.36 18.99
C GLY I 105 41.48 -39.69 17.65
N THR I 106 42.80 -39.90 17.68
CA THR I 106 43.57 -40.23 16.48
C THR I 106 44.71 -41.13 16.89
N LYS I 107 44.71 -42.36 16.36
CA LYS I 107 45.73 -43.34 16.71
C LYS I 107 46.99 -43.07 15.89
N LEU I 108 48.07 -42.73 16.58
CA LEU I 108 49.35 -42.41 15.96
C LEU I 108 50.35 -43.51 16.28
N THR I 109 50.88 -44.15 15.25
CA THR I 109 51.76 -45.31 15.43
C THR I 109 52.67 -45.46 14.22
N VAL I 110 53.71 -46.27 14.41
CA VAL I 110 54.67 -46.61 13.35
C VAL I 110 54.73 -48.12 13.21
N LEU I 111 54.78 -48.58 11.97
CA LEU I 111 54.83 -50.02 11.69
C LEU I 111 56.27 -50.54 11.72
#